data_8XNF
#
_entry.id   8XNF
#
_cell.length_a   1.00
_cell.length_b   1.00
_cell.length_c   1.00
_cell.angle_alpha   90.00
_cell.angle_beta   90.00
_cell.angle_gamma   90.00
#
_symmetry.space_group_name_H-M   'P 1'
#
loop_
_entity.id
_entity.type
_entity.pdbx_description
1 polymer 'Angiotensin-converting enzyme 2'
2 polymer 'Spike glycoprotein'
3 branched beta-D-mannopyranose-(1-4)-2-acetamido-2-deoxy-beta-D-glucopyranose-(1-4)-2-acetamido-2-deoxy-beta-D-glucopyranose
4 branched 2-acetamido-2-deoxy-beta-D-glucopyranose-(1-4)-2-acetamido-2-deoxy-beta-D-glucopyranose
5 non-polymer 'ZINC ION'
6 non-polymer 2-acetamido-2-deoxy-beta-D-glucopyranose
#
loop_
_entity_poly.entity_id
_entity_poly.type
_entity_poly.pdbx_seq_one_letter_code
_entity_poly.pdbx_strand_id
1 'polypeptide(L)'
;STIEEQAKTFLDKFNHEAEDLFYQSSLASWNYNTNITEENVQNMNNAGDKWSAFLKEQSTLAQMYPLQEIQNLTVKLQLQ
ALQQNGSSVLSEDKSKRLNTILNTMSTIYSTGKVCNPDNPQECLLLEPGLNEIMANSLDYNERLWAWESWRSEVGKQLRP
LYEEYVVLKNEMARANHYEDYGDYWRGDYEVNGVDGYDYSRGQLIEDVEHTFEEIKPLYEHLHAYVRAKLMNAYPSYISP
IGCLPAHLLGDMWGRFWTNLYSLTVPFGQKPNIDVTDAMVDQAWDAQRIFKEAEKFFVSVGLPNMTQGFWENSMLTDPGN
VQKAVCHPTAWDLGKGDFRILMCTKVTMDDFLTAHHEMGHIQYDMAYAAQPFLLRNGANEGFHEAVGEIMSLSAATPKHL
KSIGLLSPDFQEDNETEINFLLKQALTIVGTLPFTYMLEKWRWMVFKGEIPKDQWMKKWWEMKREIVGVVEPVPHDETYC
DPASLFHVSNDYSFIRYYTRTLYQFQFQEALCQAAKHEGPLHKCDISNSTEAGQKLFNMLRLGKSEPWTLALENVVGAKN
MNVRPLLNYFEPLFTWLKDQNKNSFVGWSTDWSPYADHHHHHH
;
A
2 'polypeptide(L)'
;MFVFLVLLPLVSSQCVMPLFNLITTTQSYTNSFTRGVYYPDKVFRSSVLHLTQDLFLPFFSNVTWFHAISGTNGTKRFDN
PVLPFNDGVYFASTEKSNIIRGWIFGTTLDSKTQSLLIVNNATNVFIKVCEFQFCNDPFLDVYHKNNKSWMESESGVYSS
ANNCTFEYVSQPFLMDLEGKQGNFKNLREFVFKNIDGYFKIYSKHTPIIGRDFPQGFSALEPLVDLPIGINITRFQTLLA
LNRSYLTPGDSSSGWTAGAADYYVGYLQPRTFLLKYNENGTITDAVDCALDPLSETKCTLKSFTVEKGIYQTSNFRVQPT
ESIVRFPNVTNLCPFHEVFNATRFASVYAWNRTRISNCVADYSVLYNFAPFFAFKCYGVSPTKLNDLCFTNVYADSFVIK
GNEVSQIAPGQTGNIADYNYKLPDDFTGCVIAWNSNKLDSKHSGNYDYWYRLFRKSKLKPFERDISTEIYQAGNKPCKGK
GPNCYFPLQSYGFRPTYGVGHQPYRVVVLSFELLHAPATVCGPKKSTNLVKNKCVNFNFNGLTGTGVLTKSNKKFLPFQQ
FGRDIVDTTDAVRDPQTLEILDITPCSFGGVSVITPGTNTSNQVAVLYQGVNCTEVSVAIHADQLTPTWRVYSTGSNVFQ
TRAGCLIGAEYVNNSYECDIPIGAGVCASYQTQTKSRGSASSVASQSIIAYTMSLGAENSVAYSNNSIAIPTNFTISVTT
EILPVSMTKTSVDCTMYICGDSTECSNLLLQYGSFCTQLKRALTGIAVEQDKNTQEVFAQVKQIYKTPPIKYFGGFNFSQ
ILPDPSKPSKRSPIEDLLFNKVTLADAGFIKQYGDCLGDIAARDLICAQKFNGLTVLPPLLTDEMIAQYTSALLAGTITS
GWTFGAGPALQIPFPMQMAYRFNGIGVTQNVLYENQKLIANQFNSAIGKIQDSLFSTPSALGKLQDVVNHNAQALNTLVK
QLSSKFGAISSVLNDILSRLDPPEAEVQIDRLITGRLQSLQTYVTQQLIRAAEIRASANLAATKMSECVLGQSKRVDFCG
KGYHLMSFPQSAPHGVVFLHVTYVPAQEKNFTTAPAICHDGKAHFPREGVFVSNGTHWFVTQRNFYEPQIITTDNTFVSG
NCDVVIGIVNNTVYDPLQLELDSGGGSGGGSGYIPEAPRDGQAYVRKDGEWVLLSTFLGGGSAWSHPQFEK
;
B,C,D
#
# COMPACT_ATOMS: atom_id res chain seq x y z
N SER A 1 60.07 -6.77 30.01
CA SER A 1 61.12 -6.02 30.69
C SER A 1 61.46 -6.66 32.03
N THR A 2 60.65 -7.61 32.46
CA THR A 2 60.87 -8.34 33.68
C THR A 2 61.63 -9.63 33.38
N ILE A 3 61.79 -10.49 34.39
CA ILE A 3 62.47 -11.76 34.18
C ILE A 3 61.48 -12.87 33.81
N GLU A 4 60.26 -12.81 34.33
CA GLU A 4 59.28 -13.86 34.08
C GLU A 4 58.95 -13.97 32.59
N GLU A 5 58.79 -12.83 31.92
CA GLU A 5 58.46 -12.86 30.50
C GLU A 5 59.59 -13.47 29.67
N GLN A 6 60.83 -13.10 29.99
CA GLN A 6 61.98 -13.66 29.27
C GLN A 6 62.07 -15.16 29.49
N ALA A 7 61.86 -15.62 30.72
CA ALA A 7 61.85 -17.06 30.98
C ALA A 7 60.74 -17.76 30.20
N LYS A 8 59.56 -17.14 30.14
CA LYS A 8 58.45 -17.72 29.40
C LYS A 8 58.80 -17.88 27.92
N THR A 9 59.39 -16.85 27.33
CA THR A 9 59.79 -16.94 25.92
C THR A 9 60.85 -18.01 25.70
N PHE A 10 61.81 -18.10 26.62
CA PHE A 10 62.88 -19.10 26.48
C PHE A 10 62.31 -20.51 26.51
N LEU A 11 61.41 -20.79 27.46
CA LEU A 11 60.77 -22.10 27.51
C LEU A 11 59.91 -22.34 26.27
N ASP A 12 59.26 -21.29 25.75
CA ASP A 12 58.46 -21.45 24.54
C ASP A 12 59.31 -21.91 23.36
N LYS A 13 60.49 -21.32 23.20
CA LYS A 13 61.39 -21.75 22.12
C LYS A 13 61.88 -23.18 22.34
N PHE A 14 62.30 -23.49 23.57
CA PHE A 14 62.82 -24.81 23.87
C PHE A 14 61.79 -25.89 23.63
N ASN A 15 60.52 -25.60 23.95
CA ASN A 15 59.47 -26.60 23.80
C ASN A 15 59.32 -27.06 22.37
N HIS A 16 59.42 -26.14 21.40
CA HIS A 16 59.27 -26.50 20.00
CA HIS A 16 59.26 -26.54 20.01
C HIS A 16 60.53 -27.12 19.41
N GLU A 17 61.71 -26.75 19.91
CA GLU A 17 62.92 -27.40 19.40
C GLU A 17 63.01 -28.86 19.88
N ALA A 18 62.78 -29.07 21.18
CA ALA A 18 62.98 -30.38 21.78
C ALA A 18 62.05 -31.42 21.20
N GLU A 19 60.84 -31.04 20.81
CA GLU A 19 59.89 -32.01 20.27
C GLU A 19 60.44 -32.66 19.00
N ASP A 20 60.88 -31.85 18.04
CA ASP A 20 61.41 -32.40 16.80
C ASP A 20 62.68 -33.22 17.06
N LEU A 21 63.59 -32.69 17.88
CA LEU A 21 64.83 -33.43 18.10
C LEU A 21 64.56 -34.78 18.77
N PHE A 22 63.71 -34.80 19.80
CA PHE A 22 63.39 -36.03 20.51
C PHE A 22 62.66 -37.01 19.60
N TYR A 23 61.76 -36.52 18.74
CA TYR A 23 61.06 -37.42 17.84
C TYR A 23 62.03 -38.10 16.88
N GLN A 24 62.98 -37.33 16.32
CA GLN A 24 63.97 -37.95 15.45
C GLN A 24 64.77 -39.02 16.18
N SER A 25 65.22 -38.71 17.39
CA SER A 25 65.99 -39.69 18.16
C SER A 25 65.18 -40.94 18.45
N SER A 26 63.91 -40.77 18.85
CA SER A 26 63.08 -41.92 19.20
C SER A 26 62.78 -42.79 17.98
N LEU A 27 62.51 -42.17 16.83
CA LEU A 27 62.28 -42.95 15.62
C LEU A 27 63.52 -43.74 15.22
N ALA A 28 64.70 -43.13 15.33
CA ALA A 28 65.92 -43.85 15.03
C ALA A 28 66.10 -45.03 15.99
N SER A 29 65.83 -44.82 17.28
CA SER A 29 65.96 -45.89 18.25
C SER A 29 65.00 -47.04 17.96
N TRP A 30 63.75 -46.73 17.62
CA TRP A 30 62.79 -47.78 17.29
C TRP A 30 63.22 -48.55 16.05
N ASN A 31 63.70 -47.84 15.03
CA ASN A 31 64.16 -48.50 13.81
C ASN A 31 65.33 -49.44 14.11
N TYR A 32 66.24 -49.02 14.99
CA TYR A 32 67.30 -49.95 15.40
C TYR A 32 66.74 -51.15 16.15
N ASN A 33 65.76 -50.92 17.03
CA ASN A 33 65.24 -52.02 17.84
C ASN A 33 64.50 -53.04 17.00
N THR A 34 63.91 -52.63 15.88
CA THR A 34 63.19 -53.59 15.03
C THR A 34 64.16 -54.58 14.38
N ASN A 35 65.26 -54.10 13.81
CA ASN A 35 66.26 -54.90 13.13
C ASN A 35 67.49 -55.10 14.02
N ILE A 36 68.52 -55.69 13.43
CA ILE A 36 69.89 -55.64 13.94
C ILE A 36 70.80 -55.48 12.72
N THR A 37 71.23 -54.25 12.45
CA THR A 37 71.98 -53.97 11.23
C THR A 37 72.88 -52.77 11.48
N GLU A 38 74.01 -52.72 10.75
CA GLU A 38 75.03 -51.72 11.00
C GLU A 38 74.54 -50.30 10.74
N GLU A 39 73.83 -50.10 9.63
CA GLU A 39 73.38 -48.75 9.28
C GLU A 39 72.37 -48.23 10.29
N ASN A 40 71.54 -49.10 10.86
CA ASN A 40 70.64 -48.68 11.92
C ASN A 40 71.41 -48.20 13.14
N VAL A 41 72.49 -48.90 13.48
CA VAL A 41 73.34 -48.46 14.59
C VAL A 41 73.94 -47.09 14.28
N GLN A 42 74.40 -46.90 13.04
CA GLN A 42 74.97 -45.61 12.66
C GLN A 42 73.94 -44.48 12.80
N ASN A 43 72.72 -44.71 12.31
CA ASN A 43 71.69 -43.69 12.41
C ASN A 43 71.34 -43.40 13.87
N MET A 44 71.23 -44.45 14.70
CA MET A 44 70.94 -44.23 16.11
C MET A 44 72.04 -43.42 16.78
N ASN A 45 73.31 -43.73 16.49
CA ASN A 45 74.42 -43.00 17.08
C ASN A 45 74.38 -41.53 16.67
N ASN A 46 74.14 -41.26 15.38
CA ASN A 46 74.07 -39.88 14.92
C ASN A 46 72.94 -39.12 15.60
N ALA A 47 71.76 -39.72 15.66
CA ALA A 47 70.61 -39.05 16.28
C ALA A 47 70.85 -38.78 17.76
N GLY A 48 71.40 -39.77 18.47
CA GLY A 48 71.67 -39.58 19.89
C GLY A 48 72.71 -38.51 20.14
N ASP A 49 73.77 -38.48 19.32
CA ASP A 49 74.79 -37.45 19.46
C ASP A 49 74.21 -36.07 19.22
N LYS A 50 73.37 -35.92 18.19
CA LYS A 50 72.75 -34.63 17.91
C LYS A 50 71.85 -34.19 19.06
N TRP A 51 71.04 -35.11 19.59
CA TRP A 51 70.15 -34.77 20.70
C TRP A 51 70.94 -34.36 21.93
N SER A 52 71.99 -35.11 22.26
CA SER A 52 72.80 -34.77 23.43
C SER A 52 73.48 -33.42 23.26
N ALA A 53 74.00 -33.14 22.06
CA ALA A 53 74.65 -31.86 21.82
C ALA A 53 73.66 -30.72 21.97
N PHE A 54 72.45 -30.87 21.42
CA PHE A 54 71.45 -29.83 21.55
C PHE A 54 71.07 -29.60 23.01
N LEU A 55 70.87 -30.68 23.76
CA LEU A 55 70.51 -30.54 25.17
C LEU A 55 71.61 -29.84 25.96
N LYS A 56 72.87 -30.22 25.71
CA LYS A 56 73.98 -29.59 26.41
C LYS A 56 74.10 -28.12 26.06
N GLU A 57 73.89 -27.77 24.78
CA GLU A 57 73.95 -26.36 24.38
C GLU A 57 72.83 -25.56 25.04
N GLN A 58 71.63 -26.13 25.10
CA GLN A 58 70.50 -25.40 25.69
C GLN A 58 70.62 -25.29 27.20
N SER A 59 71.30 -26.24 27.85
CA SER A 59 71.44 -26.19 29.31
C SER A 59 72.22 -24.96 29.75
N THR A 60 73.27 -24.60 29.01
CA THR A 60 74.13 -23.48 29.42
C THR A 60 73.37 -22.16 29.44
N LEU A 61 72.56 -21.91 28.42
CA LEU A 61 71.89 -20.63 28.29
C LEU A 61 70.78 -20.41 29.33
N ALA A 62 70.39 -21.44 30.07
CA ALA A 62 69.29 -21.33 31.01
C ALA A 62 69.71 -20.77 32.37
N GLN A 63 71.01 -20.64 32.63
CA GLN A 63 71.48 -20.16 33.92
C GLN A 63 71.45 -18.64 34.05
N MET A 64 71.13 -17.93 32.97
CA MET A 64 71.12 -16.46 33.02
C MET A 64 69.95 -15.93 33.85
N TYR A 65 68.88 -16.70 34.02
CA TYR A 65 67.72 -16.24 34.76
C TYR A 65 67.79 -16.74 36.19
N PRO A 66 67.86 -15.84 37.18
CA PRO A 66 67.89 -16.30 38.58
C PRO A 66 66.60 -17.01 38.96
N LEU A 67 66.74 -18.03 39.81
CA LEU A 67 65.59 -18.82 40.24
C LEU A 67 64.75 -18.11 41.30
N GLN A 68 65.31 -17.13 42.01
CA GLN A 68 64.60 -16.47 43.10
C GLN A 68 63.72 -15.31 42.65
N GLU A 69 63.88 -14.85 41.42
CA GLU A 69 63.11 -13.71 40.92
C GLU A 69 61.83 -14.12 40.20
N ILE A 70 61.54 -15.41 40.12
CA ILE A 70 60.40 -15.93 39.38
C ILE A 70 59.46 -16.62 40.36
N GLN A 71 58.21 -16.17 40.41
CA GLN A 71 57.18 -16.73 41.28
C GLN A 71 55.98 -17.15 40.43
N ASN A 72 56.08 -18.35 39.85
CA ASN A 72 54.97 -18.92 39.09
C ASN A 72 54.66 -20.37 39.44
N LEU A 73 55.61 -21.12 39.99
CA LEU A 73 55.46 -22.50 40.44
C LEU A 73 55.17 -23.48 39.31
N THR A 74 55.14 -23.02 38.06
CA THR A 74 54.99 -23.90 36.91
C THR A 74 56.20 -23.81 35.97
N VAL A 75 56.60 -22.59 35.58
CA VAL A 75 57.84 -22.43 34.83
C VAL A 75 59.05 -22.65 35.71
N LYS A 76 58.90 -22.49 37.03
CA LYS A 76 60.02 -22.69 37.94
C LYS A 76 60.49 -24.14 37.91
N LEU A 77 59.54 -25.10 37.83
CA LEU A 77 59.92 -26.50 37.77
C LEU A 77 60.70 -26.80 36.50
N GLN A 78 60.25 -26.26 35.36
CA GLN A 78 60.95 -26.49 34.10
C GLN A 78 62.34 -25.89 34.12
N LEU A 79 62.47 -24.67 34.66
CA LEU A 79 63.78 -24.04 34.76
C LEU A 79 64.70 -24.83 35.69
N GLN A 80 64.17 -25.31 36.81
CA GLN A 80 64.96 -26.15 37.72
C GLN A 80 65.43 -27.42 37.03
N ALA A 81 64.57 -28.00 36.18
CA ALA A 81 64.99 -29.16 35.39
C ALA A 81 66.11 -28.78 34.42
N LEU A 82 66.03 -27.59 33.83
CA LEU A 82 67.01 -27.17 32.83
C LEU A 82 68.27 -26.57 33.44
N GLN A 83 68.16 -25.86 34.58
CA GLN A 83 69.29 -25.13 35.14
C GLN A 83 70.31 -26.03 35.80
N GLN A 84 70.12 -27.35 35.71
CA GLN A 84 70.93 -28.31 36.44
C GLN A 84 72.24 -28.55 35.69
N ASN A 85 73.36 -28.13 36.29
CA ASN A 85 74.66 -28.58 35.80
C ASN A 85 74.75 -30.10 35.94
N GLY A 86 74.91 -30.79 34.82
CA GLY A 86 74.93 -32.24 34.88
C GLY A 86 76.21 -32.80 35.47
N SER A 87 77.30 -32.73 34.71
CA SER A 87 78.60 -33.21 35.18
C SER A 87 79.72 -32.25 34.79
N SER A 88 79.38 -31.02 34.42
CA SER A 88 80.34 -30.04 33.93
C SER A 88 80.95 -29.18 35.02
N VAL A 89 80.53 -29.37 36.27
CA VAL A 89 81.07 -28.57 37.37
C VAL A 89 82.56 -28.82 37.55
N LEU A 90 82.98 -30.07 37.37
CA LEU A 90 84.39 -30.41 37.50
C LEU A 90 85.15 -30.06 36.22
N SER A 91 86.47 -30.21 36.28
CA SER A 91 87.31 -29.96 35.13
C SER A 91 87.10 -31.04 34.08
N GLU A 92 87.63 -30.79 32.88
CA GLU A 92 87.42 -31.70 31.76
C GLU A 92 88.04 -33.07 32.02
N ASP A 93 89.24 -33.09 32.60
CA ASP A 93 89.91 -34.37 32.87
C ASP A 93 89.12 -35.22 33.85
N LYS A 94 88.55 -34.59 34.89
CA LYS A 94 87.76 -35.33 35.86
C LYS A 94 86.50 -35.91 35.22
N SER A 95 85.84 -35.14 34.35
CA SER A 95 84.66 -35.65 33.65
C SER A 95 85.03 -36.81 32.74
N LYS A 96 86.15 -36.70 32.03
CA LYS A 96 86.62 -37.81 31.20
C LYS A 96 86.89 -39.04 32.03
N ARG A 97 87.53 -38.86 33.20
CA ARG A 97 87.79 -39.99 34.09
C ARG A 97 86.49 -40.63 34.56
N LEU A 98 85.49 -39.82 34.87
CA LEU A 98 84.20 -40.38 35.32
C LEU A 98 83.52 -41.16 34.21
N ASN A 99 83.53 -40.63 32.99
CA ASN A 99 82.93 -41.38 31.88
C ASN A 99 83.67 -42.68 31.65
N THR A 100 85.00 -42.65 31.71
CA THR A 100 85.79 -43.86 31.53
C THR A 100 85.49 -44.89 32.62
N ILE A 101 85.39 -44.43 33.87
CA ILE A 101 85.17 -45.37 34.98
C ILE A 101 83.78 -46.01 34.87
N LEU A 102 82.78 -45.23 34.47
CA LEU A 102 81.45 -45.80 34.29
C LEU A 102 81.43 -46.80 33.15
N ASN A 103 82.06 -46.47 32.02
CA ASN A 103 82.10 -47.40 30.90
C ASN A 103 82.84 -48.68 31.27
N THR A 104 83.94 -48.56 32.01
CA THR A 104 84.68 -49.75 32.42
C THR A 104 83.84 -50.63 33.34
N MET A 105 83.12 -50.04 34.29
CA MET A 105 82.26 -50.83 35.17
C MET A 105 81.18 -51.54 34.38
N SER A 106 80.54 -50.83 33.45
CA SER A 106 79.48 -51.46 32.65
C SER A 106 80.02 -52.60 31.80
N THR A 107 81.18 -52.39 31.17
CA THR A 107 81.77 -53.44 30.34
C THR A 107 82.15 -54.65 31.17
N ILE A 108 82.71 -54.43 32.36
CA ILE A 108 83.09 -55.54 33.23
C ILE A 108 81.86 -56.34 33.64
N TYR A 109 80.78 -55.65 34.01
CA TYR A 109 79.57 -56.37 34.42
C TYR A 109 78.96 -57.14 33.25
N SER A 110 78.92 -56.53 32.07
CA SER A 110 78.16 -57.12 30.97
C SER A 110 78.76 -58.44 30.48
N THR A 111 80.08 -58.52 30.38
CA THR A 111 80.76 -59.64 29.74
C THR A 111 81.50 -60.52 30.74
N GLY A 112 80.90 -60.77 31.90
CA GLY A 112 81.51 -61.61 32.92
C GLY A 112 81.02 -63.04 32.81
N LYS A 113 81.96 -63.98 32.81
CA LYS A 113 81.65 -65.40 32.76
C LYS A 113 82.55 -66.15 33.73
N VAL A 114 82.07 -67.30 34.19
CA VAL A 114 82.77 -68.15 35.15
C VAL A 114 82.94 -69.53 34.54
N CYS A 115 84.10 -70.14 34.78
CA CYS A 115 84.45 -71.44 34.23
C CYS A 115 84.52 -72.48 35.32
N ASN A 116 84.01 -73.68 35.03
CA ASN A 116 84.05 -74.77 35.98
C ASN A 116 85.50 -75.18 36.24
N PRO A 117 85.85 -75.51 37.48
CA PRO A 117 87.25 -75.85 37.78
C PRO A 117 87.75 -77.04 36.98
N ASP A 118 89.01 -76.98 36.56
CA ASP A 118 89.71 -78.02 35.81
C ASP A 118 89.12 -78.23 34.42
N ASN A 119 88.16 -77.41 34.00
CA ASN A 119 87.55 -77.51 32.67
C ASN A 119 87.54 -76.12 32.06
N PRO A 120 88.68 -75.65 31.53
CA PRO A 120 88.71 -74.31 30.93
C PRO A 120 87.84 -74.15 29.70
N GLN A 121 87.46 -75.25 29.05
CA GLN A 121 86.67 -75.20 27.83
C GLN A 121 85.16 -75.19 28.09
N GLU A 122 84.74 -75.17 29.34
CA GLU A 122 83.32 -75.15 29.71
C GLU A 122 83.09 -73.98 30.66
N CYS A 123 82.59 -72.87 30.12
CA CYS A 123 82.30 -71.68 30.90
C CYS A 123 80.88 -71.22 30.60
N LEU A 124 80.17 -70.80 31.65
CA LEU A 124 78.78 -70.39 31.55
C LEU A 124 78.65 -68.91 31.87
N LEU A 125 77.55 -68.32 31.38
CA LEU A 125 77.30 -66.86 31.60
C LEU A 125 75.97 -66.57 32.32
N LEU A 126 75.61 -67.30 33.40
CA LEU A 126 74.43 -66.95 34.26
C LEU A 126 73.04 -67.19 33.65
N GLU A 127 72.74 -66.59 32.49
CA GLU A 127 71.35 -66.70 31.95
C GLU A 127 70.91 -68.17 31.86
N PRO A 128 71.60 -69.06 31.11
CA PRO A 128 71.28 -70.49 31.10
C PRO A 128 72.26 -71.27 31.98
N GLY A 129 73.21 -70.57 32.61
CA GLY A 129 74.15 -71.22 33.54
C GLY A 129 73.82 -70.90 34.98
N LEU A 130 74.56 -70.00 35.62
CA LEU A 130 74.37 -69.69 37.07
C LEU A 130 72.89 -69.43 37.38
N ASN A 131 72.31 -68.35 36.86
CA ASN A 131 70.91 -68.00 37.25
C ASN A 131 69.96 -69.15 36.91
N GLU A 132 70.16 -69.84 35.78
CA GLU A 132 69.32 -71.03 35.51
C GLU A 132 69.50 -72.00 36.67
N ILE A 133 70.75 -72.41 36.94
CA ILE A 133 71.02 -73.27 38.12
C ILE A 133 70.31 -72.62 39.32
N MET A 134 70.54 -71.32 39.52
CA MET A 134 69.94 -70.68 40.68
C MET A 134 68.45 -70.91 40.77
N ALA A 135 67.77 -71.07 39.63
CA ALA A 135 66.31 -71.10 39.61
C ALA A 135 65.72 -72.50 39.52
N ASN A 136 66.50 -73.52 39.11
CA ASN A 136 65.92 -74.82 38.84
C ASN A 136 66.79 -75.97 39.36
N SER A 137 67.47 -75.77 40.48
CA SER A 137 68.31 -76.81 41.06
C SER A 137 67.93 -77.04 42.52
N LEU A 138 67.85 -78.31 42.90
CA LEU A 138 67.59 -78.71 44.28
C LEU A 138 68.84 -79.17 45.01
N ASP A 139 70.00 -79.12 44.37
CA ASP A 139 71.24 -79.51 45.01
C ASP A 139 71.71 -78.39 45.95
N TYR A 140 72.69 -78.73 46.79
CA TYR A 140 73.23 -77.79 47.77
C TYR A 140 74.60 -77.25 47.40
N ASN A 141 75.54 -78.14 47.04
CA ASN A 141 76.90 -77.70 46.77
C ASN A 141 76.98 -76.88 45.49
N GLU A 142 76.17 -77.22 44.48
CA GLU A 142 76.22 -76.50 43.21
C GLU A 142 75.74 -75.06 43.38
N ARG A 143 74.66 -74.86 44.13
CA ARG A 143 74.15 -73.50 44.34
C ARG A 143 75.17 -72.64 45.07
N LEU A 144 75.78 -73.18 46.12
CA LEU A 144 76.81 -72.44 46.85
C LEU A 144 78.01 -72.15 45.96
N TRP A 145 78.40 -73.12 45.13
CA TRP A 145 79.53 -72.91 44.23
C TRP A 145 79.25 -71.75 43.28
N ALA A 146 78.09 -71.75 42.63
CA ALA A 146 77.77 -70.67 41.70
C ALA A 146 77.67 -69.32 42.42
N TRP A 147 77.02 -69.31 43.59
CA TRP A 147 76.83 -68.06 44.32
C TRP A 147 78.17 -67.45 44.72
N GLU A 148 79.10 -68.28 45.22
CA GLU A 148 80.41 -67.77 45.59
C GLU A 148 81.22 -67.38 44.36
N SER A 149 81.16 -68.19 43.30
CA SER A 149 81.96 -67.94 42.11
C SER A 149 81.62 -66.58 41.50
N TRP A 150 80.36 -66.42 41.06
CA TRP A 150 79.98 -65.20 40.35
C TRP A 150 80.51 -63.96 41.06
N ARG A 151 80.28 -63.87 42.36
CA ARG A 151 80.81 -62.74 43.13
C ARG A 151 82.33 -62.71 43.12
N SER A 152 82.99 -63.86 43.26
CA SER A 152 84.44 -63.88 43.33
C SER A 152 85.06 -63.34 42.04
N GLU A 153 84.52 -63.74 40.88
CA GLU A 153 85.07 -63.24 39.62
C GLU A 153 84.65 -61.80 39.32
N VAL A 154 83.46 -61.37 39.75
CA VAL A 154 83.00 -60.04 39.30
C VAL A 154 83.33 -58.93 40.30
N GLY A 155 83.03 -59.11 41.59
CA GLY A 155 83.03 -57.98 42.50
C GLY A 155 84.41 -57.39 42.76
N LYS A 156 85.44 -58.24 42.76
CA LYS A 156 86.80 -57.75 42.96
C LYS A 156 87.31 -56.94 41.79
N GLN A 157 86.73 -57.11 40.60
CA GLN A 157 87.08 -56.28 39.45
C GLN A 157 86.25 -55.00 39.39
N LEU A 158 85.35 -54.79 40.35
CA LEU A 158 84.52 -53.60 40.41
C LEU A 158 84.76 -52.73 41.64
N ARG A 159 85.24 -53.30 42.75
CA ARG A 159 85.41 -52.52 43.97
C ARG A 159 86.37 -51.35 43.82
N PRO A 160 87.61 -51.52 43.33
CA PRO A 160 88.49 -50.35 43.18
C PRO A 160 87.92 -49.29 42.25
N LEU A 161 87.19 -49.71 41.22
CA LEU A 161 86.53 -48.77 40.34
C LEU A 161 85.45 -48.02 41.10
N TYR A 162 84.70 -48.73 41.95
CA TYR A 162 83.60 -48.12 42.70
C TYR A 162 84.09 -47.10 43.71
N GLU A 163 85.28 -47.31 44.29
CA GLU A 163 85.79 -46.32 45.23
C GLU A 163 85.96 -44.95 44.56
N GLU A 164 86.63 -44.92 43.41
CA GLU A 164 86.81 -43.67 42.67
C GLU A 164 85.47 -43.14 42.17
N TYR A 165 84.56 -44.04 41.78
CA TYR A 165 83.23 -43.61 41.38
C TYR A 165 82.55 -42.83 42.51
N VAL A 166 82.58 -43.38 43.72
CA VAL A 166 81.97 -42.72 44.87
C VAL A 166 82.64 -41.39 45.15
N VAL A 167 83.97 -41.35 45.11
CA VAL A 167 84.69 -40.11 45.42
C VAL A 167 84.30 -39.01 44.42
N LEU A 168 84.33 -39.34 43.13
CA LEU A 168 84.03 -38.34 42.11
C LEU A 168 82.57 -37.91 42.18
N LYS A 169 81.66 -38.85 42.44
CA LYS A 169 80.25 -38.50 42.51
C LYS A 169 79.97 -37.60 43.70
N ASN A 170 80.64 -37.85 44.83
CA ASN A 170 80.53 -36.95 45.98
C ASN A 170 81.07 -35.57 45.64
N GLU A 171 82.20 -35.50 44.93
CA GLU A 171 82.76 -34.20 44.53
C GLU A 171 81.76 -33.43 43.68
N MET A 172 81.16 -34.11 42.70
CA MET A 172 80.17 -33.44 41.84
C MET A 172 78.96 -32.99 42.64
N ALA A 173 78.48 -33.84 43.55
CA ALA A 173 77.30 -33.50 44.34
C ALA A 173 77.56 -32.28 45.21
N ARG A 174 78.73 -32.21 45.86
CA ARG A 174 79.05 -31.02 46.64
C ARG A 174 79.23 -29.80 45.75
N ALA A 175 79.76 -29.98 44.54
CA ALA A 175 79.85 -28.86 43.62
C ALA A 175 78.48 -28.38 43.15
N ASN A 176 77.47 -29.24 43.21
CA ASN A 176 76.10 -28.87 42.85
C ASN A 176 75.28 -28.38 44.04
N HIS A 177 75.94 -27.89 45.09
CA HIS A 177 75.26 -27.29 46.26
C HIS A 177 74.34 -28.29 46.95
N TYR A 178 74.77 -29.54 47.03
CA TYR A 178 74.04 -30.59 47.73
C TYR A 178 74.91 -31.11 48.89
N GLU A 179 74.40 -32.12 49.59
CA GLU A 179 75.15 -32.73 50.68
C GLU A 179 75.99 -33.92 50.18
N ASP A 180 75.38 -34.85 49.48
CA ASP A 180 76.08 -35.97 48.89
C ASP A 180 75.26 -36.48 47.71
N TYR A 181 75.71 -37.57 47.08
CA TYR A 181 74.99 -38.13 45.95
C TYR A 181 73.69 -38.79 46.41
N GLY A 182 73.67 -39.35 47.61
CA GLY A 182 72.43 -39.88 48.16
C GLY A 182 71.38 -38.81 48.34
N ASP A 183 71.79 -37.62 48.81
CA ASP A 183 70.88 -36.49 48.84
C ASP A 183 70.45 -36.12 47.41
N TYR A 184 71.36 -36.27 46.45
CA TYR A 184 71.02 -35.97 45.06
C TYR A 184 69.89 -36.87 44.57
N TRP A 185 69.93 -38.16 44.93
CA TRP A 185 68.83 -39.04 44.53
C TRP A 185 67.57 -38.80 45.36
N ARG A 186 67.73 -38.52 46.65
CA ARG A 186 66.56 -38.23 47.49
C ARG A 186 65.84 -36.97 47.06
N GLY A 187 66.51 -36.09 46.32
CA GLY A 187 65.89 -34.86 45.84
C GLY A 187 64.73 -35.08 44.89
N ASP A 188 64.59 -36.29 44.33
CA ASP A 188 63.47 -36.57 43.44
C ASP A 188 62.13 -36.46 44.17
N TYR A 189 62.11 -36.77 45.46
CA TYR A 189 60.91 -36.68 46.27
C TYR A 189 60.76 -35.32 46.96
N GLU A 190 61.68 -34.40 46.73
CA GLU A 190 61.65 -33.11 47.40
C GLU A 190 60.57 -32.22 46.79
N VAL A 191 59.76 -31.60 47.65
CA VAL A 191 58.72 -30.67 47.24
C VAL A 191 58.88 -29.39 48.04
N ASN A 192 59.03 -28.27 47.35
CA ASN A 192 59.12 -26.95 47.98
C ASN A 192 58.17 -26.00 47.27
N GLY A 193 57.67 -25.01 48.02
CA GLY A 193 56.73 -24.07 47.45
C GLY A 193 55.41 -23.98 48.18
N VAL A 194 54.35 -24.47 47.53
CA VAL A 194 53.00 -24.33 48.06
C VAL A 194 52.91 -24.93 49.46
N ASP A 195 52.26 -24.20 50.37
CA ASP A 195 52.17 -24.63 51.75
C ASP A 195 51.18 -25.77 51.91
N GLY A 196 51.43 -26.62 52.91
CA GLY A 196 50.59 -27.76 53.20
C GLY A 196 50.96 -29.04 52.49
N TYR A 197 51.90 -28.98 51.53
CA TYR A 197 52.32 -30.17 50.80
C TYR A 197 53.84 -30.25 50.69
N ASP A 198 54.56 -29.58 51.59
CA ASP A 198 56.01 -29.62 51.56
C ASP A 198 56.53 -31.01 51.91
N TYR A 199 57.67 -31.37 51.32
CA TYR A 199 58.31 -32.65 51.60
C TYR A 199 59.81 -32.44 51.50
N SER A 200 60.47 -32.32 52.66
CA SER A 200 61.91 -32.15 52.69
C SER A 200 62.61 -33.44 52.28
N ARG A 201 63.86 -33.32 51.85
CA ARG A 201 64.62 -34.48 51.42
C ARG A 201 64.86 -35.46 52.56
N GLY A 202 64.96 -34.96 53.79
CA GLY A 202 65.18 -35.82 54.93
C GLY A 202 63.95 -36.51 55.48
N GLN A 203 62.75 -36.08 55.06
CA GLN A 203 61.53 -36.71 55.52
C GLN A 203 61.35 -38.12 54.96
N LEU A 204 61.97 -38.42 53.82
CA LEU A 204 61.80 -39.73 53.19
C LEU A 204 62.32 -40.85 54.08
N ILE A 205 63.47 -40.63 54.72
CA ILE A 205 64.07 -41.66 55.57
C ILE A 205 63.14 -41.98 56.74
N GLU A 206 62.63 -40.95 57.40
CA GLU A 206 61.74 -41.16 58.53
C GLU A 206 60.45 -41.83 58.10
N ASP A 207 59.89 -41.41 56.96
CA ASP A 207 58.67 -42.03 56.46
C ASP A 207 58.87 -43.51 56.16
N VAL A 208 59.99 -43.85 55.51
CA VAL A 208 60.27 -45.24 55.18
C VAL A 208 60.47 -46.06 56.45
N GLU A 209 61.20 -45.53 57.42
CA GLU A 209 61.40 -46.25 58.68
C GLU A 209 60.08 -46.51 59.38
N HIS A 210 59.23 -45.48 59.48
CA HIS A 210 57.95 -45.64 60.17
C HIS A 210 57.06 -46.64 59.45
N THR A 211 57.04 -46.60 58.11
CA THR A 211 56.20 -47.53 57.38
C THR A 211 56.71 -48.96 57.49
N PHE A 212 58.03 -49.15 57.45
CA PHE A 212 58.58 -50.50 57.55
C PHE A 212 58.46 -51.07 58.96
N GLU A 213 58.35 -50.21 59.98
CA GLU A 213 58.18 -50.72 61.34
C GLU A 213 56.86 -51.45 61.54
N GLU A 214 55.91 -51.33 60.60
CA GLU A 214 54.61 -51.97 60.74
C GLU A 214 54.50 -53.28 59.95
N ILE A 215 55.37 -53.51 58.97
CA ILE A 215 55.30 -54.72 58.16
C ILE A 215 55.92 -55.92 58.85
N LYS A 216 56.65 -55.71 59.94
CA LYS A 216 57.45 -56.77 60.54
C LYS A 216 56.66 -58.03 60.94
N PRO A 217 55.48 -57.95 61.56
CA PRO A 217 54.81 -59.20 61.97
C PRO A 217 54.45 -60.13 60.82
N LEU A 218 53.89 -59.58 59.73
CA LEU A 218 53.53 -60.43 58.60
C LEU A 218 54.75 -61.06 57.96
N TYR A 219 55.83 -60.28 57.80
CA TYR A 219 57.06 -60.84 57.25
C TYR A 219 57.63 -61.90 58.19
N GLU A 220 57.52 -61.70 59.50
CA GLU A 220 58.00 -62.68 60.46
C GLU A 220 57.25 -64.00 60.32
N HIS A 221 55.93 -63.94 60.23
CA HIS A 221 55.14 -65.15 60.07
C HIS A 221 55.44 -65.85 58.74
N LEU A 222 55.55 -65.07 57.66
CA LEU A 222 55.87 -65.67 56.37
C LEU A 222 57.25 -66.32 56.37
N HIS A 223 58.24 -65.65 56.98
CA HIS A 223 59.57 -66.21 57.09
C HIS A 223 59.57 -67.50 57.92
N ALA A 224 58.82 -67.51 59.02
CA ALA A 224 58.72 -68.72 59.83
C ALA A 224 58.10 -69.87 59.06
N TYR A 225 57.02 -69.59 58.30
CA TYR A 225 56.38 -70.64 57.52
C TYR A 225 57.31 -71.17 56.44
N VAL A 226 58.01 -70.27 55.74
CA VAL A 226 58.94 -70.70 54.70
C VAL A 226 60.07 -71.53 55.30
N ARG A 227 60.61 -71.10 56.43
CA ARG A 227 61.68 -71.84 57.09
C ARG A 227 61.20 -73.23 57.52
N ALA A 228 59.98 -73.32 58.04
CA ALA A 228 59.45 -74.62 58.45
C ALA A 228 59.26 -75.53 57.25
N LYS A 229 58.77 -74.99 56.13
CA LYS A 229 58.51 -75.82 54.96
C LYS A 229 59.81 -76.27 54.29
N LEU A 230 60.82 -75.40 54.26
CA LEU A 230 62.08 -75.74 53.62
C LEU A 230 62.90 -76.75 54.40
N MET A 231 62.55 -77.04 55.64
CA MET A 231 63.26 -78.08 56.38
C MET A 231 62.97 -79.48 55.84
N ASN A 232 61.98 -79.63 54.97
CA ASN A 232 61.68 -80.92 54.37
C ASN A 232 62.51 -81.19 53.11
N ALA A 233 62.96 -80.13 52.43
CA ALA A 233 63.79 -80.29 51.24
C ALA A 233 65.28 -80.27 51.55
N TYR A 234 65.69 -79.52 52.58
CA TYR A 234 67.08 -79.47 53.04
C TYR A 234 67.07 -79.82 54.52
N PRO A 235 66.93 -81.11 54.84
CA PRO A 235 66.74 -81.49 56.26
C PRO A 235 67.89 -81.10 57.17
N SER A 236 69.12 -81.12 56.69
CA SER A 236 70.30 -80.90 57.53
C SER A 236 71.07 -79.66 57.11
N TYR A 237 70.36 -78.60 56.70
CA TYR A 237 71.01 -77.36 56.32
C TYR A 237 70.32 -76.11 56.82
N ILE A 238 69.19 -76.23 57.52
CA ILE A 238 68.42 -75.08 57.99
C ILE A 238 68.29 -75.17 59.50
N SER A 239 68.65 -74.09 60.19
CA SER A 239 68.50 -74.04 61.63
C SER A 239 67.03 -73.93 62.01
N PRO A 240 66.62 -74.57 63.12
CA PRO A 240 65.22 -74.44 63.56
C PRO A 240 64.83 -73.02 63.92
N ILE A 241 65.78 -72.20 64.39
CA ILE A 241 65.50 -70.83 64.78
C ILE A 241 66.40 -69.82 64.09
N GLY A 242 67.34 -70.26 63.26
CA GLY A 242 68.30 -69.37 62.64
C GLY A 242 67.75 -68.71 61.39
N CYS A 243 68.64 -68.00 60.72
CA CYS A 243 68.30 -67.26 59.51
C CYS A 243 68.46 -68.14 58.27
N LEU A 244 67.72 -67.79 57.23
CA LEU A 244 67.73 -68.56 55.99
C LEU A 244 69.01 -68.29 55.21
N PRO A 245 69.72 -69.31 54.75
CA PRO A 245 70.88 -69.07 53.88
C PRO A 245 70.46 -68.38 52.58
N ALA A 246 71.33 -67.50 52.08
CA ALA A 246 71.01 -66.69 50.92
C ALA A 246 71.17 -67.42 49.60
N HIS A 247 71.81 -68.58 49.59
CA HIS A 247 72.00 -69.34 48.36
C HIS A 247 70.89 -70.34 48.09
N LEU A 248 69.85 -70.36 48.92
CA LEU A 248 68.73 -71.28 48.75
C LEU A 248 67.40 -70.52 48.65
N LEU A 249 67.42 -69.33 48.05
CA LEU A 249 66.24 -68.50 47.92
C LEU A 249 65.69 -68.48 46.50
N GLY A 250 66.18 -69.35 45.63
CA GLY A 250 65.66 -69.42 44.28
C GLY A 250 66.08 -68.28 43.37
N ASP A 251 67.08 -67.50 43.77
CA ASP A 251 67.56 -66.40 42.95
C ASP A 251 69.02 -66.14 43.27
N MET A 252 69.69 -65.46 42.34
CA MET A 252 71.12 -65.17 42.52
C MET A 252 71.35 -64.27 43.74
N TRP A 253 70.50 -63.27 43.93
CA TRP A 253 70.66 -62.32 45.01
C TRP A 253 69.56 -62.38 46.06
N GLY A 254 68.49 -63.12 45.81
CA GLY A 254 67.37 -63.17 46.74
C GLY A 254 66.36 -62.07 46.56
N ARG A 255 66.31 -61.42 45.40
CA ARG A 255 65.36 -60.34 45.17
C ARG A 255 63.92 -60.84 45.23
N PHE A 256 63.65 -62.00 44.65
CA PHE A 256 62.32 -62.58 44.64
C PHE A 256 62.38 -64.00 45.18
N TRP A 257 61.24 -64.45 45.72
CA TRP A 257 61.11 -65.80 46.27
C TRP A 257 60.11 -66.63 45.47
N THR A 258 59.89 -66.28 44.20
CA THR A 258 58.85 -66.93 43.40
C THR A 258 59.16 -68.40 43.14
N ASN A 259 60.42 -68.74 42.94
CA ASN A 259 60.81 -70.10 42.56
C ASN A 259 60.68 -71.11 43.70
N LEU A 260 60.11 -70.76 44.85
CA LEU A 260 59.91 -71.69 45.95
C LEU A 260 58.47 -72.20 46.05
N TYR A 261 57.64 -71.90 45.04
CA TYR A 261 56.24 -72.33 45.11
C TYR A 261 56.11 -73.85 45.10
N SER A 262 56.93 -74.52 44.30
CA SER A 262 56.86 -75.97 44.18
C SER A 262 57.26 -76.69 45.46
N LEU A 263 57.90 -75.99 46.42
CA LEU A 263 58.33 -76.61 47.66
C LEU A 263 57.44 -76.29 48.85
N THR A 264 56.68 -75.20 48.80
CA THR A 264 55.90 -74.74 49.94
C THR A 264 54.40 -74.67 49.64
N VAL A 265 53.91 -75.44 48.67
CA VAL A 265 52.49 -75.39 48.32
C VAL A 265 51.67 -76.01 49.45
N PRO A 266 50.60 -75.37 49.91
CA PRO A 266 49.78 -75.95 50.98
C PRO A 266 49.07 -77.23 50.56
N PHE A 267 48.31 -77.17 49.48
CA PHE A 267 47.54 -78.30 48.97
C PHE A 267 48.03 -78.63 47.57
N GLY A 268 48.94 -79.60 47.46
CA GLY A 268 49.45 -79.99 46.17
C GLY A 268 48.50 -80.83 45.34
N GLN A 269 47.50 -81.43 45.97
CA GLN A 269 46.55 -82.27 45.23
C GLN A 269 45.66 -81.44 44.32
N LYS A 270 45.14 -80.32 44.83
CA LYS A 270 44.24 -79.49 44.04
C LYS A 270 45.04 -78.60 43.10
N PRO A 271 44.74 -78.60 41.80
CA PRO A 271 45.54 -77.83 40.86
C PRO A 271 45.16 -76.35 40.87
N ASN A 272 46.09 -75.54 40.36
CA ASN A 272 45.90 -74.10 40.27
C ASN A 272 45.13 -73.74 39.01
N ILE A 273 44.92 -72.45 38.79
CA ILE A 273 44.17 -71.96 37.63
C ILE A 273 45.14 -71.71 36.50
N ASP A 274 44.90 -72.37 35.36
CA ASP A 274 45.72 -72.18 34.17
C ASP A 274 44.81 -72.37 32.96
N VAL A 275 44.61 -71.31 32.19
CA VAL A 275 43.67 -71.32 31.09
C VAL A 275 44.37 -71.52 29.74
N THR A 276 45.60 -72.06 29.76
CA THR A 276 46.33 -72.28 28.51
C THR A 276 45.61 -73.27 27.61
N ASP A 277 45.08 -74.35 28.19
CA ASP A 277 44.34 -75.33 27.40
C ASP A 277 43.08 -74.72 26.79
N ALA A 278 42.38 -73.88 27.55
CA ALA A 278 41.22 -73.19 27.02
C ALA A 278 41.62 -72.23 25.90
N MET A 279 42.78 -71.57 26.05
CA MET A 279 43.27 -70.71 24.99
C MET A 279 43.54 -71.49 23.71
N VAL A 280 44.16 -72.67 23.84
CA VAL A 280 44.50 -73.46 22.66
C VAL A 280 43.25 -74.03 22.00
N ASP A 281 42.31 -74.53 22.81
CA ASP A 281 41.15 -75.24 22.28
C ASP A 281 40.19 -74.35 21.50
N GLN A 282 40.31 -73.02 21.60
CA GLN A 282 39.45 -72.11 20.87
C GLN A 282 40.17 -71.35 19.78
N ALA A 283 41.40 -71.74 19.44
CA ALA A 283 42.18 -71.16 18.35
C ALA A 283 42.36 -69.64 18.56
N TRP A 284 43.09 -69.33 19.63
CA TRP A 284 43.38 -67.95 20.00
C TRP A 284 44.74 -67.52 19.45
N ASP A 285 44.84 -66.23 19.11
CA ASP A 285 46.06 -65.65 18.58
C ASP A 285 46.42 -64.41 19.41
N ALA A 286 47.54 -63.78 19.04
CA ALA A 286 47.99 -62.59 19.75
C ALA A 286 47.01 -61.43 19.58
N GLN A 287 46.44 -61.29 18.38
CA GLN A 287 45.47 -60.24 18.14
C GLN A 287 44.27 -60.39 19.06
N ARG A 288 43.81 -61.62 19.28
CA ARG A 288 42.69 -61.83 20.20
C ARG A 288 43.05 -61.45 21.63
N ILE A 289 44.27 -61.77 22.07
CA ILE A 289 44.70 -61.39 23.41
C ILE A 289 44.69 -59.87 23.56
N PHE A 290 45.23 -59.17 22.56
CA PHE A 290 45.32 -57.71 22.63
C PHE A 290 43.94 -57.07 22.59
N LYS A 291 43.03 -57.60 21.77
CA LYS A 291 41.68 -57.02 21.74
C LYS A 291 40.91 -57.33 23.02
N GLU A 292 41.16 -58.49 23.65
CA GLU A 292 40.57 -58.75 24.96
C GLU A 292 41.09 -57.76 26.00
N ALA A 293 42.39 -57.46 25.97
CA ALA A 293 42.93 -56.47 26.90
C ALA A 293 42.31 -55.09 26.65
N GLU A 294 42.14 -54.72 25.38
CA GLU A 294 41.49 -53.46 25.06
C GLU A 294 40.05 -53.42 25.57
N LYS A 295 39.33 -54.54 25.44
CA LYS A 295 37.97 -54.63 25.97
C LYS A 295 37.96 -54.45 27.48
N PHE A 296 38.91 -55.09 28.17
CA PHE A 296 38.99 -54.93 29.61
C PHE A 296 39.24 -53.47 29.99
N PHE A 297 40.13 -52.80 29.27
CA PHE A 297 40.44 -51.40 29.60
C PHE A 297 39.26 -50.48 29.29
N VAL A 298 38.51 -50.75 28.22
CA VAL A 298 37.36 -49.90 27.93
C VAL A 298 36.20 -50.20 28.86
N SER A 299 36.17 -51.37 29.49
CA SER A 299 35.09 -51.68 30.41
C SER A 299 35.02 -50.72 31.59
N VAL A 300 36.11 -50.01 31.90
CA VAL A 300 36.13 -49.09 33.04
C VAL A 300 36.00 -47.63 32.59
N GLY A 301 35.76 -47.38 31.31
CA GLY A 301 35.50 -46.04 30.83
C GLY A 301 36.69 -45.31 30.24
N LEU A 302 37.86 -45.92 30.19
CA LEU A 302 39.03 -45.27 29.62
C LEU A 302 38.99 -45.34 28.10
N PRO A 303 39.67 -44.40 27.41
CA PRO A 303 39.71 -44.45 25.94
C PRO A 303 40.46 -45.65 25.41
N ASN A 304 40.35 -45.93 24.12
CA ASN A 304 40.98 -47.09 23.51
C ASN A 304 42.07 -46.65 22.52
N MET A 305 42.69 -47.64 21.89
CA MET A 305 43.94 -47.45 21.17
C MET A 305 43.73 -46.72 19.85
N THR A 306 44.70 -45.87 19.50
CA THR A 306 44.67 -45.15 18.24
C THR A 306 44.88 -46.14 17.09
N GLN A 307 44.38 -45.76 15.90
CA GLN A 307 44.50 -46.63 14.73
C GLN A 307 45.96 -46.96 14.42
N GLY A 308 46.85 -45.96 14.52
CA GLY A 308 48.24 -46.20 14.19
C GLY A 308 48.90 -47.26 15.06
N PHE A 309 48.44 -47.39 16.31
CA PHE A 309 48.97 -48.43 17.18
C PHE A 309 48.74 -49.82 16.61
N TRP A 310 47.66 -50.00 15.86
CA TRP A 310 47.39 -51.29 15.24
C TRP A 310 48.21 -51.53 13.98
N GLU A 311 48.97 -50.54 13.52
CA GLU A 311 49.73 -50.64 12.28
C GLU A 311 51.23 -50.63 12.51
N ASN A 312 51.74 -49.65 13.27
CA ASN A 312 53.18 -49.47 13.42
C ASN A 312 53.79 -50.32 14.52
N SER A 313 52.97 -50.98 15.35
CA SER A 313 53.47 -51.77 16.46
C SER A 313 53.43 -53.25 16.09
N MET A 314 54.58 -53.91 16.15
CA MET A 314 54.64 -55.33 15.85
C MET A 314 54.14 -56.15 17.03
N LEU A 315 53.46 -57.25 16.73
CA LEU A 315 52.84 -58.08 17.74
C LEU A 315 53.43 -59.47 17.84
N THR A 316 53.98 -60.02 16.75
CA THR A 316 54.57 -61.35 16.74
C THR A 316 55.97 -61.27 16.16
N ASP A 317 56.77 -62.28 16.48
CA ASP A 317 58.15 -62.32 16.00
C ASP A 317 58.18 -62.49 14.48
N PRO A 318 58.91 -61.65 13.75
CA PRO A 318 58.94 -61.80 12.28
C PRO A 318 59.51 -63.13 11.81
N GLY A 319 60.48 -63.70 12.55
CA GLY A 319 61.06 -64.97 12.17
C GLY A 319 62.54 -64.90 11.89
N ASN A 320 63.05 -65.82 11.08
CA ASN A 320 64.47 -65.87 10.77
C ASN A 320 64.88 -64.81 9.76
N VAL A 321 63.93 -64.24 9.01
CA VAL A 321 64.27 -63.22 8.01
C VAL A 321 64.86 -61.99 8.71
N GLN A 322 64.23 -61.56 9.79
CA GLN A 322 64.68 -60.41 10.57
C GLN A 322 65.28 -60.90 11.89
N LYS A 323 65.66 -59.95 12.74
CA LYS A 323 66.24 -60.26 14.04
C LYS A 323 65.94 -59.10 14.97
N ALA A 324 64.97 -59.29 15.86
CA ALA A 324 64.55 -58.26 16.80
C ALA A 324 64.94 -58.67 18.22
N VAL A 325 64.65 -57.78 19.16
CA VAL A 325 64.93 -58.01 20.57
C VAL A 325 63.57 -58.21 21.26
N CYS A 326 63.25 -59.46 21.58
CA CYS A 326 61.98 -59.79 22.23
C CYS A 326 62.03 -59.33 23.68
N HIS A 327 61.49 -58.15 23.95
CA HIS A 327 61.38 -57.61 25.30
C HIS A 327 60.22 -56.63 25.34
N PRO A 328 59.19 -56.91 26.15
CA PRO A 328 58.02 -56.01 26.19
C PRO A 328 58.42 -54.60 26.60
N THR A 329 57.89 -53.61 25.88
CA THR A 329 58.20 -52.21 26.12
C THR A 329 57.11 -51.35 25.49
N ALA A 330 56.68 -50.33 26.22
CA ALA A 330 55.72 -49.36 25.71
C ALA A 330 56.47 -48.13 25.23
N TRP A 331 56.34 -47.80 23.95
CA TRP A 331 57.09 -46.73 23.33
C TRP A 331 56.18 -45.52 23.12
N ASP A 332 56.62 -44.37 23.61
CA ASP A 332 55.94 -43.09 23.42
C ASP A 332 56.90 -42.20 22.62
N LEU A 333 56.80 -42.29 21.28
CA LEU A 333 57.72 -41.55 20.43
C LEU A 333 57.42 -40.06 20.40
N GLY A 334 56.30 -39.63 20.97
CA GLY A 334 55.89 -38.24 20.91
C GLY A 334 55.11 -37.93 19.64
N LYS A 335 54.46 -36.78 19.67
CA LYS A 335 53.64 -36.31 18.54
C LYS A 335 52.57 -37.32 18.17
N GLY A 336 51.98 -37.97 19.18
CA GLY A 336 50.89 -38.88 18.95
C GLY A 336 51.28 -40.26 18.46
N ASP A 337 52.48 -40.73 18.80
CA ASP A 337 52.95 -42.04 18.36
C ASP A 337 53.14 -42.93 19.60
N PHE A 338 52.27 -43.92 19.75
CA PHE A 338 52.34 -44.90 20.83
C PHE A 338 52.40 -46.29 20.23
N ARG A 339 53.36 -47.09 20.69
CA ARG A 339 53.60 -48.41 20.12
C ARG A 339 53.91 -49.42 21.22
N ILE A 340 53.72 -50.69 20.91
CA ILE A 340 54.03 -51.79 21.81
C ILE A 340 54.94 -52.77 21.07
N LEU A 341 56.04 -53.14 21.70
CA LEU A 341 57.04 -54.04 21.13
C LEU A 341 57.14 -55.28 22.00
N MET A 342 56.49 -56.36 21.60
CA MET A 342 56.53 -57.59 22.38
C MET A 342 56.24 -58.77 21.46
N CYS A 343 57.02 -59.83 21.61
CA CYS A 343 56.79 -61.09 20.90
C CYS A 343 55.82 -61.92 21.73
N THR A 344 54.61 -62.13 21.19
CA THR A 344 53.50 -62.68 21.94
C THR A 344 53.32 -64.16 21.66
N LYS A 345 53.06 -64.93 22.70
CA LYS A 345 52.74 -66.34 22.62
C LYS A 345 51.42 -66.60 23.35
N VAL A 346 50.80 -67.74 23.04
CA VAL A 346 49.55 -68.11 23.68
C VAL A 346 49.81 -68.70 25.05
N THR A 347 49.82 -67.84 26.08
CA THR A 347 50.11 -68.25 27.44
C THR A 347 49.48 -67.23 28.39
N MET A 348 49.13 -67.67 29.58
CA MET A 348 48.53 -66.78 30.58
C MET A 348 49.50 -65.68 30.99
N ASP A 349 50.80 -66.00 31.05
CA ASP A 349 51.80 -65.00 31.43
C ASP A 349 51.80 -63.85 30.44
N ASP A 350 51.76 -64.16 29.14
CA ASP A 350 51.61 -63.10 28.13
C ASP A 350 50.27 -62.41 28.25
N PHE A 351 49.23 -63.15 28.65
CA PHE A 351 47.91 -62.55 28.83
C PHE A 351 47.92 -61.48 29.91
N LEU A 352 48.79 -61.63 30.91
CA LEU A 352 48.92 -60.60 31.94
C LEU A 352 49.92 -59.51 31.54
N THR A 353 50.99 -59.89 30.85
CA THR A 353 51.96 -58.90 30.40
C THR A 353 51.34 -57.91 29.42
N ALA A 354 50.42 -58.37 28.59
CA ALA A 354 49.72 -57.46 27.68
C ALA A 354 48.95 -56.40 28.46
N HIS A 355 48.27 -56.81 29.53
CA HIS A 355 47.57 -55.84 30.37
C HIS A 355 48.53 -54.86 31.01
N HIS A 356 49.68 -55.35 31.50
CA HIS A 356 50.66 -54.46 32.12
C HIS A 356 51.15 -53.41 31.12
N GLU A 357 51.50 -53.85 29.91
CA GLU A 357 51.99 -52.92 28.90
C GLU A 357 50.91 -51.96 28.43
N MET A 358 49.67 -52.42 28.32
CA MET A 358 48.61 -51.52 27.89
C MET A 358 48.28 -50.50 28.97
N GLY A 359 48.40 -50.87 30.25
CA GLY A 359 48.31 -49.87 31.31
C GLY A 359 49.42 -48.85 31.21
N HIS A 360 50.64 -49.30 30.89
CA HIS A 360 51.73 -48.38 30.62
C HIS A 360 51.35 -47.38 29.53
N ILE A 361 50.82 -47.89 28.43
CA ILE A 361 50.47 -47.04 27.29
C ILE A 361 49.37 -46.06 27.66
N GLN A 362 48.37 -46.52 28.43
CA GLN A 362 47.29 -45.63 28.84
C GLN A 362 47.82 -44.50 29.72
N TYR A 363 48.70 -44.83 30.67
CA TYR A 363 49.28 -43.79 31.52
C TYR A 363 50.08 -42.80 30.70
N ASP A 364 50.86 -43.30 29.72
CA ASP A 364 51.62 -42.39 28.85
C ASP A 364 50.69 -41.49 28.05
N MET A 365 49.59 -42.04 27.55
CA MET A 365 48.64 -41.27 26.76
C MET A 365 47.86 -40.27 27.60
N ALA A 366 47.80 -40.48 28.92
CA ALA A 366 46.99 -39.60 29.75
C ALA A 366 47.51 -38.17 29.77
N TYR A 367 48.82 -37.98 29.87
CA TYR A 367 49.40 -36.66 30.10
C TYR A 367 50.05 -36.08 28.84
N ALA A 368 49.47 -36.32 27.66
CA ALA A 368 50.05 -35.80 26.44
C ALA A 368 49.87 -34.29 26.29
N ALA A 369 48.95 -33.69 27.03
CA ALA A 369 48.68 -32.26 26.89
C ALA A 369 49.64 -31.37 27.66
N GLN A 370 50.40 -31.93 28.59
CA GLN A 370 51.31 -31.13 29.39
C GLN A 370 52.54 -30.72 28.57
N PRO A 371 53.25 -29.68 29.00
CA PRO A 371 54.49 -29.31 28.32
C PRO A 371 55.51 -30.45 28.33
N PHE A 372 56.54 -30.28 27.49
CA PHE A 372 57.49 -31.37 27.25
C PHE A 372 58.23 -31.77 28.52
N LEU A 373 58.67 -30.79 29.31
CA LEU A 373 59.47 -31.10 30.49
C LEU A 373 58.68 -31.80 31.58
N LEU A 374 57.34 -31.67 31.57
CA LEU A 374 56.50 -32.24 32.60
C LEU A 374 55.81 -33.53 32.16
N ARG A 375 56.24 -34.13 31.05
CA ARG A 375 55.62 -35.34 30.53
C ARG A 375 56.30 -36.56 31.17
N ASN A 376 55.91 -36.83 32.41
CA ASN A 376 56.41 -37.97 33.15
C ASN A 376 55.48 -38.22 34.33
N GLY A 377 55.83 -39.21 35.14
CA GLY A 377 55.05 -39.52 36.32
C GLY A 377 55.28 -38.51 37.44
N ALA A 378 54.44 -38.61 38.47
CA ALA A 378 54.60 -37.74 39.62
C ALA A 378 55.93 -37.98 40.32
N ASN A 379 56.31 -39.25 40.46
CA ASN A 379 57.64 -39.62 40.94
C ASN A 379 58.05 -40.88 40.19
N GLU A 380 59.10 -41.54 40.68
CA GLU A 380 59.65 -42.73 40.03
C GLU A 380 58.94 -44.01 40.44
N GLY A 381 57.73 -43.94 41.01
CA GLY A 381 57.05 -45.13 41.46
C GLY A 381 55.62 -45.29 40.96
N PHE A 382 55.03 -44.20 40.47
CA PHE A 382 53.64 -44.23 40.04
C PHE A 382 53.46 -45.10 38.80
N HIS A 383 54.45 -45.09 37.91
CA HIS A 383 54.26 -45.66 36.57
C HIS A 383 54.04 -47.17 36.63
N GLU A 384 54.96 -47.89 37.29
CA GLU A 384 54.80 -49.33 37.37
C GLU A 384 53.62 -49.73 38.24
N ALA A 385 53.27 -48.90 39.24
CA ALA A 385 52.10 -49.20 40.06
C ALA A 385 50.81 -49.14 39.23
N VAL A 386 50.68 -48.10 38.40
CA VAL A 386 49.52 -48.01 37.51
C VAL A 386 49.54 -49.18 36.52
N GLY A 387 50.73 -49.58 36.08
CA GLY A 387 50.80 -50.75 35.22
C GLY A 387 50.34 -52.02 35.90
N GLU A 388 50.74 -52.23 37.16
CA GLU A 388 50.54 -53.49 37.85
C GLU A 388 49.15 -53.63 38.46
N ILE A 389 48.45 -52.53 38.75
CA ILE A 389 47.12 -52.66 39.33
C ILE A 389 46.19 -53.39 38.37
N MET A 390 46.28 -53.09 37.08
CA MET A 390 45.46 -53.78 36.09
C MET A 390 45.82 -55.27 36.02
N SER A 391 47.11 -55.60 36.09
CA SER A 391 47.52 -56.99 36.04
C SER A 391 46.98 -57.76 37.24
N LEU A 392 47.01 -57.15 38.42
CA LEU A 392 46.44 -57.80 39.59
C LEU A 392 44.93 -57.95 39.46
N SER A 393 44.25 -56.93 38.93
CA SER A 393 42.79 -56.98 38.85
C SER A 393 42.28 -57.92 37.76
N ALA A 394 43.08 -58.19 36.73
CA ALA A 394 42.60 -58.97 35.59
C ALA A 394 42.74 -60.47 35.76
N ALA A 395 43.37 -60.93 36.84
CA ALA A 395 43.60 -62.36 37.06
C ALA A 395 42.59 -62.98 38.01
N THR A 396 41.55 -62.25 38.39
CA THR A 396 40.56 -62.79 39.32
C THR A 396 39.75 -63.91 38.66
N PRO A 397 39.38 -64.95 39.40
CA PRO A 397 38.56 -66.02 38.80
C PRO A 397 37.23 -65.55 38.26
N LYS A 398 36.63 -64.52 38.87
CA LYS A 398 35.36 -64.01 38.37
C LYS A 398 35.49 -63.47 36.96
N HIS A 399 36.57 -62.72 36.69
CA HIS A 399 36.80 -62.20 35.35
C HIS A 399 37.03 -63.32 34.34
N LEU A 400 37.80 -64.34 34.73
CA LEU A 400 38.05 -65.47 33.83
C LEU A 400 36.76 -66.21 33.51
N LYS A 401 35.90 -66.41 34.52
CA LYS A 401 34.61 -67.05 34.27
C LYS A 401 33.70 -66.18 33.41
N SER A 402 33.78 -64.86 33.57
CA SER A 402 32.92 -63.96 32.81
C SER A 402 33.28 -63.95 31.33
N ILE A 403 34.56 -64.10 30.99
CA ILE A 403 34.99 -64.03 29.59
C ILE A 403 34.94 -65.39 28.90
N GLY A 404 34.54 -66.45 29.61
CA GLY A 404 34.38 -67.75 29.00
C GLY A 404 35.62 -68.60 28.92
N LEU A 405 36.73 -68.16 29.50
CA LEU A 405 37.96 -68.96 29.48
C LEU A 405 38.00 -70.04 30.55
N LEU A 406 37.01 -70.09 31.43
CA LEU A 406 36.95 -71.08 32.49
C LEU A 406 35.56 -71.71 32.54
N SER A 407 35.50 -72.94 33.02
CA SER A 407 34.24 -73.67 33.08
C SER A 407 33.28 -72.99 34.06
N PRO A 408 32.02 -72.77 33.67
CA PRO A 408 31.08 -72.10 34.59
C PRO A 408 30.75 -72.91 35.82
N ASP A 409 30.94 -74.24 35.79
CA ASP A 409 30.63 -75.09 36.93
C ASP A 409 31.81 -75.29 37.87
N PHE A 410 32.93 -74.62 37.60
CA PHE A 410 34.11 -74.71 38.48
C PHE A 410 33.79 -74.03 39.79
N GLN A 411 33.56 -74.83 40.83
CA GLN A 411 33.21 -74.32 42.16
C GLN A 411 34.50 -73.86 42.84
N GLU A 412 34.69 -72.55 42.92
CA GLU A 412 35.86 -71.99 43.59
C GLU A 412 35.76 -72.28 45.09
N ASP A 413 36.78 -72.92 45.63
CA ASP A 413 36.80 -73.32 47.03
C ASP A 413 37.64 -72.34 47.84
N ASN A 414 37.55 -72.46 49.16
CA ASN A 414 38.35 -71.67 50.08
C ASN A 414 39.73 -72.27 50.29
N GLU A 415 40.13 -73.24 49.48
CA GLU A 415 41.46 -73.84 49.55
C GLU A 415 42.38 -73.35 48.44
N THR A 416 41.84 -73.03 47.27
CA THR A 416 42.66 -72.46 46.20
C THR A 416 43.01 -71.01 46.46
N GLU A 417 42.17 -70.30 47.21
CA GLU A 417 42.45 -68.91 47.54
C GLU A 417 43.73 -68.78 48.36
N ILE A 418 43.95 -69.73 49.28
CA ILE A 418 45.18 -69.73 50.06
C ILE A 418 46.39 -69.93 49.14
N ASN A 419 46.27 -70.83 48.18
CA ASN A 419 47.37 -71.06 47.23
C ASN A 419 47.69 -69.80 46.44
N PHE A 420 46.65 -69.14 45.92
CA PHE A 420 46.86 -67.91 45.15
C PHE A 420 47.48 -66.81 46.01
N LEU A 421 46.98 -66.66 47.24
CA LEU A 421 47.51 -65.64 48.14
C LEU A 421 48.97 -65.90 48.48
N LEU A 422 49.32 -67.17 48.72
CA LEU A 422 50.70 -67.50 49.03
C LEU A 422 51.61 -67.25 47.83
N LYS A 423 51.14 -67.59 46.63
CA LYS A 423 51.96 -67.35 45.44
C LYS A 423 52.19 -65.85 45.22
N GLN A 424 51.15 -65.03 45.45
CA GLN A 424 51.32 -63.58 45.34
C GLN A 424 52.24 -63.05 46.43
N ALA A 425 52.09 -63.57 47.65
CA ALA A 425 52.91 -63.09 48.77
C ALA A 425 54.39 -63.38 48.54
N LEU A 426 54.70 -64.58 48.05
CA LEU A 426 56.09 -64.97 47.86
C LEU A 426 56.83 -64.06 46.89
N THR A 427 56.11 -63.34 46.03
CA THR A 427 56.75 -62.43 45.09
C THR A 427 56.54 -60.96 45.41
N ILE A 428 55.60 -60.62 46.28
CA ILE A 428 55.36 -59.22 46.66
C ILE A 428 55.94 -58.89 48.03
N VAL A 429 55.57 -59.66 49.05
CA VAL A 429 55.96 -59.32 50.42
C VAL A 429 57.45 -59.57 50.64
N GLY A 430 58.02 -60.59 49.98
CA GLY A 430 59.38 -61.01 50.22
C GLY A 430 60.46 -60.18 49.57
N THR A 431 60.12 -59.06 48.94
CA THR A 431 61.11 -58.22 48.29
C THR A 431 61.29 -56.85 48.93
N LEU A 432 60.36 -56.42 49.78
CA LEU A 432 60.47 -55.10 50.39
C LEU A 432 61.68 -54.97 51.32
N PRO A 433 61.94 -55.90 52.26
CA PRO A 433 63.13 -55.73 53.11
C PRO A 433 64.43 -55.66 52.33
N PHE A 434 64.56 -56.42 51.25
CA PHE A 434 65.79 -56.41 50.47
C PHE A 434 66.04 -55.03 49.86
N THR A 435 65.02 -54.47 49.22
CA THR A 435 65.14 -53.14 48.62
C THR A 435 65.42 -52.09 49.68
N TYR A 436 64.69 -52.15 50.81
CA TYR A 436 64.89 -51.18 51.87
C TYR A 436 66.31 -51.23 52.40
N MET A 437 66.82 -52.44 52.66
CA MET A 437 68.17 -52.58 53.18
C MET A 437 69.22 -52.09 52.19
N LEU A 438 69.05 -52.43 50.91
CA LEU A 438 70.04 -51.99 49.91
C LEU A 438 70.09 -50.47 49.84
N GLU A 439 68.92 -49.82 49.80
CA GLU A 439 68.90 -48.37 49.73
C GLU A 439 69.48 -47.75 51.00
N LYS A 440 69.18 -48.33 52.17
CA LYS A 440 69.73 -47.81 53.42
C LYS A 440 71.24 -47.91 53.45
N TRP A 441 71.80 -49.05 53.01
CA TRP A 441 73.24 -49.21 52.97
C TRP A 441 73.88 -48.22 52.01
N ARG A 442 73.28 -48.04 50.83
CA ARG A 442 73.82 -47.09 49.87
C ARG A 442 73.81 -45.67 50.42
N TRP A 443 72.72 -45.28 51.06
CA TRP A 443 72.64 -43.94 51.65
C TRP A 443 73.69 -43.76 52.74
N MET A 444 73.87 -44.77 53.59
CA MET A 444 74.88 -44.67 54.65
C MET A 444 76.28 -44.56 54.07
N VAL A 445 76.55 -45.29 52.99
CA VAL A 445 77.87 -45.21 52.36
C VAL A 445 78.10 -43.83 51.76
N PHE A 446 77.10 -43.30 51.04
CA PHE A 446 77.27 -41.99 50.43
C PHE A 446 77.41 -40.88 51.47
N LYS A 447 76.65 -40.98 52.57
CA LYS A 447 76.66 -39.91 53.56
C LYS A 447 78.03 -39.75 54.21
N GLY A 448 78.69 -40.87 54.51
CA GLY A 448 80.00 -40.83 55.15
C GLY A 448 80.04 -41.42 56.54
N GLU A 449 78.92 -41.92 57.06
CA GLU A 449 78.93 -42.55 58.37
C GLU A 449 79.73 -43.84 58.38
N ILE A 450 79.91 -44.48 57.23
CA ILE A 450 80.65 -45.73 57.12
C ILE A 450 81.98 -45.42 56.43
N PRO A 451 83.11 -45.51 57.12
CA PRO A 451 84.41 -45.32 56.46
C PRO A 451 84.65 -46.39 55.41
N LYS A 452 85.70 -46.16 54.61
CA LYS A 452 85.99 -47.04 53.48
C LYS A 452 86.34 -48.45 53.94
N ASP A 453 86.91 -48.59 55.13
CA ASP A 453 87.38 -49.88 55.62
C ASP A 453 86.33 -50.64 56.42
N GLN A 454 85.11 -50.11 56.54
CA GLN A 454 84.04 -50.75 57.31
C GLN A 454 82.79 -50.96 56.46
N TRP A 455 82.95 -51.10 55.15
CA TRP A 455 81.80 -51.28 54.28
C TRP A 455 81.13 -52.64 54.54
N MET A 456 81.84 -53.72 54.25
CA MET A 456 81.22 -55.05 54.33
C MET A 456 80.89 -55.43 55.76
N LYS A 457 81.65 -54.94 56.73
CA LYS A 457 81.31 -55.18 58.13
C LYS A 457 79.91 -54.68 58.46
N LYS A 458 79.40 -53.72 57.70
CA LYS A 458 78.01 -53.31 57.85
C LYS A 458 77.08 -54.08 56.91
N TRP A 459 77.55 -54.40 55.70
CA TRP A 459 76.66 -54.93 54.68
C TRP A 459 76.06 -56.28 55.10
N TRP A 460 76.90 -57.17 55.62
CA TRP A 460 76.40 -58.43 56.14
C TRP A 460 75.76 -58.27 57.51
N GLU A 461 76.05 -57.18 58.22
CA GLU A 461 75.46 -56.98 59.54
C GLU A 461 74.00 -56.52 59.43
N MET A 462 73.68 -55.69 58.45
CA MET A 462 72.31 -55.24 58.27
C MET A 462 71.41 -56.39 57.84
N LYS A 463 71.91 -57.26 56.95
CA LYS A 463 71.14 -58.40 56.46
C LYS A 463 70.55 -59.19 57.63
N ARG A 464 71.43 -59.69 58.51
CA ARG A 464 71.00 -60.48 59.65
C ARG A 464 69.97 -59.75 60.50
N GLU A 465 70.01 -58.42 60.51
CA GLU A 465 69.11 -57.63 61.34
C GLU A 465 67.81 -57.26 60.63
N ILE A 466 67.75 -57.36 59.31
CA ILE A 466 66.55 -56.91 58.60
C ILE A 466 65.95 -58.04 57.77
N VAL A 467 66.70 -58.52 56.78
CA VAL A 467 66.16 -59.50 55.84
C VAL A 467 66.09 -60.90 56.43
N GLY A 468 66.90 -61.20 57.44
CA GLY A 468 66.94 -62.54 57.98
C GLY A 468 67.68 -63.53 57.13
N VAL A 469 68.71 -63.09 56.41
CA VAL A 469 69.53 -63.96 55.58
C VAL A 469 70.98 -63.82 56.03
N VAL A 470 71.71 -64.93 55.97
CA VAL A 470 73.08 -65.01 56.45
C VAL A 470 73.98 -65.50 55.32
N GLU A 471 75.17 -64.91 55.22
CA GLU A 471 76.11 -65.34 54.20
C GLU A 471 76.60 -66.76 54.49
N PRO A 472 76.74 -67.61 53.47
CA PRO A 472 77.23 -68.97 53.72
C PRO A 472 78.74 -69.05 53.93
N VAL A 473 79.51 -68.08 53.44
CA VAL A 473 80.96 -68.09 53.62
C VAL A 473 81.40 -66.70 54.08
N PRO A 474 82.47 -66.58 54.87
CA PRO A 474 82.92 -65.27 55.32
C PRO A 474 83.50 -64.44 54.18
N HIS A 475 83.43 -63.12 54.36
CA HIS A 475 83.92 -62.18 53.37
C HIS A 475 84.80 -61.13 54.05
N ASP A 476 85.79 -60.65 53.31
CA ASP A 476 86.67 -59.58 53.76
C ASP A 476 86.38 -58.33 52.93
N GLU A 477 87.19 -57.28 53.16
CA GLU A 477 86.94 -56.00 52.54
C GLU A 477 87.24 -55.96 51.05
N THR A 478 87.92 -56.99 50.51
CA THR A 478 88.22 -57.00 49.07
C THR A 478 86.96 -57.19 48.23
N TYR A 479 86.01 -57.98 48.70
CA TYR A 479 84.78 -58.21 47.95
C TYR A 479 83.95 -56.95 47.86
N CYS A 480 83.18 -56.85 46.76
CA CYS A 480 82.15 -55.82 46.62
C CYS A 480 80.87 -56.55 46.21
N ASP A 481 80.14 -57.05 47.21
CA ASP A 481 78.93 -57.83 46.96
C ASP A 481 77.82 -57.04 46.27
N PRO A 482 77.44 -55.84 46.74
CA PRO A 482 76.31 -55.15 46.09
C PRO A 482 76.54 -54.85 44.63
N ALA A 483 77.78 -54.62 44.21
CA ALA A 483 78.05 -54.28 42.82
C ALA A 483 77.74 -55.41 41.85
N SER A 484 77.53 -56.64 42.35
CA SER A 484 77.15 -57.73 41.46
C SER A 484 75.78 -57.53 40.83
N LEU A 485 74.96 -56.67 41.41
CA LEU A 485 73.63 -56.42 40.86
C LEU A 485 73.70 -55.48 39.67
N PHE A 486 72.66 -55.53 38.84
CA PHE A 486 72.58 -54.67 37.66
C PHE A 486 72.42 -53.21 38.06
N HIS A 487 71.62 -52.94 39.09
CA HIS A 487 71.31 -51.58 39.48
C HIS A 487 72.40 -50.92 40.32
N VAL A 488 73.42 -51.66 40.73
CA VAL A 488 74.50 -51.11 41.54
C VAL A 488 75.76 -50.90 40.70
N SER A 489 76.14 -51.89 39.89
CA SER A 489 77.27 -51.73 39.00
C SER A 489 77.02 -50.61 37.99
N ASN A 490 75.81 -50.55 37.44
CA ASN A 490 75.39 -49.43 36.62
C ASN A 490 74.66 -48.43 37.50
N ASP A 491 74.82 -47.14 37.19
CA ASP A 491 74.31 -46.07 38.02
C ASP A 491 72.78 -46.05 37.93
N TYR A 492 72.12 -46.61 38.94
CA TYR A 492 70.67 -46.68 38.96
C TYR A 492 70.18 -46.59 40.40
N SER A 493 69.03 -45.96 40.60
CA SER A 493 68.40 -45.89 41.91
C SER A 493 67.66 -47.19 42.20
N PHE A 494 67.31 -47.38 43.47
CA PHE A 494 66.65 -48.61 43.89
C PHE A 494 65.45 -48.40 44.80
N ILE A 495 65.15 -47.18 45.23
CA ILE A 495 64.01 -46.95 46.11
C ILE A 495 62.69 -46.89 45.35
N ARG A 496 62.71 -47.06 44.04
CA ARG A 496 61.48 -47.02 43.25
C ARG A 496 60.54 -48.15 43.64
N TYR A 497 61.09 -49.35 43.82
CA TYR A 497 60.26 -50.55 43.96
C TYR A 497 59.47 -50.55 45.27
N TYR A 498 60.08 -50.10 46.36
CA TYR A 498 59.37 -50.04 47.64
C TYR A 498 58.16 -49.13 47.56
N THR A 499 58.35 -47.93 47.03
CA THR A 499 57.25 -46.98 46.89
C THR A 499 56.18 -47.50 45.94
N ARG A 500 56.59 -48.13 44.83
CA ARG A 500 55.63 -48.67 43.88
C ARG A 500 54.78 -49.76 44.53
N THR A 501 55.42 -50.67 45.26
CA THR A 501 54.70 -51.76 45.91
C THR A 501 53.73 -51.22 46.96
N LEU A 502 54.15 -50.19 47.71
CA LEU A 502 53.23 -49.64 48.70
C LEU A 502 52.10 -48.85 48.05
N TYR A 503 52.33 -48.25 46.89
CA TYR A 503 51.30 -47.47 46.24
C TYR A 503 50.25 -48.34 45.55
N GLN A 504 50.68 -49.47 44.98
CA GLN A 504 49.76 -50.26 44.16
C GLN A 504 48.60 -50.82 45.00
N PHE A 505 48.88 -51.33 46.19
CA PHE A 505 47.83 -51.89 47.02
C PHE A 505 46.91 -50.80 47.56
N GLN A 506 47.47 -49.62 47.87
CA GLN A 506 46.65 -48.52 48.32
C GLN A 506 45.68 -48.08 47.23
N PHE A 507 46.17 -47.99 45.98
CA PHE A 507 45.30 -47.65 44.86
C PHE A 507 44.24 -48.73 44.65
N GLN A 508 44.63 -50.01 44.76
CA GLN A 508 43.66 -51.08 44.59
C GLN A 508 42.57 -51.03 45.65
N GLU A 509 42.95 -50.78 46.90
CA GLU A 509 41.95 -50.65 47.97
C GLU A 509 41.02 -49.48 47.71
N ALA A 510 41.57 -48.34 47.28
CA ALA A 510 40.73 -47.18 47.00
C ALA A 510 39.72 -47.49 45.89
N LEU A 511 40.20 -48.10 44.80
CA LEU A 511 39.31 -48.40 43.68
C LEU A 511 38.26 -49.45 44.06
N CYS A 512 38.65 -50.47 44.81
CA CYS A 512 37.69 -51.49 45.22
C CYS A 512 36.63 -50.91 46.15
N GLN A 513 37.03 -50.02 47.05
CA GLN A 513 36.05 -49.34 47.90
C GLN A 513 35.12 -48.48 47.06
N ALA A 514 35.66 -47.79 46.05
CA ALA A 514 34.83 -46.97 45.18
C ALA A 514 33.95 -47.81 44.24
N ALA A 515 34.23 -49.10 44.09
CA ALA A 515 33.48 -49.96 43.19
C ALA A 515 32.36 -50.72 43.88
N LYS A 516 32.06 -50.40 45.14
CA LYS A 516 31.01 -51.06 45.91
C LYS A 516 31.23 -52.56 45.98
N HIS A 517 32.46 -52.96 46.32
CA HIS A 517 32.83 -54.36 46.42
C HIS A 517 32.56 -54.88 47.82
N GLU A 518 31.97 -56.08 47.89
CA GLU A 518 31.67 -56.74 49.15
C GLU A 518 32.46 -58.02 49.24
N GLY A 519 33.26 -58.16 50.29
CA GLY A 519 34.05 -59.36 50.50
C GLY A 519 35.53 -59.07 50.65
N PRO A 520 36.35 -60.11 50.58
CA PRO A 520 37.79 -59.92 50.70
C PRO A 520 38.37 -59.15 49.51
N LEU A 521 39.51 -58.51 49.77
CA LEU A 521 40.13 -57.67 48.74
C LEU A 521 40.70 -58.49 47.60
N HIS A 522 41.15 -59.73 47.87
CA HIS A 522 41.80 -60.53 46.85
C HIS A 522 40.85 -61.03 45.76
N LYS A 523 39.54 -60.86 45.95
CA LYS A 523 38.54 -61.28 44.97
C LYS A 523 37.86 -60.07 44.34
N CYS A 524 38.62 -59.01 44.09
CA CYS A 524 38.09 -57.74 43.62
C CYS A 524 38.39 -57.55 42.14
N ASP A 525 37.37 -57.20 41.38
CA ASP A 525 37.50 -56.87 39.96
C ASP A 525 36.92 -55.49 39.72
N ILE A 526 37.69 -54.63 39.06
CA ILE A 526 37.28 -53.25 38.84
C ILE A 526 36.52 -53.14 37.52
N SER A 527 36.23 -54.28 36.90
CA SER A 527 35.50 -54.28 35.64
C SER A 527 34.05 -53.86 35.87
N ASN A 528 33.47 -53.21 34.85
CA ASN A 528 32.08 -52.76 34.88
C ASN A 528 31.83 -51.73 35.98
N SER A 529 32.86 -50.97 36.35
CA SER A 529 32.75 -49.96 37.41
C SER A 529 33.33 -48.65 36.88
N THR A 530 32.45 -47.76 36.42
CA THR A 530 32.91 -46.46 35.92
C THR A 530 33.53 -45.63 37.03
N GLU A 531 32.94 -45.67 38.23
CA GLU A 531 33.44 -44.87 39.33
C GLU A 531 34.88 -45.26 39.70
N ALA A 532 35.26 -46.50 39.41
CA ALA A 532 36.61 -46.95 39.71
C ALA A 532 37.64 -46.49 38.67
N GLY A 533 37.19 -45.95 37.54
CA GLY A 533 38.12 -45.48 36.54
C GLY A 533 38.31 -43.98 36.54
N GLN A 534 37.19 -43.25 36.63
CA GLN A 534 37.24 -41.79 36.57
C GLN A 534 38.14 -41.24 37.67
N LYS A 535 38.00 -41.76 38.89
CA LYS A 535 38.88 -41.38 39.98
C LYS A 535 40.34 -41.52 39.58
N LEU A 536 40.70 -42.67 39.02
CA LEU A 536 42.08 -42.88 38.60
C LEU A 536 42.49 -41.84 37.57
N PHE A 537 41.58 -41.47 36.68
CA PHE A 537 41.89 -40.47 35.66
C PHE A 537 42.33 -39.16 36.31
N ASN A 538 41.78 -38.82 37.48
CA ASN A 538 42.14 -37.57 38.14
C ASN A 538 43.62 -37.54 38.47
N MET A 539 44.26 -38.70 38.61
CA MET A 539 45.71 -38.75 38.81
C MET A 539 46.45 -38.93 37.50
N LEU A 540 45.82 -39.53 36.48
CA LEU A 540 46.54 -39.89 35.27
C LEU A 540 47.01 -38.65 34.50
N ARG A 541 46.17 -37.62 34.44
CA ARG A 541 46.43 -36.47 33.57
C ARG A 541 47.21 -35.36 34.25
N LEU A 542 47.52 -35.47 35.54
CA LEU A 542 48.27 -34.42 36.20
C LEU A 542 49.73 -34.39 35.76
N GLY A 543 50.35 -35.56 35.65
CA GLY A 543 51.76 -35.60 35.29
C GLY A 543 52.64 -35.06 36.41
N LYS A 544 53.69 -34.35 36.02
CA LYS A 544 54.63 -33.78 36.97
C LYS A 544 54.30 -32.33 37.33
N SER A 545 53.18 -31.80 36.84
CA SER A 545 52.84 -30.41 37.08
C SER A 545 52.43 -30.12 38.52
N GLU A 546 52.16 -31.14 39.32
CA GLU A 546 51.76 -30.97 40.70
C GLU A 546 52.59 -31.87 41.60
N PRO A 547 52.75 -31.51 42.87
CA PRO A 547 53.49 -32.39 43.79
C PRO A 547 52.82 -33.75 43.92
N TRP A 548 53.66 -34.77 44.12
CA TRP A 548 53.16 -36.14 44.19
C TRP A 548 52.23 -36.36 45.39
N THR A 549 52.39 -35.56 46.45
CA THR A 549 51.50 -35.67 47.59
C THR A 549 50.07 -35.31 47.21
N LEU A 550 49.90 -34.23 46.44
CA LEU A 550 48.57 -33.84 46.00
C LEU A 550 47.96 -34.88 45.06
N ALA A 551 48.79 -35.44 44.17
CA ALA A 551 48.29 -36.48 43.27
C ALA A 551 47.85 -37.72 44.04
N LEU A 552 48.62 -38.13 45.05
CA LEU A 552 48.24 -39.27 45.86
C LEU A 552 46.97 -38.99 46.65
N GLU A 553 46.83 -37.78 47.18
CA GLU A 553 45.64 -37.42 47.94
C GLU A 553 44.39 -37.38 47.08
N ASN A 554 44.53 -37.11 45.77
CA ASN A 554 43.39 -37.01 44.88
C ASN A 554 42.70 -38.34 44.64
N VAL A 555 43.33 -39.47 44.98
CA VAL A 555 42.75 -40.78 44.72
C VAL A 555 42.50 -41.49 46.04
N VAL A 556 43.55 -41.70 46.83
CA VAL A 556 43.41 -42.44 48.07
C VAL A 556 42.64 -41.63 49.11
N GLY A 557 42.96 -40.35 49.24
CA GLY A 557 42.39 -39.50 50.27
C GLY A 557 43.38 -39.12 51.36
N ALA A 558 44.57 -39.71 51.36
CA ALA A 558 45.63 -39.35 52.30
C ALA A 558 46.85 -38.89 51.52
N LYS A 559 47.58 -37.93 52.11
CA LYS A 559 48.72 -37.32 51.46
C LYS A 559 50.05 -37.94 51.87
N ASN A 560 50.03 -39.07 52.57
CA ASN A 560 51.24 -39.73 53.03
C ASN A 560 51.18 -41.20 52.70
N MET A 561 52.36 -41.82 52.63
CA MET A 561 52.47 -43.24 52.37
C MET A 561 51.86 -44.03 53.52
N ASN A 562 51.14 -45.10 53.18
CA ASN A 562 50.45 -45.92 54.15
C ASN A 562 50.69 -47.40 53.86
N VAL A 563 50.53 -48.22 54.88
CA VAL A 563 50.78 -49.66 54.78
C VAL A 563 49.58 -50.51 55.16
N ARG A 564 48.56 -49.92 55.79
CA ARG A 564 47.39 -50.70 56.20
C ARG A 564 46.70 -51.44 55.06
N PRO A 565 46.50 -50.86 53.86
CA PRO A 565 45.89 -51.65 52.78
C PRO A 565 46.68 -52.89 52.41
N LEU A 566 48.01 -52.83 52.49
CA LEU A 566 48.82 -54.01 52.16
C LEU A 566 48.53 -55.16 53.13
N LEU A 567 48.43 -54.86 54.43
CA LEU A 567 48.14 -55.90 55.40
C LEU A 567 46.67 -56.34 55.31
N ASN A 568 45.78 -55.43 54.92
CA ASN A 568 44.38 -55.81 54.73
C ASN A 568 44.21 -56.75 53.55
N TYR A 569 45.06 -56.61 52.53
CA TYR A 569 44.97 -57.48 51.36
C TYR A 569 45.34 -58.93 51.71
N PHE A 570 46.19 -59.13 52.72
CA PHE A 570 46.67 -60.45 53.08
C PHE A 570 46.08 -60.96 54.41
N GLU A 571 44.90 -60.48 54.78
CA GLU A 571 44.31 -60.87 56.06
C GLU A 571 44.01 -62.37 56.19
N PRO A 572 43.33 -63.03 55.25
CA PRO A 572 43.06 -64.47 55.47
C PRO A 572 44.32 -65.32 55.44
N LEU A 573 45.30 -64.95 54.60
CA LEU A 573 46.58 -65.63 54.65
C LEU A 573 47.27 -65.43 55.99
N PHE A 574 47.18 -64.22 56.54
CA PHE A 574 47.76 -63.96 57.87
C PHE A 574 47.09 -64.84 58.93
N THR A 575 45.77 -64.95 58.89
CA THR A 575 45.07 -65.79 59.85
C THR A 575 45.46 -67.26 59.69
N TRP A 576 45.56 -67.74 58.46
CA TRP A 576 45.93 -69.13 58.24
C TRP A 576 47.35 -69.41 58.72
N LEU A 577 48.28 -68.50 58.46
CA LEU A 577 49.63 -68.68 58.96
C LEU A 577 49.66 -68.66 60.49
N LYS A 578 48.89 -67.77 61.11
CA LYS A 578 48.85 -67.74 62.57
C LYS A 578 48.33 -69.06 63.13
N ASP A 579 47.31 -69.63 62.48
CA ASP A 579 46.77 -70.91 62.95
C ASP A 579 47.75 -72.05 62.72
N GLN A 580 48.49 -72.01 61.61
CA GLN A 580 49.32 -73.15 61.23
C GLN A 580 50.57 -73.27 62.10
N ASN A 581 51.24 -72.16 62.39
CA ASN A 581 52.54 -72.17 63.05
C ASN A 581 52.43 -71.97 64.56
N LYS A 582 51.35 -72.46 65.17
CA LYS A 582 51.20 -72.34 66.62
C LYS A 582 52.21 -73.20 67.38
N ASN A 583 52.79 -74.22 66.74
CA ASN A 583 53.73 -75.12 67.38
C ASN A 583 55.17 -74.84 66.98
N SER A 584 55.43 -73.71 66.33
CA SER A 584 56.77 -73.33 65.89
C SER A 584 57.17 -72.02 66.55
N PHE A 585 58.36 -71.54 66.21
CA PHE A 585 58.93 -70.35 66.80
C PHE A 585 59.08 -69.28 65.73
N VAL A 586 58.63 -68.06 66.05
CA VAL A 586 58.78 -66.91 65.16
C VAL A 586 59.94 -66.06 65.66
N GLY A 587 60.64 -65.45 64.72
CA GLY A 587 61.81 -64.65 65.03
C GLY A 587 63.10 -65.36 64.67
N TRP A 588 64.19 -64.58 64.63
CA TRP A 588 65.49 -65.10 64.28
C TRP A 588 66.54 -64.46 65.18
N SER A 589 67.65 -65.18 65.37
CA SER A 589 68.78 -64.72 66.16
C SER A 589 69.99 -64.57 65.25
N THR A 590 70.76 -63.50 65.48
CA THR A 590 71.89 -63.16 64.64
C THR A 590 73.19 -63.81 65.09
N ASP A 591 73.12 -64.93 65.79
CA ASP A 591 74.31 -65.61 66.29
C ASP A 591 74.70 -66.83 65.44
N TRP A 592 73.73 -67.55 64.89
CA TRP A 592 74.01 -68.75 64.12
C TRP A 592 74.52 -68.37 62.74
N SER A 593 75.64 -68.94 62.34
CA SER A 593 76.19 -68.79 61.00
C SER A 593 76.53 -70.15 60.42
N PRO A 594 76.27 -70.38 59.14
CA PRO A 594 76.58 -71.69 58.55
C PRO A 594 78.06 -72.05 58.61
N TYR A 595 78.95 -71.08 58.50
CA TYR A 595 80.38 -71.34 58.50
C TYR A 595 80.99 -71.34 59.90
N ALA A 596 80.21 -71.05 60.93
CA ALA A 596 80.71 -71.04 62.30
C ALA A 596 79.58 -71.29 63.29
N GLN B 27 -18.21 -50.82 4.74
CA GLN B 27 -18.84 -49.51 4.58
C GLN B 27 -19.22 -49.25 3.13
N SER B 28 -19.96 -48.17 2.90
CA SER B 28 -20.42 -47.81 1.57
C SER B 28 -20.38 -46.29 1.41
N TYR B 29 -20.76 -45.82 0.23
CA TYR B 29 -20.75 -44.39 -0.08
C TYR B 29 -22.14 -43.98 -0.58
N THR B 30 -22.61 -42.82 -0.10
CA THR B 30 -23.90 -42.28 -0.53
C THR B 30 -23.74 -40.78 -0.74
N ASN B 31 -24.84 -40.11 -1.09
CA ASN B 31 -24.85 -38.68 -1.35
C ASN B 31 -25.86 -38.00 -0.42
N SER B 32 -25.44 -36.93 0.23
CA SER B 32 -26.32 -36.17 1.10
C SER B 32 -27.17 -35.23 0.26
N PHE B 33 -28.49 -35.31 0.41
CA PHE B 33 -29.39 -34.51 -0.41
C PHE B 33 -29.19 -33.02 -0.16
N THR B 34 -29.58 -32.52 1.02
CA THR B 34 -29.40 -31.13 1.38
C THR B 34 -29.03 -30.96 2.84
N ARG B 35 -28.54 -32.01 3.49
CA ARG B 35 -28.29 -31.97 4.93
C ARG B 35 -26.93 -31.37 5.21
N GLY B 36 -26.83 -30.67 6.35
CA GLY B 36 -25.57 -30.08 6.75
C GLY B 36 -25.57 -28.57 6.83
N VAL B 37 -26.71 -27.98 7.19
CA VAL B 37 -26.87 -26.53 7.27
C VAL B 37 -27.00 -26.13 8.73
N TYR B 38 -26.22 -25.13 9.13
CA TYR B 38 -26.25 -24.63 10.50
C TYR B 38 -26.15 -23.11 10.49
N TYR B 39 -26.67 -22.51 11.56
CA TYR B 39 -26.63 -21.05 11.68
C TYR B 39 -25.19 -20.58 11.84
N PRO B 40 -24.67 -19.75 10.94
CA PRO B 40 -23.25 -19.39 11.01
C PRO B 40 -22.91 -18.49 12.18
N ASP B 41 -23.86 -17.70 12.68
CA ASP B 41 -23.62 -16.78 13.76
C ASP B 41 -24.90 -16.57 14.55
N LYS B 42 -24.80 -15.86 15.66
CA LYS B 42 -25.92 -15.67 16.59
C LYS B 42 -26.70 -14.40 16.31
N VAL B 43 -26.69 -13.92 15.06
CA VAL B 43 -27.36 -12.69 14.69
C VAL B 43 -28.75 -13.02 14.20
N PHE B 44 -29.76 -12.48 14.87
CA PHE B 44 -31.13 -12.63 14.42
C PHE B 44 -31.35 -11.87 13.12
N ARG B 45 -32.06 -12.49 12.19
CA ARG B 45 -32.40 -11.90 10.91
C ARG B 45 -33.80 -12.36 10.54
N SER B 46 -34.63 -11.43 10.06
CA SER B 46 -36.05 -11.68 9.89
C SER B 46 -36.45 -11.53 8.43
N SER B 47 -36.94 -12.63 7.83
CA SER B 47 -37.46 -12.64 6.47
C SER B 47 -36.48 -12.00 5.48
N VAL B 48 -35.31 -12.61 5.38
CA VAL B 48 -34.23 -12.05 4.56
C VAL B 48 -33.50 -13.17 3.84
N LEU B 49 -32.55 -12.78 3.00
CA LEU B 49 -31.69 -13.71 2.29
C LEU B 49 -30.25 -13.26 2.49
N HIS B 50 -29.45 -14.11 3.12
CA HIS B 50 -28.10 -13.74 3.52
C HIS B 50 -27.09 -14.59 2.76
N LEU B 51 -26.06 -13.94 2.23
CA LEU B 51 -24.99 -14.61 1.51
C LEU B 51 -23.78 -14.72 2.42
N THR B 52 -23.40 -15.94 2.77
CA THR B 52 -22.33 -16.18 3.71
C THR B 52 -21.22 -16.99 3.05
N GLN B 53 -20.02 -16.88 3.61
CA GLN B 53 -18.86 -17.64 3.18
C GLN B 53 -18.18 -18.22 4.41
N ASP B 54 -18.17 -19.54 4.53
CA ASP B 54 -17.64 -20.17 5.73
C ASP B 54 -17.46 -21.66 5.45
N LEU B 55 -17.13 -22.41 6.50
CA LEU B 55 -16.96 -23.85 6.39
C LEU B 55 -18.30 -24.55 6.47
N PHE B 56 -18.57 -25.42 5.49
CA PHE B 56 -19.90 -26.00 5.32
C PHE B 56 -19.74 -27.38 4.69
N LEU B 57 -20.87 -28.08 4.53
CA LEU B 57 -20.88 -29.36 3.86
C LEU B 57 -21.42 -29.19 2.46
N PRO B 58 -20.62 -29.44 1.42
CA PRO B 58 -21.11 -29.24 0.05
C PRO B 58 -22.29 -30.16 -0.26
N PHE B 59 -23.24 -29.63 -1.02
CA PHE B 59 -24.36 -30.44 -1.46
C PHE B 59 -23.90 -31.55 -2.39
N PHE B 60 -24.58 -32.69 -2.30
CA PHE B 60 -24.33 -33.84 -3.18
C PHE B 60 -22.85 -34.26 -3.13
N SER B 61 -22.32 -34.36 -1.91
CA SER B 61 -20.96 -34.83 -1.71
C SER B 61 -20.96 -36.33 -1.42
N ASN B 62 -19.80 -36.86 -1.07
CA ASN B 62 -19.64 -38.28 -0.80
C ASN B 62 -19.61 -38.51 0.71
N VAL B 63 -20.66 -39.13 1.23
CA VAL B 63 -20.80 -39.38 2.66
C VAL B 63 -20.58 -40.87 2.90
N THR B 64 -19.73 -41.21 3.87
CA THR B 64 -19.39 -42.59 4.14
C THR B 64 -20.37 -43.18 5.14
N TRP B 65 -20.93 -44.34 4.80
CA TRP B 65 -21.92 -45.04 5.60
C TRP B 65 -21.28 -46.27 6.23
N PHE B 66 -21.40 -46.39 7.54
CA PHE B 66 -20.81 -47.50 8.27
C PHE B 66 -21.90 -48.30 8.97
N ASN B 80 -13.30 -50.15 12.88
CA ASN B 80 -13.48 -48.70 13.02
C ASN B 80 -12.14 -48.02 13.30
N PRO B 81 -11.46 -47.60 12.24
CA PRO B 81 -10.13 -47.00 12.40
C PRO B 81 -10.22 -45.57 12.91
N VAL B 82 -9.06 -44.92 12.98
CA VAL B 82 -8.95 -43.56 13.49
C VAL B 82 -9.04 -42.61 12.30
N LEU B 83 -10.18 -41.94 12.17
CA LEU B 83 -10.37 -41.00 11.06
C LEU B 83 -9.78 -39.65 11.42
N PRO B 84 -9.12 -38.98 10.48
CA PRO B 84 -8.58 -37.64 10.78
C PRO B 84 -9.70 -36.62 10.96
N PHE B 85 -9.42 -35.60 11.78
CA PHE B 85 -10.37 -34.52 12.03
C PHE B 85 -10.06 -33.38 11.06
N ASN B 86 -10.55 -33.54 9.83
CA ASN B 86 -10.29 -32.58 8.77
C ASN B 86 -11.19 -31.36 8.96
N ASP B 87 -10.68 -30.38 9.72
CA ASP B 87 -11.32 -29.08 9.95
C ASP B 87 -12.83 -29.17 10.10
N GLY B 88 -13.26 -30.10 10.93
CA GLY B 88 -14.68 -30.26 11.21
C GLY B 88 -15.29 -31.44 10.49
N VAL B 89 -16.25 -32.09 11.14
CA VAL B 89 -16.89 -33.28 10.61
C VAL B 89 -18.38 -33.22 10.88
N TYR B 90 -19.14 -33.96 10.08
CA TYR B 90 -20.58 -34.11 10.22
C TYR B 90 -20.88 -35.56 10.54
N PHE B 91 -21.52 -35.80 11.68
CA PHE B 91 -21.81 -37.14 12.17
C PHE B 91 -23.31 -37.31 12.31
N ALA B 92 -23.89 -38.19 11.49
CA ALA B 92 -25.32 -38.50 11.55
C ALA B 92 -25.45 -39.89 12.16
N SER B 93 -25.92 -39.95 13.40
CA SER B 93 -26.06 -41.20 14.13
C SER B 93 -27.52 -41.64 14.11
N THR B 94 -27.76 -42.87 13.66
CA THR B 94 -29.10 -43.43 13.59
C THR B 94 -29.06 -44.77 14.31
N GLU B 95 -29.28 -44.74 15.62
CA GLU B 95 -29.28 -45.96 16.43
C GLU B 95 -30.31 -45.82 17.55
N LYS B 96 -30.84 -46.97 17.98
CA LYS B 96 -31.79 -47.02 19.07
C LYS B 96 -31.29 -47.81 20.28
N SER B 97 -30.28 -48.66 20.10
CA SER B 97 -29.75 -49.49 21.17
C SER B 97 -28.52 -48.89 21.83
N ASN B 98 -28.31 -47.58 21.68
CA ASN B 98 -27.19 -46.88 22.32
C ASN B 98 -25.86 -47.51 21.95
N ILE B 99 -25.72 -47.93 20.69
CA ILE B 99 -24.48 -48.53 20.23
C ILE B 99 -23.32 -47.55 20.40
N ILE B 100 -23.54 -46.31 19.98
CA ILE B 100 -22.54 -45.26 20.11
C ILE B 100 -22.60 -44.76 21.55
N ARG B 101 -21.71 -45.27 22.39
CA ARG B 101 -21.69 -44.89 23.79
C ARG B 101 -21.11 -43.50 24.02
N GLY B 102 -20.36 -42.97 23.07
CA GLY B 102 -19.81 -41.63 23.24
C GLY B 102 -18.74 -41.34 22.21
N TRP B 103 -18.26 -40.10 22.28
CA TRP B 103 -17.25 -39.57 21.37
C TRP B 103 -15.95 -39.35 22.13
N ILE B 104 -14.85 -39.75 21.50
CA ILE B 104 -13.51 -39.51 22.04
C ILE B 104 -12.75 -38.66 21.04
N PHE B 105 -12.18 -37.56 21.52
CA PHE B 105 -11.35 -36.69 20.70
C PHE B 105 -9.98 -36.54 21.35
N GLY B 106 -8.94 -36.72 20.55
CA GLY B 106 -7.58 -36.62 21.05
C GLY B 106 -6.60 -36.85 19.91
N THR B 107 -5.31 -36.73 20.23
CA THR B 107 -4.25 -36.87 19.25
C THR B 107 -3.40 -38.11 19.48
N THR B 108 -2.86 -38.28 20.69
CA THR B 108 -2.01 -39.42 21.00
C THR B 108 -2.52 -40.29 22.14
N LEU B 109 -3.41 -39.78 22.99
CA LEU B 109 -4.01 -40.55 24.09
C LEU B 109 -2.93 -41.13 25.01
N ASP B 110 -1.93 -40.32 25.31
CA ASP B 110 -0.85 -40.70 26.22
C ASP B 110 -0.66 -39.63 27.29
N SER B 111 -1.77 -39.13 27.84
CA SER B 111 -1.75 -38.11 28.89
C SER B 111 -0.94 -36.89 28.49
N LYS B 112 -1.08 -36.48 27.22
CA LYS B 112 -0.39 -35.30 26.71
C LYS B 112 -1.31 -34.24 26.15
N THR B 113 -2.51 -34.59 25.69
CA THR B 113 -3.47 -33.63 25.17
C THR B 113 -4.81 -33.84 25.86
N GLN B 114 -5.63 -32.79 25.85
CA GLN B 114 -6.93 -32.84 26.50
C GLN B 114 -7.85 -33.82 25.77
N SER B 115 -8.05 -35.00 26.37
CA SER B 115 -8.97 -36.00 25.84
C SER B 115 -10.39 -35.53 26.09
N LEU B 116 -11.14 -35.32 25.02
CA LEU B 116 -12.54 -34.91 25.11
C LEU B 116 -13.41 -36.16 25.07
N LEU B 117 -14.12 -36.42 26.16
CA LEU B 117 -15.05 -37.55 26.28
C LEU B 117 -16.46 -36.99 26.35
N ILE B 118 -17.20 -37.13 25.26
CA ILE B 118 -18.59 -36.69 25.22
C ILE B 118 -19.44 -37.95 25.36
N VAL B 119 -19.94 -38.20 26.56
CA VAL B 119 -20.79 -39.35 26.82
C VAL B 119 -22.18 -38.86 27.20
N ASN B 120 -23.20 -39.41 26.52
CA ASN B 120 -24.58 -38.97 26.71
C ASN B 120 -25.44 -40.13 27.20
N ASN B 121 -24.94 -40.83 28.22
CA ASN B 121 -25.47 -42.14 28.61
C ASN B 121 -26.95 -42.14 28.98
N ALA B 122 -27.32 -41.51 30.09
CA ALA B 122 -28.68 -41.66 30.61
C ALA B 122 -29.46 -40.35 30.64
N THR B 123 -29.00 -39.35 31.38
CA THR B 123 -29.78 -38.13 31.58
C THR B 123 -29.07 -36.89 31.07
N ASN B 124 -27.83 -36.64 31.50
CA ASN B 124 -27.11 -35.43 31.17
C ASN B 124 -25.90 -35.74 30.32
N VAL B 125 -25.55 -34.81 29.43
CA VAL B 125 -24.40 -34.99 28.56
C VAL B 125 -23.13 -34.64 29.35
N PHE B 126 -22.37 -35.66 29.72
CA PHE B 126 -21.09 -35.48 30.37
C PHE B 126 -20.08 -35.16 29.28
N ILE B 127 -19.79 -33.87 29.11
CA ILE B 127 -18.74 -33.40 28.21
C ILE B 127 -17.52 -33.18 29.11
N LYS B 128 -16.73 -34.24 29.27
CA LYS B 128 -15.62 -34.25 30.20
C LYS B 128 -14.32 -34.03 29.44
N VAL B 129 -13.66 -32.91 29.67
CA VAL B 129 -12.34 -32.64 29.08
C VAL B 129 -11.32 -33.17 30.08
N CYS B 130 -11.11 -34.49 30.04
CA CYS B 130 -10.24 -35.17 30.98
C CYS B 130 -8.94 -35.57 30.29
N GLU B 131 -8.16 -36.37 31.00
CA GLU B 131 -6.91 -36.93 30.50
C GLU B 131 -6.89 -38.44 30.68
N PHE B 132 -7.98 -39.11 30.28
CA PHE B 132 -8.03 -40.57 30.30
C PHE B 132 -6.88 -41.14 29.49
N GLN B 133 -6.17 -42.09 30.07
CA GLN B 133 -4.96 -42.64 29.46
C GLN B 133 -5.19 -44.12 29.17
N PHE B 134 -5.12 -44.49 27.90
CA PHE B 134 -5.19 -45.90 27.52
C PHE B 134 -3.90 -46.63 27.88
N VAL B 157 -12.20 -49.61 27.87
CA VAL B 157 -12.39 -48.28 27.30
C VAL B 157 -11.78 -47.22 28.22
N TYR B 158 -12.13 -47.28 29.50
CA TYR B 158 -11.58 -46.38 30.50
C TYR B 158 -10.68 -47.17 31.45
N SER B 159 -9.74 -46.46 32.06
CA SER B 159 -8.80 -47.08 32.99
C SER B 159 -8.99 -46.61 34.43
N SER B 160 -8.97 -45.30 34.67
CA SER B 160 -9.18 -44.77 36.01
C SER B 160 -9.63 -43.32 35.88
N ALA B 161 -10.27 -42.82 36.94
CA ALA B 161 -10.72 -41.45 36.99
C ALA B 161 -9.54 -40.51 37.21
N ASN B 162 -9.70 -39.27 36.78
CA ASN B 162 -8.65 -38.26 36.89
C ASN B 162 -9.29 -36.87 36.82
N ASN B 163 -8.48 -35.86 37.08
CA ASN B 163 -8.96 -34.48 37.02
C ASN B 163 -9.33 -34.10 35.60
N CYS B 164 -10.41 -33.34 35.47
CA CYS B 164 -10.91 -32.88 34.18
C CYS B 164 -11.05 -31.37 34.21
N THR B 165 -10.53 -30.70 33.18
CA THR B 165 -10.51 -29.24 33.17
C THR B 165 -11.91 -28.66 33.09
N PHE B 166 -12.64 -28.98 32.02
CA PHE B 166 -13.98 -28.45 31.82
C PHE B 166 -15.00 -29.55 32.11
N GLU B 167 -15.89 -29.27 33.05
CA GLU B 167 -17.01 -30.15 33.37
C GLU B 167 -18.31 -29.43 33.05
N TYR B 168 -19.13 -30.06 32.21
CA TYR B 168 -20.40 -29.48 31.82
C TYR B 168 -21.43 -30.61 31.67
N VAL B 169 -22.66 -30.35 32.12
CA VAL B 169 -23.74 -31.30 32.01
C VAL B 169 -24.96 -30.59 31.42
N SER B 170 -25.90 -31.40 30.94
CA SER B 170 -27.11 -30.86 30.32
C SER B 170 -28.06 -30.31 31.37
N ASN B 186 -31.98 -42.15 17.05
CA ASN B 186 -33.23 -41.52 16.65
C ASN B 186 -32.98 -40.39 15.67
N LEU B 187 -32.16 -40.67 14.64
CA LEU B 187 -31.82 -39.70 13.60
C LEU B 187 -31.26 -38.40 14.22
N ARG B 188 -30.12 -38.55 14.90
CA ARG B 188 -29.43 -37.43 15.50
C ARG B 188 -28.35 -36.93 14.54
N GLU B 189 -28.17 -35.61 14.51
CA GLU B 189 -27.13 -34.97 13.71
C GLU B 189 -26.24 -34.14 14.61
N PHE B 190 -24.93 -34.25 14.40
CA PHE B 190 -23.93 -33.48 15.12
C PHE B 190 -22.95 -32.90 14.12
N VAL B 191 -22.49 -31.67 14.40
CA VAL B 191 -21.48 -31.01 13.60
C VAL B 191 -20.38 -30.53 14.55
N PHE B 192 -19.14 -30.93 14.27
CA PHE B 192 -18.01 -30.57 15.12
C PHE B 192 -17.03 -29.72 14.33
N LYS B 193 -16.63 -28.59 14.93
CA LYS B 193 -15.70 -27.68 14.27
C LYS B 193 -14.73 -27.13 15.30
N ASN B 194 -13.55 -26.71 14.83
CA ASN B 194 -12.58 -26.07 15.70
C ASN B 194 -11.97 -24.89 14.96
N ILE B 195 -11.98 -23.71 15.59
CA ILE B 195 -11.47 -22.50 14.97
C ILE B 195 -11.23 -21.47 16.05
N ASP B 196 -10.14 -20.71 15.90
CA ASP B 196 -9.82 -19.58 16.79
C ASP B 196 -9.78 -20.02 18.25
N GLY B 197 -9.23 -21.19 18.51
CA GLY B 197 -9.16 -21.69 19.87
C GLY B 197 -10.52 -21.96 20.49
N TYR B 198 -11.50 -22.34 19.69
CA TYR B 198 -12.83 -22.67 20.19
C TYR B 198 -13.38 -23.86 19.42
N PHE B 199 -14.02 -24.77 20.15
CA PHE B 199 -14.64 -25.96 19.58
C PHE B 199 -16.15 -25.76 19.57
N LYS B 200 -16.74 -25.80 18.38
CA LYS B 200 -18.17 -25.63 18.21
C LYS B 200 -18.82 -26.99 18.02
N ILE B 201 -19.87 -27.25 18.80
CA ILE B 201 -20.67 -28.46 18.67
C ILE B 201 -22.09 -28.04 18.39
N TYR B 202 -22.60 -28.42 17.21
CA TYR B 202 -23.97 -28.16 16.82
C TYR B 202 -24.74 -29.46 16.82
N SER B 203 -25.98 -29.42 17.30
CA SER B 203 -26.75 -30.63 17.50
C SER B 203 -28.16 -30.46 16.96
N LYS B 204 -28.76 -31.58 16.55
CA LYS B 204 -30.16 -31.60 16.13
C LYS B 204 -30.72 -32.99 16.35
N HIS B 205 -31.84 -33.07 17.06
CA HIS B 205 -32.48 -34.34 17.38
C HIS B 205 -33.88 -34.32 16.76
N THR B 206 -33.98 -34.74 15.51
CA THR B 206 -35.26 -34.93 14.84
C THR B 206 -35.47 -36.41 14.63
N PRO B 207 -36.37 -37.04 15.40
CA PRO B 207 -36.56 -38.49 15.26
C PRO B 207 -37.03 -38.84 13.85
N ILE B 208 -36.56 -39.98 13.36
CA ILE B 208 -36.89 -40.45 12.02
C ILE B 208 -38.28 -41.09 12.05
N ILE B 209 -39.15 -40.64 11.16
CA ILE B 209 -40.48 -41.22 11.02
C ILE B 209 -40.69 -41.65 9.57
N GLY B 210 -40.56 -42.95 9.31
CA GLY B 210 -40.73 -43.46 7.97
C GLY B 210 -39.65 -44.44 7.57
N ARG B 211 -39.69 -44.90 6.31
CA ARG B 211 -38.71 -45.85 5.81
C ARG B 211 -37.66 -45.22 4.91
N ASP B 212 -38.03 -44.25 4.08
CA ASP B 212 -37.10 -43.57 3.21
C ASP B 212 -36.40 -42.44 3.94
N PHE B 213 -35.21 -42.09 3.46
CA PHE B 213 -34.47 -40.97 4.04
C PHE B 213 -35.21 -39.67 3.74
N PRO B 214 -35.51 -38.86 4.75
CA PRO B 214 -36.31 -37.65 4.50
C PRO B 214 -35.54 -36.61 3.70
N GLN B 215 -35.89 -36.46 2.43
CA GLN B 215 -35.23 -35.51 1.55
C GLN B 215 -35.91 -34.16 1.72
N GLY B 216 -35.56 -33.48 2.80
CA GLY B 216 -36.11 -32.17 3.08
C GLY B 216 -35.14 -31.36 3.91
N PHE B 217 -35.36 -30.05 3.93
CA PHE B 217 -34.45 -29.15 4.62
C PHE B 217 -34.67 -29.23 6.13
N SER B 218 -33.57 -29.32 6.87
CA SER B 218 -33.60 -29.28 8.32
C SER B 218 -32.36 -28.55 8.80
N ALA B 219 -32.55 -27.54 9.65
CA ALA B 219 -31.46 -26.72 10.14
C ALA B 219 -30.93 -27.27 11.45
N LEU B 220 -29.70 -26.91 11.78
CA LEU B 220 -29.03 -27.41 12.98
C LEU B 220 -28.73 -26.25 13.91
N GLU B 221 -29.29 -26.30 15.13
CA GLU B 221 -29.09 -25.28 16.15
C GLU B 221 -27.73 -25.47 16.82
N PRO B 222 -27.14 -24.40 17.33
CA PRO B 222 -25.82 -24.50 17.99
C PRO B 222 -25.96 -25.01 19.41
N LEU B 223 -25.50 -26.24 19.65
CA LEU B 223 -25.61 -26.81 20.98
C LEU B 223 -24.74 -26.04 21.97
N VAL B 224 -23.46 -25.86 21.67
CA VAL B 224 -22.54 -25.22 22.60
C VAL B 224 -21.25 -24.87 21.88
N ASP B 225 -20.54 -23.87 22.40
CA ASP B 225 -19.16 -23.58 22.03
C ASP B 225 -18.30 -23.68 23.29
N LEU B 226 -17.08 -24.19 23.13
CA LEU B 226 -16.22 -24.41 24.28
C LEU B 226 -14.82 -23.86 24.03
N PRO B 227 -14.19 -23.28 25.04
CA PRO B 227 -12.81 -22.76 24.91
C PRO B 227 -11.76 -23.81 25.27
N ILE B 228 -11.58 -24.80 24.40
CA ILE B 228 -10.57 -25.82 24.65
C ILE B 228 -9.17 -25.23 24.56
N GLY B 229 -8.93 -24.39 23.56
CA GLY B 229 -7.62 -23.78 23.38
C GLY B 229 -6.50 -24.77 23.13
N ILE B 230 -6.81 -25.87 22.44
CA ILE B 230 -5.84 -26.91 22.13
C ILE B 230 -5.97 -27.29 20.67
N ASN B 231 -5.09 -28.17 20.22
CA ASN B 231 -5.09 -28.66 18.84
C ASN B 231 -5.48 -30.13 18.82
N ILE B 232 -6.45 -30.47 17.95
CA ILE B 232 -6.95 -31.82 17.80
C ILE B 232 -6.86 -32.21 16.33
N THR B 233 -6.30 -33.39 16.05
CA THR B 233 -6.09 -33.82 14.67
C THR B 233 -6.74 -35.16 14.32
N ARG B 234 -7.22 -35.94 15.29
CA ARG B 234 -7.83 -37.22 15.02
C ARG B 234 -9.04 -37.40 15.93
N PHE B 235 -9.93 -38.30 15.55
CA PHE B 235 -11.11 -38.60 16.35
C PHE B 235 -11.54 -40.03 16.10
N GLN B 236 -12.25 -40.59 17.09
CA GLN B 236 -12.77 -41.95 17.03
C GLN B 236 -14.18 -41.96 17.61
N THR B 237 -14.69 -43.15 17.89
CA THR B 237 -16.03 -43.32 18.43
C THR B 237 -16.04 -44.49 19.40
N LEU B 238 -16.78 -44.33 20.50
CA LEU B 238 -16.91 -45.38 21.49
C LEU B 238 -18.06 -46.31 21.12
N LEU B 239 -17.74 -47.58 20.87
CA LEU B 239 -18.74 -48.57 20.50
C LEU B 239 -19.42 -49.10 21.76
N ALA B 240 -20.50 -49.85 21.58
CA ALA B 240 -21.20 -50.46 22.70
C ALA B 240 -20.40 -51.61 23.29
N ASP B 261 -24.94 -47.96 9.93
CA ASP B 261 -25.30 -47.61 11.30
C ASP B 261 -25.13 -46.11 11.55
N TYR B 262 -24.12 -45.51 10.94
CA TYR B 262 -23.89 -44.08 11.10
C TYR B 262 -23.20 -43.52 9.86
N TYR B 263 -23.35 -42.22 9.66
CA TYR B 263 -22.85 -41.54 8.47
C TYR B 263 -21.84 -40.47 8.86
N VAL B 264 -20.77 -40.35 8.08
CA VAL B 264 -19.73 -39.36 8.32
C VAL B 264 -19.48 -38.57 7.04
N GLY B 265 -19.40 -37.24 7.17
CA GLY B 265 -19.02 -36.38 6.07
C GLY B 265 -18.05 -35.31 6.52
N TYR B 266 -17.39 -34.69 5.54
CA TYR B 266 -16.35 -33.70 5.81
C TYR B 266 -16.72 -32.36 5.21
N LEU B 267 -16.21 -31.29 5.83
CA LEU B 267 -16.54 -29.92 5.49
C LEU B 267 -15.46 -29.30 4.61
N GLN B 268 -15.77 -28.12 4.07
CA GLN B 268 -14.86 -27.38 3.19
C GLN B 268 -15.27 -25.92 3.22
N PRO B 269 -14.37 -25.01 2.82
CA PRO B 269 -14.77 -23.61 2.68
C PRO B 269 -15.62 -23.42 1.44
N ARG B 270 -16.77 -22.78 1.63
CA ARG B 270 -17.76 -22.64 0.57
C ARG B 270 -18.62 -21.42 0.83
N THR B 271 -19.30 -20.97 -0.21
CA THR B 271 -20.24 -19.85 -0.15
C THR B 271 -21.66 -20.38 -0.28
N PHE B 272 -22.56 -19.89 0.56
CA PHE B 272 -23.94 -20.34 0.59
C PHE B 272 -24.88 -19.14 0.63
N LEU B 273 -26.13 -19.38 0.25
CA LEU B 273 -27.21 -18.41 0.40
C LEU B 273 -28.28 -19.04 1.27
N LEU B 274 -28.68 -18.33 2.33
CA LEU B 274 -29.64 -18.85 3.29
C LEU B 274 -30.87 -17.96 3.33
N LYS B 275 -32.05 -18.58 3.44
CA LYS B 275 -33.29 -17.86 3.57
C LYS B 275 -33.78 -17.92 5.01
N TYR B 276 -33.89 -16.75 5.65
CA TYR B 276 -34.43 -16.64 7.00
C TYR B 276 -35.90 -16.27 6.93
N ASN B 277 -36.73 -17.03 7.63
CA ASN B 277 -38.16 -16.79 7.69
C ASN B 277 -38.46 -15.60 8.60
N GLU B 278 -39.74 -15.35 8.86
CA GLU B 278 -40.11 -14.29 9.79
C GLU B 278 -39.73 -14.65 11.22
N ASN B 279 -39.95 -15.88 11.64
CA ASN B 279 -39.55 -16.29 13.02
C ASN B 279 -38.03 -16.18 13.19
N GLY B 280 -37.25 -16.43 12.15
CA GLY B 280 -35.82 -16.40 12.28
C GLY B 280 -35.09 -17.71 12.04
N THR B 281 -35.77 -18.72 11.53
CA THR B 281 -35.16 -20.02 11.24
C THR B 281 -34.88 -20.15 9.75
N ILE B 282 -33.93 -21.03 9.42
CA ILE B 282 -33.54 -21.28 8.04
C ILE B 282 -34.43 -22.38 7.48
N THR B 283 -35.12 -22.07 6.37
CA THR B 283 -35.94 -23.07 5.70
C THR B 283 -35.37 -23.55 4.37
N ASP B 284 -34.40 -22.84 3.80
CA ASP B 284 -33.83 -23.24 2.52
C ASP B 284 -32.47 -22.60 2.34
N ALA B 285 -31.61 -23.31 1.61
CA ALA B 285 -30.27 -22.85 1.29
C ALA B 285 -29.94 -23.22 -0.14
N VAL B 286 -29.05 -22.45 -0.75
CA VAL B 286 -28.61 -22.68 -2.12
C VAL B 286 -27.09 -22.54 -2.18
N ASP B 287 -26.43 -23.53 -2.77
CA ASP B 287 -24.99 -23.51 -2.96
C ASP B 287 -24.61 -22.55 -4.08
N CYS B 288 -23.31 -22.29 -4.20
CA CYS B 288 -22.82 -21.37 -5.23
C CYS B 288 -21.64 -21.97 -5.98
N ALA B 289 -21.44 -23.28 -5.89
CA ALA B 289 -20.35 -23.92 -6.61
C ALA B 289 -20.80 -25.27 -7.17
N LEU B 290 -22.10 -25.54 -7.11
CA LEU B 290 -22.62 -26.84 -7.50
C LEU B 290 -23.05 -26.87 -8.95
N ASP B 291 -23.92 -25.95 -9.34
CA ASP B 291 -24.62 -26.02 -10.62
C ASP B 291 -24.54 -24.65 -11.28
N PRO B 292 -24.67 -24.59 -12.60
CA PRO B 292 -24.83 -23.30 -13.27
C PRO B 292 -25.97 -22.44 -12.71
N LEU B 293 -27.15 -23.04 -12.56
CA LEU B 293 -28.29 -22.27 -12.06
C LEU B 293 -28.05 -21.79 -10.64
N SER B 294 -27.47 -22.65 -9.82
CA SER B 294 -27.18 -22.26 -8.45
C SER B 294 -25.86 -21.49 -8.41
N GLU B 295 -25.69 -20.59 -9.33
CA GLU B 295 -24.76 -19.47 -9.29
C GLU B 295 -25.42 -18.18 -9.74
N THR B 296 -26.28 -18.25 -10.75
CA THR B 296 -27.13 -17.11 -11.06
C THR B 296 -28.06 -16.82 -9.90
N LYS B 297 -28.51 -17.86 -9.21
CA LYS B 297 -29.30 -17.63 -8.00
C LYS B 297 -28.51 -16.85 -6.96
N CYS B 298 -27.24 -17.22 -6.74
CA CYS B 298 -26.43 -16.53 -5.74
C CYS B 298 -26.16 -15.10 -6.16
N THR B 299 -25.84 -14.87 -7.43
CA THR B 299 -25.54 -13.52 -7.89
C THR B 299 -26.77 -12.63 -7.81
N LEU B 300 -27.93 -13.14 -8.24
CA LEU B 300 -29.14 -12.33 -8.21
C LEU B 300 -29.70 -12.14 -6.80
N LYS B 301 -29.20 -12.88 -5.81
CA LYS B 301 -29.67 -12.79 -4.43
C LYS B 301 -31.16 -13.08 -4.33
N SER B 302 -31.62 -14.07 -5.08
CA SER B 302 -33.03 -14.44 -5.07
C SER B 302 -33.15 -15.90 -5.48
N PHE B 303 -34.31 -16.49 -5.16
CA PHE B 303 -34.59 -17.89 -5.48
C PHE B 303 -35.52 -18.03 -6.68
N THR B 304 -35.90 -16.93 -7.32
CA THR B 304 -36.80 -16.96 -8.46
C THR B 304 -36.10 -16.23 -9.60
N VAL B 305 -35.44 -16.99 -10.48
CA VAL B 305 -34.75 -16.40 -11.62
C VAL B 305 -35.71 -16.29 -12.79
N GLU B 306 -35.85 -15.09 -13.33
CA GLU B 306 -36.71 -14.86 -14.49
C GLU B 306 -35.98 -15.29 -15.75
N LYS B 307 -36.64 -15.12 -16.90
CA LYS B 307 -36.04 -15.46 -18.18
C LYS B 307 -34.94 -14.47 -18.54
N GLY B 308 -33.94 -14.97 -19.24
CA GLY B 308 -32.93 -14.09 -19.79
C GLY B 308 -31.56 -14.74 -19.75
N ILE B 309 -30.56 -13.94 -20.14
CA ILE B 309 -29.17 -14.34 -20.10
C ILE B 309 -28.46 -13.52 -19.03
N TYR B 310 -28.08 -14.17 -17.93
CA TYR B 310 -27.52 -13.45 -16.80
C TYR B 310 -26.01 -13.64 -16.75
N GLN B 311 -25.29 -12.54 -16.61
CA GLN B 311 -23.85 -12.61 -16.45
C GLN B 311 -23.51 -13.25 -15.10
N THR B 312 -22.31 -13.79 -15.03
CA THR B 312 -21.89 -14.57 -13.87
C THR B 312 -20.36 -14.53 -13.83
N SER B 313 -19.78 -15.53 -13.17
CA SER B 313 -18.33 -15.55 -12.93
C SER B 313 -17.51 -15.62 -14.20
N ASN B 314 -16.19 -15.59 -14.03
CA ASN B 314 -15.32 -15.64 -15.19
C ASN B 314 -14.56 -16.96 -15.21
N PHE B 315 -14.16 -17.38 -16.41
CA PHE B 315 -13.41 -18.62 -16.59
C PHE B 315 -12.01 -18.33 -17.11
N ARG B 316 -11.04 -19.05 -16.54
CA ARG B 316 -9.64 -19.00 -16.93
C ARG B 316 -9.12 -20.41 -17.09
N VAL B 317 -8.09 -20.56 -17.91
CA VAL B 317 -7.43 -21.84 -18.12
C VAL B 317 -6.14 -21.80 -17.33
N GLN B 318 -6.12 -22.52 -16.20
CA GLN B 318 -4.99 -22.45 -15.30
C GLN B 318 -3.79 -23.21 -15.86
N PRO B 319 -2.57 -22.81 -15.48
CA PRO B 319 -1.38 -23.48 -16.01
C PRO B 319 -1.19 -24.86 -15.40
N THR B 320 -0.26 -25.61 -15.98
CA THR B 320 -0.02 -26.98 -15.54
C THR B 320 1.45 -27.32 -15.36
N GLU B 321 2.36 -26.59 -15.99
CA GLU B 321 3.79 -26.83 -15.83
C GLU B 321 4.54 -25.54 -15.54
N SER B 322 5.75 -25.70 -15.01
CA SER B 322 6.67 -24.60 -14.74
C SER B 322 7.94 -24.80 -15.55
N ILE B 323 8.38 -23.75 -16.23
CA ILE B 323 9.53 -23.79 -17.13
C ILE B 323 10.51 -22.71 -16.69
N VAL B 324 11.77 -23.12 -16.47
CA VAL B 324 12.86 -22.21 -16.12
C VAL B 324 14.03 -22.49 -17.04
N ARG B 325 14.47 -21.49 -17.79
CA ARG B 325 15.55 -21.63 -18.77
C ARG B 325 16.54 -20.50 -18.57
N PHE B 326 17.58 -20.76 -17.80
CA PHE B 326 18.68 -19.83 -17.65
C PHE B 326 19.70 -20.04 -18.76
N PRO B 327 20.59 -19.06 -19.00
CA PRO B 327 21.48 -19.15 -20.16
C PRO B 327 22.41 -20.36 -20.15
N ASN B 328 23.04 -20.64 -21.28
CA ASN B 328 24.02 -21.76 -21.31
C ASN B 328 24.90 -21.64 -20.07
N VAL B 329 25.23 -22.77 -19.48
CA VAL B 329 26.14 -22.69 -18.30
C VAL B 329 27.58 -22.91 -18.77
N THR B 330 28.26 -21.84 -19.21
CA THR B 330 29.62 -21.97 -19.76
C THR B 330 30.67 -21.63 -18.70
N ASN B 331 30.87 -20.35 -18.35
CA ASN B 331 32.05 -19.96 -17.51
C ASN B 331 31.97 -20.27 -16.01
N LEU B 332 32.76 -21.24 -15.56
CA LEU B 332 32.80 -21.59 -14.11
C LEU B 332 34.26 -21.68 -13.69
N CYS B 333 34.58 -21.49 -12.41
CA CYS B 333 36.01 -21.45 -12.03
C CYS B 333 36.56 -22.83 -11.70
N PRO B 334 37.70 -23.22 -12.31
CA PRO B 334 38.33 -24.46 -11.95
C PRO B 334 39.01 -24.21 -10.61
N PHE B 335 38.24 -24.22 -9.53
CA PHE B 335 38.91 -24.14 -8.22
C PHE B 335 39.84 -25.36 -8.22
N HIS B 336 39.92 -25.99 -9.39
CA HIS B 336 40.76 -27.21 -9.44
C HIS B 336 42.13 -26.65 -9.16
N GLU B 337 42.39 -25.46 -9.71
CA GLU B 337 43.68 -24.88 -9.35
C GLU B 337 43.72 -24.44 -7.89
N VAL B 338 42.56 -24.20 -7.28
CA VAL B 338 42.51 -23.70 -5.91
C VAL B 338 42.49 -24.86 -4.90
N PHE B 339 42.02 -26.04 -5.30
CA PHE B 339 41.86 -27.15 -4.38
C PHE B 339 42.71 -28.37 -4.72
N ASN B 340 43.24 -28.47 -5.93
CA ASN B 340 43.98 -29.66 -6.38
C ASN B 340 45.39 -29.28 -6.84
N ALA B 341 46.07 -28.45 -6.07
CA ALA B 341 47.43 -28.04 -6.39
C ALA B 341 48.43 -28.90 -5.63
N THR B 342 49.65 -28.97 -6.16
CA THR B 342 50.70 -29.77 -5.52
C THR B 342 51.20 -29.10 -4.24
N ARG B 343 51.39 -27.78 -4.28
CA ARG B 343 51.96 -27.04 -3.16
C ARG B 343 51.03 -25.90 -2.76
N PHE B 344 50.91 -25.67 -1.46
CA PHE B 344 50.20 -24.53 -0.89
C PHE B 344 51.20 -23.64 -0.17
N ALA B 345 50.68 -22.60 0.48
CA ALA B 345 51.51 -21.62 1.17
C ALA B 345 51.50 -21.87 2.67
N SER B 346 52.52 -21.34 3.34
CA SER B 346 52.60 -21.40 4.78
C SER B 346 51.55 -20.49 5.40
N VAL B 347 51.24 -20.75 6.67
CA VAL B 347 50.22 -19.96 7.36
C VAL B 347 50.69 -18.52 7.57
N TYR B 348 51.99 -18.32 7.82
CA TYR B 348 52.48 -16.95 8.02
C TYR B 348 52.44 -16.15 6.73
N ALA B 349 52.50 -16.83 5.58
CA ALA B 349 52.43 -16.16 4.29
C ALA B 349 51.23 -16.69 3.51
N TRP B 350 50.08 -16.76 4.16
CA TRP B 350 48.89 -17.36 3.56
C TRP B 350 48.50 -16.64 2.29
N ASN B 351 48.22 -17.42 1.24
CA ASN B 351 47.79 -16.84 -0.03
C ASN B 351 46.33 -16.42 0.04
N ARG B 352 46.08 -15.13 -0.15
CA ARG B 352 44.71 -14.62 -0.27
C ARG B 352 44.30 -14.84 -1.72
N THR B 353 43.87 -16.06 -2.01
CA THR B 353 43.57 -16.47 -3.37
C THR B 353 42.33 -15.74 -3.88
N ARG B 354 42.44 -15.14 -5.06
CA ARG B 354 41.35 -14.38 -5.65
C ARG B 354 40.49 -15.29 -6.53
N ILE B 355 39.19 -15.28 -6.29
CA ILE B 355 38.22 -16.05 -7.06
C ILE B 355 37.25 -15.06 -7.70
N SER B 356 37.10 -15.14 -9.03
CA SER B 356 36.29 -14.15 -9.72
C SER B 356 35.87 -14.67 -11.08
N ASN B 357 34.77 -14.09 -11.58
CA ASN B 357 34.36 -14.18 -12.98
C ASN B 357 34.08 -15.62 -13.42
N CYS B 358 33.19 -16.28 -12.67
CA CYS B 358 32.85 -17.67 -13.00
C CYS B 358 31.63 -18.18 -12.24
N VAL B 359 31.28 -19.44 -12.47
CA VAL B 359 30.08 -20.06 -11.92
C VAL B 359 30.49 -21.03 -10.82
N ALA B 360 29.83 -20.93 -9.67
CA ALA B 360 30.18 -21.71 -8.48
C ALA B 360 29.70 -23.14 -8.66
N ASP B 361 30.63 -24.05 -8.95
CA ASP B 361 30.38 -25.49 -9.00
C ASP B 361 31.46 -26.18 -8.16
N TYR B 362 31.25 -26.23 -6.86
CA TYR B 362 32.12 -26.98 -5.95
C TYR B 362 31.43 -28.20 -5.34
N SER B 363 30.32 -28.67 -5.94
CA SER B 363 29.67 -29.88 -5.44
C SER B 363 30.47 -31.13 -5.77
N VAL B 364 31.24 -31.10 -6.86
CA VAL B 364 32.14 -32.22 -7.15
C VAL B 364 33.16 -32.38 -6.04
N LEU B 365 33.64 -31.26 -5.49
CA LEU B 365 34.53 -31.30 -4.35
C LEU B 365 33.87 -31.89 -3.12
N TYR B 366 32.52 -31.95 -3.09
CA TYR B 366 31.85 -32.73 -2.05
C TYR B 366 32.22 -34.20 -2.13
N ASN B 367 32.24 -34.76 -3.34
CA ASN B 367 32.51 -36.17 -3.55
C ASN B 367 33.97 -36.48 -3.81
N PHE B 368 34.65 -35.67 -4.62
CA PHE B 368 36.06 -35.91 -4.89
C PHE B 368 36.91 -35.73 -3.64
N ALA B 369 36.61 -34.70 -2.84
CA ALA B 369 37.38 -34.39 -1.64
C ALA B 369 36.47 -34.47 -0.42
N PRO B 370 36.52 -35.56 0.35
CA PRO B 370 35.60 -35.71 1.48
C PRO B 370 35.93 -34.78 2.64
N PHE B 371 35.47 -33.54 2.54
CA PHE B 371 35.71 -32.54 3.58
C PHE B 371 35.17 -33.03 4.93
N PHE B 372 36.07 -33.32 5.88
CA PHE B 372 35.62 -33.74 7.20
C PHE B 372 35.23 -32.56 8.07
N ALA B 373 35.75 -31.37 7.77
CA ALA B 373 35.41 -30.15 8.50
C ALA B 373 34.64 -29.22 7.57
N PHE B 374 33.50 -28.73 8.04
CA PHE B 374 32.69 -27.79 7.26
C PHE B 374 31.86 -26.98 8.26
N LYS B 375 32.33 -25.77 8.57
CA LYS B 375 31.64 -24.91 9.53
C LYS B 375 31.37 -23.56 8.88
N CYS B 376 30.10 -23.17 8.80
CA CYS B 376 29.70 -21.91 8.19
C CYS B 376 29.05 -21.03 9.25
N TYR B 377 29.72 -19.94 9.60
CA TYR B 377 29.25 -19.03 10.64
C TYR B 377 28.44 -17.86 10.09
N GLY B 378 28.27 -17.77 8.77
CA GLY B 378 27.53 -16.67 8.19
C GLY B 378 26.12 -17.05 7.80
N VAL B 379 25.73 -16.74 6.57
CA VAL B 379 24.40 -17.14 6.10
C VAL B 379 24.41 -18.63 5.77
N SER B 380 23.21 -19.20 5.66
CA SER B 380 23.08 -20.57 5.25
C SER B 380 23.46 -20.70 3.78
N PRO B 381 24.02 -21.85 3.37
CA PRO B 381 24.34 -22.04 1.94
C PRO B 381 23.12 -21.95 1.04
N THR B 382 21.94 -22.31 1.54
CA THR B 382 20.72 -22.24 0.73
C THR B 382 20.40 -20.81 0.29
N LYS B 383 20.89 -19.81 1.01
CA LYS B 383 20.69 -18.42 0.64
C LYS B 383 21.72 -17.92 -0.37
N LEU B 384 22.73 -18.74 -0.69
CA LEU B 384 23.81 -18.29 -1.56
C LEU B 384 23.35 -17.96 -2.97
N ASN B 385 22.16 -18.43 -3.38
CA ASN B 385 21.63 -18.06 -4.69
C ASN B 385 21.08 -16.64 -4.71
N ASP B 386 20.72 -16.09 -3.56
CA ASP B 386 20.21 -14.72 -3.53
C ASP B 386 21.32 -13.69 -3.70
N LEU B 387 22.53 -13.99 -3.25
CA LEU B 387 23.66 -13.07 -3.40
C LEU B 387 24.90 -13.87 -3.77
N CYS B 388 25.52 -13.49 -4.88
CA CYS B 388 26.73 -14.14 -5.38
C CYS B 388 27.93 -13.21 -5.14
N PHE B 389 29.10 -13.67 -5.56
CA PHE B 389 30.34 -12.98 -5.26
C PHE B 389 31.17 -12.77 -6.52
N THR B 390 31.84 -11.62 -6.60
CA THR B 390 32.74 -11.29 -7.69
C THR B 390 34.16 -11.04 -7.24
N ASN B 391 34.35 -10.22 -6.20
CA ASN B 391 35.67 -9.91 -5.67
C ASN B 391 35.93 -10.69 -4.37
N VAL B 392 35.48 -11.95 -4.34
CA VAL B 392 35.57 -12.75 -3.14
C VAL B 392 37.00 -13.26 -2.95
N TYR B 393 37.42 -13.35 -1.69
CA TYR B 393 38.75 -13.85 -1.35
C TYR B 393 38.67 -15.29 -0.84
N ALA B 394 39.77 -16.02 -1.01
CA ALA B 394 39.93 -17.36 -0.47
C ALA B 394 41.30 -17.49 0.19
N ASP B 395 41.39 -18.39 1.16
CA ASP B 395 42.61 -18.58 1.94
C ASP B 395 43.04 -20.05 1.88
N SER B 396 44.35 -20.26 1.80
CA SER B 396 44.94 -21.59 1.73
C SER B 396 45.91 -21.75 2.89
N PHE B 397 45.59 -22.65 3.82
CA PHE B 397 46.39 -22.87 5.01
C PHE B 397 46.92 -24.30 5.03
N VAL B 398 48.14 -24.45 5.57
CA VAL B 398 48.71 -25.74 5.89
C VAL B 398 49.12 -25.68 7.35
N ILE B 399 48.32 -26.29 8.23
CA ILE B 399 48.53 -26.22 9.67
C ILE B 399 48.44 -27.63 10.26
N LYS B 400 48.62 -27.70 11.57
CA LYS B 400 48.69 -28.98 12.28
C LYS B 400 47.28 -29.57 12.45
N GLY B 401 47.19 -30.63 13.26
CA GLY B 401 45.95 -31.31 13.48
C GLY B 401 45.10 -30.74 14.59
N ASN B 402 45.66 -30.59 15.80
CA ASN B 402 44.88 -30.03 16.90
C ASN B 402 44.90 -28.51 16.82
N GLU B 403 44.55 -27.97 15.66
CA GLU B 403 44.53 -26.53 15.44
C GLU B 403 43.31 -26.03 14.69
N VAL B 404 42.55 -26.90 14.03
CA VAL B 404 41.38 -26.47 13.27
C VAL B 404 40.33 -25.86 14.20
N SER B 405 40.27 -26.33 15.44
CA SER B 405 39.38 -25.71 16.41
C SER B 405 39.80 -24.29 16.76
N GLN B 406 41.09 -23.97 16.63
CA GLN B 406 41.57 -22.62 16.89
C GLN B 406 41.19 -21.64 15.78
N ILE B 407 40.87 -22.14 14.59
CA ILE B 407 40.43 -21.26 13.49
C ILE B 407 38.91 -21.16 13.61
N ALA B 408 38.48 -20.25 14.49
CA ALA B 408 37.06 -20.03 14.74
C ALA B 408 36.91 -18.66 15.38
N PRO B 409 35.79 -17.97 15.17
CA PRO B 409 35.61 -16.65 15.76
C PRO B 409 35.66 -16.71 17.28
N GLY B 410 36.30 -15.69 17.87
CA GLY B 410 36.40 -15.60 19.31
C GLY B 410 37.39 -16.54 19.96
N GLN B 411 38.19 -17.25 19.18
CA GLN B 411 39.13 -18.22 19.72
C GLN B 411 40.48 -17.55 20.04
N THR B 412 41.27 -18.23 20.86
CA THR B 412 42.58 -17.73 21.27
C THR B 412 43.61 -18.84 21.11
N GLY B 413 44.86 -18.43 21.04
CA GLY B 413 45.95 -19.38 20.87
C GLY B 413 47.11 -18.72 20.13
N ASN B 414 48.13 -19.53 19.87
CA ASN B 414 49.32 -19.02 19.20
C ASN B 414 49.00 -18.60 17.76
N ILE B 415 48.35 -19.48 17.01
CA ILE B 415 48.07 -19.20 15.60
C ILE B 415 47.03 -18.10 15.48
N ALA B 416 46.01 -18.13 16.33
CA ALA B 416 44.95 -17.12 16.26
C ALA B 416 45.48 -15.73 16.60
N ASP B 417 46.46 -15.64 17.50
CA ASP B 417 46.96 -14.35 17.95
C ASP B 417 48.11 -13.82 17.10
N TYR B 418 48.96 -14.69 16.56
CA TYR B 418 50.13 -14.25 15.83
C TYR B 418 50.08 -14.51 14.34
N ASN B 419 49.39 -15.54 13.88
CA ASN B 419 49.44 -15.96 12.48
C ASN B 419 48.20 -15.55 11.69
N TYR B 420 47.01 -15.95 12.14
CA TYR B 420 45.78 -15.63 11.42
C TYR B 420 44.68 -15.39 12.43
N LYS B 421 44.08 -14.20 12.40
CA LYS B 421 43.04 -13.81 13.34
C LYS B 421 41.75 -13.55 12.57
N LEU B 422 40.67 -14.21 12.99
CA LEU B 422 39.37 -13.96 12.39
C LEU B 422 38.56 -12.99 13.23
N PRO B 423 37.74 -12.15 12.61
CA PRO B 423 36.91 -11.22 13.38
C PRO B 423 35.76 -11.95 14.07
N ASP B 424 35.19 -11.25 15.06
CA ASP B 424 34.06 -11.82 15.79
C ASP B 424 32.86 -12.03 14.87
N ASP B 425 32.59 -11.04 14.00
CA ASP B 425 31.49 -11.14 13.03
C ASP B 425 32.05 -11.71 11.73
N PHE B 426 32.36 -13.01 11.77
CA PHE B 426 32.97 -13.71 10.64
C PHE B 426 31.89 -14.49 9.89
N THR B 427 31.70 -14.15 8.62
CA THR B 427 30.73 -14.81 7.75
C THR B 427 31.51 -15.59 6.69
N GLY B 428 31.77 -16.85 6.98
CA GLY B 428 32.51 -17.70 6.06
C GLY B 428 32.49 -19.13 6.56
N CYS B 429 33.15 -20.01 5.79
CA CYS B 429 33.16 -21.43 6.09
C CYS B 429 34.59 -21.93 6.19
N VAL B 430 34.87 -22.64 7.27
CA VAL B 430 36.15 -23.33 7.45
C VAL B 430 35.99 -24.75 6.95
N ILE B 431 36.94 -25.19 6.11
CA ILE B 431 36.98 -26.55 5.58
C ILE B 431 38.39 -27.08 5.78
N ALA B 432 38.50 -28.32 6.25
CA ALA B 432 39.82 -28.93 6.44
C ALA B 432 39.78 -30.36 5.96
N TRP B 433 40.95 -30.88 5.60
CA TRP B 433 41.05 -32.30 5.30
C TRP B 433 42.48 -32.78 5.48
N ASN B 434 42.61 -34.05 5.87
CA ASN B 434 43.92 -34.65 6.10
C ASN B 434 44.70 -34.72 4.79
N SER B 435 46.02 -34.56 4.90
CA SER B 435 46.91 -34.53 3.74
C SER B 435 48.17 -35.33 4.00
N ASN B 436 48.02 -36.53 4.57
CA ASN B 436 49.19 -37.39 4.80
C ASN B 436 49.79 -37.88 3.49
N LYS B 437 48.95 -38.19 2.50
CA LYS B 437 49.42 -38.83 1.27
C LYS B 437 50.18 -37.88 0.37
N LEU B 438 50.06 -36.58 0.57
CA LEU B 438 50.70 -35.62 -0.33
C LEU B 438 51.31 -34.41 0.36
N ASP B 439 51.30 -34.33 1.69
CA ASP B 439 51.95 -33.24 2.41
C ASP B 439 52.82 -33.75 3.55
N SER B 440 53.22 -35.01 3.52
CA SER B 440 54.10 -35.59 4.52
C SER B 440 55.21 -36.36 3.83
N LYS B 441 56.35 -36.44 4.50
CA LYS B 441 57.53 -37.06 3.92
C LYS B 441 58.32 -37.76 5.02
N HIS B 442 59.01 -38.84 4.64
CA HIS B 442 59.79 -39.60 5.61
C HIS B 442 60.90 -38.75 6.21
N SER B 443 61.58 -37.96 5.39
CA SER B 443 62.64 -37.09 5.89
C SER B 443 62.06 -35.93 6.69
N GLY B 444 60.99 -35.31 6.18
CA GLY B 444 60.38 -34.17 6.85
C GLY B 444 60.07 -33.04 5.91
N ASN B 445 58.84 -32.53 5.95
CA ASN B 445 58.41 -31.46 5.07
C ASN B 445 58.81 -30.12 5.68
N TYR B 446 60.09 -29.78 5.53
CA TYR B 446 60.63 -28.53 6.04
C TYR B 446 60.39 -27.40 5.05
N ASP B 447 59.13 -27.20 4.65
CA ASP B 447 58.78 -26.15 3.71
C ASP B 447 57.59 -25.31 4.15
N TYR B 448 56.99 -25.61 5.29
CA TYR B 448 55.85 -24.86 5.82
C TYR B 448 56.27 -24.22 7.14
N TRP B 449 56.06 -22.92 7.24
CA TRP B 449 56.51 -22.14 8.39
C TRP B 449 55.33 -21.50 9.10
N TYR B 450 55.59 -21.02 10.32
CA TYR B 450 54.55 -20.37 11.11
C TYR B 450 55.20 -19.43 12.13
N ARG B 451 54.56 -18.30 12.36
CA ARG B 451 55.07 -17.31 13.31
C ARG B 451 54.91 -17.80 14.74
N LEU B 452 55.89 -17.45 15.58
CA LEU B 452 55.88 -17.82 16.99
C LEU B 452 55.97 -16.64 17.93
N PHE B 453 56.81 -15.66 17.64
CA PHE B 453 57.02 -14.51 18.51
C PHE B 453 56.68 -13.22 17.77
N ARG B 454 56.08 -12.28 18.50
CA ARG B 454 55.74 -10.97 17.96
C ARG B 454 55.38 -10.07 19.14
N LYS B 455 55.85 -8.82 19.09
CA LYS B 455 55.62 -7.89 20.19
C LYS B 455 54.35 -7.08 20.01
N SER B 456 53.25 -7.77 19.69
CA SER B 456 51.93 -7.17 19.51
C SER B 456 50.94 -8.29 19.22
N LYS B 457 49.66 -7.92 19.19
CA LYS B 457 48.60 -8.80 18.74
C LYS B 457 48.19 -8.43 17.32
N LEU B 458 47.50 -9.36 16.66
CA LEU B 458 47.04 -9.16 15.30
C LEU B 458 45.61 -8.62 15.30
N LYS B 459 45.19 -8.19 14.12
CA LYS B 459 43.85 -7.69 13.86
C LYS B 459 43.25 -8.50 12.72
N PRO B 460 41.92 -8.52 12.59
CA PRO B 460 41.30 -9.31 11.53
C PRO B 460 41.84 -8.95 10.15
N PHE B 461 42.19 -9.99 9.38
CA PHE B 461 42.69 -9.86 8.02
C PHE B 461 43.93 -8.98 7.95
N GLU B 462 45.00 -9.45 8.62
CA GLU B 462 46.30 -8.82 8.56
C GLU B 462 47.35 -9.86 8.24
N ARG B 463 48.34 -9.47 7.44
CA ARG B 463 49.40 -10.37 6.99
C ARG B 463 50.74 -9.72 7.26
N ASP B 464 51.68 -10.51 7.80
CA ASP B 464 53.01 -10.03 8.13
C ASP B 464 54.05 -10.95 7.50
N ILE B 465 55.06 -10.35 6.86
CA ILE B 465 56.14 -11.08 6.22
C ILE B 465 57.49 -10.72 6.84
N SER B 466 57.48 -9.91 7.90
CA SER B 466 58.71 -9.39 8.48
C SER B 466 59.59 -10.52 9.01
N THR B 467 60.90 -10.34 8.84
CA THR B 467 61.88 -11.32 9.27
C THR B 467 62.90 -10.76 10.25
N GLU B 468 62.69 -9.54 10.73
CA GLU B 468 63.62 -8.94 11.69
C GLU B 468 63.59 -9.72 13.01
N ILE B 469 64.76 -9.80 13.64
CA ILE B 469 64.89 -10.56 14.87
C ILE B 469 64.04 -9.93 15.98
N TYR B 470 63.59 -10.77 16.91
CA TYR B 470 62.70 -10.35 17.99
C TYR B 470 63.52 -10.03 19.22
N GLN B 471 63.22 -8.90 19.85
CA GLN B 471 63.93 -8.45 21.03
C GLN B 471 63.19 -8.88 22.30
N ALA B 472 63.95 -9.34 23.29
CA ALA B 472 63.39 -9.79 24.55
C ALA B 472 63.97 -9.09 25.77
N GLY B 473 65.15 -8.47 25.66
CA GLY B 473 65.78 -7.80 26.77
C GLY B 473 65.91 -6.29 26.56
N ASN B 474 66.55 -5.65 27.53
CA ASN B 474 66.72 -4.20 27.48
C ASN B 474 67.79 -3.79 26.49
N LYS B 475 68.87 -4.56 26.39
CA LYS B 475 70.01 -4.17 25.57
C LYS B 475 69.65 -4.18 24.09
N PRO B 476 70.21 -3.26 23.29
CA PRO B 476 69.99 -3.29 21.84
C PRO B 476 70.62 -4.53 21.22
N CYS B 477 70.05 -4.95 20.09
CA CYS B 477 70.32 -6.27 19.54
C CYS B 477 70.87 -6.17 18.13
N LYS B 478 71.88 -7.00 17.83
CA LYS B 478 72.43 -7.15 16.48
C LYS B 478 72.81 -8.62 16.30
N GLY B 479 71.93 -9.39 15.67
CA GLY B 479 72.17 -10.80 15.45
C GLY B 479 71.65 -11.67 16.59
N LYS B 480 71.60 -12.97 16.33
CA LYS B 480 71.11 -13.93 17.31
C LYS B 480 72.20 -14.18 18.36
N GLY B 481 71.97 -15.17 19.23
CA GLY B 481 72.84 -15.35 20.37
C GLY B 481 72.22 -15.32 21.75
N PRO B 482 72.07 -14.11 22.30
CA PRO B 482 71.42 -13.94 23.61
C PRO B 482 69.93 -13.84 23.36
N ASN B 483 69.21 -13.31 24.36
CA ASN B 483 67.73 -13.12 24.27
C ASN B 483 67.38 -12.33 23.03
N CYS B 484 67.53 -12.94 21.85
CA CYS B 484 67.24 -12.30 20.56
C CYS B 484 66.90 -13.47 19.64
N TYR B 485 65.63 -13.81 19.52
CA TYR B 485 65.29 -15.03 18.81
C TYR B 485 64.74 -14.70 17.43
N PHE B 486 64.89 -15.65 16.51
CA PHE B 486 64.35 -15.51 15.16
C PHE B 486 62.87 -15.87 15.16
N PRO B 487 61.97 -14.98 14.70
CA PRO B 487 60.52 -15.23 14.80
C PRO B 487 59.95 -16.02 13.63
N LEU B 488 60.58 -17.15 13.31
CA LEU B 488 60.09 -18.03 12.25
C LEU B 488 60.55 -19.45 12.56
N GLN B 489 59.61 -20.38 12.59
CA GLN B 489 59.92 -21.78 12.87
C GLN B 489 59.07 -22.66 11.98
N SER B 490 59.67 -23.74 11.49
CA SER B 490 59.06 -24.61 10.50
C SER B 490 58.43 -25.83 11.16
N TYR B 491 57.62 -26.55 10.39
CA TYR B 491 56.98 -27.77 10.85
C TYR B 491 57.85 -28.98 10.52
N GLY B 492 57.45 -30.13 11.08
CA GLY B 492 58.20 -31.36 10.89
C GLY B 492 57.33 -32.53 10.46
N PHE B 493 56.37 -32.26 9.57
CA PHE B 493 55.37 -33.25 9.22
C PHE B 493 55.99 -34.55 8.71
N ARG B 494 55.48 -35.67 9.20
CA ARG B 494 55.87 -37.01 8.80
C ARG B 494 54.63 -37.85 8.58
N PRO B 495 54.70 -38.87 7.70
CA PRO B 495 53.49 -39.65 7.41
C PRO B 495 53.03 -40.53 8.56
N THR B 496 53.87 -40.79 9.55
CA THR B 496 53.53 -41.68 10.66
C THR B 496 53.21 -40.93 11.95
N TYR B 497 52.81 -39.66 11.84
CA TYR B 497 52.39 -38.91 13.02
C TYR B 497 51.01 -39.37 13.48
N GLY B 498 50.64 -38.93 14.68
CA GLY B 498 49.30 -39.17 15.18
C GLY B 498 48.28 -38.27 14.51
N VAL B 499 47.01 -38.56 14.78
CA VAL B 499 45.91 -37.85 14.13
C VAL B 499 45.96 -36.36 14.46
N GLY B 500 46.39 -36.01 15.66
CA GLY B 500 46.45 -34.62 16.06
C GLY B 500 47.67 -33.86 15.60
N HIS B 501 48.65 -34.54 15.00
CA HIS B 501 49.87 -33.89 14.53
C HIS B 501 50.08 -34.01 13.03
N GLN B 502 49.26 -34.80 12.34
CA GLN B 502 49.37 -34.90 10.89
C GLN B 502 48.93 -33.59 10.25
N PRO B 503 49.56 -33.20 9.14
CA PRO B 503 49.18 -31.94 8.50
C PRO B 503 47.77 -32.00 7.94
N TYR B 504 47.00 -30.93 8.18
CA TYR B 504 45.67 -30.75 7.59
C TYR B 504 45.73 -29.61 6.59
N ARG B 505 45.43 -29.91 5.33
CA ARG B 505 45.19 -28.84 4.36
C ARG B 505 43.87 -28.17 4.73
N VAL B 506 43.96 -26.93 5.19
CA VAL B 506 42.81 -26.22 5.73
C VAL B 506 42.52 -25.04 4.83
N VAL B 507 41.47 -25.16 4.03
CA VAL B 507 40.94 -24.04 3.26
C VAL B 507 40.00 -23.30 4.21
N VAL B 508 40.53 -22.26 4.84
CA VAL B 508 39.65 -21.40 5.61
C VAL B 508 38.99 -20.48 4.60
N LEU B 509 37.87 -20.91 4.04
CA LEU B 509 37.14 -20.10 3.08
C LEU B 509 36.54 -18.99 3.95
N SER B 510 37.36 -17.98 4.19
CA SER B 510 36.89 -16.80 4.89
C SER B 510 36.38 -15.87 3.81
N PHE B 511 35.55 -16.46 2.94
CA PHE B 511 35.09 -15.72 1.74
C PHE B 511 33.85 -14.88 2.02
N GLU B 512 33.76 -13.74 1.32
CA GLU B 512 32.59 -12.85 1.42
C GLU B 512 32.71 -11.85 0.26
N LEU B 513 32.93 -10.56 0.53
CA LEU B 513 33.18 -9.55 -0.54
C LEU B 513 32.15 -9.70 -1.65
N LEU B 514 30.92 -10.02 -1.27
CA LEU B 514 29.81 -10.18 -2.23
C LEU B 514 29.54 -8.97 -3.11
N HIS B 515 29.22 -7.83 -2.49
CA HIS B 515 28.95 -6.56 -3.21
C HIS B 515 30.03 -6.19 -4.23
N ALA B 516 29.61 -5.72 -5.41
CA ALA B 516 30.54 -5.26 -6.48
C ALA B 516 29.72 -4.84 -7.70
N PRO B 517 30.15 -3.84 -8.50
CA PRO B 517 29.44 -3.52 -9.74
C PRO B 517 29.11 -4.84 -10.43
N ALA B 518 30.04 -5.79 -10.44
CA ALA B 518 29.78 -7.11 -11.03
C ALA B 518 29.32 -8.09 -9.96
N THR B 519 28.51 -9.07 -10.33
CA THR B 519 28.10 -10.11 -9.36
C THR B 519 28.20 -11.46 -10.07
N VAL B 520 29.41 -11.91 -10.41
CA VAL B 520 29.54 -13.27 -11.03
C VAL B 520 28.75 -14.18 -10.09
N CYS B 521 27.91 -15.06 -10.63
CA CYS B 521 26.98 -15.78 -9.72
C CYS B 521 27.19 -17.28 -9.53
N GLY B 522 26.44 -17.85 -8.58
CA GLY B 522 26.43 -19.30 -8.41
C GLY B 522 25.65 -19.87 -9.57
N PRO B 523 25.59 -21.18 -9.77
CA PRO B 523 24.99 -21.71 -11.01
C PRO B 523 23.52 -22.05 -10.81
N LYS B 524 22.74 -21.87 -11.86
CA LYS B 524 21.30 -22.06 -11.80
C LYS B 524 20.90 -23.34 -12.54
N LYS B 525 19.80 -23.94 -12.12
CA LYS B 525 19.32 -25.17 -12.73
C LYS B 525 18.37 -24.85 -13.88
N SER B 526 18.50 -25.57 -14.86
CA SER B 526 17.54 -25.41 -15.95
C SER B 526 16.77 -26.70 -16.16
N THR B 527 15.54 -26.56 -16.65
CA THR B 527 14.68 -27.67 -17.01
C THR B 527 14.39 -27.64 -18.52
N ASN B 528 13.63 -28.62 -18.99
CA ASN B 528 13.29 -28.68 -20.40
C ASN B 528 12.28 -27.60 -20.77
N LEU B 529 11.98 -27.51 -22.06
CA LEU B 529 11.09 -26.50 -22.60
C LEU B 529 9.86 -27.17 -23.20
N VAL B 530 8.69 -26.60 -22.91
CA VAL B 530 7.40 -27.15 -23.32
C VAL B 530 6.71 -26.13 -24.20
N LYS B 531 6.15 -26.58 -25.31
CA LYS B 531 5.55 -25.69 -26.29
C LYS B 531 4.11 -26.10 -26.57
N ASN B 532 3.34 -25.14 -27.07
CA ASN B 532 1.92 -25.32 -27.42
C ASN B 532 1.07 -25.69 -26.21
N LYS B 533 1.49 -25.26 -25.02
CA LYS B 533 0.78 -25.57 -23.78
C LYS B 533 0.84 -24.36 -22.86
N CYS B 534 -0.09 -24.32 -21.92
CA CYS B 534 -0.17 -23.24 -20.95
C CYS B 534 0.79 -23.51 -19.82
N VAL B 535 1.86 -22.72 -19.71
CA VAL B 535 2.90 -22.93 -18.71
C VAL B 535 3.28 -21.60 -18.05
N ASN B 536 3.90 -21.72 -16.88
CA ASN B 536 4.47 -20.59 -16.15
C ASN B 536 5.96 -20.53 -16.47
N PHE B 537 6.39 -19.48 -17.16
CA PHE B 537 7.76 -19.40 -17.66
C PHE B 537 8.57 -18.34 -16.93
N ASN B 538 9.87 -18.63 -16.81
CA ASN B 538 10.85 -17.69 -16.23
C ASN B 538 12.07 -17.69 -17.14
N PHE B 539 12.23 -16.63 -17.93
CA PHE B 539 13.36 -16.49 -18.85
C PHE B 539 14.21 -15.32 -18.41
N ASN B 540 15.37 -15.62 -17.81
CA ASN B 540 16.35 -14.60 -17.41
C ASN B 540 15.71 -13.51 -16.57
N GLY B 541 14.83 -13.90 -15.66
CA GLY B 541 14.19 -12.97 -14.77
C GLY B 541 12.87 -12.40 -15.27
N LEU B 542 12.51 -12.65 -16.52
CA LEU B 542 11.20 -12.24 -17.05
C LEU B 542 10.23 -13.38 -16.76
N THR B 543 9.24 -13.12 -15.91
CA THR B 543 8.35 -14.14 -15.40
C THR B 543 6.93 -13.90 -15.90
N GLY B 544 6.28 -14.97 -16.35
CA GLY B 544 4.94 -14.81 -16.87
C GLY B 544 4.24 -16.14 -17.05
N THR B 545 3.06 -16.08 -17.65
CA THR B 545 2.27 -17.26 -17.96
C THR B 545 1.78 -17.17 -19.40
N GLY B 546 1.69 -18.31 -20.07
CA GLY B 546 1.10 -18.29 -21.39
C GLY B 546 1.49 -19.52 -22.19
N VAL B 547 1.38 -19.37 -23.50
CA VAL B 547 1.67 -20.43 -24.46
C VAL B 547 2.83 -19.95 -25.34
N LEU B 548 3.85 -20.79 -25.47
CA LEU B 548 5.05 -20.48 -26.23
C LEU B 548 5.01 -21.23 -27.55
N THR B 549 4.72 -20.52 -28.63
CA THR B 549 4.64 -21.11 -29.96
C THR B 549 5.82 -20.67 -30.81
N LYS B 550 6.01 -21.36 -31.94
CA LYS B 550 7.08 -21.01 -32.85
C LYS B 550 6.74 -19.73 -33.60
N SER B 551 7.77 -18.94 -33.90
CA SER B 551 7.58 -17.61 -34.46
C SER B 551 8.48 -17.44 -35.67
N ASN B 552 8.29 -16.30 -36.36
CA ASN B 552 9.08 -15.97 -37.53
C ASN B 552 9.61 -14.55 -37.51
N LYS B 553 9.58 -13.89 -36.35
CA LYS B 553 10.20 -12.58 -36.23
C LYS B 553 11.71 -12.71 -36.38
N LYS B 554 12.32 -11.72 -37.04
CA LYS B 554 13.75 -11.72 -37.27
C LYS B 554 14.38 -10.73 -36.28
N PHE B 555 14.79 -11.25 -35.14
CA PHE B 555 15.47 -10.43 -34.15
C PHE B 555 16.84 -10.01 -34.67
N LEU B 556 17.42 -9.05 -33.99
CA LEU B 556 18.81 -8.70 -34.23
C LEU B 556 19.70 -9.39 -33.21
N PRO B 557 20.96 -9.63 -33.54
CA PRO B 557 21.81 -10.49 -32.68
C PRO B 557 21.98 -9.99 -31.26
N PHE B 558 21.76 -8.71 -30.98
CA PHE B 558 21.99 -8.18 -29.65
C PHE B 558 20.71 -8.04 -28.83
N GLN B 559 19.57 -8.50 -29.32
CA GLN B 559 18.31 -8.32 -28.64
C GLN B 559 17.90 -9.59 -27.89
N GLN B 560 17.15 -9.40 -26.81
CA GLN B 560 16.71 -10.51 -25.98
C GLN B 560 15.21 -10.70 -26.02
N PHE B 561 14.43 -9.66 -25.72
CA PHE B 561 12.99 -9.75 -25.59
C PHE B 561 12.32 -9.07 -26.77
N GLY B 562 11.01 -8.93 -26.69
CA GLY B 562 10.24 -8.17 -27.67
C GLY B 562 9.04 -7.57 -27.00
N ARG B 563 8.61 -6.41 -27.51
CA ARG B 563 7.50 -5.70 -26.89
C ARG B 563 6.54 -5.21 -27.96
N ASP B 564 5.27 -5.17 -27.59
CA ASP B 564 4.20 -4.78 -28.49
C ASP B 564 4.04 -3.27 -28.50
N ILE B 565 2.93 -2.79 -29.05
CA ILE B 565 2.70 -1.35 -29.14
C ILE B 565 2.50 -0.73 -27.77
N VAL B 566 2.19 -1.50 -26.73
CA VAL B 566 1.93 -0.87 -25.44
C VAL B 566 3.03 -1.14 -24.44
N ASP B 567 3.04 -2.34 -23.85
CA ASP B 567 4.16 -2.74 -23.00
C ASP B 567 4.47 -4.22 -23.12
N THR B 568 3.54 -5.06 -23.56
CA THR B 568 3.49 -6.47 -23.25
C THR B 568 4.60 -7.23 -23.96
N THR B 569 5.12 -8.25 -23.28
CA THR B 569 6.20 -9.07 -23.81
C THR B 569 5.60 -10.05 -24.81
N ASP B 570 5.46 -9.60 -26.05
CA ASP B 570 4.88 -10.44 -27.08
C ASP B 570 5.78 -11.61 -27.44
N ALA B 571 7.08 -11.37 -27.55
CA ALA B 571 8.03 -12.37 -28.02
C ALA B 571 9.16 -12.52 -27.03
N VAL B 572 9.96 -13.58 -27.21
CA VAL B 572 11.10 -13.83 -26.34
C VAL B 572 12.07 -14.73 -27.11
N ARG B 573 13.31 -14.78 -26.64
CA ARG B 573 14.35 -15.58 -27.27
C ARG B 573 14.95 -16.52 -26.24
N ASP B 574 14.98 -17.79 -26.55
CA ASP B 574 15.48 -18.78 -25.60
C ASP B 574 17.01 -18.70 -25.53
N PRO B 575 17.59 -18.55 -24.33
CA PRO B 575 19.03 -18.30 -24.25
C PRO B 575 19.90 -19.44 -24.75
N GLN B 576 19.37 -20.66 -24.87
CA GLN B 576 20.21 -21.81 -25.22
C GLN B 576 20.11 -22.17 -26.69
N THR B 577 18.91 -22.49 -27.19
CA THR B 577 18.79 -22.89 -28.58
C THR B 577 18.69 -21.70 -29.53
N LEU B 578 18.59 -20.48 -29.01
CA LEU B 578 18.55 -19.26 -29.81
C LEU B 578 17.48 -19.34 -30.90
N GLU B 579 16.25 -19.42 -30.43
CA GLU B 579 15.09 -19.49 -31.30
C GLU B 579 14.04 -18.49 -30.82
N ILE B 580 13.43 -17.77 -31.76
CA ILE B 580 12.34 -16.86 -31.41
C ILE B 580 11.13 -17.68 -30.98
N LEU B 581 10.49 -17.24 -29.90
CA LEU B 581 9.29 -17.88 -29.37
C LEU B 581 8.24 -16.82 -29.09
N ASP B 582 7.05 -17.00 -29.64
CA ASP B 582 5.95 -16.08 -29.42
C ASP B 582 5.19 -16.47 -28.17
N ILE B 583 4.87 -15.49 -27.34
CA ILE B 583 4.14 -15.69 -26.10
C ILE B 583 2.71 -15.20 -26.30
N THR B 584 1.74 -16.11 -26.19
CA THR B 584 0.36 -15.71 -26.29
C THR B 584 -0.38 -16.02 -24.98
N PRO B 585 -1.20 -15.09 -24.48
CA PRO B 585 -1.79 -15.26 -23.17
C PRO B 585 -2.87 -16.34 -23.15
N CYS B 586 -3.09 -16.87 -21.95
CA CYS B 586 -4.03 -17.96 -21.76
C CYS B 586 -5.46 -17.50 -22.01
N SER B 587 -6.28 -18.39 -22.57
CA SER B 587 -7.64 -18.02 -22.92
C SER B 587 -8.47 -17.78 -21.67
N PHE B 588 -9.25 -16.71 -21.68
CA PHE B 588 -10.08 -16.37 -20.54
C PHE B 588 -11.28 -15.57 -21.04
N GLY B 589 -12.33 -15.54 -20.22
CA GLY B 589 -13.52 -14.80 -20.61
C GLY B 589 -14.66 -15.02 -19.65
N GLY B 590 -15.87 -14.75 -20.13
CA GLY B 590 -17.07 -14.92 -19.34
C GLY B 590 -17.70 -16.30 -19.50
N VAL B 591 -18.50 -16.67 -18.50
CA VAL B 591 -19.09 -18.01 -18.45
C VAL B 591 -20.62 -17.88 -18.40
N SER B 592 -21.16 -16.91 -19.15
CA SER B 592 -22.55 -16.50 -19.04
C SER B 592 -23.56 -17.65 -19.09
N VAL B 593 -24.73 -17.45 -18.50
CA VAL B 593 -25.71 -18.51 -18.28
C VAL B 593 -27.05 -18.11 -18.88
N ILE B 594 -27.69 -19.05 -19.58
CA ILE B 594 -28.98 -18.86 -20.23
C ILE B 594 -29.98 -19.75 -19.52
N THR B 595 -31.08 -19.16 -19.05
CA THR B 595 -32.12 -19.90 -18.38
C THR B 595 -33.49 -19.46 -18.89
N PRO B 596 -34.44 -20.38 -19.03
CA PRO B 596 -35.79 -19.99 -19.47
C PRO B 596 -36.69 -19.51 -18.35
N GLY B 597 -36.35 -19.80 -17.10
CA GLY B 597 -37.18 -19.40 -15.99
C GLY B 597 -37.38 -20.53 -15.00
N THR B 598 -37.11 -20.27 -13.72
CA THR B 598 -37.28 -21.30 -12.71
C THR B 598 -38.74 -21.72 -12.58
N ASN B 599 -39.67 -20.79 -12.79
CA ASN B 599 -41.08 -21.14 -12.77
C ASN B 599 -41.45 -22.08 -13.90
N THR B 600 -40.68 -22.08 -15.00
CA THR B 600 -40.98 -22.91 -16.15
C THR B 600 -40.22 -24.23 -16.12
N SER B 601 -38.92 -24.18 -15.92
CA SER B 601 -38.09 -25.39 -15.93
C SER B 601 -36.88 -25.16 -15.04
N ASN B 602 -35.94 -26.10 -15.10
CA ASN B 602 -34.65 -25.97 -14.43
C ASN B 602 -33.46 -26.14 -15.36
N GLN B 603 -33.67 -26.56 -16.59
CA GLN B 603 -32.56 -26.75 -17.51
C GLN B 603 -31.93 -25.40 -17.85
N VAL B 604 -30.63 -25.43 -18.13
CA VAL B 604 -29.86 -24.23 -18.43
C VAL B 604 -28.97 -24.50 -19.63
N ALA B 605 -28.36 -23.43 -20.14
CA ALA B 605 -27.30 -23.51 -21.12
C ALA B 605 -26.19 -22.56 -20.69
N VAL B 606 -24.97 -22.84 -21.13
CA VAL B 606 -23.81 -22.05 -20.74
C VAL B 606 -23.11 -21.55 -21.99
N LEU B 607 -22.81 -20.25 -22.02
CA LEU B 607 -22.14 -19.60 -23.14
C LEU B 607 -20.79 -19.07 -22.66
N TYR B 608 -19.73 -19.65 -23.19
CA TYR B 608 -18.38 -19.14 -23.00
C TYR B 608 -18.10 -18.12 -24.09
N GLN B 609 -17.63 -16.95 -23.70
CA GLN B 609 -17.47 -15.85 -24.64
C GLN B 609 -16.07 -15.81 -25.21
N GLY B 610 -15.98 -15.84 -26.54
CA GLY B 610 -14.72 -15.64 -27.23
C GLY B 610 -13.68 -16.73 -27.05
N VAL B 611 -14.08 -18.00 -27.11
CA VAL B 611 -13.14 -19.11 -27.09
C VAL B 611 -13.57 -20.16 -28.10
N ASN B 612 -12.59 -20.87 -28.64
CA ASN B 612 -12.86 -21.91 -29.65
C ASN B 612 -13.41 -23.12 -28.91
N CYS B 613 -14.56 -23.64 -29.35
CA CYS B 613 -15.16 -24.76 -28.59
C CYS B 613 -14.07 -25.80 -28.35
N THR B 614 -13.21 -26.01 -29.35
CA THR B 614 -12.13 -27.02 -29.23
C THR B 614 -11.42 -26.84 -27.89
N GLU B 615 -10.84 -25.67 -27.66
CA GLU B 615 -10.07 -25.45 -26.41
C GLU B 615 -10.93 -25.88 -25.23
N VAL B 616 -12.12 -25.31 -25.09
CA VAL B 616 -12.99 -25.64 -23.94
C VAL B 616 -12.99 -27.16 -23.76
N SER B 617 -13.42 -27.87 -24.79
CA SER B 617 -13.50 -29.35 -24.71
C SER B 617 -12.15 -29.89 -24.24
N VAL B 618 -11.08 -29.49 -24.92
CA VAL B 618 -9.72 -29.97 -24.54
C VAL B 618 -9.56 -29.79 -23.04
N ALA B 619 -9.91 -28.61 -22.52
CA ALA B 619 -9.64 -28.26 -21.12
C ALA B 619 -10.72 -28.87 -20.22
N ILE B 620 -11.89 -29.14 -20.80
CA ILE B 620 -12.93 -29.94 -20.10
C ILE B 620 -12.32 -31.30 -19.79
N HIS B 621 -11.76 -31.96 -20.82
CA HIS B 621 -10.93 -33.17 -20.58
C HIS B 621 -9.76 -32.75 -19.70
N ALA B 622 -9.25 -33.69 -18.91
CA ALA B 622 -8.26 -33.33 -17.85
C ALA B 622 -8.94 -32.29 -16.95
N ASP B 623 -8.20 -31.27 -16.53
CA ASP B 623 -8.85 -30.19 -15.73
C ASP B 623 -8.05 -28.90 -15.87
N GLN B 624 -8.58 -27.94 -16.63
CA GLN B 624 -7.86 -26.68 -16.86
C GLN B 624 -8.82 -25.51 -16.61
N LEU B 625 -10.13 -25.76 -16.76
CA LEU B 625 -11.11 -24.66 -16.61
C LEU B 625 -11.25 -24.28 -15.13
N THR B 626 -11.77 -23.09 -14.86
CA THR B 626 -11.90 -22.66 -13.46
C THR B 626 -13.31 -22.20 -13.09
N PRO B 627 -14.42 -22.56 -13.76
CA PRO B 627 -15.72 -22.25 -13.23
C PRO B 627 -15.93 -23.36 -12.19
N THR B 628 -15.47 -24.60 -12.48
CA THR B 628 -15.58 -25.81 -11.62
C THR B 628 -17.03 -26.26 -11.53
N TRP B 629 -17.66 -26.55 -12.67
CA TRP B 629 -19.10 -26.91 -12.66
C TRP B 629 -19.24 -28.34 -13.13
N ARG B 630 -18.11 -29.01 -13.34
CA ARG B 630 -18.14 -30.40 -13.88
C ARG B 630 -18.84 -30.38 -15.24
N VAL B 631 -18.94 -29.21 -15.88
CA VAL B 631 -19.56 -29.06 -17.23
C VAL B 631 -21.08 -29.29 -17.17
N TYR B 632 -21.84 -28.38 -17.77
CA TYR B 632 -23.31 -28.53 -17.81
C TYR B 632 -23.65 -29.49 -18.95
N SER B 633 -23.43 -30.79 -18.79
CA SER B 633 -23.95 -31.84 -19.72
C SER B 633 -23.56 -31.90 -21.19
N THR B 634 -22.65 -32.81 -21.57
CA THR B 634 -22.11 -32.81 -22.97
C THR B 634 -22.72 -33.89 -23.89
N GLY B 635 -22.46 -33.80 -25.21
CA GLY B 635 -22.97 -34.74 -26.23
C GLY B 635 -23.04 -34.02 -27.55
N SER B 636 -24.12 -34.21 -28.31
CA SER B 636 -24.31 -33.45 -29.56
C SER B 636 -24.91 -32.09 -29.17
N ASN B 637 -24.23 -31.38 -28.27
CA ASN B 637 -24.81 -30.12 -27.77
C ASN B 637 -23.68 -29.11 -27.64
N VAL B 638 -22.59 -29.27 -28.39
CA VAL B 638 -21.57 -28.20 -28.35
C VAL B 638 -21.61 -27.43 -29.68
N PHE B 639 -22.17 -26.23 -29.69
CA PHE B 639 -22.25 -25.39 -30.87
C PHE B 639 -21.23 -24.26 -30.79
N GLN B 640 -20.68 -23.89 -31.95
CA GLN B 640 -19.69 -22.83 -32.05
C GLN B 640 -20.29 -21.66 -32.81
N THR B 641 -20.59 -20.57 -32.10
CA THR B 641 -21.13 -19.37 -32.71
C THR B 641 -20.10 -18.26 -32.65
N ARG B 642 -20.34 -17.21 -33.43
CA ARG B 642 -19.41 -16.09 -33.48
C ARG B 642 -19.24 -15.43 -32.12
N ALA B 643 -20.25 -15.54 -31.25
CA ALA B 643 -20.13 -15.00 -29.90
C ALA B 643 -19.24 -15.86 -29.02
N GLY B 644 -19.23 -17.17 -29.25
CA GLY B 644 -18.42 -18.06 -28.44
C GLY B 644 -18.79 -19.52 -28.58
N CYS B 645 -18.76 -20.24 -27.46
CA CYS B 645 -19.03 -21.67 -27.45
C CYS B 645 -20.22 -21.93 -26.54
N LEU B 646 -21.24 -22.59 -27.08
CA LEU B 646 -22.52 -22.76 -26.41
C LEU B 646 -22.72 -24.24 -26.11
N ILE B 647 -22.96 -24.56 -24.85
CA ILE B 647 -23.18 -25.94 -24.41
C ILE B 647 -24.51 -26.00 -23.69
N GLY B 648 -25.38 -26.89 -24.13
CA GLY B 648 -26.71 -27.02 -23.56
C GLY B 648 -27.84 -26.72 -24.51
N ALA B 649 -27.58 -26.40 -25.77
CA ALA B 649 -28.63 -26.16 -26.73
C ALA B 649 -28.19 -26.71 -28.08
N GLU B 650 -29.18 -27.00 -28.93
CA GLU B 650 -28.94 -27.55 -30.25
C GLU B 650 -29.32 -26.55 -31.32
N TYR B 651 -28.48 -26.44 -32.34
CA TYR B 651 -28.67 -25.44 -33.39
C TYR B 651 -29.68 -25.97 -34.41
N VAL B 652 -30.85 -25.35 -34.47
CA VAL B 652 -31.83 -25.71 -35.48
C VAL B 652 -31.63 -24.84 -36.71
N ASN B 653 -32.22 -25.28 -37.82
CA ASN B 653 -32.16 -24.53 -39.07
C ASN B 653 -33.35 -23.62 -39.27
N ASN B 654 -34.28 -23.58 -38.32
CA ASN B 654 -35.46 -22.72 -38.44
C ASN B 654 -35.07 -21.28 -38.13
N SER B 655 -36.07 -20.40 -38.12
CA SER B 655 -35.83 -19.00 -37.80
C SER B 655 -37.17 -18.37 -37.43
N TYR B 656 -37.25 -17.80 -36.23
CA TYR B 656 -38.40 -17.00 -35.83
C TYR B 656 -37.91 -15.90 -34.91
N GLU B 657 -38.85 -15.12 -34.39
CA GLU B 657 -38.51 -13.91 -33.65
C GLU B 657 -37.66 -14.26 -32.43
N CYS B 658 -36.68 -13.39 -32.14
CA CYS B 658 -35.74 -13.65 -31.07
C CYS B 658 -36.43 -13.59 -29.71
N ASP B 659 -36.03 -14.49 -28.82
CA ASP B 659 -36.55 -14.54 -27.46
C ASP B 659 -35.50 -14.19 -26.42
N ILE B 660 -34.36 -14.87 -26.45
CA ILE B 660 -33.23 -14.54 -25.57
C ILE B 660 -32.01 -14.29 -26.46
N PRO B 661 -31.55 -13.05 -26.57
CA PRO B 661 -30.36 -12.78 -27.38
C PRO B 661 -29.12 -13.43 -26.80
N ILE B 662 -28.24 -13.88 -27.69
CA ILE B 662 -26.96 -14.47 -27.30
C ILE B 662 -25.83 -13.66 -27.94
N GLY B 663 -25.85 -13.54 -29.25
CA GLY B 663 -24.81 -12.79 -29.93
C GLY B 663 -24.72 -13.17 -31.38
N ALA B 664 -24.18 -12.26 -32.18
CA ALA B 664 -24.29 -12.33 -33.63
C ALA B 664 -25.75 -12.58 -33.97
N GLY B 665 -26.02 -13.35 -35.01
CA GLY B 665 -27.41 -13.64 -35.31
C GLY B 665 -28.05 -14.66 -34.41
N VAL B 666 -27.33 -15.13 -33.40
CA VAL B 666 -27.73 -16.30 -32.63
C VAL B 666 -28.55 -15.86 -31.42
N CYS B 667 -29.79 -16.37 -31.34
CA CYS B 667 -30.69 -16.24 -30.20
C CYS B 667 -31.05 -17.63 -29.70
N ALA B 668 -31.68 -17.68 -28.53
CA ALA B 668 -32.06 -18.94 -27.93
C ALA B 668 -33.47 -18.83 -27.35
N SER B 669 -34.13 -19.97 -27.24
CA SER B 669 -35.47 -20.03 -26.67
C SER B 669 -35.71 -21.43 -26.12
N TYR B 670 -36.92 -21.66 -25.62
CA TYR B 670 -37.30 -22.88 -24.92
C TYR B 670 -38.55 -23.44 -25.59
N GLN B 671 -38.37 -24.47 -26.41
CA GLN B 671 -39.48 -24.96 -27.23
C GLN B 671 -39.51 -26.48 -27.20
N THR B 672 -40.63 -27.03 -27.69
CA THR B 672 -40.83 -28.47 -27.73
C THR B 672 -40.22 -29.07 -28.99
N SER B 685 -39.80 -33.17 -22.49
CA SER B 685 -39.57 -33.18 -23.94
C SER B 685 -39.01 -31.86 -24.41
N GLN B 686 -39.69 -30.77 -24.06
CA GLN B 686 -39.27 -29.45 -24.49
C GLN B 686 -37.93 -29.09 -23.86
N SER B 687 -37.08 -28.40 -24.63
CA SER B 687 -35.74 -28.07 -24.17
C SER B 687 -35.32 -26.75 -24.78
N ILE B 688 -34.07 -26.35 -24.50
CA ILE B 688 -33.53 -25.09 -24.97
C ILE B 688 -32.91 -25.29 -26.33
N ILE B 689 -33.33 -24.48 -27.30
CA ILE B 689 -32.79 -24.53 -28.65
C ILE B 689 -32.22 -23.16 -28.99
N ALA B 690 -31.28 -23.17 -29.95
CA ALA B 690 -30.62 -21.96 -30.42
C ALA B 690 -30.74 -21.88 -31.93
N TYR B 691 -30.88 -20.66 -32.44
CA TYR B 691 -31.16 -20.49 -33.85
C TYR B 691 -30.65 -19.12 -34.31
N THR B 692 -30.78 -18.87 -35.61
CA THR B 692 -30.44 -17.61 -36.23
C THR B 692 -31.70 -16.74 -36.31
N MET B 693 -31.54 -15.47 -35.92
CA MET B 693 -32.67 -14.56 -35.82
C MET B 693 -33.36 -14.37 -37.17
N SER B 694 -34.67 -14.21 -37.14
CA SER B 694 -35.45 -13.87 -38.32
C SER B 694 -35.95 -12.45 -38.21
N LEU B 695 -35.80 -11.68 -39.28
CA LEU B 695 -36.09 -10.25 -39.27
C LEU B 695 -37.54 -9.96 -39.63
N GLY B 696 -38.35 -10.98 -39.84
CA GLY B 696 -39.73 -10.83 -40.26
C GLY B 696 -39.96 -11.45 -41.62
N ALA B 697 -41.24 -11.43 -42.02
CA ALA B 697 -41.66 -12.04 -43.26
C ALA B 697 -41.21 -11.19 -44.45
N GLU B 698 -41.31 -11.77 -45.64
CA GLU B 698 -40.93 -11.11 -46.89
C GLU B 698 -42.21 -10.81 -47.66
N ASN B 699 -42.43 -9.53 -47.97
CA ASN B 699 -43.65 -9.07 -48.62
C ASN B 699 -43.27 -8.23 -49.83
N SER B 700 -43.37 -8.83 -51.01
CA SER B 700 -43.06 -8.12 -52.25
C SER B 700 -44.29 -7.34 -52.70
N VAL B 701 -44.18 -6.02 -52.72
CA VAL B 701 -45.28 -5.17 -53.14
C VAL B 701 -45.40 -5.20 -54.66
N ALA B 702 -46.62 -5.34 -55.15
CA ALA B 702 -46.85 -5.43 -56.59
C ALA B 702 -46.72 -4.08 -57.27
N TYR B 703 -45.50 -3.58 -57.38
CA TYR B 703 -45.26 -2.34 -58.12
C TYR B 703 -45.53 -2.56 -59.60
N SER B 704 -46.03 -1.51 -60.25
CA SER B 704 -46.32 -1.55 -61.67
C SER B 704 -46.42 -0.13 -62.18
N ASN B 705 -46.47 0.05 -63.48
CA ASN B 705 -46.51 1.40 -64.07
C ASN B 705 -47.91 2.00 -63.87
N ASN B 706 -48.95 1.17 -63.79
CA ASN B 706 -50.30 1.72 -63.69
C ASN B 706 -51.14 0.93 -62.69
N SER B 707 -50.59 0.65 -61.52
CA SER B 707 -51.32 -0.05 -60.46
C SER B 707 -51.32 0.80 -59.20
N ILE B 708 -52.50 1.00 -58.62
CA ILE B 708 -52.64 1.77 -57.38
C ILE B 708 -53.49 0.97 -56.41
N ALA B 709 -53.34 1.28 -55.12
CA ALA B 709 -54.09 0.63 -54.06
C ALA B 709 -54.72 1.70 -53.19
N ILE B 710 -56.02 1.55 -52.92
CA ILE B 710 -56.74 2.54 -52.12
C ILE B 710 -57.46 1.84 -50.98
N PRO B 711 -57.40 2.37 -49.76
CA PRO B 711 -58.14 1.76 -48.65
C PRO B 711 -59.64 1.96 -48.77
N THR B 712 -60.39 1.03 -48.19
CA THR B 712 -61.84 1.10 -48.17
C THR B 712 -62.42 1.12 -46.77
N ASN B 713 -61.59 1.01 -45.73
CA ASN B 713 -62.09 1.03 -44.37
C ASN B 713 -60.99 1.55 -43.46
N PHE B 714 -61.34 1.83 -42.21
CA PHE B 714 -60.37 2.38 -41.27
C PHE B 714 -60.52 1.71 -39.92
N THR B 715 -59.50 1.87 -39.10
CA THR B 715 -59.49 1.38 -37.73
C THR B 715 -58.95 2.48 -36.83
N ILE B 716 -59.66 2.76 -35.75
CA ILE B 716 -59.21 3.71 -34.75
C ILE B 716 -58.48 2.93 -33.67
N SER B 717 -57.21 3.28 -33.45
CA SER B 717 -56.37 2.55 -32.52
C SER B 717 -55.92 3.45 -31.38
N VAL B 718 -55.71 2.85 -30.22
CA VAL B 718 -55.22 3.56 -29.03
C VAL B 718 -53.96 2.84 -28.55
N THR B 719 -52.86 3.57 -28.49
CA THR B 719 -51.58 3.05 -28.03
C THR B 719 -51.15 3.79 -26.77
N THR B 720 -50.21 3.21 -26.05
CA THR B 720 -49.74 3.76 -24.79
C THR B 720 -48.25 4.04 -24.85
N GLU B 721 -47.85 5.19 -24.32
CA GLU B 721 -46.45 5.57 -24.19
C GLU B 721 -46.18 5.97 -22.75
N ILE B 722 -45.04 5.57 -22.21
CA ILE B 722 -44.70 5.80 -20.81
C ILE B 722 -43.38 6.55 -20.76
N LEU B 723 -43.31 7.56 -19.88
CA LEU B 723 -42.12 8.39 -19.81
C LEU B 723 -41.81 8.82 -18.38
N PRO B 724 -40.56 8.69 -17.93
CA PRO B 724 -40.18 9.24 -16.63
C PRO B 724 -40.09 10.76 -16.67
N VAL B 725 -40.38 11.38 -15.53
CA VAL B 725 -40.37 12.83 -15.45
C VAL B 725 -39.49 13.31 -14.31
N SER B 726 -39.35 12.50 -13.26
CA SER B 726 -38.67 12.96 -12.06
C SER B 726 -38.10 11.78 -11.30
N MET B 727 -37.16 12.07 -10.42
CA MET B 727 -36.54 11.08 -9.56
C MET B 727 -36.53 11.60 -8.12
N THR B 728 -36.24 10.71 -7.19
CA THR B 728 -36.31 11.04 -5.78
C THR B 728 -35.22 12.05 -5.40
N LYS B 729 -35.59 13.00 -4.54
CA LYS B 729 -34.68 14.01 -4.05
C LYS B 729 -34.01 13.52 -2.77
N THR B 730 -32.70 13.46 -2.76
CA THR B 730 -31.93 12.97 -1.62
C THR B 730 -30.97 14.05 -1.13
N SER B 731 -30.71 14.03 0.17
CA SER B 731 -29.74 14.92 0.80
C SER B 731 -28.88 14.12 1.76
N VAL B 732 -27.61 14.47 1.82
CA VAL B 732 -26.62 13.73 2.61
C VAL B 732 -25.81 14.73 3.43
N ASP B 733 -25.55 14.38 4.69
CA ASP B 733 -24.76 15.19 5.59
C ASP B 733 -23.41 14.52 5.83
N CYS B 734 -22.33 15.28 5.62
CA CYS B 734 -21.00 14.73 5.79
C CYS B 734 -20.73 14.32 7.22
N THR B 735 -21.09 15.19 8.17
CA THR B 735 -20.71 14.96 9.56
C THR B 735 -21.26 13.63 10.05
N MET B 736 -22.52 13.33 9.73
CA MET B 736 -23.10 12.07 10.20
C MET B 736 -22.59 10.89 9.38
N TYR B 737 -22.27 11.08 8.11
CA TYR B 737 -21.86 9.97 7.28
C TYR B 737 -20.44 9.54 7.60
N ILE B 738 -19.49 10.45 7.46
CA ILE B 738 -18.09 10.11 7.61
C ILE B 738 -17.72 9.97 9.08
N CYS B 739 -17.83 11.06 9.84
CA CYS B 739 -17.41 11.07 11.25
C CYS B 739 -18.65 10.96 12.12
N GLY B 740 -19.18 9.74 12.21
CA GLY B 740 -20.44 9.54 12.89
C GLY B 740 -20.30 9.80 14.37
N ASP B 741 -20.95 10.85 14.86
CA ASP B 741 -21.08 11.14 16.28
C ASP B 741 -19.73 11.06 16.99
N SER B 742 -18.70 11.60 16.35
CA SER B 742 -17.35 11.60 16.91
C SER B 742 -16.82 13.01 16.91
N THR B 743 -16.41 13.49 18.09
CA THR B 743 -15.82 14.81 18.20
C THR B 743 -14.33 14.82 17.87
N GLU B 744 -13.71 13.65 17.76
CA GLU B 744 -12.30 13.54 17.41
C GLU B 744 -12.07 13.35 15.92
N CYS B 745 -13.12 13.10 15.15
CA CYS B 745 -13.00 12.92 13.71
C CYS B 745 -13.28 14.20 12.93
N SER B 746 -14.11 15.09 13.47
CA SER B 746 -14.47 16.30 12.73
C SER B 746 -13.27 17.20 12.52
N ASN B 747 -12.42 17.33 13.54
CA ASN B 747 -11.24 18.18 13.41
C ASN B 747 -10.31 17.69 12.31
N LEU B 748 -10.31 16.39 12.05
CA LEU B 748 -9.48 15.82 11.00
C LEU B 748 -10.16 15.85 9.64
N LEU B 749 -11.38 16.39 9.55
CA LEU B 749 -12.05 16.56 8.28
C LEU B 749 -11.95 17.98 7.74
N LEU B 750 -11.70 18.96 8.61
CA LEU B 750 -11.54 20.34 8.16
C LEU B 750 -10.27 20.54 7.35
N GLN B 751 -9.30 19.63 7.47
CA GLN B 751 -8.07 19.76 6.72
C GLN B 751 -8.19 19.24 5.29
N TYR B 752 -9.27 18.55 4.96
CA TYR B 752 -9.45 18.03 3.61
C TYR B 752 -10.15 19.01 2.69
N GLY B 753 -10.44 20.21 3.16
CA GLY B 753 -10.95 21.25 2.29
C GLY B 753 -12.45 21.38 2.29
N SER B 754 -12.99 21.83 1.17
CA SER B 754 -14.40 22.16 1.04
C SER B 754 -15.11 21.21 0.07
N PHE B 755 -14.85 19.92 0.19
CA PHE B 755 -15.57 18.94 -0.61
C PHE B 755 -17.06 18.93 -0.25
N CYS B 756 -17.36 19.06 1.04
CA CYS B 756 -18.73 18.87 1.51
C CYS B 756 -19.66 19.96 1.00
N THR B 757 -19.20 21.20 0.93
CA THR B 757 -20.06 22.26 0.46
C THR B 757 -20.45 22.04 -1.00
N GLN B 758 -19.53 21.56 -1.82
CA GLN B 758 -19.88 21.34 -3.22
C GLN B 758 -20.73 20.09 -3.39
N LEU B 759 -20.55 19.07 -2.54
CA LEU B 759 -21.48 17.94 -2.58
C LEU B 759 -22.90 18.38 -2.25
N LYS B 760 -23.05 19.22 -1.23
CA LYS B 760 -24.37 19.73 -0.87
C LYS B 760 -24.94 20.60 -1.99
N ARG B 761 -24.10 21.41 -2.62
CA ARG B 761 -24.56 22.24 -3.74
C ARG B 761 -25.08 21.38 -4.89
N ALA B 762 -24.35 20.31 -5.24
CA ALA B 762 -24.78 19.45 -6.32
C ALA B 762 -26.11 18.78 -5.99
N LEU B 763 -26.25 18.28 -4.75
CA LEU B 763 -27.50 17.64 -4.37
C LEU B 763 -28.67 18.61 -4.41
N THR B 764 -28.46 19.85 -3.92
CA THR B 764 -29.53 20.84 -3.96
C THR B 764 -29.92 21.19 -5.39
N GLY B 765 -28.94 21.27 -6.29
CA GLY B 765 -29.25 21.54 -7.68
C GLY B 765 -30.11 20.45 -8.29
N ILE B 766 -29.75 19.19 -8.04
CA ILE B 766 -30.58 18.09 -8.52
C ILE B 766 -31.99 18.20 -7.93
N ALA B 767 -32.08 18.55 -6.66
CA ALA B 767 -33.38 18.63 -5.99
C ALA B 767 -34.28 19.67 -6.65
N VAL B 768 -33.76 20.87 -6.89
CA VAL B 768 -34.61 21.90 -7.49
C VAL B 768 -34.93 21.57 -8.94
N GLU B 769 -34.00 20.92 -9.65
CA GLU B 769 -34.28 20.52 -11.02
C GLU B 769 -35.42 19.51 -11.06
N GLN B 770 -35.53 18.67 -10.03
CA GLN B 770 -36.62 17.69 -10.01
C GLN B 770 -37.98 18.36 -9.99
N ASP B 771 -38.12 19.45 -9.25
CA ASP B 771 -39.39 20.17 -9.23
C ASP B 771 -39.60 20.98 -10.50
N LYS B 772 -38.53 21.53 -11.07
CA LYS B 772 -38.65 22.22 -12.34
C LYS B 772 -39.19 21.30 -13.42
N ASN B 773 -38.74 20.03 -13.42
CA ASN B 773 -39.20 19.08 -14.42
C ASN B 773 -40.72 18.89 -14.35
N THR B 774 -41.24 18.63 -13.16
CA THR B 774 -42.68 18.40 -13.01
C THR B 774 -43.47 19.66 -13.37
N GLN B 775 -43.01 20.82 -12.92
CA GLN B 775 -43.72 22.05 -13.27
C GLN B 775 -43.76 22.28 -14.76
N GLU B 776 -42.64 22.03 -15.45
CA GLU B 776 -42.61 22.23 -16.89
C GLU B 776 -43.53 21.24 -17.61
N VAL B 777 -43.54 19.98 -17.18
CA VAL B 777 -44.31 18.98 -17.89
C VAL B 777 -45.80 19.19 -17.68
N PHE B 778 -46.23 19.42 -16.44
CA PHE B 778 -47.66 19.38 -16.13
C PHE B 778 -48.35 20.73 -16.13
N ALA B 779 -47.70 21.78 -15.63
CA ALA B 779 -48.37 23.07 -15.45
C ALA B 779 -48.33 23.90 -16.73
N GLN B 780 -48.96 23.36 -17.78
CA GLN B 780 -49.07 24.04 -19.05
C GLN B 780 -50.41 24.73 -19.24
N VAL B 781 -51.29 24.69 -18.25
CA VAL B 781 -52.59 25.33 -18.32
C VAL B 781 -52.64 26.45 -17.28
N LYS B 782 -53.07 27.63 -17.73
CA LYS B 782 -53.18 28.76 -16.82
C LYS B 782 -54.28 28.57 -15.79
N GLN B 783 -55.41 28.00 -16.18
CA GLN B 783 -56.56 27.85 -15.31
C GLN B 783 -56.99 26.39 -15.28
N ILE B 784 -57.72 26.03 -14.22
CA ILE B 784 -58.24 24.68 -14.06
C ILE B 784 -59.63 24.62 -14.68
N TYR B 785 -59.83 23.69 -15.59
CA TYR B 785 -61.13 23.49 -16.23
C TYR B 785 -61.82 22.27 -15.65
N LYS B 786 -63.14 22.34 -15.57
CA LYS B 786 -63.96 21.24 -15.08
C LYS B 786 -64.98 20.86 -16.14
N THR B 787 -65.18 19.55 -16.31
CA THR B 787 -66.17 19.06 -17.25
C THR B 787 -67.57 19.37 -16.73
N PRO B 788 -68.55 19.51 -17.62
CA PRO B 788 -69.92 19.73 -17.19
C PRO B 788 -70.48 18.50 -16.50
N PRO B 789 -71.70 18.56 -15.97
CA PRO B 789 -72.38 17.31 -15.61
C PRO B 789 -72.34 16.35 -16.79
N ILE B 790 -71.58 15.27 -16.66
CA ILE B 790 -71.15 14.49 -17.82
C ILE B 790 -72.36 14.04 -18.61
N LYS B 791 -72.39 14.39 -19.89
CA LYS B 791 -73.52 14.11 -20.74
C LYS B 791 -72.99 13.58 -22.07
N TYR B 792 -73.90 13.50 -23.05
CA TYR B 792 -73.60 12.89 -24.33
C TYR B 792 -72.49 13.64 -25.05
N PHE B 793 -71.31 13.00 -25.16
CA PHE B 793 -70.19 13.53 -25.92
C PHE B 793 -70.22 13.09 -27.37
N GLY B 794 -71.40 12.78 -27.90
CA GLY B 794 -71.54 12.22 -29.22
C GLY B 794 -71.54 10.71 -29.25
N GLY B 795 -71.33 10.05 -28.11
CA GLY B 795 -71.28 8.60 -28.07
C GLY B 795 -69.98 8.11 -27.48
N PHE B 796 -68.96 8.96 -27.50
CA PHE B 796 -67.69 8.62 -26.89
C PHE B 796 -67.83 8.59 -25.37
N ASN B 797 -67.26 7.56 -24.75
CA ASN B 797 -67.57 7.29 -23.34
C ASN B 797 -66.74 8.17 -22.41
N PHE B 798 -65.42 8.03 -22.45
CA PHE B 798 -64.45 8.82 -21.68
C PHE B 798 -64.48 8.52 -20.18
N SER B 799 -65.35 7.64 -19.70
CA SER B 799 -65.46 7.43 -18.26
C SER B 799 -64.20 6.80 -17.67
N GLN B 800 -63.41 6.10 -18.46
CA GLN B 800 -62.23 5.42 -17.96
C GLN B 800 -61.05 6.35 -17.75
N ILE B 801 -61.09 7.57 -18.26
CA ILE B 801 -59.97 8.50 -18.09
C ILE B 801 -60.33 9.72 -17.26
N LEU B 802 -61.61 10.03 -17.10
CA LEU B 802 -62.03 11.19 -16.33
C LEU B 802 -62.07 10.87 -14.84
N PRO B 803 -61.99 11.89 -13.98
CA PRO B 803 -62.06 11.64 -12.54
C PRO B 803 -63.39 11.01 -12.14
N ASP B 804 -63.33 10.15 -11.13
CA ASP B 804 -64.52 9.48 -10.60
C ASP B 804 -64.79 9.99 -9.20
N PRO B 805 -65.79 10.85 -9.00
CA PRO B 805 -66.07 11.42 -7.68
C PRO B 805 -66.81 10.47 -6.75
N SER B 806 -66.26 9.25 -6.61
CA SER B 806 -66.83 8.27 -5.71
C SER B 806 -65.76 7.50 -4.95
N LYS B 807 -64.55 8.06 -4.84
CA LYS B 807 -63.46 7.40 -4.13
C LYS B 807 -62.45 8.46 -3.74
N PRO B 808 -61.65 8.23 -2.71
CA PRO B 808 -60.68 9.23 -2.28
C PRO B 808 -59.57 9.43 -3.32
N SER B 809 -58.91 10.57 -3.19
CA SER B 809 -57.76 10.99 -4.00
C SER B 809 -58.17 11.42 -5.40
N LYS B 810 -59.46 11.27 -5.70
CA LYS B 810 -60.02 11.77 -6.98
C LYS B 810 -59.09 11.49 -8.15
N ARG B 811 -58.93 10.22 -8.49
CA ARG B 811 -58.13 9.84 -9.67
C ARG B 811 -59.10 9.21 -10.66
N SER B 812 -58.60 8.47 -11.63
CA SER B 812 -59.44 7.84 -12.67
C SER B 812 -59.08 6.36 -12.73
N PRO B 813 -59.94 5.46 -13.19
CA PRO B 813 -59.66 4.02 -13.12
C PRO B 813 -58.32 3.60 -13.69
N ILE B 814 -57.95 4.12 -14.86
CA ILE B 814 -56.63 3.80 -15.42
C ILE B 814 -55.54 4.37 -14.52
N GLU B 815 -55.75 5.57 -13.97
CA GLU B 815 -54.79 6.13 -13.04
C GLU B 815 -54.66 5.27 -11.79
N ASP B 816 -55.79 4.74 -11.29
CA ASP B 816 -55.74 3.86 -10.14
C ASP B 816 -54.94 2.60 -10.44
N LEU B 817 -55.15 2.01 -11.62
CA LEU B 817 -54.38 0.84 -12.00
C LEU B 817 -52.90 1.15 -12.08
N LEU B 818 -52.55 2.31 -12.66
CA LEU B 818 -51.14 2.69 -12.74
C LEU B 818 -50.54 2.87 -11.35
N PHE B 819 -51.29 3.51 -10.44
CA PHE B 819 -50.81 3.72 -9.09
C PHE B 819 -50.77 2.46 -8.26
N ASN B 820 -51.49 1.41 -8.68
CA ASN B 820 -51.53 0.16 -7.94
C ASN B 820 -50.63 -0.92 -8.53
N LYS B 821 -49.77 -0.56 -9.49
CA LYS B 821 -48.82 -1.51 -10.05
C LYS B 821 -47.37 -1.10 -9.91
N VAL B 822 -47.09 0.18 -9.68
CA VAL B 822 -45.73 0.67 -9.51
C VAL B 822 -45.47 0.81 -8.02
N THR B 823 -44.42 0.15 -7.53
CA THR B 823 -44.08 0.21 -6.11
C THR B 823 -42.69 0.79 -5.92
N PHE B 851 -29.80 4.88 6.31
CA PHE B 851 -30.36 6.00 7.05
C PHE B 851 -29.38 6.49 8.11
N ASN B 852 -28.08 6.36 7.81
CA ASN B 852 -27.06 6.87 8.71
C ASN B 852 -26.98 8.39 8.68
N GLY B 853 -27.02 8.98 7.49
CA GLY B 853 -27.05 10.42 7.36
C GLY B 853 -27.88 10.88 6.18
N LEU B 854 -28.59 9.94 5.55
CA LEU B 854 -29.35 10.25 4.35
C LEU B 854 -30.75 10.75 4.70
N THR B 855 -31.32 11.51 3.77
CA THR B 855 -32.68 12.00 3.92
C THR B 855 -33.33 12.07 2.55
N VAL B 856 -34.60 11.68 2.48
CA VAL B 856 -35.38 11.74 1.24
C VAL B 856 -36.41 12.85 1.39
N LEU B 857 -36.36 13.82 0.51
CA LEU B 857 -37.24 14.97 0.61
C LEU B 857 -38.49 14.78 -0.24
N PRO B 858 -39.62 15.31 0.19
CA PRO B 858 -40.87 15.11 -0.53
C PRO B 858 -41.01 16.12 -1.66
N PRO B 859 -41.77 15.78 -2.71
CA PRO B 859 -41.98 16.72 -3.80
C PRO B 859 -42.79 17.92 -3.37
N LEU B 860 -42.56 19.06 -4.05
CA LEU B 860 -43.35 20.25 -3.78
C LEU B 860 -44.80 20.06 -4.18
N LEU B 861 -45.03 19.42 -5.32
CA LEU B 861 -46.39 19.17 -5.81
C LEU B 861 -46.80 17.77 -5.41
N THR B 862 -47.93 17.66 -4.72
CA THR B 862 -48.42 16.37 -4.27
C THR B 862 -49.11 15.64 -5.43
N ASP B 863 -49.47 14.38 -5.17
CA ASP B 863 -50.08 13.56 -6.22
C ASP B 863 -51.45 14.10 -6.63
N GLU B 864 -52.23 14.57 -5.67
CA GLU B 864 -53.56 15.08 -5.98
C GLU B 864 -53.49 16.32 -6.87
N MET B 865 -52.46 17.16 -6.70
CA MET B 865 -52.33 18.32 -7.56
C MET B 865 -52.00 17.92 -9.00
N ILE B 866 -51.18 16.88 -9.17
CA ILE B 866 -50.93 16.37 -10.50
C ILE B 866 -52.21 15.79 -11.09
N ALA B 867 -53.03 15.16 -10.27
CA ALA B 867 -54.32 14.69 -10.73
C ALA B 867 -55.19 15.85 -11.20
N GLN B 868 -55.15 16.97 -10.47
CA GLN B 868 -55.96 18.13 -10.86
C GLN B 868 -55.48 18.73 -12.18
N TYR B 869 -54.16 18.85 -12.36
CA TYR B 869 -53.63 19.27 -13.66
C TYR B 869 -54.08 18.35 -14.78
N THR B 870 -53.99 17.03 -14.57
CA THR B 870 -54.37 16.10 -15.62
C THR B 870 -55.85 16.24 -15.94
N SER B 871 -56.69 16.40 -14.92
CA SER B 871 -58.12 16.58 -15.15
C SER B 871 -58.40 17.86 -15.92
N ALA B 872 -57.69 18.95 -15.59
CA ALA B 872 -57.90 20.20 -16.30
C ALA B 872 -57.50 20.08 -17.77
N LEU B 873 -56.37 19.43 -18.03
CA LEU B 873 -55.95 19.22 -19.41
C LEU B 873 -56.98 18.40 -20.18
N LEU B 874 -57.47 17.33 -19.57
CA LEU B 874 -58.46 16.49 -20.23
C LEU B 874 -59.76 17.24 -20.49
N ALA B 875 -60.20 18.05 -19.52
CA ALA B 875 -61.43 18.81 -19.69
C ALA B 875 -61.30 19.83 -20.81
N GLY B 876 -60.16 20.53 -20.85
CA GLY B 876 -59.94 21.45 -21.94
C GLY B 876 -59.90 20.76 -23.30
N THR B 877 -59.28 19.59 -23.36
CA THR B 877 -59.22 18.86 -24.62
C THR B 877 -60.61 18.42 -25.07
N ILE B 878 -61.42 17.91 -24.16
CA ILE B 878 -62.69 17.32 -24.56
C ILE B 878 -63.83 18.32 -24.67
N THR B 879 -63.68 19.52 -24.12
CA THR B 879 -64.73 20.53 -24.22
C THR B 879 -64.36 21.72 -25.09
N SER B 880 -63.09 21.95 -25.35
CA SER B 880 -62.65 23.09 -26.13
C SER B 880 -61.84 22.72 -27.35
N GLY B 881 -60.97 21.72 -27.24
CA GLY B 881 -60.15 21.32 -28.37
C GLY B 881 -58.71 21.75 -28.21
N TRP B 882 -58.12 22.24 -29.28
CA TRP B 882 -56.76 22.75 -29.27
C TRP B 882 -56.71 24.27 -29.04
N THR B 883 -57.87 24.89 -28.85
CA THR B 883 -57.93 26.35 -28.71
C THR B 883 -57.42 26.84 -27.37
N PHE B 884 -57.44 26.01 -26.34
CA PHE B 884 -57.02 26.48 -25.02
C PHE B 884 -55.51 26.46 -24.84
N GLY B 885 -54.77 25.87 -25.76
CA GLY B 885 -53.33 25.96 -25.72
C GLY B 885 -52.77 27.15 -26.46
N ALA B 886 -53.63 27.94 -27.11
CA ALA B 886 -53.21 29.10 -27.89
C ALA B 886 -54.00 30.34 -27.50
N GLY B 887 -54.45 30.40 -26.25
CA GLY B 887 -55.20 31.54 -25.78
C GLY B 887 -56.44 31.13 -25.00
N PRO B 888 -57.50 31.92 -25.13
CA PRO B 888 -58.74 31.60 -24.42
C PRO B 888 -59.38 30.34 -24.95
N ALA B 889 -60.12 29.67 -24.08
CA ALA B 889 -60.76 28.40 -24.41
C ALA B 889 -62.06 28.66 -25.15
N LEU B 890 -62.20 28.12 -26.35
CA LEU B 890 -63.39 28.24 -27.15
C LEU B 890 -64.14 26.92 -27.16
N GLN B 891 -65.44 26.99 -26.86
CA GLN B 891 -66.27 25.81 -26.76
C GLN B 891 -66.64 25.28 -28.14
N ILE B 892 -66.69 23.96 -28.26
CA ILE B 892 -67.01 23.31 -29.53
C ILE B 892 -67.54 21.90 -29.26
N PRO B 893 -68.55 21.45 -29.99
CA PRO B 893 -69.03 20.07 -29.84
C PRO B 893 -67.95 19.07 -30.24
N PHE B 894 -67.97 17.91 -29.58
CA PHE B 894 -66.93 16.91 -29.82
C PHE B 894 -66.94 16.35 -31.23
N PRO B 895 -68.09 15.95 -31.80
CA PRO B 895 -68.04 15.47 -33.20
C PRO B 895 -67.48 16.49 -34.17
N MET B 896 -67.75 17.77 -33.98
CA MET B 896 -67.14 18.77 -34.85
C MET B 896 -65.63 18.83 -34.64
N GLN B 897 -65.18 18.65 -33.40
CA GLN B 897 -63.75 18.63 -33.13
C GLN B 897 -63.08 17.47 -33.84
N MET B 898 -63.71 16.29 -33.82
CA MET B 898 -63.12 15.16 -34.53
C MET B 898 -63.26 15.28 -36.03
N ALA B 899 -64.26 16.01 -36.52
CA ALA B 899 -64.30 16.32 -37.95
C ALA B 899 -63.11 17.18 -38.35
N TYR B 900 -62.78 18.17 -37.52
CA TYR B 900 -61.57 18.96 -37.75
C TYR B 900 -60.33 18.08 -37.70
N ARG B 901 -60.27 17.16 -36.74
CA ARG B 901 -59.12 16.25 -36.66
C ARG B 901 -59.00 15.41 -37.92
N PHE B 902 -60.13 14.89 -38.43
CA PHE B 902 -60.11 14.11 -39.65
C PHE B 902 -59.66 14.94 -40.83
N ASN B 903 -60.09 16.19 -40.91
CA ASN B 903 -59.69 17.05 -42.01
C ASN B 903 -58.18 17.31 -41.99
N GLY B 904 -57.55 17.20 -40.83
CA GLY B 904 -56.13 17.44 -40.71
C GLY B 904 -55.23 16.31 -41.11
N ILE B 905 -55.77 15.14 -41.44
CA ILE B 905 -55.00 14.02 -41.95
C ILE B 905 -55.30 13.71 -43.39
N GLY B 906 -56.18 14.47 -44.03
CA GLY B 906 -56.46 14.32 -45.45
C GLY B 906 -57.82 13.75 -45.77
N VAL B 907 -58.58 13.32 -44.77
CA VAL B 907 -59.88 12.70 -45.00
C VAL B 907 -60.96 13.74 -44.80
N THR B 908 -61.90 13.80 -45.73
CA THR B 908 -62.95 14.81 -45.71
C THR B 908 -63.87 14.62 -44.51
N GLN B 909 -64.81 15.56 -44.35
CA GLN B 909 -65.70 15.56 -43.20
C GLN B 909 -66.87 14.60 -43.35
N ASN B 910 -67.15 14.13 -44.57
CA ASN B 910 -68.30 13.26 -44.77
C ASN B 910 -68.14 11.97 -43.98
N VAL B 911 -66.92 11.46 -43.89
CA VAL B 911 -66.68 10.14 -43.33
C VAL B 911 -67.12 10.07 -41.87
N LEU B 912 -66.74 11.07 -41.08
CA LEU B 912 -67.07 11.03 -39.65
C LEU B 912 -68.57 11.15 -39.43
N TYR B 913 -69.22 12.10 -40.09
CA TYR B 913 -70.65 12.29 -39.87
C TYR B 913 -71.45 11.11 -40.40
N GLU B 914 -70.91 10.37 -41.36
CA GLU B 914 -71.62 9.23 -41.90
C GLU B 914 -71.24 7.91 -41.24
N ASN B 915 -70.22 7.89 -40.40
CA ASN B 915 -69.85 6.68 -39.67
C ASN B 915 -69.63 6.95 -38.20
N GLN B 916 -70.34 7.94 -37.65
CA GLN B 916 -70.19 8.30 -36.24
C GLN B 916 -70.40 7.12 -35.30
N LYS B 917 -71.46 6.33 -35.52
CA LYS B 917 -71.76 5.24 -34.60
C LYS B 917 -70.64 4.21 -34.60
N LEU B 918 -70.17 3.83 -35.79
CA LEU B 918 -69.07 2.88 -35.89
C LEU B 918 -67.81 3.43 -35.25
N ILE B 919 -67.49 4.70 -35.48
CA ILE B 919 -66.27 5.27 -34.94
C ILE B 919 -66.34 5.32 -33.42
N ALA B 920 -67.50 5.70 -32.88
CA ALA B 920 -67.66 5.74 -31.43
C ALA B 920 -67.52 4.35 -30.82
N ASN B 921 -68.10 3.34 -31.46
CA ASN B 921 -67.97 1.98 -30.95
C ASN B 921 -66.50 1.53 -30.98
N GLN B 922 -65.78 1.84 -32.05
CA GLN B 922 -64.39 1.46 -32.14
C GLN B 922 -63.57 2.13 -31.04
N PHE B 923 -63.82 3.43 -30.80
CA PHE B 923 -63.09 4.13 -29.75
C PHE B 923 -63.38 3.55 -28.38
N ASN B 924 -64.65 3.25 -28.10
CA ASN B 924 -65.01 2.67 -26.81
C ASN B 924 -64.35 1.32 -26.61
N SER B 925 -64.35 0.46 -27.64
CA SER B 925 -63.72 -0.85 -27.51
C SER B 925 -62.21 -0.72 -27.29
N ALA B 926 -61.57 0.21 -27.99
CA ALA B 926 -60.13 0.39 -27.81
C ALA B 926 -59.81 0.84 -26.38
N ILE B 927 -60.56 1.81 -25.88
CA ILE B 927 -60.31 2.28 -24.51
C ILE B 927 -60.59 1.16 -23.52
N GLY B 928 -61.59 0.32 -23.79
CA GLY B 928 -61.84 -0.82 -22.93
C GLY B 928 -60.68 -1.80 -22.90
N LYS B 929 -60.13 -2.12 -24.08
CA LYS B 929 -59.01 -3.05 -24.14
C LYS B 929 -57.75 -2.50 -23.50
N ILE B 930 -57.60 -1.18 -23.44
CA ILE B 930 -56.38 -0.61 -22.86
C ILE B 930 -56.19 -1.04 -21.42
N GLN B 931 -57.27 -1.04 -20.63
CA GLN B 931 -57.17 -1.39 -19.21
C GLN B 931 -56.70 -2.83 -19.04
N ASP B 932 -57.29 -3.76 -19.79
CA ASP B 932 -56.88 -5.16 -19.70
C ASP B 932 -55.45 -5.34 -20.16
N SER B 933 -55.04 -4.64 -21.23
CA SER B 933 -53.67 -4.77 -21.71
C SER B 933 -52.68 -4.29 -20.67
N LEU B 934 -52.99 -3.19 -19.98
CA LEU B 934 -52.11 -2.72 -18.93
C LEU B 934 -52.10 -3.66 -17.73
N PHE B 935 -53.27 -4.20 -17.37
CA PHE B 935 -53.37 -5.01 -16.15
C PHE B 935 -52.70 -6.37 -16.32
N SER B 936 -52.94 -7.05 -17.44
CA SER B 936 -52.47 -8.42 -17.61
C SER B 936 -50.95 -8.49 -17.62
N THR B 937 -50.32 -7.65 -18.44
CA THR B 937 -48.86 -7.72 -18.59
C THR B 937 -48.18 -7.14 -17.35
N PRO B 938 -47.34 -7.91 -16.66
CA PRO B 938 -46.66 -7.34 -15.48
C PRO B 938 -45.55 -6.37 -15.83
N SER B 939 -44.73 -6.69 -16.83
CA SER B 939 -43.57 -5.88 -17.19
C SER B 939 -43.93 -4.80 -18.22
N ALA B 940 -44.96 -4.02 -17.92
CA ALA B 940 -45.36 -2.92 -18.78
C ALA B 940 -44.75 -1.60 -18.31
N LEU B 941 -45.01 -1.22 -17.06
CA LEU B 941 -44.43 -0.02 -16.48
C LEU B 941 -43.04 -0.35 -15.94
N GLY B 942 -42.14 -0.65 -16.86
CA GLY B 942 -40.81 -1.09 -16.50
C GLY B 942 -39.82 0.04 -16.41
N LYS B 943 -39.83 0.94 -17.39
CA LYS B 943 -38.92 2.07 -17.35
C LYS B 943 -39.19 2.98 -16.16
N LEU B 944 -40.42 2.97 -15.64
CA LEU B 944 -40.71 3.68 -14.40
C LEU B 944 -40.20 2.94 -13.17
N GLN B 945 -40.19 1.61 -13.21
CA GLN B 945 -39.67 0.84 -12.08
C GLN B 945 -38.15 0.90 -12.01
N ASP B 946 -37.49 1.03 -13.15
CA ASP B 946 -36.04 1.05 -13.16
C ASP B 946 -35.48 2.24 -12.39
N VAL B 947 -36.17 3.38 -12.45
CA VAL B 947 -35.69 4.57 -11.73
C VAL B 947 -35.68 4.31 -10.23
N VAL B 948 -36.79 3.78 -9.71
CA VAL B 948 -36.89 3.49 -8.28
C VAL B 948 -35.85 2.46 -7.88
N ASN B 949 -35.70 1.41 -8.70
CA ASN B 949 -34.73 0.37 -8.36
C ASN B 949 -33.31 0.92 -8.33
N HIS B 950 -32.96 1.77 -9.30
CA HIS B 950 -31.61 2.31 -9.35
C HIS B 950 -31.35 3.23 -8.15
N ASN B 951 -32.32 4.06 -7.78
CA ASN B 951 -32.13 4.92 -6.63
C ASN B 951 -31.98 4.10 -5.34
N ALA B 952 -32.81 3.06 -5.18
CA ALA B 952 -32.68 2.20 -4.01
C ALA B 952 -31.33 1.50 -3.99
N GLN B 953 -30.85 1.04 -5.13
CA GLN B 953 -29.56 0.36 -5.18
C GLN B 953 -28.43 1.32 -4.84
N ALA B 954 -28.51 2.56 -5.32
CA ALA B 954 -27.48 3.54 -5.00
C ALA B 954 -27.43 3.78 -3.50
N LEU B 955 -28.58 3.99 -2.88
CA LEU B 955 -28.60 4.21 -1.44
C LEU B 955 -28.10 2.98 -0.69
N ASN B 956 -28.49 1.79 -1.13
CA ASN B 956 -28.11 0.57 -0.43
C ASN B 956 -26.61 0.32 -0.52
N THR B 957 -26.01 0.55 -1.68
CA THR B 957 -24.56 0.41 -1.77
C THR B 957 -23.85 1.45 -0.93
N LEU B 958 -24.38 2.68 -0.91
CA LEU B 958 -23.77 3.72 -0.11
C LEU B 958 -23.76 3.34 1.36
N VAL B 959 -24.86 2.79 1.85
CA VAL B 959 -24.90 2.41 3.26
C VAL B 959 -24.20 1.09 3.53
N LYS B 960 -24.00 0.26 2.51
CA LYS B 960 -23.26 -0.98 2.68
C LYS B 960 -21.76 -0.73 2.74
N GLN B 961 -21.26 0.25 2.00
CA GLN B 961 -19.83 0.55 2.05
C GLN B 961 -19.40 1.18 3.36
N LEU B 962 -20.36 1.56 4.22
CA LEU B 962 -19.99 2.07 5.53
C LEU B 962 -19.40 0.99 6.41
N SER B 963 -19.68 -0.28 6.11
CA SER B 963 -19.12 -1.41 6.83
C SER B 963 -17.77 -1.86 6.29
N SER B 964 -17.33 -1.30 5.16
CA SER B 964 -16.03 -1.65 4.63
C SER B 964 -14.92 -1.09 5.51
N LYS B 965 -13.81 -1.83 5.59
CA LYS B 965 -12.72 -1.46 6.45
C LYS B 965 -11.63 -0.65 5.76
N PHE B 966 -11.56 -0.72 4.43
CA PHE B 966 -10.65 0.11 3.63
C PHE B 966 -9.21 -0.02 4.10
N GLY B 967 -8.81 -1.23 4.48
CA GLY B 967 -7.45 -1.47 4.89
C GLY B 967 -7.07 -0.74 6.15
N ALA B 968 -7.95 -0.74 7.13
CA ALA B 968 -7.71 -0.17 8.44
C ALA B 968 -7.83 -1.26 9.49
N ILE B 969 -7.68 -0.87 10.75
CA ILE B 969 -7.76 -1.84 11.83
C ILE B 969 -9.17 -2.41 11.93
N SER B 970 -10.19 -1.56 11.85
CA SER B 970 -11.57 -2.00 11.93
C SER B 970 -12.45 -1.01 11.17
N SER B 971 -13.76 -1.17 11.28
CA SER B 971 -14.72 -0.33 10.56
C SER B 971 -15.54 0.54 11.48
N VAL B 972 -15.15 0.69 12.75
CA VAL B 972 -15.88 1.52 13.71
C VAL B 972 -14.90 2.50 14.35
N LEU B 973 -15.33 3.75 14.48
CA LEU B 973 -14.44 4.78 15.02
C LEU B 973 -14.20 4.59 16.51
N ASN B 974 -15.20 4.07 17.24
CA ASN B 974 -15.07 3.93 18.69
C ASN B 974 -13.95 2.99 19.06
N ASP B 975 -13.89 1.82 18.41
CA ASP B 975 -12.85 0.85 18.73
C ASP B 975 -11.46 1.36 18.34
N ILE B 976 -11.35 1.94 17.14
CA ILE B 976 -10.07 2.46 16.70
C ILE B 976 -9.58 3.54 17.67
N LEU B 977 -10.49 4.39 18.15
CA LEU B 977 -10.11 5.39 19.13
C LEU B 977 -9.67 4.73 20.42
N SER B 978 -10.50 3.85 20.98
CA SER B 978 -10.19 3.21 22.26
C SER B 978 -9.52 1.85 22.05
N ARG B 979 -8.49 1.79 21.22
CA ARG B 979 -7.60 0.63 21.24
C ARG B 979 -6.12 0.96 21.12
N LEU B 980 -5.72 2.17 20.74
CA LEU B 980 -4.32 2.42 20.40
C LEU B 980 -4.01 3.91 20.54
N ASP B 981 -2.79 4.27 20.14
CA ASP B 981 -2.21 5.59 20.39
C ASP B 981 -2.75 6.65 19.43
N PRO B 982 -2.65 7.91 19.80
CA PRO B 982 -3.15 9.00 18.95
C PRO B 982 -2.54 9.02 17.56
N PRO B 983 -1.22 8.75 17.38
CA PRO B 983 -0.67 8.79 16.01
C PRO B 983 -1.28 7.77 15.06
N GLU B 984 -1.24 6.50 15.45
CA GLU B 984 -1.87 5.48 14.61
C GLU B 984 -3.37 5.73 14.50
N ALA B 985 -3.98 6.34 15.52
CA ALA B 985 -5.37 6.73 15.41
C ALA B 985 -5.56 7.73 14.27
N GLU B 986 -4.67 8.71 14.19
CA GLU B 986 -4.72 9.67 13.09
C GLU B 986 -4.58 8.95 11.75
N VAL B 987 -3.67 7.99 11.67
CA VAL B 987 -3.46 7.27 10.41
C VAL B 987 -4.72 6.52 10.00
N GLN B 988 -5.31 5.77 10.93
CA GLN B 988 -6.49 4.97 10.60
C GLN B 988 -7.68 5.86 10.26
N ILE B 989 -7.87 6.96 11.00
CA ILE B 989 -8.97 7.86 10.69
C ILE B 989 -8.77 8.50 9.33
N ASP B 990 -7.52 8.83 8.98
CA ASP B 990 -7.26 9.37 7.65
C ASP B 990 -7.65 8.38 6.59
N ARG B 991 -7.31 7.11 6.79
CA ARG B 991 -7.68 6.08 5.81
C ARG B 991 -9.19 5.98 5.64
N LEU B 992 -9.91 5.89 6.76
CA LEU B 992 -11.37 5.76 6.68
C LEU B 992 -12.00 6.98 6.03
N ILE B 993 -11.51 8.18 6.37
CA ILE B 993 -12.05 9.41 5.80
C ILE B 993 -11.86 9.43 4.29
N THR B 994 -10.67 9.02 3.84
CA THR B 994 -10.44 8.97 2.39
C THR B 994 -11.41 8.02 1.71
N GLY B 995 -11.60 6.83 2.30
CA GLY B 995 -12.50 5.87 1.68
C GLY B 995 -13.92 6.40 1.57
N ARG B 996 -14.43 7.02 2.64
CA ARG B 996 -15.80 7.47 2.61
C ARG B 996 -15.99 8.69 1.72
N LEU B 997 -14.98 9.57 1.62
CA LEU B 997 -15.06 10.64 0.63
C LEU B 997 -15.13 10.06 -0.79
N GLN B 998 -14.36 9.02 -1.06
CA GLN B 998 -14.44 8.40 -2.39
C GLN B 998 -15.84 7.87 -2.66
N SER B 999 -16.46 7.23 -1.64
CA SER B 999 -17.81 6.71 -1.81
C SER B 999 -18.80 7.83 -2.12
N LEU B 1000 -18.73 8.93 -1.37
CA LEU B 1000 -19.64 10.04 -1.63
C LEU B 1000 -19.42 10.63 -3.02
N GLN B 1001 -18.17 10.78 -3.43
CA GLN B 1001 -17.90 11.33 -4.76
C GLN B 1001 -18.52 10.45 -5.85
N THR B 1002 -18.35 9.14 -5.73
CA THR B 1002 -18.92 8.24 -6.72
C THR B 1002 -20.44 8.38 -6.76
N TYR B 1003 -21.07 8.42 -5.59
CA TYR B 1003 -22.53 8.53 -5.54
C TYR B 1003 -23.01 9.81 -6.20
N VAL B 1004 -22.35 10.94 -5.91
CA VAL B 1004 -22.82 12.22 -6.43
C VAL B 1004 -22.63 12.29 -7.94
N THR B 1005 -21.50 11.78 -8.45
CA THR B 1005 -21.31 11.79 -9.91
C THR B 1005 -22.36 10.94 -10.61
N GLN B 1006 -22.65 9.75 -10.06
CA GLN B 1006 -23.66 8.91 -10.67
C GLN B 1006 -25.02 9.59 -10.66
N GLN B 1007 -25.35 10.26 -9.55
CA GLN B 1007 -26.62 10.97 -9.47
C GLN B 1007 -26.69 12.09 -10.50
N LEU B 1008 -25.59 12.80 -10.72
CA LEU B 1008 -25.60 13.86 -11.72
C LEU B 1008 -25.86 13.31 -13.12
N ILE B 1009 -25.21 12.19 -13.46
CA ILE B 1009 -25.41 11.63 -14.79
C ILE B 1009 -26.86 11.17 -14.98
N ARG B 1010 -27.40 10.48 -13.98
CA ARG B 1010 -28.78 10.02 -14.10
C ARG B 1010 -29.75 11.19 -14.14
N ALA B 1011 -29.46 12.26 -13.41
CA ALA B 1011 -30.32 13.45 -13.45
C ALA B 1011 -30.31 14.07 -14.83
N ALA B 1012 -29.15 14.09 -15.49
CA ALA B 1012 -29.10 14.60 -16.87
C ALA B 1012 -29.98 13.76 -17.78
N GLU B 1013 -29.90 12.44 -17.65
CA GLU B 1013 -30.73 11.59 -18.50
C GLU B 1013 -32.22 11.82 -18.25
N ILE B 1014 -32.61 11.92 -16.98
CA ILE B 1014 -34.02 12.14 -16.68
C ILE B 1014 -34.47 13.53 -17.12
N ARG B 1015 -33.57 14.53 -17.07
CA ARG B 1015 -33.91 15.85 -17.59
C ARG B 1015 -34.20 15.79 -19.08
N ALA B 1016 -33.39 15.05 -19.83
CA ALA B 1016 -33.67 14.87 -21.25
C ALA B 1016 -35.02 14.22 -21.47
N SER B 1017 -35.32 13.18 -20.70
CA SER B 1017 -36.61 12.51 -20.82
C SER B 1017 -37.76 13.45 -20.47
N ALA B 1018 -37.58 14.29 -19.46
CA ALA B 1018 -38.62 15.23 -19.05
C ALA B 1018 -38.88 16.28 -20.12
N ASN B 1019 -37.81 16.79 -20.76
CA ASN B 1019 -38.01 17.73 -21.86
C ASN B 1019 -38.76 17.07 -23.00
N LEU B 1020 -38.44 15.82 -23.30
CA LEU B 1020 -39.20 15.11 -24.34
C LEU B 1020 -40.66 14.98 -23.96
N ALA B 1021 -40.94 14.67 -22.69
CA ALA B 1021 -42.32 14.55 -22.25
C ALA B 1021 -43.06 15.87 -22.37
N ALA B 1022 -42.40 16.97 -22.01
CA ALA B 1022 -43.02 18.29 -22.14
C ALA B 1022 -43.34 18.60 -23.59
N THR B 1023 -42.42 18.28 -24.50
CA THR B 1023 -42.68 18.52 -25.92
C THR B 1023 -43.86 17.69 -26.41
N LYS B 1024 -43.93 16.42 -25.99
CA LYS B 1024 -45.06 15.58 -26.39
C LYS B 1024 -46.37 16.13 -25.84
N MET B 1025 -46.37 16.61 -24.61
CA MET B 1025 -47.58 17.20 -24.05
C MET B 1025 -48.00 18.43 -24.82
N SER B 1026 -47.04 19.27 -25.22
CA SER B 1026 -47.38 20.50 -25.91
C SER B 1026 -47.86 20.24 -27.33
N GLU B 1027 -47.34 19.20 -28.00
CA GLU B 1027 -47.64 19.01 -29.41
C GLU B 1027 -48.73 17.97 -29.68
N CYS B 1028 -48.91 16.98 -28.83
CA CYS B 1028 -49.93 15.96 -29.07
C CYS B 1028 -51.21 16.17 -28.28
N VAL B 1029 -51.16 16.85 -27.15
CA VAL B 1029 -52.33 17.06 -26.30
C VAL B 1029 -52.95 18.43 -26.54
N LEU B 1030 -52.13 19.47 -26.67
CA LEU B 1030 -52.63 20.81 -26.93
C LEU B 1030 -52.82 21.09 -28.41
N GLY B 1031 -52.56 20.10 -29.27
CA GLY B 1031 -52.73 20.30 -30.69
C GLY B 1031 -52.65 18.99 -31.43
N GLN B 1032 -52.57 19.09 -32.76
CA GLN B 1032 -52.43 17.95 -33.62
C GLN B 1032 -51.08 17.99 -34.31
N SER B 1033 -50.40 16.85 -34.38
CA SER B 1033 -49.05 16.78 -34.91
C SER B 1033 -49.06 16.08 -36.26
N LYS B 1034 -48.37 16.68 -37.24
CA LYS B 1034 -48.17 16.07 -38.54
C LYS B 1034 -46.86 15.30 -38.62
N ARG B 1035 -46.02 15.37 -37.59
CA ARG B 1035 -44.79 14.59 -37.58
C ARG B 1035 -45.10 13.11 -37.54
N VAL B 1036 -44.40 12.33 -38.37
CA VAL B 1036 -44.70 10.92 -38.52
C VAL B 1036 -44.16 10.13 -37.33
N ASP B 1037 -45.02 9.29 -36.74
CA ASP B 1037 -44.65 8.39 -35.66
C ASP B 1037 -44.08 9.13 -34.46
N PHE B 1038 -44.58 10.33 -34.19
CA PHE B 1038 -44.23 11.08 -32.99
C PHE B 1038 -45.28 10.94 -31.90
N CYS B 1039 -46.55 11.12 -32.25
CA CYS B 1039 -47.67 10.94 -31.32
C CYS B 1039 -48.44 9.68 -31.65
N GLY B 1040 -47.73 8.60 -32.00
CA GLY B 1040 -48.37 7.32 -32.19
C GLY B 1040 -48.16 6.71 -33.55
N LYS B 1041 -48.38 5.40 -33.65
CA LYS B 1041 -48.24 4.69 -34.92
C LYS B 1041 -49.49 4.92 -35.76
N GLY B 1042 -49.33 5.55 -36.91
CA GLY B 1042 -50.43 5.92 -37.76
C GLY B 1042 -50.68 7.42 -37.74
N TYR B 1043 -51.65 7.83 -38.52
CA TYR B 1043 -52.03 9.23 -38.55
C TYR B 1043 -52.66 9.64 -37.23
N HIS B 1044 -52.33 10.84 -36.78
CA HIS B 1044 -52.67 11.28 -35.43
C HIS B 1044 -54.04 11.92 -35.37
N LEU B 1045 -54.80 11.57 -34.33
CA LEU B 1045 -56.07 12.21 -34.04
C LEU B 1045 -56.07 12.92 -32.69
N MET B 1046 -55.74 12.22 -31.60
CA MET B 1046 -55.79 12.82 -30.28
C MET B 1046 -54.74 12.21 -29.37
N SER B 1047 -54.57 12.82 -28.20
CA SER B 1047 -53.72 12.28 -27.16
C SER B 1047 -54.25 12.73 -25.80
N PHE B 1048 -54.30 11.79 -24.84
CA PHE B 1048 -54.75 12.07 -23.50
C PHE B 1048 -53.66 11.73 -22.48
N PRO B 1049 -53.43 12.59 -21.50
CA PRO B 1049 -52.41 12.30 -20.49
C PRO B 1049 -52.98 11.63 -19.25
N GLN B 1050 -52.11 10.89 -18.56
CA GLN B 1050 -52.43 10.30 -17.28
C GLN B 1050 -51.20 10.35 -16.39
N SER B 1051 -51.40 10.64 -15.11
CA SER B 1051 -50.31 10.68 -14.16
C SER B 1051 -49.90 9.28 -13.77
N ALA B 1052 -48.66 9.16 -13.29
CA ALA B 1052 -48.15 7.90 -12.77
C ALA B 1052 -47.01 8.21 -11.84
N PRO B 1053 -46.70 7.33 -10.90
CA PRO B 1053 -45.61 7.62 -9.96
C PRO B 1053 -44.32 7.93 -10.68
N HIS B 1054 -43.88 9.18 -10.57
CA HIS B 1054 -42.64 9.67 -11.18
C HIS B 1054 -42.69 9.66 -12.71
N GLY B 1055 -43.86 9.85 -13.32
CA GLY B 1055 -43.90 9.88 -14.76
C GLY B 1055 -45.29 10.09 -15.31
N VAL B 1056 -45.36 10.02 -16.63
CA VAL B 1056 -46.60 10.26 -17.36
C VAL B 1056 -46.84 9.13 -18.35
N VAL B 1057 -48.11 8.90 -18.65
CA VAL B 1057 -48.54 7.91 -19.63
C VAL B 1057 -49.46 8.62 -20.63
N PHE B 1058 -49.08 8.58 -21.89
CA PHE B 1058 -49.87 9.17 -22.96
C PHE B 1058 -50.65 8.07 -23.68
N LEU B 1059 -51.96 8.30 -23.84
CA LEU B 1059 -52.80 7.45 -24.67
C LEU B 1059 -52.99 8.17 -26.00
N HIS B 1060 -52.43 7.59 -27.06
CA HIS B 1060 -52.47 8.18 -28.40
C HIS B 1060 -53.57 7.52 -29.20
N VAL B 1061 -54.48 8.32 -29.75
CA VAL B 1061 -55.57 7.85 -30.57
C VAL B 1061 -55.25 8.20 -32.02
N THR B 1062 -55.11 7.16 -32.85
CA THR B 1062 -54.59 7.26 -34.20
C THR B 1062 -55.50 6.54 -35.19
N TYR B 1063 -55.27 6.82 -36.47
CA TYR B 1063 -56.07 6.37 -37.58
C TYR B 1063 -55.24 5.45 -38.46
N VAL B 1064 -55.73 4.23 -38.73
CA VAL B 1064 -55.00 3.25 -39.51
C VAL B 1064 -55.89 2.74 -40.63
N PRO B 1065 -55.53 2.93 -41.90
CA PRO B 1065 -56.36 2.42 -43.00
C PRO B 1065 -56.30 0.90 -43.09
N ALA B 1066 -57.32 0.33 -43.72
CA ALA B 1066 -57.43 -1.11 -43.83
C ALA B 1066 -58.37 -1.45 -44.98
N GLN B 1067 -58.31 -2.72 -45.39
CA GLN B 1067 -59.14 -3.28 -46.47
C GLN B 1067 -58.88 -2.54 -47.78
N GLU B 1068 -57.65 -2.72 -48.28
CA GLU B 1068 -57.23 -2.08 -49.52
C GLU B 1068 -57.83 -2.77 -50.74
N LYS B 1069 -57.80 -2.06 -51.86
CA LYS B 1069 -58.31 -2.59 -53.12
C LYS B 1069 -57.47 -2.05 -54.26
N ASN B 1070 -57.29 -2.89 -55.27
CA ASN B 1070 -56.42 -2.55 -56.42
C ASN B 1070 -57.19 -1.80 -57.48
N PHE B 1071 -56.55 -0.90 -58.22
CA PHE B 1071 -57.14 -0.08 -59.27
C PHE B 1071 -56.07 0.27 -60.30
N THR B 1072 -56.53 0.76 -61.44
CA THR B 1072 -55.66 1.24 -62.51
C THR B 1072 -55.67 2.77 -62.52
N THR B 1073 -54.50 3.38 -62.61
CA THR B 1073 -54.34 4.81 -62.49
C THR B 1073 -53.86 5.43 -63.81
N ALA B 1074 -53.89 6.76 -63.85
CA ALA B 1074 -53.43 7.54 -64.99
C ALA B 1074 -53.17 8.97 -64.56
N PRO B 1075 -51.96 9.51 -64.81
CA PRO B 1075 -51.64 10.88 -64.34
C PRO B 1075 -52.60 11.96 -64.83
N ALA B 1076 -53.06 11.89 -66.07
CA ALA B 1076 -53.90 12.93 -66.62
C ALA B 1076 -54.88 12.33 -67.62
N ILE B 1077 -55.86 13.14 -68.00
CA ILE B 1077 -56.88 12.74 -68.97
C ILE B 1077 -57.01 13.83 -70.01
N CYS B 1078 -57.05 13.44 -71.28
CA CYS B 1078 -57.19 14.37 -72.39
C CYS B 1078 -58.61 14.26 -72.95
N HIS B 1079 -59.34 15.36 -72.94
CA HIS B 1079 -60.71 15.39 -73.45
C HIS B 1079 -60.80 16.03 -74.83
N ASP B 1080 -60.41 17.29 -74.94
CA ASP B 1080 -60.54 18.07 -76.16
C ASP B 1080 -59.19 18.66 -76.55
N GLY B 1081 -58.15 17.84 -76.51
CA GLY B 1081 -56.81 18.28 -76.82
C GLY B 1081 -56.06 18.91 -75.68
N LYS B 1082 -56.65 19.02 -74.50
CA LYS B 1082 -55.99 19.62 -73.36
C LYS B 1082 -56.05 18.69 -72.15
N ALA B 1083 -54.95 18.65 -71.41
CA ALA B 1083 -54.79 17.70 -70.31
C ALA B 1083 -55.49 18.21 -69.07
N HIS B 1084 -56.13 17.29 -68.34
CA HIS B 1084 -56.79 17.59 -67.08
C HIS B 1084 -56.12 16.84 -65.95
N PHE B 1085 -55.83 17.54 -64.86
CA PHE B 1085 -55.22 17.00 -63.68
C PHE B 1085 -56.18 17.15 -62.50
N PRO B 1086 -56.15 16.24 -61.53
CA PRO B 1086 -57.05 16.34 -60.40
C PRO B 1086 -56.66 17.48 -59.47
N ARG B 1087 -57.63 17.91 -58.66
CA ARG B 1087 -57.39 18.97 -57.69
C ARG B 1087 -57.00 18.44 -56.33
N GLU B 1088 -57.67 17.40 -55.84
CA GLU B 1088 -57.36 16.87 -54.52
C GLU B 1088 -57.29 15.35 -54.47
N GLY B 1089 -57.54 14.64 -55.56
CA GLY B 1089 -57.54 13.19 -55.52
C GLY B 1089 -56.71 12.53 -56.61
N VAL B 1090 -56.99 11.26 -56.87
CA VAL B 1090 -56.28 10.48 -57.87
C VAL B 1090 -57.30 9.87 -58.82
N PHE B 1091 -56.87 9.60 -60.05
CA PHE B 1091 -57.71 9.00 -61.05
C PHE B 1091 -57.63 7.49 -60.97
N VAL B 1092 -58.78 6.83 -60.88
CA VAL B 1092 -58.85 5.37 -60.77
C VAL B 1092 -59.87 4.87 -61.79
N SER B 1093 -59.79 3.56 -62.06
CA SER B 1093 -60.74 2.91 -62.96
C SER B 1093 -60.83 1.45 -62.59
N ASN B 1094 -62.08 0.95 -62.58
CA ASN B 1094 -62.33 -0.46 -62.17
C ASN B 1094 -62.33 -1.37 -63.38
N GLY B 1095 -62.03 -0.85 -64.55
CA GLY B 1095 -61.97 -1.68 -65.74
C GLY B 1095 -62.76 -1.12 -66.91
N THR B 1096 -63.86 -0.44 -66.60
CA THR B 1096 -64.71 0.14 -67.63
C THR B 1096 -64.80 1.65 -67.55
N HIS B 1097 -65.13 2.20 -66.38
CA HIS B 1097 -65.33 3.63 -66.23
C HIS B 1097 -64.23 4.23 -65.36
N TRP B 1098 -64.10 5.55 -65.44
CA TRP B 1098 -63.07 6.29 -64.72
C TRP B 1098 -63.70 7.16 -63.66
N PHE B 1099 -63.06 7.22 -62.49
CA PHE B 1099 -63.51 8.01 -61.36
C PHE B 1099 -62.33 8.80 -60.80
N VAL B 1100 -62.66 9.85 -60.06
CA VAL B 1100 -61.68 10.63 -59.30
C VAL B 1100 -62.00 10.46 -57.82
N THR B 1101 -60.98 10.16 -57.03
CA THR B 1101 -61.19 9.80 -55.64
C THR B 1101 -60.20 10.53 -54.74
N GLN B 1102 -60.33 10.29 -53.44
CA GLN B 1102 -59.42 10.83 -52.45
C GLN B 1102 -58.16 9.97 -52.43
N ARG B 1103 -57.32 10.16 -51.41
CA ARG B 1103 -56.08 9.41 -51.30
C ARG B 1103 -55.99 8.54 -50.06
N ASN B 1104 -57.00 8.55 -49.19
CA ASN B 1104 -56.96 7.76 -47.97
C ASN B 1104 -58.26 7.01 -47.69
N PHE B 1105 -59.28 7.17 -48.53
CA PHE B 1105 -60.55 6.51 -48.31
C PHE B 1105 -61.32 6.51 -49.62
N TYR B 1106 -61.73 5.34 -50.08
CA TYR B 1106 -62.36 5.23 -51.39
C TYR B 1106 -63.72 5.92 -51.40
N GLU B 1107 -63.91 6.83 -52.35
CA GLU B 1107 -65.15 7.54 -52.53
C GLU B 1107 -65.20 8.05 -53.97
N PRO B 1108 -65.60 7.21 -54.93
CA PRO B 1108 -65.56 7.62 -56.33
C PRO B 1108 -66.51 8.76 -56.62
N GLN B 1109 -66.09 9.61 -57.55
CA GLN B 1109 -66.92 10.69 -58.06
C GLN B 1109 -66.68 10.84 -59.56
N ILE B 1110 -67.71 11.27 -60.26
CA ILE B 1110 -67.61 11.44 -61.71
C ILE B 1110 -66.73 12.63 -62.02
N ILE B 1111 -66.02 12.56 -63.14
CA ILE B 1111 -65.06 13.60 -63.50
C ILE B 1111 -65.80 14.76 -64.15
N THR B 1112 -65.70 15.94 -63.55
CA THR B 1112 -66.35 17.14 -64.06
C THR B 1112 -65.39 18.30 -63.96
N THR B 1113 -65.72 19.39 -64.66
CA THR B 1113 -64.83 20.54 -64.74
C THR B 1113 -64.61 21.23 -63.41
N ASP B 1114 -65.45 20.95 -62.41
CA ASP B 1114 -65.26 21.50 -61.07
C ASP B 1114 -64.46 20.58 -60.16
N ASN B 1115 -63.93 19.48 -60.69
CA ASN B 1115 -63.05 18.59 -59.96
C ASN B 1115 -61.64 18.51 -60.54
N THR B 1116 -61.42 19.01 -61.75
CA THR B 1116 -60.14 18.91 -62.43
C THR B 1116 -59.76 20.26 -63.02
N PHE B 1117 -58.46 20.49 -63.17
CA PHE B 1117 -57.95 21.71 -63.75
C PHE B 1117 -57.05 21.40 -64.94
N VAL B 1118 -57.05 22.31 -65.92
CA VAL B 1118 -56.42 22.09 -67.21
C VAL B 1118 -55.10 22.83 -67.27
N SER B 1119 -54.09 22.20 -67.89
CA SER B 1119 -52.79 22.84 -68.04
C SER B 1119 -52.08 22.19 -69.23
N GLY B 1120 -52.07 22.89 -70.37
CA GLY B 1120 -51.31 22.46 -71.52
C GLY B 1120 -52.05 21.49 -72.41
N ASN B 1121 -51.40 21.15 -73.53
CA ASN B 1121 -51.95 20.22 -74.51
C ASN B 1121 -51.69 18.79 -74.05
N CYS B 1122 -51.90 17.83 -74.94
CA CYS B 1122 -51.62 16.43 -74.63
C CYS B 1122 -50.59 15.90 -75.62
N ASP B 1123 -49.32 16.23 -75.38
CA ASP B 1123 -48.23 15.58 -76.10
C ASP B 1123 -46.99 15.40 -75.25
N VAL B 1124 -47.00 15.77 -73.97
CA VAL B 1124 -45.77 15.86 -73.19
C VAL B 1124 -45.84 14.92 -72.00
N VAL B 1125 -47.05 14.64 -71.52
CA VAL B 1125 -47.20 13.70 -70.42
C VAL B 1125 -47.12 12.27 -70.95
N ILE B 1126 -46.74 11.35 -70.08
CA ILE B 1126 -46.41 9.99 -70.51
C ILE B 1126 -47.63 9.09 -70.47
N GLY B 1127 -48.20 8.88 -69.29
CA GLY B 1127 -49.32 7.96 -69.16
C GLY B 1127 -50.68 8.63 -69.18
N ILE B 1128 -51.07 9.18 -70.32
CA ILE B 1128 -52.30 9.95 -70.43
C ILE B 1128 -53.36 9.10 -71.13
N VAL B 1129 -54.51 8.95 -70.49
CA VAL B 1129 -55.62 8.20 -71.05
C VAL B 1129 -56.63 9.19 -71.61
N ASN B 1130 -57.59 8.65 -72.35
CA ASN B 1130 -58.55 9.53 -73.07
C ASN B 1130 -59.99 9.19 -72.71
N ASN B 1131 -60.53 9.92 -71.75
CA ASN B 1131 -61.92 9.76 -71.36
C ASN B 1131 -62.63 11.11 -71.40
N THR B 1132 -63.84 11.18 -70.85
CA THR B 1132 -64.67 12.37 -70.93
C THR B 1132 -64.65 13.14 -69.62
N VAL B 1133 -64.72 14.47 -69.72
CA VAL B 1133 -64.84 15.36 -68.57
C VAL B 1133 -66.15 16.12 -68.74
N TYR B 1134 -67.17 15.71 -67.99
CA TYR B 1134 -68.48 16.31 -68.14
C TYR B 1134 -68.53 17.73 -67.57
N ASP B 1135 -69.46 18.52 -68.09
CA ASP B 1135 -69.63 19.90 -67.66
C ASP B 1135 -71.02 20.09 -67.09
N PRO B 1136 -71.17 20.35 -65.79
CA PRO B 1136 -72.49 20.50 -65.16
C PRO B 1136 -73.09 21.88 -65.44
N GLN C 27 -22.31 45.10 42.22
CA GLN C 27 -22.23 44.93 40.77
C GLN C 27 -23.58 44.57 40.19
N SER C 28 -23.69 44.60 38.86
CA SER C 28 -24.93 44.26 38.18
C SER C 28 -24.60 43.53 36.88
N TYR C 29 -25.63 43.07 36.17
CA TYR C 29 -25.47 42.31 34.95
C TYR C 29 -26.14 43.08 33.81
N THR C 30 -25.41 43.31 32.73
CA THR C 30 -25.95 43.98 31.55
C THR C 30 -25.57 43.19 30.30
N ASN C 31 -25.87 43.77 29.14
CA ASN C 31 -25.59 43.15 27.86
C ASN C 31 -24.76 44.09 26.98
N SER C 32 -23.76 43.53 26.32
CA SER C 32 -22.93 44.29 25.38
C SER C 32 -23.51 44.14 23.99
N PHE C 33 -23.78 45.26 23.33
CA PHE C 33 -24.49 45.22 22.06
C PHE C 33 -23.74 44.45 20.99
N THR C 34 -22.61 45.00 20.52
CA THR C 34 -21.81 44.35 19.49
C THR C 34 -20.31 44.54 19.74
N ARG C 35 -19.93 44.96 20.95
CA ARG C 35 -18.55 45.32 21.22
C ARG C 35 -17.70 44.07 21.40
N GLY C 36 -16.39 44.29 21.46
CA GLY C 36 -15.43 43.21 21.61
C GLY C 36 -14.85 42.66 20.33
N VAL C 37 -15.04 43.35 19.21
CA VAL C 37 -14.51 42.91 17.92
C VAL C 37 -13.13 43.48 17.73
N TYR C 38 -12.16 42.63 17.38
CA TYR C 38 -10.79 43.04 17.20
C TYR C 38 -10.22 42.39 15.94
N TYR C 39 -9.06 42.89 15.51
CA TYR C 39 -8.40 42.35 14.32
C TYR C 39 -7.78 41.00 14.63
N PRO C 40 -8.16 39.93 13.93
CA PRO C 40 -7.65 38.61 14.30
C PRO C 40 -6.16 38.43 14.07
N ASP C 41 -5.63 38.90 12.95
CA ASP C 41 -4.24 38.65 12.59
C ASP C 41 -3.64 39.93 12.04
N LYS C 42 -2.42 39.81 11.51
CA LYS C 42 -1.66 40.95 11.00
C LYS C 42 -1.66 41.02 9.48
N VAL C 43 -2.79 40.71 8.85
CA VAL C 43 -2.88 40.60 7.40
C VAL C 43 -3.84 41.66 6.88
N PHE C 44 -3.40 42.40 5.88
CA PHE C 44 -4.24 43.41 5.24
C PHE C 44 -5.23 42.75 4.29
N ARG C 45 -6.45 43.28 4.26
CA ARG C 45 -7.47 42.83 3.31
C ARG C 45 -8.27 44.07 2.92
N SER C 46 -8.62 44.16 1.64
CA SER C 46 -9.27 45.34 1.11
C SER C 46 -10.62 44.96 0.51
N SER C 47 -11.68 45.57 1.03
CA SER C 47 -13.04 45.47 0.48
C SER C 47 -13.46 44.01 0.33
N VAL C 48 -13.46 43.28 1.44
CA VAL C 48 -13.77 41.86 1.43
C VAL C 48 -14.64 41.51 2.63
N LEU C 49 -15.09 40.26 2.65
CA LEU C 49 -15.84 39.69 3.76
C LEU C 49 -15.14 38.39 4.15
N HIS C 50 -14.52 38.38 5.32
CA HIS C 50 -13.69 37.26 5.77
C HIS C 50 -14.40 36.49 6.86
N LEU C 51 -14.38 35.17 6.76
CA LEU C 51 -15.02 34.28 7.72
C LEU C 51 -13.93 33.65 8.57
N THR C 52 -13.89 34.01 9.85
CA THR C 52 -12.84 33.56 10.75
C THR C 52 -13.44 32.79 11.91
N GLN C 53 -12.60 31.98 12.55
CA GLN C 53 -12.98 31.21 13.73
C GLN C 53 -11.95 31.48 14.81
N ASP C 54 -12.35 32.16 15.87
CA ASP C 54 -11.40 32.52 16.92
C ASP C 54 -12.15 32.82 18.20
N LEU C 55 -11.41 33.23 19.22
CA LEU C 55 -12.01 33.61 20.49
C LEU C 55 -12.51 35.04 20.41
N PHE C 56 -13.76 35.25 20.80
CA PHE C 56 -14.34 36.59 20.79
C PHE C 56 -15.32 36.71 21.95
N LEU C 57 -15.81 37.93 22.14
CA LEU C 57 -16.90 38.15 23.08
C LEU C 57 -18.22 37.96 22.35
N PRO C 58 -19.03 36.96 22.72
CA PRO C 58 -20.28 36.74 21.99
C PRO C 58 -21.20 37.94 22.09
N PHE C 59 -21.94 38.17 21.02
CA PHE C 59 -22.87 39.29 21.02
C PHE C 59 -23.97 39.07 22.06
N PHE C 60 -24.39 40.15 22.69
CA PHE C 60 -25.51 40.15 23.63
C PHE C 60 -25.30 39.14 24.75
N SER C 61 -24.07 39.07 25.26
CA SER C 61 -23.77 38.22 26.39
C SER C 61 -23.90 39.02 27.69
N ASN C 62 -23.77 38.30 28.79
CA ASN C 62 -23.93 38.92 30.12
C ASN C 62 -22.58 39.47 30.57
N VAL C 63 -22.53 40.75 30.88
CA VAL C 63 -21.30 41.43 31.28
C VAL C 63 -21.50 41.97 32.69
N THR C 64 -20.50 41.77 33.54
CA THR C 64 -20.58 42.25 34.92
C THR C 64 -20.12 43.70 34.98
N TRP C 65 -20.94 44.56 35.59
CA TRP C 65 -20.65 45.98 35.74
C TRP C 65 -20.36 46.23 37.21
N PHE C 66 -19.14 46.70 37.49
CA PHE C 66 -18.75 47.10 38.82
C PHE C 66 -18.65 48.63 38.86
N ASN C 80 -11.67 45.14 45.66
CA ASN C 80 -10.81 44.45 44.70
C ASN C 80 -11.18 42.98 44.60
N PRO C 81 -12.31 42.69 43.96
CA PRO C 81 -12.74 41.31 43.81
C PRO C 81 -11.87 40.54 42.82
N VAL C 82 -11.85 39.23 43.01
CA VAL C 82 -11.09 38.33 42.15
C VAL C 82 -12.06 37.67 41.19
N LEU C 83 -11.86 37.88 39.90
CA LEU C 83 -12.72 37.27 38.91
C LEU C 83 -12.01 36.11 38.23
N PRO C 84 -12.73 35.05 37.85
CA PRO C 84 -12.08 33.93 37.16
C PRO C 84 -11.55 34.35 35.80
N PHE C 85 -10.46 33.69 35.40
CA PHE C 85 -9.80 33.97 34.12
C PHE C 85 -9.92 32.73 33.25
N ASN C 86 -11.01 32.65 32.49
CA ASN C 86 -11.24 31.56 31.56
C ASN C 86 -10.84 32.02 30.16
N ASP C 87 -9.78 31.44 29.62
CA ASP C 87 -9.25 31.66 28.27
C ASP C 87 -9.39 33.11 27.79
N GLY C 88 -8.91 34.05 28.57
CA GLY C 88 -8.87 35.45 28.16
C GLY C 88 -10.03 36.24 28.73
N VAL C 89 -9.89 37.57 28.71
CA VAL C 89 -10.89 38.46 29.28
C VAL C 89 -11.04 39.71 28.42
N TYR C 90 -12.22 40.31 28.52
CA TYR C 90 -12.52 41.60 27.91
C TYR C 90 -12.85 42.59 29.01
N PHE C 91 -12.17 43.73 29.00
CA PHE C 91 -12.25 44.70 30.07
C PHE C 91 -12.58 46.07 29.47
N ALA C 92 -13.40 46.84 30.17
CA ALA C 92 -13.65 48.22 29.81
C ALA C 92 -13.60 49.07 31.05
N SER C 93 -12.83 50.15 31.01
CA SER C 93 -12.69 51.06 32.15
C SER C 93 -13.15 52.45 31.75
N THR C 94 -13.93 53.09 32.64
CA THR C 94 -14.38 54.47 32.46
C THR C 94 -14.23 55.18 33.80
N GLU C 95 -13.15 55.93 33.97
CA GLU C 95 -12.96 56.70 35.18
C GLU C 95 -12.07 57.90 34.87
N LYS C 96 -12.14 58.89 35.76
CA LYS C 96 -11.26 60.05 35.69
C LYS C 96 -10.34 60.19 36.89
N SER C 97 -10.66 59.54 38.01
CA SER C 97 -9.83 59.61 39.21
C SER C 97 -8.55 58.80 39.09
N ASN C 98 -8.41 57.98 38.05
CA ASN C 98 -7.21 57.19 37.81
C ASN C 98 -6.92 56.21 38.95
N ILE C 99 -7.97 55.81 39.68
CA ILE C 99 -7.82 54.78 40.70
C ILE C 99 -7.46 53.45 40.04
N ILE C 100 -7.98 53.20 38.85
CA ILE C 100 -7.69 51.99 38.10
C ILE C 100 -6.34 52.21 37.43
N ARG C 101 -5.26 51.76 38.08
CA ARG C 101 -3.91 52.00 37.59
C ARG C 101 -3.37 50.83 36.79
N GLY C 102 -4.15 49.76 36.60
CA GLY C 102 -3.69 48.66 35.80
C GLY C 102 -4.23 47.31 36.21
N TRP C 103 -3.47 46.26 35.91
CA TRP C 103 -3.90 44.89 36.15
C TRP C 103 -2.72 44.06 36.67
N ILE C 104 -3.07 42.97 37.36
CA ILE C 104 -2.09 41.98 37.80
C ILE C 104 -2.56 40.62 37.34
N PHE C 105 -1.64 39.84 36.75
CA PHE C 105 -1.97 38.53 36.22
C PHE C 105 -1.08 37.47 36.83
N GLY C 106 -1.64 36.29 37.04
CA GLY C 106 -0.89 35.20 37.64
C GLY C 106 -1.81 34.06 38.01
N THR C 107 -1.29 33.19 38.88
CA THR C 107 -2.05 32.05 39.39
C THR C 107 -2.27 32.12 40.89
N THR C 108 -1.20 32.28 41.68
CA THR C 108 -1.30 32.31 43.13
C THR C 108 -0.82 33.61 43.75
N LEU C 109 0.00 34.38 43.05
CA LEU C 109 0.57 35.63 43.55
C LEU C 109 1.39 35.43 44.83
N ASP C 110 1.88 34.23 45.06
CA ASP C 110 2.69 33.91 46.23
C ASP C 110 4.17 33.75 45.86
N SER C 111 4.64 34.57 44.91
CA SER C 111 6.04 34.56 44.48
C SER C 111 6.44 33.21 43.87
N LYS C 112 5.46 32.44 43.41
CA LYS C 112 5.73 31.19 42.72
C LYS C 112 5.89 31.40 41.22
N THR C 113 4.84 31.91 40.57
CA THR C 113 4.89 32.31 39.17
C THR C 113 4.88 33.82 39.08
N GLN C 114 5.69 34.35 38.17
CA GLN C 114 5.85 35.79 38.03
C GLN C 114 4.52 36.44 37.65
N SER C 115 3.99 37.27 38.56
CA SER C 115 2.72 37.94 38.30
C SER C 115 2.94 39.18 37.45
N LEU C 116 2.46 39.11 36.21
CA LEU C 116 2.63 40.21 35.26
C LEU C 116 1.93 41.45 35.81
N LEU C 117 2.71 42.49 36.11
CA LEU C 117 2.18 43.76 36.60
C LEU C 117 2.08 44.70 35.42
N ILE C 118 0.87 44.87 34.90
CA ILE C 118 0.61 45.81 33.82
C ILE C 118 0.15 47.08 34.51
N VAL C 119 1.10 47.95 34.86
CA VAL C 119 0.80 49.16 35.63
C VAL C 119 1.09 50.37 34.75
N ASN C 120 0.11 51.26 34.64
CA ASN C 120 0.25 52.50 33.90
C ASN C 120 0.57 53.63 34.88
N ASN C 121 1.85 53.71 35.25
CA ASN C 121 2.26 54.59 36.33
C ASN C 121 2.02 56.06 35.99
N ALA C 122 2.77 56.59 35.02
CA ALA C 122 2.72 58.02 34.72
C ALA C 122 2.30 58.33 33.30
N THR C 123 2.99 57.80 32.29
CA THR C 123 2.78 58.23 30.91
C THR C 123 2.29 57.11 30.01
N ASN C 124 2.98 55.97 29.96
CA ASN C 124 2.57 54.87 29.10
C ASN C 124 2.44 53.61 29.94
N VAL C 125 1.48 52.77 29.57
CA VAL C 125 1.21 51.55 30.33
C VAL C 125 2.43 50.66 30.26
N PHE C 126 3.05 50.41 31.42
CA PHE C 126 4.31 49.68 31.50
C PHE C 126 4.03 48.28 32.02
N ILE C 127 4.50 47.29 31.28
CA ILE C 127 4.23 45.89 31.57
C ILE C 127 5.53 45.30 32.12
N LYS C 128 5.57 45.06 33.43
CA LYS C 128 6.76 44.57 34.10
C LYS C 128 6.51 43.15 34.59
N VAL C 129 7.43 42.24 34.27
CA VAL C 129 7.38 40.87 34.79
C VAL C 129 8.17 40.91 36.09
N CYS C 130 7.46 41.29 37.16
CA CYS C 130 8.05 41.52 38.46
C CYS C 130 6.97 41.25 39.51
N GLU C 131 7.35 41.41 40.77
CA GLU C 131 6.39 41.37 41.87
C GLU C 131 6.58 42.56 42.81
N PHE C 132 6.61 43.77 42.26
CA PHE C 132 6.55 44.98 43.09
C PHE C 132 5.37 44.88 44.05
N GLN C 133 5.68 44.87 45.34
CA GLN C 133 4.74 44.35 46.33
C GLN C 133 5.04 45.03 47.66
N PHE C 134 4.13 45.88 48.11
CA PHE C 134 4.41 46.79 49.22
C PHE C 134 4.10 46.11 50.55
N CYS C 135 4.04 46.89 51.63
CA CYS C 135 3.96 46.36 52.98
C CYS C 135 2.60 45.70 53.21
N ASN C 136 2.38 45.25 54.44
CA ASN C 136 1.22 44.41 54.74
C ASN C 136 -0.04 45.24 54.96
N ASP C 137 -0.01 46.16 55.93
CA ASP C 137 -1.23 46.83 56.38
C ASP C 137 -1.71 47.83 55.34
N PRO C 138 -2.92 47.68 54.82
CA PRO C 138 -3.47 48.71 53.91
C PRO C 138 -4.27 49.76 54.65
N PHE C 139 -4.19 51.01 54.20
CA PHE C 139 -4.97 52.08 54.81
C PHE C 139 -5.16 53.19 53.80
N LEU C 140 -6.18 54.02 54.04
CA LEU C 140 -6.48 55.12 53.14
C LEU C 140 -5.49 56.27 53.35
N ASP C 141 -4.90 56.73 52.25
CA ASP C 141 -3.99 57.87 52.27
C ASP C 141 -4.65 59.06 51.59
N VAL C 142 -4.61 60.20 52.26
CA VAL C 142 -5.22 61.41 51.72
C VAL C 142 -4.21 62.19 50.88
N TRP C 150 4.04 62.55 47.88
CA TRP C 150 3.96 62.29 46.44
C TRP C 150 4.23 60.83 46.13
N MET C 151 3.46 59.95 46.77
CA MET C 151 3.61 58.51 46.54
C MET C 151 2.35 57.90 45.93
N GLU C 152 1.20 58.03 46.59
CA GLU C 152 -0.05 57.41 46.17
C GLU C 152 0.18 55.92 45.86
N SER C 153 0.60 55.21 46.90
CA SER C 153 1.15 53.87 46.76
C SER C 153 0.79 53.08 48.01
N GLU C 154 1.52 52.00 48.27
CA GLU C 154 1.34 51.17 49.46
C GLU C 154 -0.03 50.47 49.44
N SER C 155 -0.21 49.63 48.42
CA SER C 155 -1.39 48.77 48.29
C SER C 155 -1.04 47.44 48.96
N GLY C 156 -1.61 47.22 50.14
CA GLY C 156 -1.19 46.11 50.97
C GLY C 156 -2.05 44.86 50.87
N VAL C 157 -2.74 44.67 49.74
CA VAL C 157 -3.51 43.46 49.53
C VAL C 157 -2.61 42.23 49.43
N TYR C 158 -1.43 42.36 48.84
CA TYR C 158 -0.49 41.27 48.63
C TYR C 158 0.89 41.73 49.08
N SER C 159 1.62 40.82 49.73
CA SER C 159 2.73 41.18 50.61
C SER C 159 4.11 40.76 50.12
N SER C 160 4.33 39.49 49.79
CA SER C 160 5.67 38.93 49.65
C SER C 160 6.18 39.14 48.23
N ALA C 161 7.21 40.00 48.09
CA ALA C 161 7.80 40.34 46.81
C ALA C 161 9.01 39.45 46.51
N ASN C 162 9.58 39.65 45.33
CA ASN C 162 10.81 39.00 44.92
C ASN C 162 11.48 39.86 43.84
N ASN C 163 12.44 39.28 43.13
CA ASN C 163 13.17 40.02 42.11
C ASN C 163 12.40 40.04 40.79
N CYS C 164 12.89 40.85 39.85
CA CYS C 164 12.31 41.01 38.53
C CYS C 164 12.87 39.97 37.59
N THR C 165 12.06 39.48 36.66
CA THR C 165 12.56 38.53 35.66
C THR C 165 12.67 39.15 34.27
N PHE C 166 11.57 39.71 33.77
CA PHE C 166 11.54 40.35 32.46
C PHE C 166 11.06 41.78 32.59
N GLU C 167 11.78 42.71 31.96
CA GLU C 167 11.50 44.13 32.05
C GLU C 167 11.09 44.65 30.68
N TYR C 168 10.01 45.40 30.63
CA TYR C 168 9.53 45.99 29.39
C TYR C 168 8.96 47.37 29.67
N VAL C 169 9.24 48.31 28.76
CA VAL C 169 8.70 49.66 28.83
C VAL C 169 8.22 50.04 27.44
N SER C 170 7.49 51.16 27.38
CA SER C 170 6.99 51.66 26.11
C SER C 170 6.56 53.12 26.21
N ASN C 186 -13.75 58.35 25.80
CA ASN C 186 -13.41 57.53 26.96
C ASN C 186 -13.62 56.06 26.67
N LEU C 187 -14.00 55.30 27.70
CA LEU C 187 -14.24 53.87 27.57
C LEU C 187 -13.00 53.15 27.04
N ARG C 188 -11.94 53.18 27.86
CA ARG C 188 -10.73 52.45 27.51
C ARG C 188 -11.05 50.96 27.46
N GLU C 189 -11.04 50.37 26.27
CA GLU C 189 -11.44 48.98 26.09
C GLU C 189 -10.22 48.14 25.73
N PHE C 190 -10.02 47.07 26.49
CA PHE C 190 -8.83 46.25 26.39
C PHE C 190 -9.24 44.78 26.31
N VAL C 191 -8.46 44.01 25.56
CA VAL C 191 -8.68 42.58 25.41
C VAL C 191 -7.38 41.89 25.77
N PHE C 192 -7.44 40.96 26.71
CA PHE C 192 -6.27 40.23 27.19
C PHE C 192 -6.41 38.77 26.83
N LYS C 193 -5.46 38.26 26.05
CA LYS C 193 -5.49 36.88 25.59
C LYS C 193 -4.16 36.20 25.85
N ASN C 194 -4.20 34.90 26.10
CA ASN C 194 -3.00 34.11 26.37
C ASN C 194 -3.09 32.80 25.61
N ILE C 195 -2.10 32.53 24.78
CA ILE C 195 -2.10 31.32 23.96
C ILE C 195 -0.69 31.05 23.48
N ASP C 196 -0.31 29.76 23.47
CA ASP C 196 0.98 29.31 22.95
C ASP C 196 2.14 30.02 23.62
N GLY C 197 1.99 30.27 24.93
CA GLY C 197 3.05 30.94 25.66
C GLY C 197 3.23 32.40 25.32
N TYR C 198 2.21 33.04 24.77
CA TYR C 198 2.28 34.46 24.44
C TYR C 198 1.03 35.16 24.97
N PHE C 199 1.24 36.37 25.48
CA PHE C 199 0.15 37.20 26.00
C PHE C 199 -0.03 38.40 25.08
N LYS C 200 -1.20 38.50 24.46
CA LYS C 200 -1.51 39.58 23.54
C LYS C 200 -2.47 40.55 24.22
N ILE C 201 -2.14 41.84 24.17
CA ILE C 201 -2.95 42.89 24.74
C ILE C 201 -3.38 43.80 23.61
N TYR C 202 -4.68 43.81 23.32
CA TYR C 202 -5.27 44.68 22.33
C TYR C 202 -5.98 45.83 23.03
N SER C 203 -5.96 47.01 22.42
CA SER C 203 -6.51 48.20 23.07
C SER C 203 -7.27 49.03 22.06
N LYS C 204 -8.19 49.84 22.58
CA LYS C 204 -8.87 50.87 21.81
C LYS C 204 -9.37 51.94 22.76
N HIS C 205 -9.36 53.18 22.29
CA HIS C 205 -9.70 54.34 23.11
C HIS C 205 -10.38 55.37 22.22
N THR C 206 -11.71 55.35 22.20
CA THR C 206 -12.47 56.31 21.41
C THR C 206 -12.72 57.55 22.26
N PRO C 207 -12.31 58.74 21.82
CA PRO C 207 -12.50 59.94 22.65
C PRO C 207 -13.96 60.35 22.79
N ILE C 208 -14.80 59.45 23.31
CA ILE C 208 -16.19 59.76 23.58
C ILE C 208 -16.31 60.27 25.02
N ILE C 209 -17.07 61.34 25.20
CA ILE C 209 -17.30 61.93 26.51
C ILE C 209 -18.73 61.58 26.92
N GLY C 210 -18.87 60.77 27.94
CA GLY C 210 -20.19 60.35 28.41
C GLY C 210 -20.06 59.21 29.41
N ARG C 211 -21.22 58.82 29.93
CA ARG C 211 -21.29 57.75 30.92
C ARG C 211 -22.16 56.58 30.49
N ASP C 212 -23.09 56.77 29.57
CA ASP C 212 -23.91 55.67 29.08
C ASP C 212 -23.06 54.70 28.26
N PHE C 213 -23.38 53.42 28.36
CA PHE C 213 -22.68 52.40 27.59
C PHE C 213 -23.02 52.59 26.12
N PRO C 214 -22.07 53.04 25.31
CA PRO C 214 -22.42 53.50 23.96
C PRO C 214 -22.68 52.34 23.02
N GLN C 215 -23.60 52.56 22.09
CA GLN C 215 -23.84 51.62 21.00
C GLN C 215 -22.87 51.90 19.86
N GLY C 216 -22.92 51.06 18.85
CA GLY C 216 -22.15 51.25 17.64
C GLY C 216 -20.99 50.27 17.55
N PHE C 217 -20.25 50.41 16.45
CA PHE C 217 -19.16 49.50 16.12
C PHE C 217 -17.83 50.22 16.23
N SER C 218 -16.93 49.68 17.05
CA SER C 218 -15.56 50.14 17.13
C SER C 218 -14.66 48.92 17.17
N ALA C 219 -13.60 48.94 16.37
CA ALA C 219 -12.70 47.81 16.25
C ALA C 219 -11.49 48.01 17.16
N LEU C 220 -10.98 46.91 17.71
CA LEU C 220 -9.87 46.95 18.65
C LEU C 220 -8.60 46.47 17.96
N GLU C 221 -7.52 47.23 18.12
CA GLU C 221 -6.26 47.03 17.44
C GLU C 221 -5.27 46.28 18.32
N PRO C 222 -4.32 45.56 17.72
CA PRO C 222 -3.30 44.86 18.52
C PRO C 222 -2.23 45.79 19.03
N LEU C 223 -2.46 46.38 20.21
CA LEU C 223 -1.50 47.34 20.75
C LEU C 223 -0.15 46.70 20.99
N VAL C 224 -0.11 45.51 21.58
CA VAL C 224 1.18 44.93 21.95
C VAL C 224 1.03 43.42 22.11
N ASP C 225 2.14 42.71 21.90
CA ASP C 225 2.29 41.30 22.24
C ASP C 225 3.41 41.15 23.24
N LEU C 226 3.43 40.02 23.94
CA LEU C 226 4.42 39.75 24.97
C LEU C 226 4.81 38.28 24.98
N PRO C 227 6.10 37.99 24.94
CA PRO C 227 6.58 36.59 25.03
C PRO C 227 6.87 36.18 26.47
N ILE C 228 5.81 36.17 27.30
CA ILE C 228 5.98 35.82 28.70
C ILE C 228 6.37 34.35 28.86
N GLY C 229 5.69 33.46 28.14
CA GLY C 229 5.99 32.05 28.23
C GLY C 229 5.71 31.43 29.58
N ILE C 230 4.64 31.87 30.25
CA ILE C 230 4.24 31.36 31.54
C ILE C 230 2.74 31.09 31.52
N ASN C 231 2.21 30.65 32.66
CA ASN C 231 0.81 30.30 32.80
C ASN C 231 0.11 31.28 33.73
N ILE C 232 -1.09 31.71 33.35
CA ILE C 232 -1.90 32.63 34.13
C ILE C 232 -3.30 32.05 34.25
N THR C 233 -3.81 31.99 35.50
CA THR C 233 -5.16 31.49 35.75
C THR C 233 -6.04 32.47 36.51
N ARG C 234 -5.49 33.52 37.09
CA ARG C 234 -6.26 34.47 37.88
C ARG C 234 -5.83 35.88 37.54
N PHE C 235 -6.80 36.80 37.47
CA PHE C 235 -6.52 38.19 37.19
C PHE C 235 -7.27 39.09 38.16
N GLN C 236 -6.66 40.21 38.52
CA GLN C 236 -7.26 41.16 39.44
C GLN C 236 -7.18 42.57 38.89
N THR C 237 -7.47 43.56 39.73
CA THR C 237 -7.46 44.96 39.34
C THR C 237 -6.55 45.74 40.27
N LEU C 238 -5.78 46.67 39.70
CA LEU C 238 -4.87 47.51 40.47
C LEU C 238 -5.59 48.80 40.86
N LEU C 239 -5.96 48.91 42.12
CA LEU C 239 -6.50 50.15 42.67
C LEU C 239 -5.40 50.92 43.38
N ALA C 240 -5.64 52.22 43.56
CA ALA C 240 -4.69 53.12 44.23
C ALA C 240 -3.32 53.07 43.57
N ASP C 261 -15.72 53.28 36.91
CA ASP C 261 -16.41 52.00 36.90
C ASP C 261 -15.88 51.12 35.77
N TYR C 262 -15.97 49.81 35.96
CA TYR C 262 -15.41 48.92 34.95
C TYR C 262 -16.35 47.74 34.67
N TYR C 263 -16.36 47.31 33.42
CA TYR C 263 -17.12 46.17 32.95
C TYR C 263 -16.18 45.03 32.59
N VAL C 264 -16.59 43.82 32.92
CA VAL C 264 -15.79 42.62 32.71
C VAL C 264 -16.63 41.56 32.00
N GLY C 265 -16.05 40.93 30.98
CA GLY C 265 -16.71 39.84 30.30
C GLY C 265 -15.71 38.77 29.89
N TYR C 266 -16.26 37.59 29.60
CA TYR C 266 -15.46 36.41 29.25
C TYR C 266 -15.60 36.09 27.78
N LEU C 267 -14.54 35.54 27.20
CA LEU C 267 -14.50 35.22 25.77
C LEU C 267 -14.74 33.73 25.54
N GLN C 268 -15.24 33.42 24.35
CA GLN C 268 -15.59 32.06 23.96
C GLN C 268 -15.19 31.84 22.51
N PRO C 269 -14.99 30.59 22.09
CA PRO C 269 -14.74 30.32 20.67
C PRO C 269 -15.99 30.53 19.84
N ARG C 270 -15.82 31.17 18.69
CA ARG C 270 -16.96 31.47 17.84
C ARG C 270 -16.46 31.76 16.43
N THR C 271 -17.38 31.62 15.48
CA THR C 271 -17.14 31.94 14.08
C THR C 271 -17.80 33.27 13.76
N PHE C 272 -17.03 34.20 13.19
CA PHE C 272 -17.49 35.53 12.89
C PHE C 272 -17.26 35.82 11.41
N LEU C 273 -18.07 36.74 10.87
CA LEU C 273 -17.90 37.25 9.52
C LEU C 273 -17.62 38.74 9.61
N LEU C 274 -16.47 39.17 9.09
CA LEU C 274 -16.01 40.55 9.24
C LEU C 274 -15.95 41.23 7.88
N LYS C 275 -16.32 42.50 7.86
CA LYS C 275 -16.34 43.31 6.65
C LYS C 275 -15.16 44.26 6.66
N TYR C 276 -14.26 44.10 5.69
CA TYR C 276 -13.10 44.97 5.54
C TYR C 276 -13.37 45.99 4.45
N ASN C 277 -13.18 47.26 4.78
CA ASN C 277 -13.49 48.38 3.91
C ASN C 277 -12.43 48.52 2.81
N GLU C 278 -12.52 49.62 2.05
CA GLU C 278 -11.50 49.89 1.03
C GLU C 278 -10.13 50.16 1.65
N ASN C 279 -10.11 50.91 2.75
CA ASN C 279 -8.85 51.19 3.44
C ASN C 279 -8.40 50.06 4.35
N GLY C 280 -9.20 49.01 4.48
CA GLY C 280 -8.82 47.86 5.28
C GLY C 280 -9.37 47.85 6.69
N THR C 281 -10.02 48.92 7.13
CA THR C 281 -10.54 48.97 8.49
C THR C 281 -11.76 48.08 8.64
N ILE C 282 -11.89 47.48 9.82
CA ILE C 282 -13.05 46.65 10.13
C ILE C 282 -14.22 47.56 10.51
N THR C 283 -15.34 47.40 9.82
CA THR C 283 -16.49 48.25 10.05
C THR C 283 -17.74 47.52 10.52
N ASP C 284 -17.81 46.19 10.38
CA ASP C 284 -18.99 45.45 10.81
C ASP C 284 -18.62 43.99 10.98
N ALA C 285 -19.24 43.35 11.97
CA ALA C 285 -19.03 41.94 12.24
C ALA C 285 -20.39 41.28 12.50
N VAL C 286 -20.52 40.04 12.06
CA VAL C 286 -21.77 39.30 12.16
C VAL C 286 -21.47 37.95 12.79
N ASP C 287 -22.21 37.61 13.84
CA ASP C 287 -22.09 36.34 14.52
C ASP C 287 -22.75 35.23 13.70
N CYS C 288 -22.42 34.00 14.03
CA CYS C 288 -22.99 32.85 13.33
C CYS C 288 -23.73 31.92 14.27
N ALA C 289 -24.01 32.34 15.50
CA ALA C 289 -24.77 31.54 16.44
C ALA C 289 -26.03 32.24 16.93
N LEU C 290 -25.97 33.53 17.18
CA LEU C 290 -27.17 34.27 17.54
C LEU C 290 -28.09 34.39 16.34
N ASP C 291 -29.37 34.13 16.56
CA ASP C 291 -30.45 34.30 15.59
C ASP C 291 -30.33 33.30 14.45
N PRO C 292 -31.44 32.97 13.79
CA PRO C 292 -31.37 32.11 12.60
C PRO C 292 -30.87 32.85 11.38
N LEU C 293 -31.26 34.12 11.22
CA LEU C 293 -30.84 34.90 10.07
C LEU C 293 -29.33 35.06 10.03
N SER C 294 -28.73 35.33 11.18
CA SER C 294 -27.27 35.40 11.27
C SER C 294 -26.64 34.03 11.41
N GLU C 295 -27.10 33.10 10.61
CA GLU C 295 -26.45 31.87 10.19
C GLU C 295 -26.56 31.69 8.70
N THR C 296 -27.70 32.07 8.11
CA THR C 296 -27.79 32.15 6.66
C THR C 296 -26.86 33.21 6.12
N LYS C 297 -26.62 34.28 6.88
CA LYS C 297 -25.65 35.27 6.44
C LYS C 297 -24.25 34.68 6.35
N CYS C 298 -23.89 33.85 7.31
CA CYS C 298 -22.59 33.19 7.25
C CYS C 298 -22.54 32.13 6.15
N THR C 299 -23.68 31.49 5.86
CA THR C 299 -23.71 30.50 4.78
C THR C 299 -23.55 31.16 3.42
N LEU C 300 -24.24 32.27 3.19
CA LEU C 300 -24.17 32.96 1.91
C LEU C 300 -22.99 33.91 1.80
N LYS C 301 -22.21 34.09 2.87
CA LYS C 301 -21.03 34.94 2.86
C LYS C 301 -21.35 36.36 2.41
N SER C 302 -22.49 36.87 2.86
CA SER C 302 -22.92 38.21 2.47
C SER C 302 -23.74 38.81 3.59
N PHE C 303 -23.83 40.14 3.58
CA PHE C 303 -24.61 40.88 4.57
C PHE C 303 -26.01 41.19 4.07
N THR C 304 -26.34 40.80 2.85
CA THR C 304 -27.67 40.99 2.30
C THR C 304 -28.18 39.65 1.82
N VAL C 305 -29.40 39.30 2.24
CA VAL C 305 -29.99 38.00 1.94
C VAL C 305 -31.25 38.23 1.10
N GLU C 306 -31.32 37.58 -0.05
CA GLU C 306 -32.49 37.70 -0.90
C GLU C 306 -33.59 36.77 -0.40
N LYS C 307 -34.79 36.98 -0.93
CA LYS C 307 -35.93 36.14 -0.56
C LYS C 307 -35.69 34.71 -0.99
N GLY C 308 -36.05 33.77 -0.12
CA GLY C 308 -35.94 32.37 -0.47
C GLY C 308 -35.82 31.50 0.76
N ILE C 309 -35.71 30.20 0.50
CA ILE C 309 -35.52 29.20 1.55
C ILE C 309 -34.10 28.65 1.46
N TYR C 310 -33.29 28.95 2.45
CA TYR C 310 -31.87 28.63 2.42
C TYR C 310 -31.58 27.45 3.31
N GLN C 311 -31.06 26.38 2.73
CA GLN C 311 -30.59 25.26 3.52
C GLN C 311 -29.37 25.68 4.33
N THR C 312 -29.28 25.18 5.55
CA THR C 312 -28.30 25.64 6.52
C THR C 312 -27.90 24.45 7.37
N SER C 313 -27.35 24.72 8.55
CA SER C 313 -26.81 23.66 9.39
C SER C 313 -27.88 22.62 9.72
N ASN C 314 -27.43 21.49 10.26
CA ASN C 314 -28.28 20.36 10.56
C ASN C 314 -28.43 20.20 12.07
N PHE C 315 -29.62 19.73 12.44
CA PHE C 315 -29.98 19.70 13.87
C PHE C 315 -29.87 18.32 14.43
N ARG C 316 -29.38 18.19 15.65
CA ARG C 316 -29.22 16.84 16.24
C ARG C 316 -29.58 16.88 17.72
N VAL C 317 -30.50 16.00 18.12
CA VAL C 317 -31.04 15.93 19.46
C VAL C 317 -30.03 15.17 20.31
N GLN C 318 -29.30 15.89 21.14
CA GLN C 318 -28.21 15.28 21.89
C GLN C 318 -28.75 14.42 23.04
N PRO C 319 -27.99 13.39 23.44
CA PRO C 319 -28.47 12.51 24.51
C PRO C 319 -28.41 13.18 25.86
N THR C 320 -29.02 12.52 26.85
CA THR C 320 -29.11 13.08 28.19
C THR C 320 -28.75 12.10 29.30
N GLU C 321 -28.84 10.79 29.04
CA GLU C 321 -28.47 9.79 30.05
C GLU C 321 -27.55 8.75 29.45
N SER C 322 -26.87 8.02 30.35
CA SER C 322 -26.00 6.91 29.99
C SER C 322 -26.54 5.65 30.67
N ILE C 323 -26.64 4.57 29.89
CA ILE C 323 -27.21 3.31 30.34
C ILE C 323 -26.18 2.20 30.09
N VAL C 324 -25.88 1.44 31.14
CA VAL C 324 -24.97 0.29 31.06
C VAL C 324 -25.65 -0.89 31.72
N ARG C 325 -25.84 -1.97 30.96
CA ARG C 325 -26.54 -3.17 31.44
C ARG C 325 -25.70 -4.40 31.09
N PHE C 326 -24.88 -4.83 32.03
CA PHE C 326 -24.14 -6.08 31.89
C PHE C 326 -25.00 -7.25 32.36
N PRO C 327 -24.64 -8.48 31.98
CA PRO C 327 -25.53 -9.62 32.28
C PRO C 327 -25.78 -9.85 33.74
N ASN C 328 -26.80 -10.65 34.09
CA ASN C 328 -27.09 -10.96 35.53
C ASN C 328 -25.79 -11.40 36.20
N VAL C 329 -25.50 -10.86 37.38
CA VAL C 329 -24.23 -11.18 38.07
C VAL C 329 -24.41 -12.46 38.91
N THR C 330 -24.24 -13.63 38.30
CA THR C 330 -24.50 -14.89 39.03
C THR C 330 -23.18 -15.50 39.54
N ASN C 331 -22.33 -16.01 38.64
CA ASN C 331 -21.10 -16.74 39.07
C ASN C 331 -20.15 -15.85 39.87
N LEU C 332 -20.59 -15.32 41.00
CA LEU C 332 -19.64 -14.55 41.86
C LEU C 332 -18.71 -15.57 42.53
N CYS C 333 -17.51 -15.15 42.96
CA CYS C 333 -16.51 -16.10 43.55
C CYS C 333 -16.66 -16.23 45.07
N PRO C 334 -16.71 -17.44 45.65
CA PRO C 334 -16.70 -17.64 47.10
C PRO C 334 -15.30 -17.86 47.65
N PHE C 335 -14.43 -16.84 47.61
CA PHE C 335 -13.09 -16.98 48.25
C PHE C 335 -13.35 -17.18 49.75
N HIS C 336 -14.55 -17.65 50.10
CA HIS C 336 -14.95 -17.81 51.51
C HIS C 336 -14.19 -19.06 51.91
N GLU C 337 -14.06 -19.95 50.93
CA GLU C 337 -13.23 -21.12 51.22
C GLU C 337 -11.74 -20.78 51.20
N VAL C 338 -11.35 -19.71 50.52
CA VAL C 338 -9.95 -19.34 50.41
C VAL C 338 -9.49 -18.44 51.55
N PHE C 339 -10.41 -17.71 52.18
CA PHE C 339 -10.05 -16.75 53.20
C PHE C 339 -10.64 -17.05 54.57
N ASN C 340 -11.65 -17.90 54.68
CA ASN C 340 -12.34 -18.17 55.93
C ASN C 340 -12.31 -19.65 56.28
N ALA C 341 -11.15 -20.28 56.13
CA ALA C 341 -10.98 -21.67 56.46
C ALA C 341 -10.41 -21.83 57.87
N THR C 342 -10.65 -23.01 58.46
CA THR C 342 -10.15 -23.28 59.81
C THR C 342 -8.65 -23.48 59.81
N ARG C 343 -8.12 -24.22 58.84
CA ARG C 343 -6.71 -24.57 58.78
C ARG C 343 -6.12 -24.15 57.44
N PHE C 344 -4.89 -23.65 57.49
CA PHE C 344 -4.10 -23.34 56.31
C PHE C 344 -2.88 -24.27 56.27
N ALA C 345 -2.01 -24.04 55.29
CA ALA C 345 -0.83 -24.88 55.09
C ALA C 345 0.42 -24.18 55.61
N SER C 346 1.44 -24.99 55.89
CA SER C 346 2.73 -24.46 56.30
C SER C 346 3.41 -23.77 55.12
N VAL C 347 4.37 -22.91 55.45
CA VAL C 347 5.07 -22.15 54.41
C VAL C 347 5.92 -23.08 53.54
N TYR C 348 6.50 -24.13 54.12
CA TYR C 348 7.32 -25.04 53.33
C TYR C 348 6.47 -25.85 52.36
N ALA C 349 5.20 -26.05 52.69
CA ALA C 349 4.27 -26.78 51.83
C ALA C 349 3.11 -25.87 51.44
N TRP C 350 3.42 -24.65 51.02
CA TRP C 350 2.39 -23.66 50.75
C TRP C 350 1.44 -24.13 49.66
N ASN C 351 0.14 -23.97 49.91
CA ASN C 351 -0.87 -24.36 48.93
C ASN C 351 -0.95 -23.32 47.83
N ARG C 352 -0.68 -23.74 46.60
CA ARG C 352 -0.90 -22.89 45.43
C ARG C 352 -2.37 -23.02 45.06
N THR C 353 -3.20 -22.25 45.76
CA THR C 353 -4.64 -22.36 45.62
C THR C 353 -5.08 -21.85 44.26
N ARG C 354 -5.89 -22.65 43.57
CA ARG C 354 -6.36 -22.32 42.23
C ARG C 354 -7.68 -21.57 42.31
N ILE C 355 -7.74 -20.41 41.68
CA ILE C 355 -8.95 -19.59 41.61
C ILE C 355 -9.35 -19.47 40.14
N SER C 356 -10.60 -19.82 39.84
CA SER C 356 -11.01 -19.86 38.44
C SER C 356 -12.53 -19.80 38.33
N ASN C 357 -12.99 -19.34 37.17
CA ASN C 357 -14.37 -19.53 36.71
C ASN C 357 -15.38 -18.83 37.63
N CYS C 358 -15.16 -17.53 37.86
CA CYS C 358 -16.06 -16.80 38.75
C CYS C 358 -15.85 -15.28 38.67
N VAL C 359 -16.62 -14.54 39.46
CA VAL C 359 -16.62 -13.08 39.45
C VAL C 359 -15.92 -12.57 40.70
N ALA C 360 -15.00 -11.64 40.52
CA ALA C 360 -14.16 -11.14 41.61
C ALA C 360 -14.98 -10.19 42.49
N ASP C 361 -15.38 -10.67 43.66
CA ASP C 361 -16.04 -9.86 44.68
C ASP C 361 -15.33 -10.13 46.00
N TYR C 362 -14.22 -9.42 46.23
CA TYR C 362 -13.52 -9.46 47.50
C TYR C 362 -13.60 -8.14 48.26
N SER C 363 -14.54 -7.27 47.92
CA SER C 363 -14.70 -6.02 48.67
C SER C 363 -15.30 -6.27 50.05
N VAL C 364 -16.11 -7.33 50.19
CA VAL C 364 -16.61 -7.69 51.52
C VAL C 364 -15.45 -8.03 52.45
N LEU C 365 -14.42 -8.70 51.90
CA LEU C 365 -13.22 -8.97 52.68
C LEU C 365 -12.50 -7.69 53.07
N TYR C 366 -12.79 -6.56 52.41
CA TYR C 366 -12.29 -5.28 52.92
C TYR C 366 -12.85 -4.97 54.29
N ASN C 367 -14.15 -5.22 54.49
CA ASN C 367 -14.83 -4.90 55.74
C ASN C 367 -14.86 -6.06 56.72
N PHE C 368 -15.13 -7.28 56.25
CA PHE C 368 -15.16 -8.44 57.13
C PHE C 368 -13.78 -8.72 57.71
N ALA C 369 -12.74 -8.62 56.89
CA ALA C 369 -11.37 -8.92 57.31
C ALA C 369 -10.51 -7.67 57.16
N PRO C 370 -10.24 -6.95 58.26
CA PRO C 370 -9.48 -5.70 58.14
C PRO C 370 -8.01 -5.92 57.81
N PHE C 371 -7.71 -6.12 56.53
CA PHE C 371 -6.34 -6.34 56.08
C PHE C 371 -5.44 -5.17 56.49
N PHE C 372 -4.50 -5.42 57.41
CA PHE C 372 -3.58 -4.36 57.82
C PHE C 372 -2.43 -4.21 56.83
N ALA C 373 -2.12 -5.27 56.07
CA ALA C 373 -1.08 -5.24 55.06
C ALA C 373 -1.72 -5.37 53.69
N PHE C 374 -1.35 -4.46 52.77
CA PHE C 374 -1.86 -4.51 51.41
C PHE C 374 -0.84 -3.80 50.53
N LYS C 375 0.01 -4.59 49.86
CA LYS C 375 1.05 -4.02 49.00
C LYS C 375 0.94 -4.64 47.62
N CYS C 376 0.74 -3.79 46.60
CA CYS C 376 0.60 -4.24 45.22
C CYS C 376 1.74 -3.68 44.40
N TYR C 377 2.62 -4.56 43.94
CA TYR C 377 3.80 -4.17 43.18
C TYR C 377 3.58 -4.23 41.67
N GLY C 378 2.41 -4.62 41.22
CA GLY C 378 2.16 -4.72 39.79
C GLY C 378 1.34 -3.56 39.26
N VAL C 379 0.27 -3.85 38.52
CA VAL C 379 -0.59 -2.78 38.04
C VAL C 379 -1.46 -2.26 39.19
N SER C 380 -2.03 -1.07 38.97
CA SER C 380 -2.97 -0.54 39.94
C SER C 380 -4.26 -1.37 39.92
N PRO C 381 -4.93 -1.48 41.06
CA PRO C 381 -6.21 -2.20 41.07
C PRO C 381 -7.26 -1.61 40.15
N THR C 382 -7.22 -0.29 39.91
CA THR C 382 -8.17 0.36 39.03
C THR C 382 -8.08 -0.15 37.60
N LYS C 383 -6.94 -0.71 37.21
CA LYS C 383 -6.78 -1.29 35.88
C LYS C 383 -7.27 -2.73 35.79
N LEU C 384 -7.65 -3.34 36.93
CA LEU C 384 -8.02 -4.74 36.95
C LEU C 384 -9.26 -5.05 36.13
N ASN C 385 -10.07 -4.04 35.78
CA ASN C 385 -11.21 -4.27 34.91
C ASN C 385 -10.80 -4.44 33.45
N ASP C 386 -9.63 -3.93 33.06
CA ASP C 386 -9.18 -4.10 31.68
C ASP C 386 -8.70 -5.50 31.39
N LEU C 387 -8.15 -6.20 32.39
CA LEU C 387 -7.67 -7.57 32.21
C LEU C 387 -8.06 -8.38 33.44
N CYS C 388 -8.77 -9.48 33.22
CA CYS C 388 -9.20 -10.37 34.28
C CYS C 388 -8.37 -11.66 34.22
N PHE C 389 -8.66 -12.59 35.12
CA PHE C 389 -7.85 -13.79 35.29
C PHE C 389 -8.72 -15.04 35.28
N THR C 390 -8.20 -16.10 34.69
CA THR C 390 -8.87 -17.40 34.66
C THR C 390 -8.05 -18.49 35.32
N ASN C 391 -6.76 -18.62 34.97
CA ASN C 391 -5.88 -19.62 35.56
C ASN C 391 -4.97 -18.99 36.61
N VAL C 392 -5.51 -18.07 37.40
CA VAL C 392 -4.73 -17.33 38.38
C VAL C 392 -4.45 -18.21 39.59
N TYR C 393 -3.27 -18.04 40.18
CA TYR C 393 -2.86 -18.76 41.38
C TYR C 393 -2.98 -17.89 42.61
N ALA C 394 -3.17 -18.53 43.76
CA ALA C 394 -3.18 -17.88 45.06
C ALA C 394 -2.33 -18.69 46.03
N ASP C 395 -1.79 -18.00 47.04
CA ASP C 395 -0.90 -18.61 48.02
C ASP C 395 -1.43 -18.36 49.43
N SER C 396 -1.31 -19.37 50.29
CA SER C 396 -1.75 -19.31 51.68
C SER C 396 -0.56 -19.58 52.58
N PHE C 397 -0.15 -18.58 53.34
CA PHE C 397 1.01 -18.68 54.22
C PHE C 397 0.60 -18.49 55.67
N VAL C 398 1.28 -19.21 56.56
CA VAL C 398 1.19 -18.99 58.01
C VAL C 398 2.62 -18.80 58.49
N ILE C 399 2.99 -17.55 58.76
CA ILE C 399 4.35 -17.20 59.14
C ILE C 399 4.32 -16.28 60.36
N LYS C 400 5.51 -15.90 60.82
CA LYS C 400 5.66 -15.13 62.04
C LYS C 400 5.28 -13.66 61.81
N GLY C 401 5.57 -12.82 62.80
CA GLY C 401 5.24 -11.43 62.76
C GLY C 401 6.27 -10.56 62.07
N ASN C 402 7.53 -10.61 62.53
CA ASN C 402 8.56 -9.80 61.90
C ASN C 402 9.09 -10.49 60.64
N GLU C 403 8.17 -10.88 59.76
CA GLU C 403 8.54 -11.58 58.53
C GLU C 403 7.79 -11.08 57.30
N VAL C 404 6.69 -10.34 57.46
CA VAL C 404 5.93 -9.87 56.31
C VAL C 404 6.75 -8.91 55.46
N SER C 405 7.69 -8.18 56.08
CA SER C 405 8.60 -7.35 55.33
C SER C 405 9.56 -8.17 54.47
N GLN C 406 9.83 -9.41 54.86
CA GLN C 406 10.69 -10.28 54.09
C GLN C 406 10.00 -10.81 52.83
N ILE C 407 8.67 -10.80 52.80
CA ILE C 407 7.93 -11.24 51.61
C ILE C 407 7.76 -10.00 50.74
N ALA C 408 8.79 -9.70 49.97
CA ALA C 408 8.80 -8.54 49.08
C ALA C 408 9.87 -8.76 48.02
N PRO C 409 9.70 -8.22 46.82
CA PRO C 409 10.70 -8.42 45.78
C PRO C 409 12.06 -7.86 46.19
N GLY C 410 13.11 -8.59 45.84
CA GLY C 410 14.46 -8.15 46.13
C GLY C 410 14.89 -8.30 47.57
N GLN C 411 14.10 -8.96 48.41
CA GLN C 411 14.41 -9.11 49.82
C GLN C 411 15.24 -10.36 50.06
N THR C 412 15.89 -10.40 51.22
CA THR C 412 16.73 -11.52 51.61
C THR C 412 16.39 -11.94 53.03
N GLY C 413 16.75 -13.18 53.35
CA GLY C 413 16.47 -13.73 54.67
C GLY C 413 16.32 -15.23 54.58
N ASN C 414 16.00 -15.82 55.73
CA ASN C 414 15.85 -17.27 55.81
C ASN C 414 14.66 -17.75 54.97
N ILE C 415 13.50 -17.13 55.17
CA ILE C 415 12.29 -17.56 54.47
C ILE C 415 12.38 -17.22 52.99
N ALA C 416 12.90 -16.05 52.66
CA ALA C 416 13.01 -15.65 51.26
C ALA C 416 13.96 -16.55 50.49
N ASP C 417 15.01 -17.04 51.14
CA ASP C 417 16.02 -17.84 50.44
C ASP C 417 15.72 -19.33 50.45
N TYR C 418 15.07 -19.85 51.49
CA TYR C 418 14.85 -21.29 51.60
C TYR C 418 13.41 -21.71 51.45
N ASN C 419 12.44 -20.87 51.83
CA ASN C 419 11.05 -21.27 51.87
C ASN C 419 10.23 -20.74 50.70
N TYR C 420 10.21 -19.42 50.50
CA TYR C 420 9.42 -18.83 49.42
C TYR C 420 10.18 -17.64 48.85
N LYS C 421 10.49 -17.69 47.57
CA LYS C 421 11.25 -16.64 46.89
C LYS C 421 10.38 -16.00 45.82
N LEU C 422 10.26 -14.66 45.88
CA LEU C 422 9.53 -13.94 44.84
C LEU C 422 10.50 -13.37 43.80
N PRO C 423 10.08 -13.31 42.55
CA PRO C 423 10.95 -12.74 41.51
C PRO C 423 11.04 -11.23 41.64
N ASP C 424 12.07 -10.67 41.00
CA ASP C 424 12.26 -9.22 41.02
C ASP C 424 11.09 -8.51 40.34
N ASP C 425 10.64 -9.04 39.20
CA ASP C 425 9.49 -8.48 38.48
C ASP C 425 8.22 -9.19 38.95
N PHE C 426 7.82 -8.87 40.18
CA PHE C 426 6.68 -9.50 40.82
C PHE C 426 5.47 -8.58 40.72
N THR C 427 4.42 -9.05 40.07
CA THR C 427 3.18 -8.31 39.89
C THR C 427 2.09 -9.02 40.71
N GLY C 428 1.91 -8.57 41.94
CA GLY C 428 0.92 -9.17 42.82
C GLY C 428 0.81 -8.34 44.09
N CYS C 429 -0.07 -8.79 44.98
CA CYS C 429 -0.35 -8.08 46.21
C CYS C 429 -0.14 -8.99 47.41
N VAL C 430 0.62 -8.51 48.37
CA VAL C 430 0.79 -9.18 49.66
C VAL C 430 -0.25 -8.63 50.63
N ILE C 431 -0.96 -9.54 51.31
CA ILE C 431 -1.96 -9.18 52.31
C ILE C 431 -1.67 -10.04 53.54
N ALA C 432 -1.71 -9.42 54.72
CA ALA C 432 -1.48 -10.15 55.96
C ALA C 432 -2.48 -9.69 57.01
N TRP C 433 -2.75 -10.56 57.98
CA TRP C 433 -3.56 -10.15 59.12
C TRP C 433 -3.25 -11.03 60.32
N ASN C 434 -3.37 -10.45 61.51
CA ASN C 434 -3.12 -11.17 62.75
C ASN C 434 -4.14 -12.28 62.94
N SER C 435 -3.69 -13.39 63.53
CA SER C 435 -4.53 -14.57 63.72
C SER C 435 -4.33 -15.15 65.12
N ASN C 436 -4.32 -14.30 66.13
CA ASN C 436 -4.19 -14.79 67.51
C ASN C 436 -5.43 -15.57 67.94
N LYS C 437 -6.61 -15.13 67.53
CA LYS C 437 -7.85 -15.71 68.03
C LYS C 437 -8.13 -17.09 67.46
N LEU C 438 -7.48 -17.49 66.36
CA LEU C 438 -7.77 -18.76 65.74
C LEU C 438 -6.55 -19.52 65.22
N ASP C 439 -5.33 -19.02 65.45
CA ASP C 439 -4.12 -19.75 65.07
C ASP C 439 -3.11 -19.80 66.21
N SER C 440 -3.54 -19.60 67.43
CA SER C 440 -2.68 -19.68 68.61
C SER C 440 -3.36 -20.53 69.67
N LYS C 441 -2.53 -21.17 70.50
CA LYS C 441 -3.04 -22.08 71.51
C LYS C 441 -2.15 -22.01 72.75
N HIS C 442 -2.75 -22.25 73.91
CA HIS C 442 -2.00 -22.17 75.16
C HIS C 442 -0.90 -23.23 75.20
N SER C 443 -1.19 -24.43 74.72
CA SER C 443 -0.17 -25.48 74.69
C SER C 443 0.88 -25.21 73.62
N GLY C 444 0.42 -24.80 72.42
CA GLY C 444 1.33 -24.52 71.33
C GLY C 444 0.86 -25.13 70.02
N ASN C 445 0.83 -24.32 68.97
CA ASN C 445 0.36 -24.77 67.66
C ASN C 445 1.51 -25.43 66.92
N TYR C 446 1.78 -26.69 67.30
CA TYR C 446 2.84 -27.47 66.67
C TYR C 446 2.34 -28.15 65.41
N ASP C 447 1.79 -27.36 64.48
CA ASP C 447 1.26 -27.89 63.23
C ASP C 447 1.73 -27.11 62.00
N TYR C 448 2.50 -26.04 62.18
CA TYR C 448 3.02 -25.23 61.09
C TYR C 448 4.54 -25.33 61.08
N TRP C 449 5.10 -25.68 59.92
CA TRP C 449 6.52 -25.96 59.79
C TRP C 449 7.15 -24.99 58.80
N TYR C 450 8.49 -24.93 58.81
CA TYR C 450 9.22 -24.07 57.90
C TYR C 450 10.63 -24.62 57.71
N ARG C 451 11.14 -24.49 56.49
CA ARG C 451 12.48 -24.97 56.16
C ARG C 451 13.56 -24.08 56.80
N LEU C 452 14.65 -24.70 57.23
CA LEU C 452 15.76 -23.99 57.84
C LEU C 452 17.08 -24.21 57.13
N PHE C 453 17.39 -25.44 56.71
CA PHE C 453 18.65 -25.77 56.09
C PHE C 453 18.42 -26.33 54.69
N ARG C 454 19.30 -25.96 53.77
CA ARG C 454 19.26 -26.46 52.40
C ARG C 454 20.57 -26.10 51.73
N LYS C 455 21.13 -27.04 50.95
CA LYS C 455 22.43 -26.83 50.32
C LYS C 455 22.29 -26.21 48.93
N SER C 456 21.51 -25.14 48.84
CA SER C 456 21.29 -24.39 47.61
C SER C 456 20.38 -23.21 47.92
N LYS C 457 20.21 -22.34 46.93
CA LYS C 457 19.24 -21.25 46.98
C LYS C 457 18.01 -21.63 46.15
N LEU C 458 16.93 -20.93 46.40
CA LEU C 458 15.67 -21.15 45.68
C LEU C 458 15.57 -20.23 44.48
N LYS C 459 14.58 -20.51 43.64
CA LYS C 459 14.26 -19.74 42.45
C LYS C 459 12.79 -19.35 42.54
N PRO C 460 12.38 -18.30 41.82
CA PRO C 460 10.98 -17.86 41.89
C PRO C 460 10.00 -18.97 41.58
N PHE C 461 8.99 -19.11 42.45
CA PHE C 461 7.93 -20.10 42.30
C PHE C 461 8.49 -21.53 42.24
N GLU C 462 9.13 -21.92 43.33
CA GLU C 462 9.61 -23.29 43.50
C GLU C 462 9.15 -23.83 44.85
N ARG C 463 8.79 -25.10 44.89
CA ARG C 463 8.28 -25.75 46.09
C ARG C 463 9.06 -27.03 46.33
N ASP C 464 9.44 -27.25 47.59
CA ASP C 464 10.21 -28.42 47.99
C ASP C 464 9.52 -29.12 49.15
N ILE C 465 9.40 -30.44 49.06
CA ILE C 465 8.78 -31.26 50.10
C ILE C 465 9.77 -32.27 50.66
N SER C 466 11.03 -32.21 50.23
CA SER C 466 12.02 -33.21 50.59
C SER C 466 12.25 -33.24 52.10
N THR C 467 12.46 -34.44 52.62
CA THR C 467 12.66 -34.66 54.04
C THR C 467 13.98 -35.36 54.34
N GLU C 468 14.85 -35.53 53.34
CA GLU C 468 16.13 -36.17 53.56
C GLU C 468 17.01 -35.31 54.47
N ILE C 469 17.80 -35.98 55.30
CA ILE C 469 18.64 -35.29 56.27
C ILE C 469 19.69 -34.45 55.55
N TYR C 470 20.10 -33.36 56.20
CA TYR C 470 21.03 -32.40 55.62
C TYR C 470 22.45 -32.74 56.08
N GLN C 471 23.38 -32.73 55.13
CA GLN C 471 24.77 -33.05 55.40
C GLN C 471 25.57 -31.77 55.64
N ALA C 472 26.45 -31.81 56.64
CA ALA C 472 27.29 -30.67 56.99
C ALA C 472 28.78 -30.98 56.99
N GLY C 473 29.17 -32.25 57.10
CA GLY C 473 30.57 -32.63 57.13
C GLY C 473 30.97 -33.46 55.92
N ASN C 474 32.24 -33.89 55.96
CA ASN C 474 32.80 -34.67 54.87
C ASN C 474 32.30 -36.11 54.88
N LYS C 475 32.14 -36.69 56.07
CA LYS C 475 31.81 -38.10 56.17
C LYS C 475 30.41 -38.39 55.66
N PRO C 476 30.17 -39.54 55.04
CA PRO C 476 28.81 -39.91 54.62
C PRO C 476 27.91 -40.13 55.82
N CYS C 477 26.61 -39.92 55.61
CA CYS C 477 25.66 -39.77 56.71
C CYS C 477 24.55 -40.81 56.61
N LYS C 478 24.19 -41.39 57.76
CA LYS C 478 23.05 -42.31 57.88
C LYS C 478 22.40 -42.04 59.24
N GLY C 479 21.34 -41.24 59.25
CA GLY C 479 20.65 -40.91 60.49
C GLY C 479 21.22 -39.67 61.16
N LYS C 480 20.47 -39.18 62.14
CA LYS C 480 20.87 -37.98 62.88
C LYS C 480 21.95 -38.36 63.90
N GLY C 481 22.30 -37.42 64.79
CA GLY C 481 23.45 -37.61 65.64
C GLY C 481 24.55 -36.58 65.59
N PRO C 482 25.49 -36.77 64.66
CA PRO C 482 26.58 -35.81 64.46
C PRO C 482 26.07 -34.73 63.52
N ASN C 483 27.01 -33.99 62.92
CA ASN C 483 26.69 -32.89 61.96
C ASN C 483 25.80 -33.43 60.85
N CYS C 484 24.55 -33.74 61.18
CA CYS C 484 23.57 -34.27 60.20
C CYS C 484 22.23 -33.86 60.77
N TYR C 485 21.70 -32.71 60.34
CA TYR C 485 20.52 -32.17 61.00
C TYR C 485 19.29 -32.41 60.13
N PHE C 486 18.13 -32.47 60.78
CA PHE C 486 16.86 -32.60 60.07
C PHE C 486 16.41 -31.24 59.58
N PRO C 487 16.14 -31.07 58.28
CA PRO C 487 15.82 -29.75 57.72
C PRO C 487 14.33 -29.38 57.80
N LEU C 488 13.75 -29.54 58.99
CA LEU C 488 12.36 -29.16 59.21
C LEU C 488 12.19 -28.82 60.68
N GLN C 489 11.65 -27.63 60.95
CA GLN C 489 11.43 -27.17 62.32
C GLN C 489 10.10 -26.45 62.39
N SER C 490 9.37 -26.66 63.48
CA SER C 490 8.02 -26.16 63.64
C SER C 490 8.00 -24.86 64.45
N TYR C 491 6.85 -24.19 64.43
CA TYR C 491 6.65 -22.97 65.18
C TYR C 491 6.07 -23.28 66.56
N GLY C 492 6.05 -22.26 67.40
CA GLY C 492 5.57 -22.40 68.76
C GLY C 492 4.54 -21.36 69.16
N PHE C 493 3.64 -21.03 68.24
CA PHE C 493 2.72 -19.91 68.42
C PHE C 493 1.89 -20.07 69.69
N ARG C 494 1.79 -18.97 70.45
CA ARG C 494 1.00 -18.87 71.66
C ARG C 494 0.20 -17.58 71.63
N PRO C 495 -0.96 -17.54 72.31
CA PRO C 495 -1.79 -16.32 72.24
C PRO C 495 -1.20 -15.13 72.96
N THR C 496 -0.22 -15.32 73.85
CA THR C 496 0.34 -14.23 74.63
C THR C 496 1.72 -13.80 74.14
N TYR C 497 2.04 -14.06 72.87
CA TYR C 497 3.28 -13.59 72.29
C TYR C 497 3.21 -12.08 72.02
N GLY C 498 4.38 -11.52 71.73
CA GLY C 498 4.44 -10.13 71.33
C GLY C 498 3.97 -9.94 69.90
N VAL C 499 3.83 -8.67 69.52
CA VAL C 499 3.27 -8.33 68.21
C VAL C 499 4.15 -8.89 67.09
N GLY C 500 5.47 -8.93 67.30
CA GLY C 500 6.37 -9.42 66.28
C GLY C 500 6.53 -10.92 66.22
N HIS C 501 5.94 -11.66 67.17
CA HIS C 501 6.03 -13.11 67.19
C HIS C 501 4.68 -13.80 67.06
N GLN C 502 3.58 -13.07 67.11
CA GLN C 502 2.28 -13.67 66.93
C GLN C 502 2.11 -14.13 65.48
N PRO C 503 1.41 -15.23 65.26
CA PRO C 503 1.23 -15.71 63.88
C PRO C 503 0.39 -14.74 63.05
N TYR C 504 0.85 -14.49 61.83
CA TYR C 504 0.11 -13.71 60.84
C TYR C 504 -0.33 -14.63 59.72
N ARG C 505 -1.63 -14.74 59.51
CA ARG C 505 -2.15 -15.37 58.30
C ARG C 505 -1.84 -14.44 57.14
N VAL C 506 -0.93 -14.87 56.27
CA VAL C 506 -0.42 -14.04 55.20
C VAL C 506 -0.84 -14.66 53.89
N VAL C 507 -1.84 -14.05 53.24
CA VAL C 507 -2.19 -14.40 51.87
C VAL C 507 -1.26 -13.59 50.98
N VAL C 508 -0.19 -14.22 50.54
CA VAL C 508 0.65 -13.58 49.55
C VAL C 508 -0.04 -13.83 48.23
N LEU C 509 -0.96 -12.93 47.85
CA LEU C 509 -1.66 -13.06 46.59
C LEU C 509 -0.58 -12.72 45.57
N SER C 510 0.20 -13.74 45.22
CA SER C 510 1.20 -13.58 44.17
C SER C 510 0.47 -13.98 42.90
N PHE C 511 -0.72 -13.39 42.73
CA PHE C 511 -1.62 -13.78 41.62
C PHE C 511 -1.30 -13.03 40.33
N GLU C 512 -1.52 -13.71 39.21
CA GLU C 512 -1.33 -13.09 37.87
C GLU C 512 -1.95 -14.09 36.87
N LEU C 513 -1.17 -14.72 35.99
CA LEU C 513 -1.68 -15.77 35.06
C LEU C 513 -2.96 -15.29 34.38
N LEU C 514 -3.02 -14.00 34.08
CA LEU C 514 -4.18 -13.39 33.40
C LEU C 514 -4.56 -14.03 32.07
N HIS C 515 -3.63 -14.02 31.11
CA HIS C 515 -3.85 -14.62 29.77
C HIS C 515 -4.38 -16.06 29.82
N ALA C 516 -5.34 -16.37 28.94
CA ALA C 516 -5.91 -17.74 28.83
C ALA C 516 -7.03 -17.71 27.78
N PRO C 517 -7.27 -18.81 27.01
CA PRO C 517 -8.40 -18.85 26.11
C PRO C 517 -9.61 -18.26 26.85
N ALA C 518 -9.78 -18.63 28.12
CA ALA C 518 -10.89 -18.08 28.93
C ALA C 518 -10.39 -16.86 29.71
N THR C 519 -11.29 -15.91 30.00
CA THR C 519 -10.91 -14.77 30.86
C THR C 519 -12.05 -14.53 31.85
N VAL C 520 -12.26 -15.46 32.78
CA VAL C 520 -13.31 -15.23 33.82
C VAL C 520 -13.00 -13.83 34.35
N CYS C 521 -14.01 -12.97 34.49
CA CYS C 521 -13.67 -11.54 34.79
C CYS C 521 -14.04 -11.00 36.16
N GLY C 522 -13.56 -9.78 36.44
CA GLY C 522 -13.98 -9.07 37.66
C GLY C 522 -15.41 -8.64 37.44
N PRO C 523 -16.12 -8.10 38.44
CA PRO C 523 -17.55 -7.87 38.27
C PRO C 523 -17.83 -6.44 37.81
N LYS C 524 -18.87 -6.28 37.02
CA LYS C 524 -19.20 -5.00 36.41
C LYS C 524 -20.45 -4.41 37.08
N LYS C 525 -20.54 -3.09 37.06
CA LYS C 525 -21.67 -2.41 37.68
C LYS C 525 -22.79 -2.21 36.66
N SER C 526 -23.92 -2.38 37.09
CA SER C 526 -25.03 -2.09 36.21
C SER C 526 -25.89 -0.98 36.80
N THR C 527 -26.54 -0.23 35.91
CA THR C 527 -27.49 0.82 36.28
C THR C 527 -28.89 0.45 35.77
N ASN C 528 -29.85 1.32 36.05
CA ASN C 528 -31.22 1.08 35.61
C ASN C 528 -31.34 1.31 34.11
N LEU C 529 -32.53 1.01 33.60
CA LEU C 529 -32.82 1.10 32.17
C LEU C 529 -33.88 2.16 31.93
N VAL C 530 -33.65 2.98 30.90
CA VAL C 530 -34.52 4.11 30.57
C VAL C 530 -35.06 3.90 29.16
N LYS C 531 -36.35 4.12 28.99
CA LYS C 531 -37.03 3.85 27.72
C LYS C 531 -37.75 5.10 27.23
N ASN C 532 -37.98 5.12 25.92
CA ASN C 532 -38.68 6.21 25.23
C ASN C 532 -37.92 7.53 25.36
N LYS C 533 -36.60 7.47 25.49
CA LYS C 533 -35.78 8.65 25.64
C LYS C 533 -34.46 8.44 24.90
N CYS C 534 -33.81 9.55 24.56
CA CYS C 534 -32.54 9.51 23.86
C CYS C 534 -31.41 9.28 24.85
N VAL C 535 -30.78 8.11 24.79
CA VAL C 535 -29.73 7.74 25.74
C VAL C 535 -28.56 7.11 25.01
N ASN C 536 -27.41 7.11 25.70
CA ASN C 536 -26.20 6.43 25.25
C ASN C 536 -26.13 5.06 25.93
N PHE C 537 -26.24 4.00 25.15
CA PHE C 537 -26.37 2.66 25.71
C PHE C 537 -25.13 1.82 25.44
N ASN C 538 -24.85 0.92 26.38
CA ASN C 538 -23.76 -0.05 26.27
C ASN C 538 -24.30 -1.41 26.73
N PHE C 539 -24.57 -2.30 25.77
CA PHE C 539 -25.10 -3.63 26.05
C PHE C 539 -24.06 -4.67 25.66
N ASN C 540 -23.39 -5.25 26.65
CA ASN C 540 -22.43 -6.34 26.43
C ASN C 540 -21.38 -5.95 25.38
N GLY C 541 -20.91 -4.72 25.45
CA GLY C 541 -19.89 -4.25 24.53
C GLY C 541 -20.41 -3.61 23.26
N LEU C 542 -21.71 -3.69 22.99
CA LEU C 542 -22.30 -3.01 21.84
C LEU C 542 -22.70 -1.61 22.31
N THR C 543 -22.05 -0.59 21.76
CA THR C 543 -22.19 0.78 22.23
C THR C 543 -22.85 1.64 21.16
N GLY C 544 -23.81 2.46 21.58
CA GLY C 544 -24.50 3.29 20.62
C GLY C 544 -25.32 4.36 21.30
N THR C 545 -26.10 5.06 20.48
CA THR C 545 -27.01 6.10 20.95
C THR C 545 -28.37 5.91 20.30
N GLY C 546 -29.43 6.21 21.03
CA GLY C 546 -30.73 6.18 20.41
C GLY C 546 -31.84 6.08 21.44
N VAL C 547 -32.99 5.61 20.97
CA VAL C 547 -34.19 5.45 21.78
C VAL C 547 -34.54 3.97 21.80
N LEU C 548 -34.77 3.45 23.01
CA LEU C 548 -35.06 2.03 23.23
C LEU C 548 -36.54 1.89 23.53
N THR C 549 -37.30 1.40 22.55
CA THR C 549 -38.73 1.21 22.70
C THR C 549 -39.07 -0.28 22.77
N LYS C 550 -40.30 -0.56 23.19
CA LYS C 550 -40.76 -1.94 23.27
C LYS C 550 -41.00 -2.50 21.87
N SER C 551 -40.75 -3.79 21.72
CA SER C 551 -40.78 -4.42 20.41
C SER C 551 -41.59 -5.70 20.48
N ASN C 552 -41.80 -6.30 19.31
CA ASN C 552 -42.57 -7.54 19.20
C ASN C 552 -41.87 -8.58 18.32
N LYS C 553 -40.59 -8.40 18.04
CA LYS C 553 -39.84 -9.42 17.32
C LYS C 553 -39.69 -10.65 18.19
N LYS C 554 -39.77 -11.82 17.57
CA LYS C 554 -39.66 -13.10 18.28
C LYS C 554 -38.27 -13.65 18.03
N PHE C 555 -37.35 -13.32 18.93
CA PHE C 555 -36.01 -13.85 18.84
C PHE C 555 -36.00 -15.35 19.13
N LEU C 556 -34.90 -15.98 18.80
CA LEU C 556 -34.67 -17.35 19.20
C LEU C 556 -33.83 -17.38 20.48
N PRO C 557 -33.94 -18.44 21.27
CA PRO C 557 -33.32 -18.43 22.61
C PRO C 557 -31.82 -18.24 22.61
N PHE C 558 -31.12 -18.50 21.51
CA PHE C 558 -29.67 -18.41 21.50
C PHE C 558 -29.16 -17.11 20.88
N GLN C 559 -30.03 -16.17 20.55
CA GLN C 559 -29.63 -14.95 19.87
C GLN C 559 -29.54 -13.79 20.85
N GLN C 560 -28.66 -12.84 20.54
CA GLN C 560 -28.43 -11.68 21.39
C GLN C 560 -28.87 -10.38 20.73
N PHE C 561 -28.37 -10.08 19.54
CA PHE C 561 -28.61 -8.82 18.87
C PHE C 561 -29.54 -9.02 17.68
N GLY C 562 -29.71 -7.98 16.89
CA GLY C 562 -30.46 -8.06 15.65
C GLY C 562 -29.88 -7.08 14.66
N ARG C 563 -29.98 -7.43 13.38
CA ARG C 563 -29.40 -6.59 12.34
C ARG C 563 -30.37 -6.42 11.19
N ASP C 564 -30.29 -5.26 10.55
CA ASP C 564 -31.20 -4.90 9.47
C ASP C 564 -30.66 -5.43 8.15
N ILE C 565 -31.20 -4.93 7.05
CA ILE C 565 -30.77 -5.40 5.73
C ILE C 565 -29.35 -4.98 5.42
N VAL C 566 -28.79 -4.00 6.12
CA VAL C 566 -27.45 -3.55 5.75
C VAL C 566 -26.41 -3.95 6.78
N ASP C 567 -26.34 -3.22 7.89
CA ASP C 567 -25.50 -3.64 9.00
C ASP C 567 -26.11 -3.30 10.35
N THR C 568 -27.03 -2.35 10.44
CA THR C 568 -27.31 -1.57 11.64
C THR C 568 -28.00 -2.43 12.69
N THR C 569 -27.67 -2.15 13.95
CA THR C 569 -28.23 -2.89 15.08
C THR C 569 -29.63 -2.36 15.34
N ASP C 570 -30.60 -2.92 14.62
CA ASP C 570 -31.98 -2.47 14.76
C ASP C 570 -32.56 -2.85 16.12
N ALA C 571 -32.28 -4.05 16.60
CA ALA C 571 -32.88 -4.57 17.81
C ALA C 571 -31.80 -5.05 18.75
N VAL C 572 -32.20 -5.32 20.01
CA VAL C 572 -31.27 -5.81 21.02
C VAL C 572 -32.09 -6.51 22.09
N ARG C 573 -31.43 -7.32 22.91
CA ARG C 573 -32.07 -8.07 23.97
C ARG C 573 -31.38 -7.76 25.29
N ASP C 574 -32.15 -7.35 26.28
CA ASP C 574 -31.56 -6.98 27.56
C ASP C 574 -31.14 -8.23 28.33
N PRO C 575 -29.89 -8.31 28.78
CA PRO C 575 -29.39 -9.56 29.37
C PRO C 575 -30.10 -9.97 30.65
N GLN C 576 -30.79 -9.06 31.34
CA GLN C 576 -31.37 -9.38 32.64
C GLN C 576 -32.85 -9.72 32.55
N THR C 577 -33.67 -8.79 32.07
CA THR C 577 -35.11 -9.05 32.02
C THR C 577 -35.52 -9.85 30.79
N LEU C 578 -34.61 -10.08 29.85
CA LEU C 578 -34.86 -10.90 28.66
C LEU C 578 -36.09 -10.40 27.91
N GLU C 579 -35.97 -9.17 27.41
CA GLU C 579 -37.03 -8.53 26.66
C GLU C 579 -36.45 -7.93 25.39
N ILE C 580 -37.14 -8.10 24.26
CA ILE C 580 -36.71 -7.47 23.03
C ILE C 580 -36.91 -5.96 23.13
N LEU C 581 -35.91 -5.21 22.68
CA LEU C 581 -35.94 -3.75 22.68
C LEU C 581 -35.51 -3.25 21.31
N ASP C 582 -36.34 -2.41 20.71
CA ASP C 582 -36.02 -1.83 19.41
C ASP C 582 -35.22 -0.55 19.61
N ILE C 583 -34.16 -0.40 18.82
CA ILE C 583 -33.29 0.76 18.86
C ILE C 583 -33.60 1.65 17.66
N THR C 584 -34.05 2.86 17.91
CA THR C 584 -34.29 3.79 16.81
C THR C 584 -33.39 5.03 16.96
N PRO C 585 -32.77 5.49 15.88
CA PRO C 585 -31.78 6.56 15.99
C PRO C 585 -32.42 7.91 16.31
N CYS C 586 -31.60 8.78 16.87
CA CYS C 586 -32.06 10.09 17.31
C CYS C 586 -32.41 10.96 16.11
N SER C 587 -33.44 11.79 16.28
CA SER C 587 -33.91 12.61 15.17
C SER C 587 -32.87 13.67 14.82
N PHE C 588 -32.49 13.48 13.55
CA PHE C 588 -31.52 14.36 12.91
C PHE C 588 -32.17 14.81 11.63
N GLY C 589 -31.90 16.03 11.22
CA GLY C 589 -32.43 16.56 9.98
C GLY C 589 -31.92 17.95 9.67
N GLY C 590 -32.59 18.61 8.72
CA GLY C 590 -32.22 19.94 8.32
C GLY C 590 -32.97 21.03 9.06
N VAL C 591 -32.40 22.23 9.04
CA VAL C 591 -32.88 23.36 9.84
C VAL C 591 -33.21 24.53 8.93
N SER C 592 -33.80 24.24 7.78
CA SER C 592 -33.89 25.22 6.70
C SER C 592 -34.61 26.50 7.17
N VAL C 593 -34.24 27.62 6.55
CA VAL C 593 -34.69 28.95 7.00
C VAL C 593 -35.42 29.65 5.87
N ILE C 594 -36.60 30.19 6.20
CA ILE C 594 -37.43 30.95 5.27
C ILE C 594 -37.31 32.42 5.61
N THR C 595 -36.93 33.24 4.62
CA THR C 595 -36.75 34.66 4.83
C THR C 595 -37.37 35.46 3.69
N PRO C 596 -37.93 36.63 3.98
CA PRO C 596 -38.50 37.47 2.92
C PRO C 596 -37.50 38.44 2.30
N GLY C 597 -36.28 38.50 2.81
CA GLY C 597 -35.30 39.43 2.30
C GLY C 597 -34.89 40.45 3.35
N THR C 598 -33.60 40.76 3.43
CA THR C 598 -33.15 41.75 4.41
C THR C 598 -33.70 43.13 4.08
N ASN C 599 -33.91 43.42 2.80
CA ASN C 599 -34.46 44.72 2.42
C ASN C 599 -35.88 44.90 2.95
N THR C 600 -36.68 43.84 2.93
CA THR C 600 -38.08 43.96 3.33
C THR C 600 -38.22 44.02 4.84
N SER C 601 -37.79 42.97 5.54
CA SER C 601 -37.95 42.91 6.98
C SER C 601 -36.79 42.13 7.58
N ASN C 602 -36.93 41.74 8.84
CA ASN C 602 -35.92 40.94 9.52
C ASN C 602 -36.47 39.64 10.10
N GLN C 603 -37.78 39.45 10.10
CA GLN C 603 -38.36 38.24 10.66
C GLN C 603 -38.08 37.03 9.76
N VAL C 604 -37.93 35.87 10.38
CA VAL C 604 -37.63 34.63 9.68
C VAL C 604 -38.48 33.50 10.24
N ALA C 605 -38.57 32.41 9.47
CA ALA C 605 -39.23 31.19 9.90
C ALA C 605 -38.27 30.02 9.75
N VAL C 606 -38.50 28.96 10.52
CA VAL C 606 -37.59 27.83 10.58
C VAL C 606 -38.37 26.55 10.33
N LEU C 607 -37.87 25.73 9.41
CA LEU C 607 -38.45 24.43 9.11
C LEU C 607 -37.46 23.34 9.50
N TYR C 608 -37.80 22.61 10.55
CA TYR C 608 -37.09 21.39 10.93
C TYR C 608 -37.65 20.26 10.07
N GLN C 609 -36.84 19.74 9.16
CA GLN C 609 -37.30 18.76 8.20
C GLN C 609 -37.37 17.37 8.82
N GLY C 610 -38.45 16.66 8.53
CA GLY C 610 -38.57 15.27 8.90
C GLY C 610 -38.59 14.98 10.38
N VAL C 611 -39.37 15.73 11.15
CA VAL C 611 -39.57 15.45 12.56
C VAL C 611 -40.92 16.03 12.97
N ASN C 612 -41.62 15.31 13.85
CA ASN C 612 -42.93 15.78 14.33
C ASN C 612 -42.71 16.84 15.40
N CYS C 613 -43.63 17.78 15.48
CA CYS C 613 -43.45 18.93 16.37
C CYS C 613 -43.44 18.55 17.84
N THR C 614 -43.92 17.35 18.15
CA THR C 614 -44.03 16.94 19.57
C THR C 614 -42.62 16.87 20.14
N GLU C 615 -41.80 15.96 19.62
CA GLU C 615 -40.33 16.06 19.74
C GLU C 615 -39.89 17.38 19.12
N VAL C 616 -38.67 17.82 19.43
CA VAL C 616 -38.24 19.24 19.23
C VAL C 616 -38.93 20.10 20.27
N SER C 617 -40.25 20.28 20.19
CA SER C 617 -40.90 21.08 21.27
C SER C 617 -40.43 20.50 22.61
N VAL C 618 -40.67 19.20 22.81
CA VAL C 618 -40.17 18.51 24.03
C VAL C 618 -38.72 18.94 24.26
N ALA C 619 -37.85 18.66 23.28
CA ALA C 619 -36.39 18.84 23.47
C ALA C 619 -36.02 20.30 23.17
N ILE C 620 -36.98 21.20 23.30
CA ILE C 620 -36.68 22.64 23.49
C ILE C 620 -37.02 22.97 24.94
N HIS C 621 -38.17 22.46 25.42
CA HIS C 621 -38.60 22.77 26.80
C HIS C 621 -37.60 22.10 27.75
N ALA C 622 -37.04 20.97 27.32
CA ALA C 622 -36.06 20.26 28.15
C ALA C 622 -34.67 20.44 27.54
N ASP C 623 -34.57 21.27 26.50
CA ASP C 623 -33.27 21.45 25.78
C ASP C 623 -32.81 20.11 25.21
N GLN C 624 -31.51 19.93 24.99
CA GLN C 624 -30.94 18.69 24.38
C GLN C 624 -30.95 18.81 22.85
N LEU C 625 -31.08 20.02 22.32
CA LEU C 625 -30.93 20.21 20.85
C LEU C 625 -29.53 20.78 20.63
N THR C 626 -28.91 20.54 19.48
CA THR C 626 -27.53 20.97 19.28
C THR C 626 -27.45 22.45 18.89
N PRO C 627 -28.18 22.94 17.86
CA PRO C 627 -28.09 24.37 17.54
C PRO C 627 -28.72 25.24 18.61
N THR C 628 -27.87 25.97 19.34
CA THR C 628 -28.28 26.55 20.65
C THR C 628 -29.02 27.88 20.43
N TRP C 629 -29.12 28.36 19.19
CA TRP C 629 -29.98 29.54 18.96
C TRP C 629 -31.42 29.13 19.17
N ARG C 630 -31.67 27.81 19.09
CA ARG C 630 -32.80 27.17 19.80
C ARG C 630 -34.03 28.07 19.63
N VAL C 631 -34.44 28.73 20.72
CA VAL C 631 -35.75 29.44 20.71
C VAL C 631 -35.82 30.27 19.43
N TYR C 632 -36.77 29.97 18.56
CA TYR C 632 -37.19 31.04 17.61
C TYR C 632 -37.99 32.06 18.43
N SER C 633 -39.10 31.60 19.01
CA SER C 633 -40.03 32.51 19.74
C SER C 633 -40.99 31.66 20.57
N THR C 634 -41.02 30.35 20.31
CA THR C 634 -42.17 29.49 20.70
C THR C 634 -43.46 30.29 20.48
N GLY C 635 -44.12 30.68 21.55
CA GLY C 635 -45.33 31.53 21.44
C GLY C 635 -46.30 30.98 20.41
N SER C 636 -46.81 29.77 20.66
CA SER C 636 -47.62 29.02 19.66
C SER C 636 -46.93 29.07 18.30
N ASN C 637 -47.60 29.67 17.32
CA ASN C 637 -47.40 29.35 15.87
C ASN C 637 -46.41 28.20 15.72
N VAL C 638 -46.68 27.04 16.34
CA VAL C 638 -45.94 25.88 15.83
C VAL C 638 -46.89 25.09 14.95
N PHE C 639 -46.44 24.76 13.74
CA PHE C 639 -47.27 24.06 12.78
C PHE C 639 -46.57 22.78 12.33
N GLN C 640 -47.36 21.75 12.05
CA GLN C 640 -46.85 20.46 11.60
C GLN C 640 -47.34 20.18 10.19
N THR C 641 -46.42 19.83 9.30
CA THR C 641 -46.75 19.42 7.95
C THR C 641 -45.93 18.21 7.58
N ARG C 642 -46.25 17.61 6.43
CA ARG C 642 -45.52 16.43 5.98
C ARG C 642 -44.04 16.72 5.74
N ALA C 643 -43.68 17.98 5.52
CA ALA C 643 -42.28 18.33 5.39
C ALA C 643 -41.58 18.39 6.74
N GLY C 644 -42.30 18.74 7.80
CA GLY C 644 -41.71 18.80 9.11
C GLY C 644 -42.39 19.86 9.96
N CYS C 645 -41.63 20.39 10.91
CA CYS C 645 -42.16 21.33 11.89
C CYS C 645 -41.76 22.74 11.52
N LEU C 646 -42.75 23.62 11.38
CA LEU C 646 -42.55 25.00 10.97
C LEU C 646 -42.81 25.90 12.17
N ILE C 647 -41.81 26.68 12.55
CA ILE C 647 -41.91 27.61 13.67
C ILE C 647 -41.66 29.01 13.14
N GLY C 648 -42.56 29.93 13.45
CA GLY C 648 -42.44 31.31 13.03
C GLY C 648 -43.44 31.74 11.99
N ALA C 649 -44.34 30.85 11.56
CA ALA C 649 -45.36 31.19 10.59
C ALA C 649 -46.71 30.69 11.08
N GLU C 650 -47.77 31.35 10.65
CA GLU C 650 -49.12 30.98 11.03
C GLU C 650 -49.88 30.47 9.80
N TYR C 651 -50.54 29.33 9.96
CA TYR C 651 -51.29 28.73 8.87
C TYR C 651 -52.59 29.47 8.65
N VAL C 652 -52.85 29.87 7.41
CA VAL C 652 -54.11 30.48 7.03
C VAL C 652 -54.87 29.51 6.13
N ASN C 653 -56.18 29.69 6.08
CA ASN C 653 -57.06 28.84 5.29
C ASN C 653 -57.32 29.39 3.89
N ASN C 654 -56.73 30.52 3.53
CA ASN C 654 -56.86 31.06 2.19
C ASN C 654 -56.05 30.20 1.22
N SER C 655 -55.99 30.64 -0.04
CA SER C 655 -55.19 29.95 -1.03
C SER C 655 -54.87 30.91 -2.17
N TYR C 656 -53.60 31.12 -2.44
CA TYR C 656 -53.17 31.88 -3.60
C TYR C 656 -51.77 31.42 -4.00
N GLU C 657 -51.23 32.06 -5.03
CA GLU C 657 -50.05 31.54 -5.73
C GLU C 657 -48.85 31.41 -4.79
N CYS C 658 -48.00 30.44 -5.10
CA CYS C 658 -46.85 30.14 -4.26
C CYS C 658 -45.77 31.19 -4.44
N ASP C 659 -45.08 31.50 -3.34
CA ASP C 659 -43.97 32.44 -3.34
C ASP C 659 -42.66 31.77 -2.94
N ILE C 660 -42.64 31.08 -1.81
CA ILE C 660 -41.47 30.32 -1.38
C ILE C 660 -41.91 28.87 -1.16
N PRO C 661 -41.52 27.94 -2.01
CA PRO C 661 -41.95 26.55 -1.85
C PRO C 661 -41.30 25.90 -0.64
N ILE C 662 -42.14 25.38 0.26
CA ILE C 662 -41.69 24.71 1.47
C ILE C 662 -41.80 23.20 1.33
N GLY C 663 -43.00 22.68 1.06
CA GLY C 663 -43.16 21.24 1.08
C GLY C 663 -44.26 20.70 0.20
N ALA C 664 -44.98 19.69 0.71
CA ALA C 664 -46.01 19.01 -0.06
C ALA C 664 -47.24 19.91 -0.16
N GLY C 665 -47.16 20.88 -1.06
CA GLY C 665 -48.24 21.81 -1.28
C GLY C 665 -48.27 22.99 -0.35
N VAL C 666 -47.35 23.07 0.60
CA VAL C 666 -47.31 24.16 1.56
C VAL C 666 -46.26 25.15 1.09
N CYS C 667 -46.69 26.39 0.89
CA CYS C 667 -45.83 27.52 0.55
C CYS C 667 -45.97 28.60 1.61
N ALA C 668 -45.19 29.67 1.46
CA ALA C 668 -45.16 30.72 2.47
C ALA C 668 -45.00 32.07 1.81
N SER C 669 -45.34 33.11 2.55
CA SER C 669 -45.22 34.48 2.05
C SER C 669 -45.16 35.44 3.23
N TYR C 670 -44.95 36.72 2.92
CA TYR C 670 -44.86 37.79 3.90
C TYR C 670 -45.91 38.83 3.54
N GLN C 671 -47.00 38.89 4.30
CA GLN C 671 -48.10 39.77 3.96
C GLN C 671 -48.66 40.41 5.21
N THR C 672 -49.41 41.49 5.00
CA THR C 672 -50.02 42.23 6.11
C THR C 672 -51.31 41.55 6.59
N SER C 685 -49.38 44.85 10.94
CA SER C 685 -50.02 43.55 10.91
C SER C 685 -49.28 42.61 9.96
N GLN C 686 -48.17 43.08 9.39
CA GLN C 686 -47.40 42.28 8.47
C GLN C 686 -46.65 41.18 9.20
N SER C 687 -46.67 39.98 8.63
CA SER C 687 -45.98 38.83 9.20
C SER C 687 -45.87 37.75 8.12
N ILE C 688 -45.18 36.66 8.49
CA ILE C 688 -44.96 35.54 7.59
C ILE C 688 -46.05 34.50 7.81
N ILE C 689 -46.65 34.02 6.73
CA ILE C 689 -47.72 33.04 6.80
C ILE C 689 -47.40 31.86 5.91
N ALA C 690 -47.98 30.71 6.24
CA ALA C 690 -47.84 29.49 5.47
C ALA C 690 -49.23 29.00 5.08
N TYR C 691 -49.36 28.53 3.84
CA TYR C 691 -50.67 28.17 3.29
C TYR C 691 -50.52 27.06 2.26
N THR C 692 -51.66 26.65 1.71
CA THR C 692 -51.74 25.59 0.71
C THR C 692 -51.79 26.20 -0.68
N MET C 693 -50.95 25.71 -1.57
CA MET C 693 -50.81 26.28 -2.91
C MET C 693 -52.10 26.08 -3.71
N SER C 694 -52.40 27.07 -4.54
CA SER C 694 -53.54 27.03 -5.43
C SER C 694 -53.05 26.98 -6.87
N LEU C 695 -53.69 26.15 -7.68
CA LEU C 695 -53.24 25.91 -9.04
C LEU C 695 -53.82 26.90 -10.05
N GLY C 696 -54.73 27.77 -9.64
CA GLY C 696 -55.28 28.78 -10.52
C GLY C 696 -56.77 28.87 -10.38
N ALA C 697 -57.38 29.67 -11.24
CA ALA C 697 -58.82 29.87 -11.20
C ALA C 697 -59.55 28.62 -11.70
N GLU C 698 -60.84 28.55 -11.37
CA GLU C 698 -61.69 27.43 -11.75
C GLU C 698 -62.68 27.91 -12.79
N ASN C 699 -62.51 27.46 -14.02
CA ASN C 699 -63.30 27.94 -15.14
C ASN C 699 -64.00 26.78 -15.81
N SER C 700 -65.33 26.83 -15.86
CA SER C 700 -66.14 25.79 -16.49
C SER C 700 -66.62 26.28 -17.84
N VAL C 701 -66.23 25.58 -18.90
CA VAL C 701 -66.63 25.95 -20.25
C VAL C 701 -68.06 25.51 -20.49
N ALA C 702 -68.87 26.39 -21.07
CA ALA C 702 -70.30 26.13 -21.25
C ALA C 702 -70.51 25.23 -22.46
N TYR C 703 -70.08 23.97 -22.30
CA TYR C 703 -70.24 22.99 -23.36
C TYR C 703 -71.71 22.66 -23.58
N SER C 704 -72.07 22.45 -24.84
CA SER C 704 -73.42 22.07 -25.19
C SER C 704 -73.40 21.33 -26.53
N ASN C 705 -74.50 20.65 -26.83
CA ASN C 705 -74.60 19.89 -28.07
C ASN C 705 -74.50 20.78 -29.30
N ASN C 706 -74.85 22.06 -29.18
CA ASN C 706 -74.97 22.90 -30.38
C ASN C 706 -74.46 24.32 -30.17
N SER C 707 -73.46 24.53 -29.32
CA SER C 707 -72.95 25.86 -29.03
C SER C 707 -71.49 25.96 -29.44
N ILE C 708 -71.15 27.03 -30.14
CA ILE C 708 -69.79 27.26 -30.61
C ILE C 708 -69.37 28.67 -30.23
N ALA C 709 -68.07 28.86 -30.03
CA ALA C 709 -67.50 30.16 -29.71
C ALA C 709 -66.50 30.54 -30.79
N ILE C 710 -66.71 31.72 -31.38
CA ILE C 710 -65.84 32.19 -32.45
C ILE C 710 -65.23 33.52 -32.03
N PRO C 711 -63.95 33.75 -32.29
CA PRO C 711 -63.34 35.02 -31.92
C PRO C 711 -63.71 36.12 -32.90
N THR C 712 -63.85 37.33 -32.36
CA THR C 712 -64.18 38.50 -33.16
C THR C 712 -63.06 39.53 -33.22
N ASN C 713 -61.92 39.28 -32.57
CA ASN C 713 -60.80 40.20 -32.62
C ASN C 713 -59.54 39.42 -32.33
N PHE C 714 -58.39 40.07 -32.54
CA PHE C 714 -57.11 39.43 -32.31
C PHE C 714 -56.18 40.38 -31.58
N THR C 715 -55.05 39.83 -31.15
CA THR C 715 -54.01 40.59 -30.46
C THR C 715 -52.67 40.02 -30.90
N ILE C 716 -51.68 40.90 -31.04
CA ILE C 716 -50.33 40.51 -31.41
C ILE C 716 -49.47 40.61 -30.17
N SER C 717 -48.80 39.51 -29.81
CA SER C 717 -47.98 39.46 -28.62
C SER C 717 -46.54 39.18 -29.00
N VAL C 718 -45.61 39.73 -28.22
CA VAL C 718 -44.19 39.48 -28.40
C VAL C 718 -43.65 38.93 -27.09
N THR C 719 -43.08 37.73 -27.15
CA THR C 719 -42.51 37.07 -25.99
C THR C 719 -41.00 36.91 -26.17
N THR C 720 -40.30 36.70 -25.05
CA THR C 720 -38.86 36.57 -25.04
C THR C 720 -38.46 35.19 -24.56
N GLU C 721 -37.50 34.58 -25.26
CA GLU C 721 -36.93 33.29 -24.87
C GLU C 721 -35.42 33.41 -24.86
N ILE C 722 -34.78 33.06 -23.74
CA ILE C 722 -33.35 33.26 -23.56
C ILE C 722 -32.69 31.90 -23.44
N LEU C 723 -31.65 31.67 -24.24
CA LEU C 723 -31.00 30.36 -24.30
C LEU C 723 -29.48 30.51 -24.22
N PRO C 724 -28.80 29.70 -23.41
CA PRO C 724 -27.33 29.70 -23.43
C PRO C 724 -26.79 28.98 -24.66
N VAL C 725 -25.60 29.41 -25.10
CA VAL C 725 -24.99 28.83 -26.29
C VAL C 725 -23.58 28.34 -26.02
N SER C 726 -22.87 28.97 -25.08
CA SER C 726 -21.48 28.62 -24.87
C SER C 726 -21.05 28.97 -23.46
N MET C 727 -19.93 28.40 -23.05
CA MET C 727 -19.32 28.68 -21.75
C MET C 727 -17.88 29.08 -21.94
N THR C 728 -17.26 29.56 -20.86
CA THR C 728 -15.89 30.03 -20.94
C THR C 728 -14.93 28.88 -21.18
N LYS C 729 -13.89 29.14 -21.97
CA LYS C 729 -12.89 28.15 -22.32
C LYS C 729 -11.71 28.29 -21.37
N THR C 730 -11.44 27.25 -20.58
CA THR C 730 -10.34 27.27 -19.63
C THR C 730 -9.30 26.23 -20.02
N SER C 731 -8.06 26.50 -19.61
CA SER C 731 -6.95 25.59 -19.79
C SER C 731 -6.17 25.52 -18.50
N VAL C 732 -5.72 24.33 -18.14
CA VAL C 732 -5.01 24.08 -16.89
C VAL C 732 -3.73 23.33 -17.21
N ASP C 733 -2.65 23.74 -16.56
CA ASP C 733 -1.36 23.06 -16.67
C ASP C 733 -1.07 22.34 -15.36
N CYS C 734 -0.77 21.05 -15.46
CA CYS C 734 -0.51 20.25 -14.27
C CYS C 734 0.68 20.77 -13.49
N THR C 735 1.80 21.00 -14.17
CA THR C 735 3.04 21.25 -13.46
C THR C 735 2.94 22.49 -12.58
N MET C 736 2.35 23.56 -13.11
CA MET C 736 2.25 24.78 -12.33
C MET C 736 1.23 24.63 -11.20
N TYR C 737 0.19 23.82 -11.41
CA TYR C 737 -0.84 23.66 -10.39
C TYR C 737 -0.35 22.83 -9.23
N ILE C 738 0.09 21.60 -9.50
CA ILE C 738 0.48 20.70 -8.42
C ILE C 738 1.85 21.05 -7.88
N CYS C 739 2.87 20.90 -8.70
CA CYS C 739 4.26 21.11 -8.28
C CYS C 739 4.75 22.47 -8.79
N GLY C 740 4.28 23.52 -8.13
CA GLY C 740 4.62 24.86 -8.58
C GLY C 740 6.09 25.14 -8.34
N ASP C 741 6.86 25.27 -9.42
CA ASP C 741 8.25 25.70 -9.38
C ASP C 741 9.06 24.92 -8.33
N SER C 742 8.84 23.61 -8.28
CA SER C 742 9.56 22.73 -7.37
C SER C 742 10.13 21.58 -8.18
N THR C 743 11.45 21.59 -8.38
CA THR C 743 12.08 20.57 -9.21
C THR C 743 11.90 19.18 -8.65
N GLU C 744 11.98 19.04 -7.33
CA GLU C 744 11.83 17.73 -6.72
C GLU C 744 10.42 17.17 -6.94
N CYS C 745 9.41 18.02 -6.86
CA CYS C 745 8.03 17.55 -7.00
C CYS C 745 7.74 17.08 -8.42
N SER C 746 8.42 17.66 -9.41
CA SER C 746 8.16 17.28 -10.80
C SER C 746 8.52 15.82 -11.05
N ASN C 747 9.63 15.35 -10.49
CA ASN C 747 10.08 13.99 -10.74
C ASN C 747 9.21 12.96 -10.04
N LEU C 748 8.47 13.35 -9.01
CA LEU C 748 7.56 12.44 -8.33
C LEU C 748 6.19 12.37 -8.97
N LEU C 749 5.93 13.21 -9.98
CA LEU C 749 4.65 13.22 -10.68
C LEU C 749 4.69 12.41 -11.97
N LEU C 750 5.87 12.18 -12.53
CA LEU C 750 5.98 11.38 -13.73
C LEU C 750 5.48 9.96 -13.51
N GLN C 751 5.70 9.40 -12.32
CA GLN C 751 5.35 8.02 -12.04
C GLN C 751 3.86 7.78 -11.91
N TYR C 752 3.05 8.84 -11.89
CA TYR C 752 1.60 8.66 -11.71
C TYR C 752 0.90 8.38 -13.03
N GLY C 753 1.62 8.31 -14.14
CA GLY C 753 1.02 7.91 -15.39
C GLY C 753 0.71 9.06 -16.31
N SER C 754 -0.35 8.92 -17.09
CA SER C 754 -0.73 9.91 -18.09
C SER C 754 -2.06 10.57 -17.74
N PHE C 755 -2.26 10.90 -16.46
CA PHE C 755 -3.45 11.65 -16.07
C PHE C 755 -3.46 13.02 -16.73
N CYS C 756 -2.30 13.68 -16.79
CA CYS C 756 -2.23 15.04 -17.31
C CYS C 756 -2.59 15.11 -18.78
N THR C 757 -2.16 14.13 -19.57
CA THR C 757 -2.55 14.11 -20.97
C THR C 757 -4.05 13.99 -21.12
N GLN C 758 -4.68 13.14 -20.30
CA GLN C 758 -6.14 13.02 -20.35
C GLN C 758 -6.81 14.34 -20.01
N LEU C 759 -6.34 15.02 -18.97
CA LEU C 759 -6.96 16.27 -18.57
C LEU C 759 -6.82 17.32 -19.66
N LYS C 760 -5.62 17.43 -20.25
CA LYS C 760 -5.42 18.41 -21.32
C LYS C 760 -6.31 18.09 -22.52
N ARG C 761 -6.41 16.82 -22.89
CA ARG C 761 -7.24 16.45 -24.02
C ARG C 761 -8.71 16.77 -23.77
N ALA C 762 -9.20 16.48 -22.56
CA ALA C 762 -10.60 16.75 -22.25
C ALA C 762 -10.89 18.25 -22.32
N LEU C 763 -10.00 19.06 -21.74
CA LEU C 763 -10.24 20.50 -21.76
C LEU C 763 -10.18 21.04 -23.18
N THR C 764 -9.27 20.54 -24.01
CA THR C 764 -9.21 20.99 -25.39
C THR C 764 -10.47 20.59 -26.16
N GLY C 765 -11.01 19.41 -25.88
CA GLY C 765 -12.27 19.02 -26.51
C GLY C 765 -13.40 19.96 -26.15
N ILE C 766 -13.51 20.32 -24.88
CA ILE C 766 -14.51 21.30 -24.47
C ILE C 766 -14.31 22.62 -25.21
N ALA C 767 -13.05 23.06 -25.30
CA ALA C 767 -12.75 24.35 -25.90
C ALA C 767 -13.16 24.40 -27.37
N VAL C 768 -12.87 23.35 -28.13
CA VAL C 768 -13.26 23.36 -29.54
C VAL C 768 -14.78 23.21 -29.67
N GLU C 769 -15.40 22.46 -28.75
CA GLU C 769 -16.84 22.27 -28.80
C GLU C 769 -17.58 23.59 -28.65
N GLN C 770 -17.04 24.49 -27.81
CA GLN C 770 -17.71 25.78 -27.61
C GLN C 770 -17.78 26.59 -28.91
N ASP C 771 -16.66 26.66 -29.63
CA ASP C 771 -16.65 27.37 -30.91
C ASP C 771 -17.57 26.72 -31.92
N LYS C 772 -17.59 25.38 -31.94
CA LYS C 772 -18.53 24.70 -32.83
C LYS C 772 -19.98 25.05 -32.50
N ASN C 773 -20.30 25.16 -31.21
CA ASN C 773 -21.65 25.53 -30.80
C ASN C 773 -22.02 26.91 -31.32
N THR C 774 -21.14 27.89 -31.12
CA THR C 774 -21.45 29.24 -31.58
C THR C 774 -21.61 29.27 -33.10
N GLN C 775 -20.73 28.57 -33.82
CA GLN C 775 -20.82 28.57 -35.27
C GLN C 775 -22.12 27.93 -35.75
N GLU C 776 -22.52 26.83 -35.12
CA GLU C 776 -23.76 26.16 -35.53
C GLU C 776 -24.97 27.05 -35.25
N VAL C 777 -24.96 27.77 -34.12
CA VAL C 777 -26.13 28.58 -33.78
C VAL C 777 -26.24 29.78 -34.71
N PHE C 778 -25.13 30.47 -34.97
CA PHE C 778 -25.22 31.78 -35.62
C PHE C 778 -24.88 31.77 -37.10
N ALA C 779 -23.89 31.00 -37.53
CA ALA C 779 -23.42 31.05 -38.91
C ALA C 779 -24.28 30.18 -39.82
N GLN C 780 -25.57 30.55 -39.88
CA GLN C 780 -26.54 29.81 -40.68
C GLN C 780 -26.86 30.48 -42.00
N VAL C 781 -26.23 31.60 -42.31
CA VAL C 781 -26.46 32.31 -43.56
C VAL C 781 -25.15 32.39 -44.32
N LYS C 782 -25.23 32.20 -45.65
CA LYS C 782 -24.02 32.20 -46.46
C LYS C 782 -23.50 33.61 -46.70
N GLN C 783 -24.38 34.59 -46.83
CA GLN C 783 -24.00 35.94 -47.21
C GLN C 783 -24.54 36.95 -46.21
N ILE C 784 -23.78 38.02 -46.01
CA ILE C 784 -24.14 39.07 -45.07
C ILE C 784 -25.08 40.04 -45.77
N TYR C 785 -26.37 39.95 -45.47
CA TYR C 785 -27.36 40.81 -46.09
C TYR C 785 -27.42 42.16 -45.39
N LYS C 786 -27.78 43.19 -46.14
CA LYS C 786 -27.88 44.54 -45.63
C LYS C 786 -29.23 45.14 -46.00
N THR C 787 -29.83 45.85 -45.07
CA THR C 787 -31.06 46.56 -45.33
C THR C 787 -30.80 47.75 -46.25
N PRO C 788 -31.81 48.19 -46.99
CA PRO C 788 -31.67 49.41 -47.79
C PRO C 788 -31.62 50.63 -46.89
N PRO C 789 -31.57 51.83 -47.46
CA PRO C 789 -31.88 53.02 -46.64
C PRO C 789 -33.18 52.78 -45.88
N ILE C 790 -33.12 52.68 -44.56
CA ILE C 790 -34.24 52.16 -43.78
C ILE C 790 -35.46 53.01 -44.02
N LYS C 791 -36.48 52.41 -44.64
CA LYS C 791 -37.61 53.17 -45.14
C LYS C 791 -38.92 52.56 -44.67
N TYR C 792 -40.02 53.01 -45.25
CA TYR C 792 -41.34 52.55 -44.87
C TYR C 792 -41.47 51.06 -45.13
N PHE C 793 -41.53 50.26 -44.06
CA PHE C 793 -41.72 48.83 -44.15
C PHE C 793 -43.17 48.42 -43.99
N GLY C 794 -44.09 49.30 -44.34
CA GLY C 794 -45.51 49.06 -44.18
C GLY C 794 -46.13 49.66 -42.94
N GLY C 795 -45.34 50.31 -42.09
CA GLY C 795 -45.85 50.88 -40.87
C GLY C 795 -45.07 50.39 -39.68
N PHE C 796 -44.48 49.20 -39.82
CA PHE C 796 -43.70 48.61 -38.75
C PHE C 796 -42.38 49.35 -38.59
N ASN C 797 -41.93 49.48 -37.34
CA ASN C 797 -40.76 50.34 -37.07
C ASN C 797 -39.45 49.57 -37.21
N PHE C 798 -39.24 48.56 -36.39
CA PHE C 798 -38.01 47.76 -36.38
C PHE C 798 -36.79 48.52 -35.90
N SER C 799 -36.94 49.69 -35.30
CA SER C 799 -35.78 50.48 -34.91
C SER C 799 -35.05 49.86 -33.72
N GLN C 800 -35.77 49.22 -32.81
CA GLN C 800 -35.17 48.71 -31.59
C GLN C 800 -34.44 47.39 -31.80
N ILE C 801 -34.54 46.77 -32.98
CA ILE C 801 -33.82 45.55 -33.25
C ILE C 801 -32.72 45.73 -34.29
N LEU C 802 -32.83 46.70 -35.17
CA LEU C 802 -31.81 46.96 -36.17
C LEU C 802 -30.62 47.68 -35.56
N PRO C 803 -29.44 47.59 -36.19
CA PRO C 803 -28.29 48.33 -35.68
C PRO C 803 -28.46 49.83 -35.84
N ASP C 804 -27.86 50.56 -34.91
CA ASP C 804 -27.87 52.02 -34.94
C ASP C 804 -26.49 52.53 -35.35
N PRO C 805 -26.34 53.11 -36.54
CA PRO C 805 -25.02 53.52 -37.04
C PRO C 805 -24.55 54.87 -36.53
N SER C 806 -24.71 55.09 -35.22
CA SER C 806 -24.24 56.33 -34.60
C SER C 806 -23.58 56.05 -33.26
N LYS C 807 -23.24 54.81 -32.96
CA LYS C 807 -22.63 54.42 -31.71
C LYS C 807 -21.64 53.30 -31.99
N PRO C 808 -20.62 53.14 -31.14
CA PRO C 808 -19.60 52.12 -31.39
C PRO C 808 -20.15 50.71 -31.24
N SER C 809 -19.41 49.76 -31.82
CA SER C 809 -19.67 48.33 -31.76
C SER C 809 -20.86 47.92 -32.62
N LYS C 810 -21.58 48.91 -33.15
CA LYS C 810 -22.67 48.69 -34.10
C LYS C 810 -23.64 47.61 -33.62
N ARG C 811 -24.26 47.89 -32.48
CA ARG C 811 -25.26 47.01 -31.91
C ARG C 811 -26.62 47.71 -31.95
N SER C 812 -27.62 47.07 -31.36
CA SER C 812 -28.97 47.59 -31.28
C SER C 812 -29.32 47.98 -29.85
N PRO C 813 -30.31 48.85 -29.67
CA PRO C 813 -30.70 49.23 -28.30
C PRO C 813 -31.02 48.06 -27.38
N ILE C 814 -31.72 47.04 -27.88
CA ILE C 814 -31.98 45.87 -27.06
C ILE C 814 -30.68 45.14 -26.76
N GLU C 815 -29.80 45.00 -27.75
CA GLU C 815 -28.50 44.41 -27.50
C GLU C 815 -27.69 45.25 -26.51
N ASP C 816 -27.82 46.57 -26.58
CA ASP C 816 -27.14 47.42 -25.61
C ASP C 816 -27.65 47.17 -24.20
N LEU C 817 -28.96 47.03 -24.04
CA LEU C 817 -29.50 46.73 -22.72
C LEU C 817 -29.05 45.37 -22.23
N LEU C 818 -29.03 44.37 -23.10
CA LEU C 818 -28.60 43.03 -22.70
C LEU C 818 -27.14 43.01 -22.30
N PHE C 819 -26.28 43.68 -23.06
CA PHE C 819 -24.85 43.66 -22.77
C PHE C 819 -24.50 44.44 -21.52
N ASN C 820 -25.41 45.27 -21.02
CA ASN C 820 -25.16 46.06 -19.82
C ASN C 820 -25.91 45.51 -18.61
N LYS C 821 -26.30 44.24 -18.65
CA LYS C 821 -26.95 43.59 -17.52
C LYS C 821 -26.31 42.29 -17.08
N VAL C 822 -25.53 41.63 -17.93
CA VAL C 822 -24.86 40.39 -17.56
C VAL C 822 -23.45 40.68 -17.07
N PHE C 851 -3.40 33.53 -12.47
CA PHE C 851 -3.67 32.96 -11.16
C PHE C 851 -2.59 31.99 -10.73
N ASN C 852 -2.88 30.69 -10.84
CA ASN C 852 -1.95 29.64 -10.45
C ASN C 852 -1.89 28.55 -11.52
N GLY C 853 -1.79 28.98 -12.77
CA GLY C 853 -1.74 28.05 -13.88
C GLY C 853 -3.04 27.86 -14.61
N LEU C 854 -4.07 28.61 -14.24
CA LEU C 854 -5.38 28.52 -14.89
C LEU C 854 -5.53 29.68 -15.85
N THR C 855 -5.68 29.37 -17.14
CA THR C 855 -5.75 30.39 -18.18
C THR C 855 -7.12 30.32 -18.85
N VAL C 856 -7.59 31.47 -19.32
CA VAL C 856 -8.85 31.57 -20.04
C VAL C 856 -8.54 31.94 -21.48
N LEU C 857 -9.03 31.18 -22.38
CA LEU C 857 -8.83 31.45 -23.80
C LEU C 857 -9.96 32.31 -24.35
N PRO C 858 -9.70 33.11 -25.38
CA PRO C 858 -10.73 33.98 -25.93
C PRO C 858 -11.55 33.27 -26.98
N PRO C 859 -12.76 33.73 -27.25
CA PRO C 859 -13.60 33.09 -28.27
C PRO C 859 -13.06 33.31 -29.67
N LEU C 860 -13.42 32.40 -30.57
CA LEU C 860 -12.97 32.50 -31.95
C LEU C 860 -13.76 33.56 -32.72
N LEU C 861 -14.99 33.84 -32.32
CA LEU C 861 -15.82 34.84 -32.97
C LEU C 861 -16.11 35.95 -31.97
N THR C 862 -15.61 37.15 -32.25
CA THR C 862 -15.78 38.26 -31.34
C THR C 862 -17.23 38.75 -31.35
N ASP C 863 -17.52 39.68 -30.43
CA ASP C 863 -18.90 40.16 -30.30
C ASP C 863 -19.36 40.92 -31.53
N GLU C 864 -18.46 41.66 -32.19
CA GLU C 864 -18.83 42.38 -33.39
C GLU C 864 -19.24 41.41 -34.51
N MET C 865 -18.56 40.28 -34.62
CA MET C 865 -18.92 39.30 -35.64
C MET C 865 -20.29 38.69 -35.37
N ILE C 866 -20.58 38.39 -34.11
CA ILE C 866 -21.89 37.85 -33.77
C ILE C 866 -22.97 38.88 -34.04
N ALA C 867 -22.70 40.15 -33.77
CA ALA C 867 -23.65 41.20 -34.09
C ALA C 867 -23.86 41.30 -35.60
N GLN C 868 -22.79 41.14 -36.38
CA GLN C 868 -22.91 41.12 -37.83
C GLN C 868 -23.84 40.00 -38.29
N TYR C 869 -23.64 38.81 -37.73
CA TYR C 869 -24.49 37.68 -38.09
C TYR C 869 -25.95 37.94 -37.75
N THR C 870 -26.21 38.48 -36.56
CA THR C 870 -27.58 38.77 -36.17
C THR C 870 -28.21 39.81 -37.07
N SER C 871 -27.45 40.85 -37.43
CA SER C 871 -27.97 41.87 -38.33
C SER C 871 -28.29 41.27 -39.69
N ALA C 872 -27.44 40.38 -40.19
CA ALA C 872 -27.70 39.74 -41.47
C ALA C 872 -28.98 38.92 -41.43
N LEU C 873 -29.18 38.16 -40.34
CA LEU C 873 -30.39 37.36 -40.24
C LEU C 873 -31.63 38.24 -40.18
N LEU C 874 -31.57 39.32 -39.41
CA LEU C 874 -32.71 40.24 -39.34
C LEU C 874 -33.00 40.87 -40.70
N ALA C 875 -31.96 41.28 -41.41
CA ALA C 875 -32.16 41.91 -42.71
C ALA C 875 -32.78 40.94 -43.71
N GLY C 876 -32.28 39.70 -43.74
CA GLY C 876 -32.87 38.71 -44.61
C GLY C 876 -34.33 38.46 -44.28
N THR C 877 -34.66 38.35 -43.00
CA THR C 877 -36.04 38.12 -42.61
C THR C 877 -36.94 39.28 -43.01
N ILE C 878 -36.48 40.52 -42.81
CA ILE C 878 -37.37 41.66 -43.07
C ILE C 878 -37.46 42.01 -44.54
N THR C 879 -36.49 41.65 -45.37
CA THR C 879 -36.57 42.00 -46.78
C THR C 879 -37.00 40.84 -47.67
N SER C 880 -36.41 39.66 -47.48
CA SER C 880 -36.69 38.53 -48.37
C SER C 880 -37.73 37.56 -47.84
N GLY C 881 -38.03 37.59 -46.55
CA GLY C 881 -39.01 36.68 -46.00
C GLY C 881 -38.38 35.39 -45.55
N TRP C 882 -39.04 34.27 -45.84
CA TRP C 882 -38.56 32.95 -45.50
C TRP C 882 -37.83 32.28 -46.67
N THR C 883 -37.65 32.97 -47.78
CA THR C 883 -37.05 32.36 -48.96
C THR C 883 -35.54 32.16 -48.82
N PHE C 884 -34.86 33.04 -48.09
CA PHE C 884 -33.40 32.97 -48.05
C PHE C 884 -32.89 31.80 -47.24
N GLY C 885 -33.75 31.09 -46.53
CA GLY C 885 -33.37 29.88 -45.84
C GLY C 885 -33.45 28.63 -46.68
N ALA C 886 -33.76 28.76 -47.97
CA ALA C 886 -33.88 27.61 -48.85
C ALA C 886 -33.25 27.84 -50.22
N GLY C 887 -32.46 28.89 -50.39
CA GLY C 887 -31.83 29.17 -51.66
C GLY C 887 -31.55 30.65 -51.83
N PRO C 888 -31.70 31.15 -53.05
CA PRO C 888 -31.49 32.58 -53.28
C PRO C 888 -32.52 33.42 -52.54
N ALA C 889 -32.10 34.60 -52.12
CA ALA C 889 -32.98 35.51 -51.41
C ALA C 889 -33.83 36.29 -52.39
N LEU C 890 -35.15 36.18 -52.27
CA LEU C 890 -36.08 36.79 -53.20
C LEU C 890 -36.81 37.95 -52.54
N GLN C 891 -36.94 39.05 -53.28
CA GLN C 891 -37.59 40.25 -52.79
C GLN C 891 -39.07 40.00 -52.53
N ILE C 892 -39.60 40.68 -51.52
CA ILE C 892 -41.03 40.62 -51.22
C ILE C 892 -41.38 41.80 -50.31
N PRO C 893 -42.43 42.56 -50.63
CA PRO C 893 -42.87 43.60 -49.71
C PRO C 893 -43.34 43.02 -48.38
N PHE C 894 -43.09 43.75 -47.30
CA PHE C 894 -43.39 43.23 -45.97
C PHE C 894 -44.87 42.96 -45.73
N PRO C 895 -45.81 43.85 -46.09
CA PRO C 895 -47.22 43.50 -45.90
C PRO C 895 -47.63 42.23 -46.61
N MET C 896 -47.12 41.98 -47.81
CA MET C 896 -47.41 40.73 -48.49
C MET C 896 -46.86 39.54 -47.71
N GLN C 897 -45.67 39.70 -47.12
CA GLN C 897 -45.12 38.62 -46.32
C GLN C 897 -45.98 38.33 -45.11
N MET C 898 -46.47 39.37 -44.43
CA MET C 898 -47.34 39.16 -43.30
C MET C 898 -48.67 38.54 -43.72
N ALA C 899 -49.16 38.88 -44.92
CA ALA C 899 -50.36 38.23 -45.42
C ALA C 899 -50.13 36.74 -45.64
N TYR C 900 -48.98 36.39 -46.22
CA TYR C 900 -48.65 34.98 -46.38
C TYR C 900 -48.56 34.27 -45.03
N ARG C 901 -48.01 34.94 -44.02
CA ARG C 901 -47.90 34.32 -42.71
C ARG C 901 -49.27 34.18 -42.03
N PHE C 902 -50.21 35.09 -42.30
CA PHE C 902 -51.58 34.82 -41.88
C PHE C 902 -52.21 33.66 -42.64
N ASN C 903 -51.85 33.47 -43.91
CA ASN C 903 -52.39 32.33 -44.64
C ASN C 903 -51.96 31.00 -44.04
N GLY C 904 -50.91 30.99 -43.24
CA GLY C 904 -50.42 29.77 -42.62
C GLY C 904 -50.99 29.42 -41.27
N ILE C 905 -51.86 30.27 -40.71
CA ILE C 905 -52.49 29.97 -39.43
C ILE C 905 -54.00 29.86 -39.54
N GLY C 906 -54.57 30.05 -40.72
CA GLY C 906 -55.99 29.84 -40.91
C GLY C 906 -56.72 31.08 -41.39
N VAL C 907 -56.32 32.25 -40.89
CA VAL C 907 -57.00 33.48 -41.26
C VAL C 907 -56.65 33.86 -42.69
N THR C 908 -57.62 34.40 -43.41
CA THR C 908 -57.45 34.70 -44.82
C THR C 908 -56.66 35.99 -45.01
N GLN C 909 -56.35 36.29 -46.28
CA GLN C 909 -55.52 37.43 -46.60
C GLN C 909 -56.20 38.74 -46.26
N ASN C 910 -57.51 38.84 -46.48
CA ASN C 910 -58.19 40.12 -46.39
C ASN C 910 -58.17 40.68 -44.98
N VAL C 911 -57.88 39.87 -43.97
CA VAL C 911 -57.84 40.37 -42.60
C VAL C 911 -56.69 41.37 -42.45
N LEU C 912 -55.51 41.06 -42.98
CA LEU C 912 -54.35 41.91 -42.76
C LEU C 912 -54.48 43.23 -43.51
N TYR C 913 -54.85 43.17 -44.78
CA TYR C 913 -54.80 44.36 -45.63
C TYR C 913 -55.82 45.41 -45.19
N GLU C 914 -56.94 44.98 -44.59
CA GLU C 914 -57.94 45.92 -44.12
C GLU C 914 -57.82 46.21 -42.64
N ASN C 915 -56.78 45.70 -41.98
CA ASN C 915 -56.47 46.02 -40.60
C ASN C 915 -54.98 46.28 -40.44
N GLN C 916 -54.40 46.97 -41.42
CA GLN C 916 -52.95 47.13 -41.46
C GLN C 916 -52.46 48.07 -40.36
N LYS C 917 -53.12 49.22 -40.20
CA LYS C 917 -52.66 50.22 -39.23
C LYS C 917 -52.73 49.70 -37.81
N LEU C 918 -53.83 49.01 -37.47
CA LEU C 918 -53.97 48.47 -36.12
C LEU C 918 -52.91 47.43 -35.83
N ILE C 919 -52.63 46.55 -36.79
CA ILE C 919 -51.61 45.53 -36.61
C ILE C 919 -50.24 46.17 -36.43
N ALA C 920 -49.94 47.19 -37.24
CA ALA C 920 -48.66 47.87 -37.12
C ALA C 920 -48.51 48.54 -35.76
N ASN C 921 -49.56 49.22 -35.29
CA ASN C 921 -49.47 49.89 -33.99
C ASN C 921 -49.33 48.88 -32.87
N GLN C 922 -50.03 47.76 -32.95
CA GLN C 922 -49.90 46.73 -31.92
C GLN C 922 -48.49 46.18 -31.88
N PHE C 923 -47.89 45.93 -33.05
CA PHE C 923 -46.52 45.44 -33.07
C PHE C 923 -45.56 46.46 -32.48
N ASN C 924 -45.74 47.75 -32.83
CA ASN C 924 -44.87 48.79 -32.31
C ASN C 924 -44.98 48.89 -30.80
N SER C 925 -46.20 48.84 -30.27
CA SER C 925 -46.39 48.90 -28.82
C SER C 925 -45.78 47.69 -28.13
N ALA C 926 -45.90 46.51 -28.74
CA ALA C 926 -45.29 45.32 -28.15
C ALA C 926 -43.77 45.44 -28.09
N ILE C 927 -43.16 45.89 -29.18
CA ILE C 927 -41.72 46.09 -29.19
C ILE C 927 -41.31 47.10 -28.13
N GLY C 928 -42.08 48.19 -28.00
CA GLY C 928 -41.76 49.17 -26.99
C GLY C 928 -41.84 48.62 -25.58
N LYS C 929 -42.89 47.85 -25.29
CA LYS C 929 -43.03 47.26 -23.97
C LYS C 929 -41.96 46.21 -23.68
N ILE C 930 -41.38 45.60 -24.71
CA ILE C 930 -40.32 44.63 -24.48
C ILE C 930 -39.15 45.27 -23.75
N GLN C 931 -38.76 46.48 -24.18
CA GLN C 931 -37.62 47.15 -23.55
C GLN C 931 -37.90 47.45 -22.08
N ASP C 932 -39.11 47.91 -21.77
CA ASP C 932 -39.44 48.17 -20.37
C ASP C 932 -39.45 46.89 -19.56
N SER C 933 -40.00 45.80 -20.11
CA SER C 933 -40.03 44.54 -19.40
C SER C 933 -38.61 44.04 -19.12
N LEU C 934 -37.70 44.22 -20.07
CA LEU C 934 -36.32 43.80 -19.85
C LEU C 934 -35.63 44.68 -18.81
N PHE C 935 -35.75 46.00 -18.95
CA PHE C 935 -34.98 46.90 -18.10
C PHE C 935 -35.50 46.92 -16.67
N SER C 936 -36.82 47.00 -16.49
CA SER C 936 -37.37 47.11 -15.14
C SER C 936 -37.11 45.85 -14.33
N THR C 937 -37.30 44.68 -14.94
CA THR C 937 -37.13 43.43 -14.22
C THR C 937 -35.64 43.07 -14.16
N PRO C 938 -35.05 42.97 -12.97
CA PRO C 938 -33.61 42.68 -12.89
C PRO C 938 -33.31 41.20 -13.08
N SER C 939 -34.20 40.34 -12.61
CA SER C 939 -33.99 38.89 -12.70
C SER C 939 -34.59 38.32 -13.98
N ALA C 940 -34.22 38.92 -15.11
CA ALA C 940 -34.68 38.45 -16.42
C ALA C 940 -33.64 37.53 -17.06
N LEU C 941 -32.41 38.00 -17.17
CA LEU C 941 -31.33 37.21 -17.76
C LEU C 941 -30.64 36.34 -16.72
N GLY C 942 -31.45 35.59 -15.96
CA GLY C 942 -30.92 34.71 -14.95
C GLY C 942 -30.16 33.52 -15.49
N LYS C 943 -30.70 32.93 -16.57
CA LYS C 943 -30.11 31.71 -17.10
C LYS C 943 -28.70 31.94 -17.59
N LEU C 944 -28.45 33.08 -18.24
CA LEU C 944 -27.11 33.42 -18.70
C LEU C 944 -26.17 33.71 -17.54
N GLN C 945 -26.70 34.31 -16.46
CA GLN C 945 -25.86 34.61 -15.31
C GLN C 945 -25.48 33.36 -14.55
N ASP C 946 -26.33 32.33 -14.59
CA ASP C 946 -26.01 31.08 -13.89
C ASP C 946 -24.73 30.47 -14.42
N VAL C 947 -24.51 30.54 -15.73
CA VAL C 947 -23.32 29.94 -16.32
C VAL C 947 -22.06 30.61 -15.79
N VAL C 948 -22.03 31.95 -15.82
CA VAL C 948 -20.84 32.66 -15.38
C VAL C 948 -20.63 32.47 -13.88
N ASN C 949 -21.72 32.43 -13.10
CA ASN C 949 -21.58 32.22 -11.67
C ASN C 949 -21.00 30.84 -11.39
N HIS C 950 -21.48 29.81 -12.08
CA HIS C 950 -20.98 28.46 -11.87
C HIS C 950 -19.51 28.36 -12.24
N ASN C 951 -19.12 28.95 -13.36
CA ASN C 951 -17.71 28.90 -13.75
C ASN C 951 -16.82 29.60 -12.73
N ALA C 952 -17.25 30.77 -12.25
CA ALA C 952 -16.48 31.49 -11.25
C ALA C 952 -16.35 30.68 -9.97
N GLN C 953 -17.45 30.06 -9.52
CA GLN C 953 -17.40 29.27 -8.30
C GLN C 953 -16.48 28.08 -8.46
N ALA C 954 -16.51 27.42 -9.62
CA ALA C 954 -15.63 26.27 -9.84
C ALA C 954 -14.17 26.68 -9.76
N LEU C 955 -13.79 27.75 -10.45
CA LEU C 955 -12.39 28.18 -10.41
C LEU C 955 -11.98 28.63 -9.02
N ASN C 956 -12.88 29.31 -8.31
CA ASN C 956 -12.56 29.77 -6.96
C ASN C 956 -12.34 28.59 -6.02
N THR C 957 -13.18 27.56 -6.12
CA THR C 957 -12.95 26.37 -5.30
C THR C 957 -11.63 25.71 -5.66
N LEU C 958 -11.32 25.65 -6.95
CA LEU C 958 -10.08 25.01 -7.37
C LEU C 958 -8.86 25.72 -6.81
N VAL C 959 -8.86 27.06 -6.85
CA VAL C 959 -7.70 27.78 -6.30
C VAL C 959 -7.68 27.70 -4.78
N LYS C 960 -8.84 27.78 -4.14
CA LYS C 960 -8.88 27.72 -2.68
C LYS C 960 -8.37 26.39 -2.16
N GLN C 961 -8.54 25.33 -2.93
CA GLN C 961 -8.14 24.05 -2.37
C GLN C 961 -6.64 23.81 -2.44
N LEU C 962 -5.85 24.76 -2.93
CA LEU C 962 -4.40 24.63 -2.85
C LEU C 962 -3.87 24.84 -1.43
N SER C 963 -4.59 25.59 -0.61
CA SER C 963 -4.16 25.84 0.76
C SER C 963 -4.54 24.73 1.73
N SER C 964 -5.32 23.75 1.29
CA SER C 964 -5.65 22.62 2.15
C SER C 964 -4.42 21.75 2.37
N LYS C 965 -4.25 21.28 3.60
CA LYS C 965 -3.12 20.45 3.95
C LYS C 965 -3.24 19.00 3.49
N PHE C 966 -4.46 18.57 3.14
CA PHE C 966 -4.71 17.21 2.67
C PHE C 966 -4.10 16.16 3.59
N GLY C 967 -4.00 16.47 4.87
CA GLY C 967 -3.36 15.56 5.81
C GLY C 967 -1.86 15.50 5.62
N ALA C 968 -1.18 16.61 5.91
CA ALA C 968 0.27 16.68 5.83
C ALA C 968 0.76 17.64 6.90
N ILE C 969 1.99 18.09 6.79
CA ILE C 969 2.54 18.99 7.80
C ILE C 969 2.27 20.45 7.48
N SER C 970 2.27 20.82 6.20
CA SER C 970 1.96 22.19 5.79
C SER C 970 1.49 22.14 4.34
N SER C 971 1.03 23.30 3.85
CA SER C 971 0.47 23.40 2.50
C SER C 971 1.38 24.13 1.53
N VAL C 972 2.60 24.46 1.94
CA VAL C 972 3.55 25.17 1.08
C VAL C 972 4.76 24.28 0.85
N LEU C 973 5.11 24.10 -0.42
CA LEU C 973 6.08 23.07 -0.79
C LEU C 973 7.47 23.36 -0.25
N ASN C 974 7.90 24.62 -0.32
CA ASN C 974 9.26 24.96 0.05
C ASN C 974 9.52 24.68 1.52
N ASP C 975 8.54 24.97 2.38
CA ASP C 975 8.68 24.63 3.79
C ASP C 975 8.74 23.12 3.98
N ILE C 976 7.91 22.37 3.26
CA ILE C 976 7.91 20.92 3.40
C ILE C 976 9.29 20.37 3.07
N LEU C 977 9.92 20.89 2.02
CA LEU C 977 11.25 20.44 1.66
C LEU C 977 12.27 20.80 2.73
N SER C 978 12.27 22.05 3.19
CA SER C 978 13.30 22.55 4.10
C SER C 978 12.89 22.47 5.57
N ARG C 979 12.37 21.32 6.00
CA ARG C 979 12.19 21.07 7.43
C ARG C 979 12.68 19.69 7.83
N LEU C 980 12.70 18.76 6.88
CA LEU C 980 13.01 17.37 7.20
C LEU C 980 13.68 16.71 6.00
N ASP C 981 13.98 15.43 6.17
CA ASP C 981 14.81 14.69 5.23
C ASP C 981 14.03 14.33 3.97
N PRO C 982 14.73 14.02 2.88
CA PRO C 982 14.07 13.60 1.64
C PRO C 982 13.16 12.40 1.82
N PRO C 983 13.53 11.38 2.67
CA PRO C 983 12.61 10.24 2.84
C PRO C 983 11.19 10.61 3.22
N GLU C 984 11.00 11.31 4.34
CA GLU C 984 9.65 11.70 4.74
C GLU C 984 9.09 12.77 3.82
N ALA C 985 9.96 13.57 3.22
CA ALA C 985 9.51 14.56 2.25
C ALA C 985 8.80 13.88 1.08
N GLU C 986 9.28 12.71 0.67
CA GLU C 986 8.62 11.97 -0.38
C GLU C 986 7.19 11.62 0.01
N VAL C 987 6.98 11.19 1.25
CA VAL C 987 5.64 10.80 1.69
C VAL C 987 4.72 12.00 1.71
N GLN C 988 5.19 13.13 2.25
CA GLN C 988 4.36 14.32 2.30
C GLN C 988 4.02 14.83 0.89
N ILE C 989 5.01 14.82 -0.01
CA ILE C 989 4.76 15.23 -1.38
C ILE C 989 3.77 14.29 -2.04
N ASP C 990 3.85 12.99 -1.72
CA ASP C 990 2.90 12.05 -2.29
C ASP C 990 1.48 12.37 -1.85
N ARG C 991 1.30 12.68 -0.57
CA ARG C 991 -0.03 13.04 -0.10
C ARG C 991 -0.57 14.28 -0.80
N LEU C 992 0.26 15.32 -0.90
CA LEU C 992 -0.19 16.54 -1.55
C LEU C 992 -0.51 16.30 -3.02
N ILE C 993 0.32 15.52 -3.70
CA ILE C 993 0.10 15.22 -5.11
C ILE C 993 -1.21 14.49 -5.30
N THR C 994 -1.49 13.50 -4.46
CA THR C 994 -2.75 12.77 -4.58
C THR C 994 -3.95 13.69 -4.39
N GLY C 995 -3.89 14.55 -3.37
CA GLY C 995 -5.00 15.46 -3.13
C GLY C 995 -5.26 16.38 -4.31
N ARG C 996 -4.20 16.97 -4.86
CA ARG C 996 -4.40 17.91 -5.95
C ARG C 996 -4.83 17.21 -7.23
N LEU C 997 -4.36 15.99 -7.47
CA LEU C 997 -4.85 15.23 -8.61
C LEU C 997 -6.34 14.96 -8.48
N GLN C 998 -6.81 14.61 -7.28
CA GLN C 998 -8.24 14.42 -7.08
C GLN C 998 -9.01 15.69 -7.37
N SER C 999 -8.47 16.84 -6.94
CA SER C 999 -9.14 18.11 -7.21
C SER C 999 -9.29 18.36 -8.71
N LEU C 1000 -8.20 18.20 -9.47
CA LEU C 1000 -8.30 18.41 -10.91
C LEU C 1000 -9.25 17.42 -11.57
N GLN C 1001 -9.24 16.17 -11.11
CA GLN C 1001 -10.14 15.18 -11.70
C GLN C 1001 -11.59 15.58 -11.48
N THR C 1002 -11.91 16.04 -10.27
CA THR C 1002 -13.26 16.52 -10.00
C THR C 1002 -13.62 17.69 -10.91
N TYR C 1003 -12.70 18.62 -11.08
CA TYR C 1003 -12.97 19.79 -11.91
C TYR C 1003 -13.30 19.37 -13.34
N VAL C 1004 -12.51 18.46 -13.89
CA VAL C 1004 -12.70 18.07 -15.29
C VAL C 1004 -14.01 17.28 -15.46
N THR C 1005 -14.32 16.41 -14.50
CA THR C 1005 -15.58 15.66 -14.60
C THR C 1005 -16.78 16.60 -14.54
N GLN C 1006 -16.75 17.56 -13.63
CA GLN C 1006 -17.86 18.52 -13.54
C GLN C 1006 -17.97 19.34 -14.81
N GLN C 1007 -16.83 19.73 -15.38
CA GLN C 1007 -16.85 20.51 -16.61
C GLN C 1007 -17.46 19.70 -17.75
N LEU C 1008 -17.12 18.43 -17.85
CA LEU C 1008 -17.71 17.59 -18.90
C LEU C 1008 -19.22 17.49 -18.75
N ILE C 1009 -19.67 17.26 -17.51
CA ILE C 1009 -21.11 17.14 -17.29
C ILE C 1009 -21.83 18.43 -17.65
N ARG C 1010 -21.26 19.57 -17.29
CA ARG C 1010 -21.90 20.85 -17.61
C ARG C 1010 -21.88 21.13 -19.11
N ALA C 1011 -20.78 20.76 -19.78
CA ALA C 1011 -20.68 20.99 -21.21
C ALA C 1011 -21.70 20.17 -21.97
N ALA C 1012 -22.05 18.99 -21.46
CA ALA C 1012 -23.11 18.21 -22.11
C ALA C 1012 -24.42 18.99 -22.16
N GLU C 1013 -24.82 19.57 -21.02
CA GLU C 1013 -26.06 20.34 -20.96
C GLU C 1013 -25.99 21.57 -21.86
N ILE C 1014 -24.84 22.27 -21.85
CA ILE C 1014 -24.74 23.44 -22.70
C ILE C 1014 -24.80 23.06 -24.18
N ARG C 1015 -24.23 21.92 -24.55
CA ARG C 1015 -24.34 21.46 -25.93
C ARG C 1015 -25.78 21.17 -26.31
N ALA C 1016 -26.53 20.54 -25.39
CA ALA C 1016 -27.94 20.29 -25.68
C ALA C 1016 -28.69 21.60 -25.88
N SER C 1017 -28.42 22.60 -25.04
CA SER C 1017 -29.07 23.89 -25.18
C SER C 1017 -28.70 24.56 -26.49
N ALA C 1018 -27.44 24.44 -26.90
CA ALA C 1018 -27.01 25.03 -28.17
C ALA C 1018 -27.70 24.36 -29.36
N ASN C 1019 -27.86 23.03 -29.30
CA ASN C 1019 -28.58 22.34 -30.36
C ASN C 1019 -30.03 22.80 -30.42
N LEU C 1020 -30.67 22.95 -29.26
CA LEU C 1020 -32.04 23.47 -29.25
C LEU C 1020 -32.09 24.89 -29.82
N ALA C 1021 -31.09 25.71 -29.52
CA ALA C 1021 -31.06 27.07 -30.04
C ALA C 1021 -30.90 27.08 -31.56
N ALA C 1022 -30.04 26.21 -32.09
CA ALA C 1022 -29.88 26.13 -33.53
C ALA C 1022 -31.16 25.68 -34.22
N THR C 1023 -31.83 24.67 -33.64
CA THR C 1023 -33.10 24.23 -34.22
C THR C 1023 -34.14 25.33 -34.16
N LYS C 1024 -34.20 26.07 -33.07
CA LYS C 1024 -35.16 27.15 -32.94
C LYS C 1024 -34.87 28.27 -33.92
N MET C 1025 -33.59 28.54 -34.18
CA MET C 1025 -33.24 29.53 -35.20
C MET C 1025 -33.67 29.07 -36.58
N SER C 1026 -33.46 27.79 -36.88
CA SER C 1026 -33.82 27.29 -38.21
C SER C 1026 -35.31 27.27 -38.42
N GLU C 1027 -36.10 26.98 -37.39
CA GLU C 1027 -37.53 26.78 -37.57
C GLU C 1027 -38.38 27.99 -37.23
N CYS C 1028 -37.93 28.89 -36.36
CA CYS C 1028 -38.71 30.07 -36.02
C CYS C 1028 -38.26 31.33 -36.74
N VAL C 1029 -37.00 31.42 -37.14
CA VAL C 1029 -36.48 32.62 -37.79
C VAL C 1029 -36.39 32.44 -39.31
N LEU C 1030 -35.91 31.28 -39.77
CA LEU C 1030 -35.84 30.99 -41.19
C LEU C 1030 -37.15 30.49 -41.77
N GLY C 1031 -38.19 30.35 -40.96
CA GLY C 1031 -39.46 29.89 -41.47
C GLY C 1031 -40.54 30.05 -40.44
N GLN C 1032 -41.72 29.51 -40.76
CA GLN C 1032 -42.86 29.52 -39.86
C GLN C 1032 -43.13 28.12 -39.37
N SER C 1033 -43.34 27.98 -38.06
CA SER C 1033 -43.43 26.69 -37.40
C SER C 1033 -44.88 26.41 -37.00
N LYS C 1034 -45.36 25.21 -37.35
CA LYS C 1034 -46.68 24.76 -36.98
C LYS C 1034 -46.70 23.96 -35.68
N ARG C 1035 -45.54 23.76 -35.05
CA ARG C 1035 -45.49 23.09 -33.76
C ARG C 1035 -46.05 23.98 -32.67
N VAL C 1036 -46.91 23.42 -31.83
CA VAL C 1036 -47.61 24.20 -30.82
C VAL C 1036 -46.67 24.49 -29.66
N ASP C 1037 -46.66 25.75 -29.21
CA ASP C 1037 -45.90 26.18 -28.04
C ASP C 1037 -44.41 25.88 -28.20
N PHE C 1038 -43.90 26.03 -29.42
CA PHE C 1038 -42.48 25.91 -29.69
C PHE C 1038 -41.81 27.22 -30.02
N CYS C 1039 -42.44 28.04 -30.85
CA CYS C 1039 -41.93 29.36 -31.20
C CYS C 1039 -42.78 30.44 -30.55
N GLY C 1040 -43.21 30.20 -29.32
CA GLY C 1040 -44.01 31.14 -28.57
C GLY C 1040 -45.34 30.53 -28.12
N LYS C 1041 -45.99 31.26 -27.23
CA LYS C 1041 -47.31 30.88 -26.72
C LYS C 1041 -48.37 31.54 -27.59
N GLY C 1042 -48.98 30.75 -28.48
CA GLY C 1042 -49.92 31.25 -29.45
C GLY C 1042 -49.59 30.72 -30.83
N TYR C 1043 -50.29 31.25 -31.82
CA TYR C 1043 -50.01 30.91 -33.20
C TYR C 1043 -48.82 31.70 -33.71
N HIS C 1044 -47.79 31.00 -34.16
CA HIS C 1044 -46.54 31.63 -34.52
C HIS C 1044 -46.67 32.45 -35.79
N LEU C 1045 -46.16 33.68 -35.77
CA LEU C 1045 -46.06 34.51 -36.96
C LEU C 1045 -44.61 34.75 -37.35
N MET C 1046 -43.80 35.30 -36.45
CA MET C 1046 -42.42 35.66 -36.78
C MET C 1046 -41.52 35.44 -35.58
N SER C 1047 -40.21 35.52 -35.82
CA SER C 1047 -39.25 35.48 -34.74
C SER C 1047 -38.01 36.28 -35.15
N PHE C 1048 -37.42 36.96 -34.17
CA PHE C 1048 -36.26 37.80 -34.39
C PHE C 1048 -35.16 37.44 -33.41
N PRO C 1049 -33.91 37.30 -33.86
CA PRO C 1049 -32.82 36.98 -32.94
C PRO C 1049 -32.07 38.21 -32.44
N GLN C 1050 -31.50 38.13 -31.24
CA GLN C 1050 -30.61 39.14 -30.72
C GLN C 1050 -29.50 38.47 -29.93
N SER C 1051 -28.28 38.96 -30.09
CA SER C 1051 -27.15 38.36 -29.42
C SER C 1051 -27.12 38.77 -27.95
N ALA C 1052 -26.46 37.95 -27.14
CA ALA C 1052 -26.25 38.27 -25.73
C ALA C 1052 -25.03 37.51 -25.26
N PRO C 1053 -24.36 37.97 -24.20
CA PRO C 1053 -23.17 37.26 -23.71
C PRO C 1053 -23.44 35.79 -23.45
N HIS C 1054 -22.78 34.93 -24.22
CA HIS C 1054 -22.93 33.48 -24.10
C HIS C 1054 -24.38 33.04 -24.28
N GLY C 1055 -25.09 33.67 -25.21
CA GLY C 1055 -26.47 33.25 -25.40
C GLY C 1055 -27.18 34.04 -26.47
N VAL C 1056 -28.40 33.60 -26.73
CA VAL C 1056 -29.26 34.20 -27.75
C VAL C 1056 -30.62 34.49 -27.13
N VAL C 1057 -31.22 35.60 -27.55
CA VAL C 1057 -32.54 36.02 -27.11
C VAL C 1057 -33.46 36.08 -28.31
N PHE C 1058 -34.58 35.37 -28.24
CA PHE C 1058 -35.54 35.28 -29.33
C PHE C 1058 -36.77 36.09 -28.97
N LEU C 1059 -37.15 36.99 -29.86
CA LEU C 1059 -38.42 37.72 -29.76
C LEU C 1059 -39.42 37.02 -30.69
N HIS C 1060 -40.40 36.37 -30.10
CA HIS C 1060 -41.41 35.62 -30.85
C HIS C 1060 -42.65 36.49 -30.98
N VAL C 1061 -43.09 36.71 -32.23
CA VAL C 1061 -44.28 37.49 -32.52
C VAL C 1061 -45.40 36.52 -32.91
N THR C 1062 -46.47 36.52 -32.13
CA THR C 1062 -47.53 35.53 -32.22
C THR C 1062 -48.90 36.20 -32.21
N TYR C 1063 -49.90 35.41 -32.64
CA TYR C 1063 -51.28 35.83 -32.81
C TYR C 1063 -52.13 35.17 -31.73
N VAL C 1064 -52.99 35.96 -31.06
CA VAL C 1064 -53.83 35.46 -29.99
C VAL C 1064 -55.26 35.95 -30.19
N PRO C 1065 -56.24 35.08 -30.37
CA PRO C 1065 -57.62 35.54 -30.54
C PRO C 1065 -58.20 36.10 -29.25
N ALA C 1066 -59.25 36.90 -29.40
CA ALA C 1066 -59.89 37.55 -28.27
C ALA C 1066 -61.28 38.04 -28.68
N GLN C 1067 -62.06 38.44 -27.68
CA GLN C 1067 -63.43 38.92 -27.84
C GLN C 1067 -64.34 37.85 -28.46
N GLU C 1068 -64.55 36.81 -27.67
CA GLU C 1068 -65.33 35.66 -28.07
C GLU C 1068 -66.78 36.04 -28.35
N LYS C 1069 -67.47 35.16 -29.09
CA LYS C 1069 -68.92 35.30 -29.26
C LYS C 1069 -69.54 33.93 -29.44
N ASN C 1070 -70.70 33.72 -28.81
CA ASN C 1070 -71.40 32.45 -28.83
C ASN C 1070 -72.38 32.37 -29.99
N PHE C 1071 -72.58 31.16 -30.51
CA PHE C 1071 -73.43 30.95 -31.66
C PHE C 1071 -73.95 29.51 -31.64
N THR C 1072 -74.97 29.25 -32.46
CA THR C 1072 -75.56 27.94 -32.61
C THR C 1072 -75.09 27.33 -33.93
N THR C 1073 -74.67 26.06 -33.87
CA THR C 1073 -74.00 25.41 -34.99
C THR C 1073 -74.81 24.22 -35.49
N ALA C 1074 -74.36 23.64 -36.59
CA ALA C 1074 -74.99 22.49 -37.22
C ALA C 1074 -74.01 21.77 -38.13
N PRO C 1075 -73.81 20.47 -37.94
CA PRO C 1075 -72.83 19.74 -38.77
C PRO C 1075 -73.12 19.79 -40.26
N ALA C 1076 -74.39 19.84 -40.65
CA ALA C 1076 -74.74 19.77 -42.06
C ALA C 1076 -76.03 20.53 -42.30
N ILE C 1077 -76.31 20.80 -43.57
CA ILE C 1077 -77.50 21.52 -44.00
C ILE C 1077 -78.18 20.74 -45.12
N CYS C 1078 -79.50 20.59 -45.03
CA CYS C 1078 -80.29 19.91 -46.05
C CYS C 1078 -81.10 20.94 -46.81
N HIS C 1079 -80.92 20.99 -48.13
CA HIS C 1079 -81.71 21.91 -48.94
C HIS C 1079 -82.83 21.20 -49.70
N ASP C 1080 -82.47 20.23 -50.53
CA ASP C 1080 -83.42 19.52 -51.39
C ASP C 1080 -83.21 18.02 -51.26
N GLY C 1081 -83.04 17.56 -50.02
CA GLY C 1081 -82.75 16.17 -49.77
C GLY C 1081 -81.29 15.81 -49.88
N LYS C 1082 -80.43 16.76 -50.24
CA LYS C 1082 -79.00 16.54 -50.30
C LYS C 1082 -78.32 17.25 -49.14
N ALA C 1083 -77.37 16.57 -48.51
CA ALA C 1083 -76.67 17.11 -47.35
C ALA C 1083 -75.50 17.97 -47.81
N HIS C 1084 -75.39 19.18 -47.24
CA HIS C 1084 -74.35 20.12 -47.60
C HIS C 1084 -73.38 20.31 -46.44
N PHE C 1085 -72.10 20.42 -46.76
CA PHE C 1085 -71.06 20.64 -45.77
C PHE C 1085 -70.17 21.79 -46.22
N PRO C 1086 -69.61 22.56 -45.29
CA PRO C 1086 -68.72 23.65 -45.67
C PRO C 1086 -67.43 23.13 -46.27
N ARG C 1087 -66.82 23.96 -47.11
CA ARG C 1087 -65.52 23.60 -47.68
C ARG C 1087 -64.39 23.96 -46.73
N GLU C 1088 -64.40 25.18 -46.19
CA GLU C 1088 -63.31 25.62 -45.32
C GLU C 1088 -63.79 26.36 -44.09
N GLY C 1089 -65.09 26.38 -43.82
CA GLY C 1089 -65.59 27.11 -42.67
C GLY C 1089 -66.45 26.31 -41.72
N VAL C 1090 -67.20 27.01 -40.88
CA VAL C 1090 -68.08 26.40 -39.89
C VAL C 1090 -69.42 27.09 -39.97
N PHE C 1091 -70.49 26.32 -39.83
CA PHE C 1091 -71.83 26.88 -39.88
C PHE C 1091 -72.20 27.49 -38.55
N VAL C 1092 -72.72 28.72 -38.57
CA VAL C 1092 -73.11 29.44 -37.36
C VAL C 1092 -74.49 30.05 -37.60
N SER C 1093 -75.14 30.41 -36.51
CA SER C 1093 -76.43 31.06 -36.57
C SER C 1093 -76.55 32.05 -35.42
N ASN C 1094 -77.12 33.21 -35.71
CA ASN C 1094 -77.30 34.27 -34.69
C ASN C 1094 -78.76 34.27 -34.23
N GLY C 1095 -79.35 33.10 -34.11
CA GLY C 1095 -80.74 32.97 -33.71
C GLY C 1095 -81.73 32.82 -34.85
N THR C 1096 -81.67 33.70 -35.85
CA THR C 1096 -82.67 33.70 -36.91
C THR C 1096 -82.12 33.34 -38.28
N HIS C 1097 -80.91 33.76 -38.61
CA HIS C 1097 -80.34 33.54 -39.93
C HIS C 1097 -79.06 32.73 -39.81
N TRP C 1098 -78.72 32.03 -40.90
CA TRP C 1098 -77.63 31.07 -40.90
C TRP C 1098 -76.51 31.55 -41.81
N PHE C 1099 -75.27 31.46 -41.32
CA PHE C 1099 -74.08 31.88 -42.05
C PHE C 1099 -73.03 30.79 -41.99
N VAL C 1100 -72.01 30.92 -42.83
CA VAL C 1100 -70.83 30.07 -42.80
C VAL C 1100 -69.60 30.97 -42.67
N THR C 1101 -68.71 30.62 -41.75
CA THR C 1101 -67.61 31.50 -41.39
C THR C 1101 -66.30 30.76 -41.40
N GLN C 1102 -65.25 31.45 -40.98
CA GLN C 1102 -63.92 30.87 -40.79
C GLN C 1102 -63.89 30.15 -39.45
N ARG C 1103 -62.71 29.78 -38.99
CA ARG C 1103 -62.56 29.12 -37.70
C ARG C 1103 -61.80 29.97 -36.68
N ASN C 1104 -61.21 31.09 -37.08
CA ASN C 1104 -60.44 31.93 -36.16
C ASN C 1104 -60.77 33.40 -36.29
N PHE C 1105 -61.81 33.77 -37.03
CA PHE C 1105 -62.19 35.17 -37.19
C PHE C 1105 -63.62 35.21 -37.69
N TYR C 1106 -64.43 36.09 -37.12
CA TYR C 1106 -65.83 36.20 -37.49
C TYR C 1106 -65.96 36.98 -38.79
N GLU C 1107 -66.43 36.32 -39.84
CA GLU C 1107 -66.72 36.97 -41.11
C GLU C 1107 -67.83 36.20 -41.81
N PRO C 1108 -69.08 36.48 -41.46
CA PRO C 1108 -70.19 35.69 -42.01
C PRO C 1108 -70.36 35.92 -43.51
N GLN C 1109 -70.83 34.87 -44.18
CA GLN C 1109 -71.18 34.94 -45.59
C GLN C 1109 -72.43 34.09 -45.83
N ILE C 1110 -73.23 34.51 -46.80
CA ILE C 1110 -74.43 33.77 -47.14
C ILE C 1110 -74.05 32.44 -47.78
N ILE C 1111 -74.86 31.42 -47.52
CA ILE C 1111 -74.55 30.07 -47.99
C ILE C 1111 -74.87 29.98 -49.47
N THR C 1112 -73.94 29.42 -50.24
CA THR C 1112 -74.07 29.34 -51.68
C THR C 1112 -73.35 28.09 -52.18
N THR C 1113 -73.63 27.73 -53.44
CA THR C 1113 -73.22 26.42 -53.92
C THR C 1113 -71.71 26.29 -54.04
N ASP C 1114 -70.99 27.38 -54.28
CA ASP C 1114 -69.54 27.33 -54.32
C ASP C 1114 -68.92 27.62 -52.96
N ASN C 1115 -69.74 27.75 -51.91
CA ASN C 1115 -69.27 27.78 -50.54
C ASN C 1115 -69.35 26.44 -49.85
N THR C 1116 -70.15 25.51 -50.38
CA THR C 1116 -70.41 24.22 -49.73
C THR C 1116 -70.41 23.12 -50.78
N PHE C 1117 -70.19 21.89 -50.31
CA PHE C 1117 -70.16 20.72 -51.18
C PHE C 1117 -71.11 19.65 -50.65
N VAL C 1118 -71.54 18.77 -51.55
CA VAL C 1118 -72.58 17.79 -51.26
C VAL C 1118 -71.97 16.39 -51.26
N SER C 1119 -72.40 15.58 -50.30
CA SER C 1119 -72.04 14.16 -50.29
C SER C 1119 -73.07 13.41 -49.44
N GLY C 1120 -74.00 12.74 -50.11
CA GLY C 1120 -74.99 11.93 -49.43
C GLY C 1120 -76.29 12.68 -49.18
N ASN C 1121 -77.32 11.92 -48.86
CA ASN C 1121 -78.64 12.48 -48.59
C ASN C 1121 -78.82 12.67 -47.08
N CYS C 1122 -79.97 13.21 -46.68
CA CYS C 1122 -80.20 13.68 -45.32
C CYS C 1122 -80.93 12.63 -44.51
N ASP C 1123 -80.25 11.52 -44.22
CA ASP C 1123 -80.80 10.54 -43.29
C ASP C 1123 -79.75 9.92 -42.37
N VAL C 1124 -78.49 10.32 -42.44
CA VAL C 1124 -77.45 9.66 -41.67
C VAL C 1124 -76.77 10.67 -40.73
N VAL C 1125 -76.79 11.95 -41.11
CA VAL C 1125 -76.23 12.97 -40.25
C VAL C 1125 -77.17 13.19 -39.07
N ILE C 1126 -76.60 13.37 -37.88
CA ILE C 1126 -77.42 13.48 -36.68
C ILE C 1126 -78.06 14.86 -36.58
N GLY C 1127 -77.26 15.90 -36.41
CA GLY C 1127 -77.77 17.23 -36.22
C GLY C 1127 -77.87 18.06 -37.48
N ILE C 1128 -78.75 17.70 -38.40
CA ILE C 1128 -78.89 18.39 -39.67
C ILE C 1128 -80.03 19.39 -39.56
N VAL C 1129 -79.85 20.57 -40.16
CA VAL C 1129 -80.83 21.64 -40.11
C VAL C 1129 -81.24 21.99 -41.53
N ASN C 1130 -82.39 22.65 -41.67
CA ASN C 1130 -83.11 22.71 -42.94
C ASN C 1130 -83.17 24.10 -43.57
N ASN C 1131 -82.08 24.86 -43.57
CA ASN C 1131 -82.13 26.21 -44.12
C ASN C 1131 -82.03 26.14 -45.64
N THR C 1132 -81.79 27.27 -46.28
CA THR C 1132 -81.76 27.37 -47.73
C THR C 1132 -80.35 27.66 -48.22
N VAL C 1133 -79.89 26.88 -49.20
CA VAL C 1133 -78.60 27.09 -49.84
C VAL C 1133 -78.83 27.72 -51.20
N TYR C 1134 -78.39 28.96 -51.36
CA TYR C 1134 -78.71 29.75 -52.54
C TYR C 1134 -77.79 29.42 -53.70
N ASP C 1135 -78.24 29.78 -54.90
CA ASP C 1135 -77.47 29.61 -56.12
C ASP C 1135 -77.20 30.97 -56.74
N PRO C 1136 -75.96 31.24 -57.17
CA PRO C 1136 -75.63 32.53 -57.77
C PRO C 1136 -76.10 32.66 -59.21
N GLN D 27 42.72 22.54 -34.02
CA GLN D 27 41.37 22.17 -33.61
C GLN D 27 40.33 23.21 -34.04
N SER D 28 39.20 22.72 -34.55
CA SER D 28 38.14 23.58 -35.06
C SER D 28 36.79 23.14 -34.49
N TYR D 29 35.75 23.83 -34.92
CA TYR D 29 34.38 23.54 -34.49
C TYR D 29 33.50 23.29 -35.70
N THR D 30 32.73 22.20 -35.65
CA THR D 30 31.78 21.89 -36.72
C THR D 30 30.45 21.46 -36.10
N ASN D 31 29.53 21.01 -36.96
CA ASN D 31 28.19 20.63 -36.55
C ASN D 31 27.93 19.18 -36.96
N SER D 32 27.21 18.46 -36.10
CA SER D 32 26.79 17.09 -36.37
C SER D 32 25.33 17.11 -36.78
N PHE D 33 25.05 16.69 -38.00
CA PHE D 33 23.71 16.81 -38.56
C PHE D 33 22.69 16.01 -37.76
N THR D 34 22.79 14.68 -37.80
CA THR D 34 21.90 13.80 -37.05
C THR D 34 22.64 12.61 -36.49
N ARG D 35 23.93 12.77 -36.20
CA ARG D 35 24.76 11.65 -35.80
C ARG D 35 24.73 11.45 -34.29
N GLY D 36 24.88 10.20 -33.88
CA GLY D 36 24.95 9.85 -32.47
C GLY D 36 23.76 9.11 -31.91
N VAL D 37 22.84 8.65 -32.74
CA VAL D 37 21.64 7.97 -32.28
C VAL D 37 21.93 6.48 -32.16
N TYR D 38 21.65 5.91 -30.99
CA TYR D 38 21.93 4.52 -30.72
C TYR D 38 20.72 3.86 -30.08
N TYR D 39 20.76 2.54 -30.03
CA TYR D 39 19.68 1.77 -29.40
C TYR D 39 19.74 1.96 -27.90
N PRO D 40 18.66 2.42 -27.27
CA PRO D 40 18.72 2.70 -25.83
C PRO D 40 18.64 1.45 -24.98
N ASP D 41 17.98 0.41 -25.48
CA ASP D 41 17.74 -0.81 -24.71
C ASP D 41 17.83 -2.01 -25.64
N LYS D 42 17.75 -3.19 -25.04
CA LYS D 42 17.85 -4.46 -25.76
C LYS D 42 16.48 -5.07 -26.02
N VAL D 43 15.49 -4.25 -26.33
CA VAL D 43 14.12 -4.70 -26.58
C VAL D 43 13.82 -4.55 -28.05
N PHE D 44 13.24 -5.58 -28.64
CA PHE D 44 12.85 -5.58 -30.04
C PHE D 44 11.51 -4.89 -30.22
N ARG D 45 11.42 -4.04 -31.23
CA ARG D 45 10.18 -3.34 -31.56
C ARG D 45 10.01 -3.34 -33.07
N SER D 46 8.82 -3.67 -33.54
CA SER D 46 8.57 -3.86 -34.96
C SER D 46 7.62 -2.78 -35.47
N SER D 47 8.12 -1.94 -36.37
CA SER D 47 7.32 -0.94 -37.09
C SER D 47 6.55 -0.05 -36.13
N VAL D 48 7.28 0.71 -35.33
CA VAL D 48 6.66 1.55 -34.30
C VAL D 48 7.42 2.87 -34.17
N LEU D 49 6.91 3.73 -33.31
CA LEU D 49 7.53 5.01 -32.99
C LEU D 49 7.61 5.12 -31.48
N HIS D 50 8.82 5.28 -30.95
CA HIS D 50 9.06 5.21 -29.52
C HIS D 50 9.57 6.55 -29.03
N LEU D 51 8.92 7.08 -28.01
CA LEU D 51 9.30 8.35 -27.39
C LEU D 51 10.05 8.02 -26.11
N THR D 52 11.36 8.23 -26.10
CA THR D 52 12.21 7.82 -25.00
C THR D 52 13.03 8.99 -24.48
N GLN D 53 13.47 8.87 -23.23
CA GLN D 53 14.32 9.87 -22.60
C GLN D 53 15.67 9.24 -22.27
N ASP D 54 16.75 9.88 -22.70
CA ASP D 54 18.07 9.29 -22.49
C ASP D 54 19.14 10.34 -22.73
N LEU D 55 20.39 9.91 -22.55
CA LEU D 55 21.55 10.75 -22.83
C LEU D 55 21.93 10.57 -24.29
N PHE D 56 21.93 11.68 -25.04
CA PHE D 56 22.20 11.64 -26.47
C PHE D 56 23.10 12.81 -26.84
N LEU D 57 23.44 12.91 -28.12
CA LEU D 57 24.16 14.06 -28.63
C LEU D 57 23.16 14.96 -29.34
N PRO D 58 22.90 16.16 -28.83
CA PRO D 58 21.82 16.97 -29.38
C PRO D 58 22.03 17.28 -30.85
N PHE D 59 20.93 17.35 -31.59
CA PHE D 59 21.02 17.63 -33.01
C PHE D 59 21.66 19.00 -33.25
N PHE D 60 22.58 19.03 -34.21
CA PHE D 60 23.29 20.26 -34.58
C PHE D 60 24.05 20.86 -33.41
N SER D 61 24.57 20.02 -32.52
CA SER D 61 25.43 20.49 -31.46
C SER D 61 26.83 20.77 -32.03
N ASN D 62 27.67 21.41 -31.21
CA ASN D 62 29.00 21.81 -31.65
C ASN D 62 29.99 20.71 -31.32
N VAL D 63 30.72 20.26 -32.33
CA VAL D 63 31.62 19.12 -32.24
C VAL D 63 33.04 19.62 -32.45
N THR D 64 33.95 19.20 -31.57
CA THR D 64 35.34 19.61 -31.66
C THR D 64 36.07 18.69 -32.63
N TRP D 65 36.71 19.29 -33.64
CA TRP D 65 37.38 18.55 -34.70
C TRP D 65 38.87 18.68 -34.51
N PHE D 66 39.55 17.55 -34.33
CA PHE D 66 40.99 17.57 -34.13
C PHE D 66 41.65 16.89 -35.33
N ASN D 80 48.33 16.36 -27.96
CA ASN D 80 47.38 15.42 -27.39
C ASN D 80 46.85 15.92 -26.05
N PRO D 81 45.89 16.83 -26.10
CA PRO D 81 45.33 17.39 -24.86
C PRO D 81 44.39 16.40 -24.19
N VAL D 82 44.07 16.72 -22.94
CA VAL D 82 43.16 15.91 -22.13
C VAL D 82 41.80 16.58 -22.13
N LEU D 83 40.76 15.82 -22.43
CA LEU D 83 39.42 16.35 -22.54
C LEU D 83 38.56 15.86 -21.37
N PRO D 84 37.60 16.66 -20.91
CA PRO D 84 36.73 16.22 -19.83
C PRO D 84 35.76 15.15 -20.30
N PHE D 85 35.12 14.50 -19.32
CA PHE D 85 34.17 13.42 -19.56
C PHE D 85 32.89 13.76 -18.81
N ASN D 86 31.99 14.48 -19.47
CA ASN D 86 30.71 14.85 -18.89
C ASN D 86 29.65 13.86 -19.37
N ASP D 87 29.18 13.01 -18.45
CA ASP D 87 28.13 12.03 -18.67
C ASP D 87 28.20 11.33 -20.02
N GLY D 88 29.40 10.96 -20.44
CA GLY D 88 29.58 10.20 -21.67
C GLY D 88 30.13 11.06 -22.80
N VAL D 89 30.76 10.37 -23.76
CA VAL D 89 31.35 11.05 -24.91
C VAL D 89 31.01 10.30 -26.19
N TYR D 90 31.09 11.04 -27.30
CA TYR D 90 30.92 10.50 -28.63
C TYR D 90 32.20 10.77 -29.40
N PHE D 91 32.80 9.71 -29.94
CA PHE D 91 34.10 9.79 -30.60
C PHE D 91 33.97 9.24 -32.00
N ALA D 92 34.27 10.07 -33.00
CA ALA D 92 34.30 9.64 -34.39
C ALA D 92 35.73 9.69 -34.89
N SER D 93 36.10 8.75 -35.74
CA SER D 93 37.44 8.72 -36.28
C SER D 93 37.41 8.40 -37.77
N THR D 94 38.24 9.10 -38.53
CA THR D 94 38.46 8.79 -39.95
C THR D 94 39.95 8.80 -40.20
N GLU D 95 40.47 7.68 -40.70
CA GLU D 95 41.90 7.56 -40.98
C GLU D 95 42.09 6.46 -42.01
N LYS D 96 43.31 6.38 -42.52
CA LYS D 96 43.69 5.33 -43.45
C LYS D 96 44.98 4.65 -42.99
N SER D 97 45.82 5.41 -42.29
CA SER D 97 47.11 4.90 -41.83
C SER D 97 47.00 4.11 -40.54
N ASN D 98 45.83 4.09 -39.91
CA ASN D 98 45.60 3.36 -38.66
C ASN D 98 46.56 3.85 -37.57
N ILE D 99 46.42 5.13 -37.24
CA ILE D 99 47.22 5.70 -36.16
C ILE D 99 46.52 5.58 -34.80
N ILE D 100 45.19 5.52 -34.80
CA ILE D 100 44.43 5.37 -33.56
C ILE D 100 44.61 3.95 -33.05
N ARG D 101 44.98 3.81 -31.77
CA ARG D 101 45.23 2.50 -31.21
C ARG D 101 44.45 2.19 -29.95
N GLY D 102 43.87 3.18 -29.28
CA GLY D 102 43.08 2.89 -28.10
C GLY D 102 42.77 4.15 -27.32
N TRP D 103 42.31 3.91 -26.09
CA TRP D 103 41.86 4.99 -25.20
C TRP D 103 42.28 4.69 -23.77
N ILE D 104 42.41 5.76 -23.00
CA ILE D 104 42.68 5.69 -21.57
C ILE D 104 41.69 6.57 -20.85
N PHE D 105 41.13 6.08 -19.75
CA PHE D 105 40.13 6.79 -18.98
C PHE D 105 40.50 6.77 -17.51
N GLY D 106 40.14 7.84 -16.81
CA GLY D 106 40.34 7.88 -15.38
C GLY D 106 39.87 9.20 -14.82
N THR D 107 39.98 9.32 -13.50
CA THR D 107 39.65 10.55 -12.79
C THR D 107 40.85 11.49 -12.69
N THR D 108 42.00 10.98 -12.28
CA THR D 108 43.20 11.78 -12.15
C THR D 108 44.42 11.21 -12.87
N LEU D 109 44.43 9.91 -13.16
CA LEU D 109 45.56 9.26 -13.83
C LEU D 109 46.87 9.49 -13.07
N ASP D 110 46.80 9.44 -11.75
CA ASP D 110 47.96 9.66 -10.89
C ASP D 110 48.53 8.36 -10.34
N SER D 111 48.15 7.22 -10.92
CA SER D 111 48.51 5.88 -10.45
C SER D 111 48.03 5.62 -9.02
N LYS D 112 47.12 6.44 -8.51
CA LYS D 112 46.51 6.24 -7.19
C LYS D 112 45.05 5.83 -7.28
N THR D 113 44.42 5.96 -8.43
CA THR D 113 43.05 5.52 -8.65
C THR D 113 42.99 4.69 -9.93
N GLN D 114 41.98 3.83 -10.02
CA GLN D 114 41.90 2.88 -11.12
C GLN D 114 41.75 3.59 -12.45
N SER D 115 42.43 3.08 -13.47
CA SER D 115 42.40 3.64 -14.81
C SER D 115 42.06 2.54 -15.80
N LEU D 116 41.29 2.90 -16.81
CA LEU D 116 40.83 1.94 -17.81
C LEU D 116 41.62 2.13 -19.09
N LEU D 117 42.23 1.04 -19.58
CA LEU D 117 42.96 1.05 -20.84
C LEU D 117 42.28 0.12 -21.83
N ILE D 118 42.02 0.63 -23.02
CA ILE D 118 41.50 -0.16 -24.13
C ILE D 118 42.49 -0.04 -25.27
N VAL D 119 43.04 -1.17 -25.72
CA VAL D 119 43.99 -1.17 -26.83
C VAL D 119 43.52 -2.17 -27.88
N ASN D 120 43.27 -1.68 -29.10
CA ASN D 120 42.89 -2.53 -30.21
C ASN D 120 44.09 -2.69 -31.13
N ASN D 121 45.05 -3.52 -30.71
CA ASN D 121 46.35 -3.50 -31.36
C ASN D 121 46.38 -3.95 -32.82
N ALA D 122 46.12 -5.23 -33.09
CA ALA D 122 46.03 -5.68 -34.47
C ALA D 122 44.96 -6.75 -34.72
N THR D 123 44.67 -7.63 -33.77
CA THR D 123 43.74 -8.71 -34.00
C THR D 123 42.67 -8.82 -32.92
N ASN D 124 43.03 -8.58 -31.67
CA ASN D 124 42.11 -8.69 -30.55
C ASN D 124 42.22 -7.45 -29.66
N VAL D 125 41.10 -7.08 -29.06
CA VAL D 125 41.08 -5.89 -28.21
C VAL D 125 41.32 -6.30 -26.76
N PHE D 126 42.23 -5.61 -26.10
CA PHE D 126 42.53 -5.84 -24.70
C PHE D 126 41.96 -4.72 -23.86
N ILE D 127 41.22 -5.08 -22.82
CA ILE D 127 40.65 -4.13 -21.87
C ILE D 127 41.21 -4.47 -20.50
N LYS D 128 41.91 -3.52 -19.89
CA LYS D 128 42.56 -3.75 -18.60
C LYS D 128 42.24 -2.60 -17.66
N VAL D 129 41.83 -2.93 -16.43
CA VAL D 129 41.32 -1.93 -15.50
C VAL D 129 42.19 -1.93 -14.25
N CYS D 130 43.14 -1.00 -14.16
CA CYS D 130 43.93 -0.80 -12.95
C CYS D 130 44.75 0.47 -13.06
N GLU D 131 45.59 0.69 -12.05
CA GLU D 131 46.34 1.93 -11.88
C GLU D 131 47.63 1.90 -12.71
N PHE D 132 47.45 1.77 -14.03
CA PHE D 132 48.59 1.73 -14.92
C PHE D 132 49.39 3.03 -14.86
N GLN D 133 50.71 2.91 -14.75
CA GLN D 133 51.58 4.08 -14.73
C GLN D 133 51.96 4.41 -16.18
N PHE D 134 50.99 4.98 -16.89
CA PHE D 134 51.14 5.24 -18.30
C PHE D 134 52.22 6.27 -18.57
N CYS D 135 52.88 6.14 -19.72
CA CYS D 135 53.75 7.21 -20.21
C CYS D 135 52.90 8.31 -20.82
N ASN D 136 53.48 9.51 -20.94
CA ASN D 136 52.74 10.64 -21.49
C ASN D 136 52.41 10.43 -22.96
N ASP D 137 53.40 10.04 -23.76
CA ASP D 137 53.25 9.92 -25.21
C ASP D 137 53.69 8.53 -25.66
N PRO D 138 52.77 7.56 -25.70
CA PRO D 138 53.10 6.24 -26.25
C PRO D 138 53.04 6.24 -27.77
N PHE D 139 54.21 6.31 -28.40
CA PHE D 139 54.31 6.34 -29.85
C PHE D 139 55.42 5.40 -30.29
N LEU D 140 55.17 4.68 -31.38
CA LEU D 140 56.13 3.75 -31.95
C LEU D 140 56.37 4.09 -33.41
N ASP D 141 57.64 4.07 -33.82
CA ASP D 141 58.01 4.37 -35.19
C ASP D 141 57.47 3.29 -36.12
N VAL D 142 56.82 3.72 -37.20
CA VAL D 142 56.26 2.81 -38.20
C VAL D 142 55.31 1.81 -37.56
N TRP D 150 55.61 -5.08 -39.37
CA TRP D 150 57.03 -4.88 -39.12
C TRP D 150 57.45 -5.50 -37.80
N MET D 151 57.17 -4.80 -36.70
CA MET D 151 57.50 -5.27 -35.36
C MET D 151 56.28 -5.60 -34.51
N GLU D 152 55.36 -4.64 -34.35
CA GLU D 152 54.12 -4.83 -33.61
C GLU D 152 54.38 -5.38 -32.20
N SER D 153 55.18 -4.65 -31.45
CA SER D 153 55.60 -5.07 -30.11
C SER D 153 55.80 -3.81 -29.28
N GLU D 154 56.50 -3.97 -28.14
CA GLU D 154 56.94 -2.84 -27.31
C GLU D 154 55.75 -2.02 -26.81
N SER D 155 54.95 -2.66 -25.93
CA SER D 155 53.82 -1.99 -25.29
C SER D 155 54.29 -1.30 -24.02
N GLY D 156 55.25 -0.39 -24.19
CA GLY D 156 55.77 0.36 -23.08
C GLY D 156 54.92 1.57 -22.72
N VAL D 157 53.63 1.49 -23.03
CA VAL D 157 52.71 2.59 -22.74
C VAL D 157 52.68 2.87 -21.23
N TYR D 158 52.60 1.81 -20.44
CA TYR D 158 52.65 1.93 -18.99
C TYR D 158 54.07 1.65 -18.49
N SER D 159 54.29 1.93 -17.21
CA SER D 159 55.59 1.72 -16.59
C SER D 159 55.57 0.78 -15.40
N SER D 160 54.40 0.57 -14.78
CA SER D 160 54.33 -0.30 -13.62
C SER D 160 52.97 -0.97 -13.58
N ALA D 161 52.89 -2.07 -12.83
CA ALA D 161 51.67 -2.85 -12.68
C ALA D 161 51.17 -2.75 -11.24
N ASN D 162 49.90 -3.07 -11.07
CA ASN D 162 49.24 -2.97 -9.77
C ASN D 162 48.18 -4.06 -9.71
N ASN D 163 47.20 -3.86 -8.81
CA ASN D 163 46.20 -4.86 -8.46
C ASN D 163 45.60 -5.52 -9.70
N CYS D 164 45.04 -4.70 -10.61
CA CYS D 164 44.57 -5.12 -11.93
C CYS D 164 43.48 -6.20 -11.83
N THR D 165 42.35 -5.75 -11.28
CA THR D 165 41.20 -6.64 -11.12
C THR D 165 40.70 -7.17 -12.45
N PHE D 166 40.22 -6.30 -13.33
CA PHE D 166 39.47 -6.73 -14.49
C PHE D 166 40.31 -6.72 -15.76
N GLU D 167 40.13 -7.78 -16.55
CA GLU D 167 40.73 -7.95 -17.86
C GLU D 167 39.66 -8.50 -18.80
N TYR D 168 39.80 -8.22 -20.08
CA TYR D 168 38.84 -8.69 -21.08
C TYR D 168 39.51 -8.76 -22.44
N VAL D 169 39.18 -9.80 -23.20
CA VAL D 169 39.67 -9.99 -24.56
C VAL D 169 38.48 -10.31 -25.46
N SER D 170 38.71 -10.25 -26.76
CA SER D 170 37.66 -10.60 -27.72
C SER D 170 38.20 -11.52 -28.81
N ASN D 186 37.38 3.49 -41.44
CA ASN D 186 36.47 4.24 -42.30
C ASN D 186 35.24 4.71 -41.55
N LEU D 187 35.34 5.91 -40.97
CA LEU D 187 34.26 6.51 -40.19
C LEU D 187 33.81 5.59 -39.06
N ARG D 188 34.73 5.31 -38.15
CA ARG D 188 34.43 4.50 -36.99
C ARG D 188 33.85 5.39 -35.91
N GLU D 189 32.61 5.11 -35.50
CA GLU D 189 31.92 5.94 -34.52
C GLU D 189 31.66 5.13 -33.26
N PHE D 190 32.00 5.71 -32.12
CA PHE D 190 31.84 5.07 -30.82
C PHE D 190 31.10 6.01 -29.88
N VAL D 191 30.30 5.41 -29.01
CA VAL D 191 29.67 6.11 -27.90
C VAL D 191 30.12 5.42 -26.63
N PHE D 192 30.71 6.18 -25.72
CA PHE D 192 31.13 5.67 -24.43
C PHE D 192 30.26 6.29 -23.36
N LYS D 193 29.55 5.46 -22.61
CA LYS D 193 28.69 5.92 -21.54
C LYS D 193 29.04 5.18 -20.26
N ASN D 194 28.83 5.85 -19.13
CA ASN D 194 29.12 5.30 -17.81
C ASN D 194 27.97 5.63 -16.88
N ILE D 195 27.31 4.61 -16.36
CA ILE D 195 26.12 4.83 -15.53
C ILE D 195 25.87 3.57 -14.71
N ASP D 196 25.47 3.78 -13.45
CA ASP D 196 25.13 2.69 -12.53
C ASP D 196 26.29 1.71 -12.37
N GLY D 197 27.51 2.24 -12.34
CA GLY D 197 28.67 1.40 -12.22
C GLY D 197 28.97 0.55 -13.42
N TYR D 198 28.31 0.79 -14.54
CA TYR D 198 28.53 0.03 -15.77
C TYR D 198 29.13 0.93 -16.83
N PHE D 199 30.07 0.38 -17.59
CA PHE D 199 30.67 1.05 -18.74
C PHE D 199 30.12 0.41 -20.01
N LYS D 200 29.49 1.22 -20.84
CA LYS D 200 28.85 0.73 -22.06
C LYS D 200 29.54 1.35 -23.26
N ILE D 201 29.96 0.50 -24.20
CA ILE D 201 30.65 0.93 -25.41
C ILE D 201 29.82 0.48 -26.59
N TYR D 202 29.35 1.43 -27.39
CA TYR D 202 28.57 1.16 -28.58
C TYR D 202 29.38 1.61 -29.79
N SER D 203 29.27 0.89 -30.90
CA SER D 203 30.13 1.17 -32.05
C SER D 203 29.38 0.98 -33.35
N LYS D 204 29.91 1.60 -34.40
CA LYS D 204 29.41 1.41 -35.75
C LYS D 204 30.53 1.75 -36.73
N HIS D 205 30.54 1.03 -37.85
CA HIS D 205 31.62 1.10 -38.83
C HIS D 205 30.98 1.12 -40.22
N THR D 206 30.73 2.32 -40.73
CA THR D 206 30.14 2.47 -42.05
C THR D 206 31.21 2.86 -43.05
N PRO D 207 31.53 2.01 -44.02
CA PRO D 207 32.58 2.36 -45.00
C PRO D 207 32.20 3.59 -45.80
N ILE D 208 32.97 4.65 -45.63
CA ILE D 208 32.68 5.91 -46.31
C ILE D 208 32.91 5.77 -47.80
N ILE D 209 31.91 6.15 -48.59
CA ILE D 209 32.02 6.18 -50.04
C ILE D 209 32.26 7.65 -50.41
N GLY D 210 33.54 8.03 -50.47
CA GLY D 210 33.94 9.39 -50.72
C GLY D 210 34.96 9.82 -49.69
N ARG D 211 35.11 11.14 -49.55
CA ARG D 211 36.07 11.71 -48.62
C ARG D 211 35.50 12.80 -47.72
N ASP D 212 34.29 13.28 -47.97
CA ASP D 212 33.68 14.30 -47.13
C ASP D 212 32.95 13.63 -45.96
N PHE D 213 32.39 14.46 -45.08
CA PHE D 213 31.62 13.95 -43.94
C PHE D 213 30.18 13.71 -44.36
N PRO D 214 29.69 12.47 -44.30
CA PRO D 214 28.34 12.18 -44.79
C PRO D 214 27.28 12.54 -43.75
N GLN D 215 26.46 13.53 -44.08
CA GLN D 215 25.29 13.84 -43.28
C GLN D 215 24.26 12.74 -43.51
N GLY D 216 24.25 11.74 -42.63
CA GLY D 216 23.35 10.61 -42.79
C GLY D 216 23.04 10.00 -41.44
N PHE D 217 22.11 9.05 -41.46
CA PHE D 217 21.62 8.42 -40.25
C PHE D 217 22.21 7.02 -40.10
N SER D 218 22.77 6.74 -38.93
CA SER D 218 23.34 5.44 -38.62
C SER D 218 23.10 5.14 -37.16
N ALA D 219 22.40 4.03 -36.89
CA ALA D 219 22.19 3.58 -35.52
C ALA D 219 23.40 2.79 -35.04
N LEU D 220 23.71 2.91 -33.76
CA LEU D 220 24.90 2.30 -33.20
C LEU D 220 24.52 1.12 -32.32
N GLU D 221 24.90 -0.09 -32.76
CA GLU D 221 24.64 -1.32 -32.02
C GLU D 221 25.58 -1.44 -30.82
N PRO D 222 25.10 -2.01 -29.72
CA PRO D 222 25.94 -2.10 -28.52
C PRO D 222 27.07 -3.10 -28.65
N LEU D 223 28.31 -2.60 -28.65
CA LEU D 223 29.46 -3.48 -28.81
C LEU D 223 29.72 -4.30 -27.55
N VAL D 224 29.67 -3.66 -26.38
CA VAL D 224 29.94 -4.37 -25.14
C VAL D 224 29.36 -3.58 -23.97
N ASP D 225 28.95 -4.31 -22.93
CA ASP D 225 28.57 -3.74 -21.65
C ASP D 225 29.39 -4.42 -20.57
N LEU D 226 29.99 -3.62 -19.68
CA LEU D 226 30.99 -4.16 -18.77
C LEU D 226 30.75 -3.67 -17.35
N PRO D 227 30.90 -4.54 -16.36
CA PRO D 227 30.77 -4.14 -14.95
C PRO D 227 32.11 -3.76 -14.33
N ILE D 228 32.80 -2.79 -14.94
CA ILE D 228 34.12 -2.41 -14.43
C ILE D 228 33.98 -1.75 -13.06
N GLY D 229 32.96 -0.92 -12.88
CA GLY D 229 32.70 -0.33 -11.58
C GLY D 229 33.80 0.59 -11.05
N ILE D 230 34.29 1.49 -11.90
CA ILE D 230 35.29 2.48 -11.51
C ILE D 230 34.71 3.87 -11.78
N ASN D 231 35.49 4.89 -11.45
CA ASN D 231 35.09 6.28 -11.66
C ASN D 231 36.03 6.94 -12.67
N ILE D 232 35.45 7.71 -13.58
CA ILE D 232 36.18 8.33 -14.68
C ILE D 232 35.73 9.78 -14.82
N THR D 233 36.70 10.70 -14.93
CA THR D 233 36.42 12.10 -15.24
C THR D 233 37.29 12.70 -16.33
N ARG D 234 38.39 12.08 -16.71
CA ARG D 234 39.26 12.59 -17.76
C ARG D 234 39.60 11.46 -18.72
N PHE D 235 39.54 11.74 -20.01
CA PHE D 235 39.84 10.75 -21.03
C PHE D 235 40.78 11.33 -22.07
N GLN D 236 41.65 10.49 -22.62
CA GLN D 236 42.65 10.89 -23.60
C GLN D 236 42.54 9.99 -24.83
N THR D 237 43.52 10.11 -25.71
CA THR D 237 43.57 9.31 -26.93
C THR D 237 44.95 8.70 -27.06
N LEU D 238 45.02 7.49 -27.58
CA LEU D 238 46.28 6.78 -27.79
C LEU D 238 46.53 6.64 -29.29
N LEU D 239 47.63 7.22 -29.75
CA LEU D 239 48.02 7.14 -31.15
C LEU D 239 48.92 5.92 -31.35
N ALA D 240 49.56 5.84 -32.51
CA ALA D 240 50.46 4.73 -32.81
C ALA D 240 51.74 4.83 -32.00
N ASP D 261 42.17 11.94 -38.67
CA ASP D 261 41.40 12.99 -38.05
C ASP D 261 40.34 12.40 -37.12
N TYR D 262 39.95 13.14 -36.08
CA TYR D 262 38.93 12.62 -35.18
C TYR D 262 38.08 13.76 -34.62
N TYR D 263 36.94 13.37 -34.06
CA TYR D 263 35.87 14.28 -33.67
C TYR D 263 35.37 13.90 -32.29
N VAL D 264 35.17 14.89 -31.44
CA VAL D 264 34.75 14.69 -30.06
C VAL D 264 33.48 15.48 -29.79
N GLY D 265 32.51 14.83 -29.14
CA GLY D 265 31.28 15.49 -28.76
C GLY D 265 30.82 15.05 -27.39
N TYR D 266 30.04 15.91 -26.75
CA TYR D 266 29.59 15.74 -25.38
C TYR D 266 28.07 15.52 -25.33
N LEU D 267 27.65 14.58 -24.51
CA LEU D 267 26.27 14.14 -24.42
C LEU D 267 25.50 14.97 -23.40
N GLN D 268 24.17 14.91 -23.50
CA GLN D 268 23.28 15.63 -22.61
C GLN D 268 21.98 14.85 -22.48
N PRO D 269 21.22 15.06 -21.40
CA PRO D 269 19.91 14.41 -21.28
C PRO D 269 18.87 15.10 -22.15
N ARG D 270 18.16 14.30 -22.95
CA ARG D 270 17.16 14.81 -23.89
C ARG D 270 16.07 13.76 -24.06
N THR D 271 15.08 14.09 -24.88
CA THR D 271 13.99 13.19 -25.23
C THR D 271 13.91 13.10 -26.74
N PHE D 272 13.84 11.86 -27.24
CA PHE D 272 13.91 11.58 -28.67
C PHE D 272 12.71 10.75 -29.10
N LEU D 273 12.43 10.79 -30.40
CA LEU D 273 11.44 9.94 -31.04
C LEU D 273 12.16 9.11 -32.08
N LEU D 274 12.12 7.79 -31.92
CA LEU D 274 12.84 6.86 -32.78
C LEU D 274 11.86 6.03 -33.58
N LYS D 275 12.19 5.79 -34.86
CA LYS D 275 11.35 5.05 -35.77
C LYS D 275 11.92 3.66 -35.99
N TYR D 276 11.08 2.63 -35.89
CA TYR D 276 11.49 1.24 -36.00
C TYR D 276 10.80 0.61 -37.19
N ASN D 277 11.59 0.00 -38.08
CA ASN D 277 11.10 -0.64 -39.29
C ASN D 277 10.52 -2.02 -38.94
N GLU D 278 10.26 -2.82 -39.97
CA GLU D 278 9.73 -4.18 -39.72
C GLU D 278 10.75 -4.97 -38.89
N ASN D 279 12.03 -4.58 -38.98
CA ASN D 279 13.14 -5.44 -38.47
C ASN D 279 13.84 -4.74 -37.30
N GLY D 280 13.11 -4.09 -36.40
CA GLY D 280 13.74 -3.56 -35.17
C GLY D 280 15.00 -2.76 -35.44
N THR D 281 15.11 -2.21 -36.65
CA THR D 281 16.13 -1.28 -37.07
C THR D 281 15.66 0.16 -36.88
N ILE D 282 16.53 1.00 -36.34
CA ILE D 282 16.24 2.42 -36.22
C ILE D 282 16.62 3.10 -37.52
N THR D 283 15.63 3.68 -38.19
CA THR D 283 15.84 4.29 -39.49
C THR D 283 15.74 5.80 -39.49
N ASP D 284 15.09 6.41 -38.49
CA ASP D 284 15.00 7.85 -38.42
C ASP D 284 14.75 8.27 -36.98
N ALA D 285 15.23 9.48 -36.66
CA ALA D 285 15.10 10.02 -35.32
C ALA D 285 14.70 11.48 -35.40
N VAL D 286 13.96 11.92 -34.39
CA VAL D 286 13.46 13.29 -34.29
C VAL D 286 13.70 13.78 -32.87
N ASP D 287 14.35 14.92 -32.73
CA ASP D 287 14.57 15.51 -31.42
C ASP D 287 13.29 16.17 -30.92
N CYS D 288 13.29 16.56 -29.64
CA CYS D 288 12.11 17.19 -29.05
C CYS D 288 12.45 18.51 -28.38
N ALA D 289 13.61 19.07 -28.66
CA ALA D 289 13.98 20.38 -28.16
C ALA D 289 14.69 21.25 -29.18
N LEU D 290 14.70 20.85 -30.46
CA LEU D 290 15.40 21.59 -31.48
C LEU D 290 14.58 22.75 -32.03
N ASP D 291 13.43 22.44 -32.60
CA ASP D 291 12.61 23.38 -33.34
C ASP D 291 11.17 23.30 -32.91
N PRO D 292 10.35 24.31 -33.23
CA PRO D 292 8.91 24.20 -32.96
C PRO D 292 8.27 23.01 -33.64
N LEU D 293 8.69 22.69 -34.87
CA LEU D 293 8.12 21.54 -35.56
C LEU D 293 8.47 20.24 -34.84
N SER D 294 9.73 20.12 -34.41
CA SER D 294 10.17 18.93 -33.69
C SER D 294 9.92 19.05 -32.20
N GLU D 295 8.74 19.50 -31.83
CA GLU D 295 8.06 19.34 -30.57
C GLU D 295 6.62 18.93 -30.78
N THR D 296 5.97 19.49 -31.81
CA THR D 296 4.65 19.03 -32.22
C THR D 296 4.74 17.61 -32.76
N LYS D 297 5.85 17.28 -33.42
CA LYS D 297 6.02 15.90 -33.87
C LYS D 297 6.10 14.94 -32.68
N CYS D 298 6.78 15.34 -31.62
CA CYS D 298 6.86 14.47 -30.44
C CYS D 298 5.54 14.39 -29.69
N THR D 299 4.79 15.49 -29.64
CA THR D 299 3.49 15.46 -28.98
C THR D 299 2.49 14.60 -29.74
N LEU D 300 2.41 14.78 -31.06
CA LEU D 300 1.48 14.01 -31.86
C LEU D 300 1.95 12.57 -32.08
N LYS D 301 3.19 12.25 -31.71
CA LYS D 301 3.73 10.88 -31.82
C LYS D 301 3.73 10.40 -33.26
N SER D 302 4.09 11.28 -34.20
CA SER D 302 4.14 10.91 -35.60
C SER D 302 5.13 11.80 -36.32
N PHE D 303 5.70 11.28 -37.40
CA PHE D 303 6.65 12.03 -38.21
C PHE D 303 5.97 12.90 -39.26
N THR D 304 4.66 12.75 -39.43
CA THR D 304 3.91 13.57 -40.38
C THR D 304 2.84 14.35 -39.61
N VAL D 305 2.79 15.65 -39.85
CA VAL D 305 1.90 16.55 -39.14
C VAL D 305 0.96 17.18 -40.16
N GLU D 306 -0.35 17.03 -39.95
CA GLU D 306 -1.31 17.62 -40.85
C GLU D 306 -1.63 19.05 -40.42
N LYS D 307 -2.29 19.80 -41.31
CA LYS D 307 -2.52 21.21 -41.10
C LYS D 307 -3.43 21.44 -39.90
N GLY D 308 -3.08 22.43 -39.10
CA GLY D 308 -3.87 22.78 -37.93
C GLY D 308 -3.03 23.53 -36.91
N ILE D 309 -3.66 23.85 -35.80
CA ILE D 309 -3.02 24.54 -34.69
C ILE D 309 -2.95 23.56 -33.52
N TYR D 310 -1.75 23.38 -32.96
CA TYR D 310 -1.49 22.33 -32.00
C TYR D 310 -0.94 22.90 -30.70
N GLN D 311 -1.53 22.48 -29.59
CA GLN D 311 -0.97 22.80 -28.29
C GLN D 311 0.32 22.03 -28.06
N THR D 312 1.13 22.54 -27.15
CA THR D 312 2.40 21.94 -26.81
C THR D 312 2.77 22.41 -25.41
N SER D 313 4.04 22.25 -25.03
CA SER D 313 4.48 22.63 -23.70
C SER D 313 4.26 24.11 -23.43
N ASN D 314 4.47 24.58 -22.20
CA ASN D 314 4.12 25.97 -21.82
C ASN D 314 5.36 26.83 -21.69
N PHE D 315 5.23 28.15 -21.45
CA PHE D 315 6.38 29.09 -21.28
C PHE D 315 6.37 29.76 -19.94
N ARG D 316 7.54 30.25 -19.50
CA ARG D 316 7.64 30.92 -18.19
C ARG D 316 8.94 31.73 -18.18
N VAL D 317 8.91 32.92 -17.59
CA VAL D 317 10.13 33.76 -17.52
C VAL D 317 10.98 33.41 -16.30
N GLN D 318 12.19 32.85 -16.47
CA GLN D 318 12.93 32.47 -15.29
C GLN D 318 13.56 33.70 -14.62
N PRO D 319 13.79 33.63 -13.31
CA PRO D 319 14.35 34.78 -12.59
C PRO D 319 15.82 34.97 -12.90
N THR D 320 16.35 36.11 -12.46
CA THR D 320 17.74 36.45 -12.75
C THR D 320 18.52 36.97 -11.55
N GLU D 321 17.84 37.47 -10.52
CA GLU D 321 18.50 37.93 -9.32
C GLU D 321 17.85 37.38 -8.07
N SER D 322 18.60 37.43 -6.97
CA SER D 322 18.12 37.03 -5.64
C SER D 322 18.18 38.23 -4.72
N ILE D 323 17.10 38.47 -3.98
CA ILE D 323 16.96 39.63 -3.09
C ILE D 323 16.62 39.13 -1.70
N VAL D 324 17.40 39.56 -0.71
CA VAL D 324 17.18 39.24 0.69
C VAL D 324 17.22 40.54 1.48
N ARG D 325 16.13 40.85 2.18
CA ARG D 325 16.00 42.09 2.94
C ARG D 325 15.48 41.77 4.34
N PHE D 326 16.40 41.60 5.27
CA PHE D 326 16.05 41.44 6.68
C PHE D 326 15.88 42.81 7.33
N PRO D 327 15.22 42.88 8.50
CA PRO D 327 14.89 44.18 9.09
C PRO D 327 16.11 45.04 9.42
N ASN D 328 15.87 46.32 9.74
CA ASN D 328 17.00 47.25 10.05
C ASN D 328 17.82 46.61 11.19
N VAL D 329 19.15 46.56 11.05
CA VAL D 329 19.99 45.87 12.08
C VAL D 329 20.29 46.85 13.21
N THR D 330 19.39 46.96 14.19
CA THR D 330 19.57 47.96 15.28
C THR D 330 20.16 47.30 16.53
N ASN D 331 19.42 46.45 17.23
CA ASN D 331 19.83 46.13 18.63
C ASN D 331 20.91 45.04 18.63
N LEU D 332 22.16 45.47 18.41
CA LEU D 332 23.30 44.52 18.41
C LEU D 332 23.79 44.44 19.85
N CYS D 333 24.90 43.74 20.12
CA CYS D 333 25.31 43.59 21.54
C CYS D 333 26.59 44.34 21.86
N PRO D 334 26.69 45.02 23.02
CA PRO D 334 27.91 45.66 23.45
C PRO D 334 28.82 44.67 24.19
N PHE D 335 29.22 43.58 23.54
CA PHE D 335 30.24 42.67 24.12
C PHE D 335 31.39 43.55 24.59
N HIS D 336 31.22 44.87 24.45
CA HIS D 336 32.36 45.80 24.63
C HIS D 336 32.49 45.83 26.14
N GLU D 337 31.34 45.70 26.80
CA GLU D 337 31.43 45.59 28.25
C GLU D 337 31.88 44.21 28.69
N VAL D 338 31.71 43.20 27.84
CA VAL D 338 32.07 41.82 28.20
C VAL D 338 33.52 41.51 27.87
N PHE D 339 34.11 42.21 26.90
CA PHE D 339 35.46 41.90 26.43
C PHE D 339 36.46 43.02 26.64
N ASN D 340 36.02 44.25 26.88
CA ASN D 340 36.91 45.40 26.99
C ASN D 340 36.75 46.11 28.33
N ALA D 341 36.69 45.33 29.40
CA ALA D 341 36.57 45.89 30.75
C ALA D 341 37.95 45.99 31.40
N THR D 342 38.04 46.89 32.39
CA THR D 342 39.31 47.08 33.10
C THR D 342 39.62 45.90 34.02
N ARG D 343 38.61 45.41 34.73
CA ARG D 343 38.80 44.35 35.71
C ARG D 343 37.86 43.19 35.42
N PHE D 344 38.36 41.97 35.60
CA PHE D 344 37.59 40.76 35.52
C PHE D 344 37.54 40.10 36.91
N ALA D 345 36.94 38.91 36.97
CA ALA D 345 36.78 38.20 38.22
C ALA D 345 37.79 37.07 38.34
N SER D 346 38.01 36.64 39.57
CA SER D 346 38.88 35.50 39.83
C SER D 346 38.20 34.22 39.37
N VAL D 347 39.03 33.18 39.17
CA VAL D 347 38.49 31.91 38.68
C VAL D 347 37.61 31.25 39.73
N TYR D 348 37.94 31.40 41.02
CA TYR D 348 37.12 30.79 42.06
C TYR D 348 35.75 31.47 42.16
N ALA D 349 35.68 32.75 41.77
CA ALA D 349 34.42 33.48 41.78
C ALA D 349 34.08 33.96 40.38
N TRP D 350 34.18 33.04 39.41
CA TRP D 350 34.00 33.40 38.00
C TRP D 350 32.63 33.99 37.76
N ASN D 351 32.58 35.09 37.02
CA ASN D 351 31.32 35.74 36.69
C ASN D 351 30.63 34.98 35.57
N ARG D 352 29.43 34.46 35.85
CA ARG D 352 28.60 33.86 34.81
C ARG D 352 27.85 35.01 34.13
N THR D 353 28.55 35.65 33.20
CA THR D 353 28.02 36.85 32.55
C THR D 353 26.84 36.50 31.66
N ARG D 354 25.75 37.25 31.83
CA ARG D 354 24.53 37.01 31.08
C ARG D 354 24.52 37.84 29.81
N ILE D 355 24.30 37.18 28.67
CA ILE D 355 24.21 37.83 27.37
C ILE D 355 22.81 37.58 26.82
N SER D 356 22.11 38.65 26.45
CA SER D 356 20.73 38.50 26.04
C SER D 356 20.27 39.69 25.22
N ASN D 357 19.25 39.46 24.40
CA ASN D 357 18.43 40.52 23.80
C ASN D 357 19.25 41.42 22.87
N CYS D 358 19.95 40.81 21.90
CA CYS D 358 20.77 41.58 20.99
C CYS D 358 21.25 40.76 19.79
N VAL D 359 22.03 41.40 18.91
CA VAL D 359 22.50 40.81 17.66
C VAL D 359 23.98 40.48 17.79
N ALA D 360 24.35 39.26 17.42
CA ALA D 360 25.70 38.75 17.59
C ALA D 360 26.62 39.38 16.54
N ASP D 361 27.43 40.35 16.96
CA ASP D 361 28.47 40.95 16.12
C ASP D 361 29.76 40.95 16.93
N TYR D 362 30.47 39.83 16.92
CA TYR D 362 31.79 39.73 17.51
C TYR D 362 32.90 39.54 16.48
N SER D 363 32.64 39.85 15.21
CA SER D 363 33.69 39.76 14.20
C SER D 363 34.72 40.87 14.36
N VAL D 364 34.31 42.03 14.89
CA VAL D 364 35.28 43.08 15.18
C VAL D 364 36.29 42.59 16.20
N LEU D 365 35.84 41.81 17.18
CA LEU D 365 36.75 41.20 18.13
C LEU D 365 37.70 40.23 17.47
N TYR D 366 37.40 39.76 16.26
CA TYR D 366 38.40 39.02 15.49
C TYR D 366 39.62 39.88 15.19
N ASN D 367 39.40 41.13 14.80
CA ASN D 367 40.48 42.03 14.40
C ASN D 367 40.98 42.89 15.56
N PHE D 368 40.08 43.43 16.38
CA PHE D 368 40.51 44.25 17.51
C PHE D 368 41.28 43.44 18.54
N ALA D 369 40.82 42.22 18.81
CA ALA D 369 41.44 41.34 19.81
C ALA D 369 41.93 40.08 19.15
N PRO D 370 43.23 39.96 18.86
CA PRO D 370 43.72 38.77 18.14
C PRO D 370 43.71 37.52 19.00
N PHE D 371 42.55 36.86 19.09
CA PHE D 371 42.41 35.64 19.88
C PHE D 371 43.38 34.57 19.39
N PHE D 372 44.37 34.24 20.23
CA PHE D 372 45.31 33.18 19.85
C PHE D 372 44.74 31.80 20.11
N ALA D 373 43.78 31.69 21.03
CA ALA D 373 43.12 30.42 21.34
C ALA D 373 41.67 30.50 20.90
N PHE D 374 41.24 29.49 20.15
CA PHE D 374 39.84 29.43 19.70
C PHE D 374 39.52 27.96 19.44
N LYS D 375 38.87 27.32 20.41
CA LYS D 375 38.52 25.91 20.30
C LYS D 375 37.03 25.73 20.53
N CYS D 376 36.33 25.19 19.53
CA CYS D 376 34.88 24.98 19.60
C CYS D 376 34.60 23.49 19.54
N TYR D 377 34.11 22.93 20.64
CA TYR D 377 33.84 21.50 20.76
C TYR D 377 32.39 21.15 20.44
N GLY D 378 31.55 22.13 20.11
CA GLY D 378 30.16 21.86 19.82
C GLY D 378 29.86 21.86 18.34
N VAL D 379 28.83 22.60 17.93
CA VAL D 379 28.53 22.71 16.51
C VAL D 379 29.52 23.65 15.84
N SER D 380 29.59 23.57 14.52
CA SER D 380 30.41 24.49 13.76
C SER D 380 29.79 25.89 13.83
N PRO D 381 30.64 26.93 13.79
CA PRO D 381 30.09 28.30 13.78
C PRO D 381 29.19 28.59 12.60
N THR D 382 29.42 27.93 11.46
CA THR D 382 28.60 28.14 10.28
C THR D 382 27.15 27.74 10.52
N LYS D 383 26.89 26.86 11.48
CA LYS D 383 25.52 26.48 11.83
C LYS D 383 24.85 27.44 12.80
N LEU D 384 25.59 28.43 13.33
CA LEU D 384 25.06 29.32 14.35
C LEU D 384 23.91 30.16 13.85
N ASN D 385 23.73 30.30 12.54
CA ASN D 385 22.57 31.03 12.02
C ASN D 385 21.29 30.22 12.11
N ASP D 386 21.38 28.89 12.18
CA ASP D 386 20.18 28.06 12.30
C ASP D 386 19.58 28.12 13.70
N LEU D 387 20.39 28.32 14.73
CA LEU D 387 19.90 28.41 16.10
C LEU D 387 20.66 29.51 16.83
N CYS D 388 19.92 30.47 17.37
CA CYS D 388 20.49 31.59 18.11
C CYS D 388 20.22 31.39 19.60
N PHE D 389 20.66 32.35 20.40
CA PHE D 389 20.62 32.23 21.85
C PHE D 389 19.99 33.45 22.49
N THR D 390 19.23 33.23 23.56
CA THR D 390 18.60 34.30 24.34
C THR D 390 19.06 34.31 25.79
N ASN D 391 19.03 33.15 26.46
CA ASN D 391 19.44 33.03 27.85
C ASN D 391 20.84 32.42 27.95
N VAL D 392 21.72 32.79 27.02
CA VAL D 392 23.05 32.20 26.96
C VAL D 392 23.94 32.77 28.06
N TYR D 393 24.82 31.92 28.59
CA TYR D 393 25.76 32.33 29.62
C TYR D 393 27.15 32.53 29.03
N ALA D 394 27.94 33.38 29.68
CA ALA D 394 29.34 33.59 29.36
C ALA D 394 30.18 33.59 30.63
N ASP D 395 31.45 33.22 30.48
CA ASP D 395 32.36 33.10 31.62
C ASP D 395 33.59 33.96 31.38
N SER D 396 34.07 34.58 32.46
CA SER D 396 35.25 35.45 32.42
C SER D 396 36.28 34.90 33.40
N PHE D 397 37.42 34.42 32.88
CA PHE D 397 38.47 33.82 33.70
C PHE D 397 39.76 34.63 33.58
N VAL D 398 40.49 34.68 34.68
CA VAL D 398 41.85 35.21 34.71
C VAL D 398 42.71 34.11 35.33
N ILE D 399 43.46 33.39 34.49
CA ILE D 399 44.25 32.25 34.92
C ILE D 399 45.66 32.36 34.34
N LYS D 400 46.49 31.38 34.68
CA LYS D 400 47.91 31.39 34.30
C LYS D 400 48.08 31.04 32.83
N GLY D 401 49.33 30.82 32.43
CA GLY D 401 49.67 30.51 31.06
C GLY D 401 49.58 29.04 30.71
N ASN D 402 50.29 28.19 31.46
CA ASN D 402 50.23 26.76 31.16
C ASN D 402 48.99 26.13 31.79
N GLU D 403 47.83 26.73 31.53
CA GLU D 403 46.57 26.26 32.08
C GLU D 403 45.43 26.21 31.07
N VAL D 404 45.55 26.89 29.93
CA VAL D 404 44.47 26.92 28.95
C VAL D 404 44.21 25.51 28.39
N SER D 405 45.25 24.67 28.34
CA SER D 405 45.05 23.28 27.94
C SER D 405 44.24 22.51 28.97
N GLN D 406 44.26 22.93 30.23
CA GLN D 406 43.47 22.27 31.27
C GLN D 406 41.99 22.61 31.16
N ILE D 407 41.64 23.69 30.49
CA ILE D 407 40.23 24.05 30.29
C ILE D 407 39.80 23.37 28.99
N ALA D 408 39.44 22.10 29.10
CA ALA D 408 39.02 21.29 27.97
C ALA D 408 38.24 20.10 28.50
N PRO D 409 37.28 19.58 27.74
CA PRO D 409 36.51 18.43 28.23
C PRO D 409 37.40 17.22 28.48
N GLY D 410 37.10 16.51 29.57
CA GLY D 410 37.84 15.31 29.91
C GLY D 410 39.22 15.55 30.50
N GLN D 411 39.57 16.79 30.81
CA GLN D 411 40.88 17.11 31.34
C GLN D 411 40.89 17.01 32.86
N THR D 412 42.10 16.92 33.42
CA THR D 412 42.29 16.81 34.85
C THR D 412 43.37 17.80 35.31
N GLY D 413 43.35 18.11 36.58
CA GLY D 413 44.29 19.06 37.14
C GLY D 413 43.68 19.77 38.34
N ASN D 414 44.46 20.70 38.88
CA ASN D 414 44.01 21.44 40.06
C ASN D 414 42.81 22.32 39.73
N ILE D 415 42.91 23.11 38.67
CA ILE D 415 41.84 24.04 38.32
C ILE D 415 40.61 23.28 37.82
N ALA D 416 40.83 22.24 37.02
CA ALA D 416 39.70 21.47 36.48
C ALA D 416 38.94 20.75 37.59
N ASP D 417 39.62 20.31 38.64
CA ASP D 417 38.98 19.54 39.69
C ASP D 417 38.43 20.40 40.81
N TYR D 418 39.05 21.54 41.13
CA TYR D 418 38.62 22.34 42.26
C TYR D 418 37.98 23.66 41.89
N ASN D 419 38.38 24.27 40.76
CA ASN D 419 37.94 25.62 40.42
C ASN D 419 36.84 25.65 39.36
N TYR D 420 37.08 25.05 38.20
CA TYR D 420 36.10 25.08 37.12
C TYR D 420 36.16 23.75 36.37
N LYS D 421 35.05 23.03 36.34
CA LYS D 421 34.96 21.73 35.71
C LYS D 421 33.99 21.79 34.54
N LEU D 422 34.44 21.37 33.35
CA LEU D 422 33.56 21.30 32.20
C LEU D 422 33.04 19.89 32.01
N PRO D 423 31.80 19.74 31.54
CA PRO D 423 31.26 18.39 31.29
C PRO D 423 31.90 17.75 30.06
N ASP D 424 31.74 16.43 29.98
CA ASP D 424 32.28 15.70 28.85
C ASP D 424 31.61 16.13 27.55
N ASP D 425 30.28 16.31 27.58
CA ASP D 425 29.53 16.76 26.41
C ASP D 425 29.42 18.28 26.47
N PHE D 426 30.55 18.94 26.21
CA PHE D 426 30.64 20.39 26.30
C PHE D 426 30.56 21.00 24.90
N THR D 427 29.55 21.82 24.68
CA THR D 427 29.33 22.49 23.41
C THR D 427 29.57 23.99 23.62
N GLY D 428 30.80 24.41 23.37
CA GLY D 428 31.16 25.80 23.54
C GLY D 428 32.56 26.04 23.00
N CYS D 429 33.01 27.29 23.12
CA CYS D 429 34.30 27.69 22.58
C CYS D 429 35.15 28.33 23.67
N VAL D 430 36.38 27.85 23.80
CA VAL D 430 37.36 28.46 24.68
C VAL D 430 38.18 29.47 23.87
N ILE D 431 38.32 30.68 24.41
CA ILE D 431 39.11 31.74 23.80
C ILE D 431 40.02 32.30 24.88
N ALA D 432 41.29 32.53 24.54
CA ALA D 432 42.24 33.09 25.49
C ALA D 432 43.10 34.12 24.79
N TRP D 433 43.63 35.06 25.57
CA TRP D 433 44.61 35.99 25.01
C TRP D 433 45.49 36.54 26.14
N ASN D 434 46.73 36.84 25.78
CA ASN D 434 47.69 37.38 26.74
C ASN D 434 47.24 38.76 27.22
N SER D 435 47.54 39.06 28.49
CA SER D 435 47.12 40.30 29.11
C SER D 435 48.24 40.89 29.96
N ASN D 436 49.47 40.91 29.41
CA ASN D 436 50.58 41.51 30.13
C ASN D 436 50.42 43.02 30.27
N LYS D 437 49.89 43.69 29.23
CA LYS D 437 49.85 45.14 29.21
C LYS D 437 48.81 45.73 30.16
N LEU D 438 47.85 44.93 30.62
CA LEU D 438 46.78 45.46 31.45
C LEU D 438 46.37 44.56 32.61
N ASP D 439 47.04 43.42 32.83
CA ASP D 439 46.74 42.57 33.97
C ASP D 439 48.02 42.16 34.72
N SER D 440 49.10 42.91 34.54
CA SER D 440 50.35 42.65 35.23
C SER D 440 50.88 43.95 35.82
N LYS D 441 51.62 43.83 36.91
CA LYS D 441 52.13 45.00 37.62
C LYS D 441 53.49 44.67 38.20
N HIS D 442 54.33 45.71 38.31
CA HIS D 442 55.67 45.52 38.84
C HIS D 442 55.64 45.04 40.28
N SER D 443 54.74 45.59 41.10
CA SER D 443 54.61 45.15 42.48
C SER D 443 53.98 43.77 42.57
N GLY D 444 52.93 43.54 41.79
CA GLY D 444 52.23 42.27 41.82
C GLY D 444 50.72 42.41 41.88
N ASN D 445 50.02 41.73 40.98
CA ASN D 445 48.56 41.82 40.91
C ASN D 445 47.96 40.85 41.92
N TYR D 446 47.96 41.27 43.18
CA TYR D 446 47.39 40.48 44.25
C TYR D 446 45.89 40.70 44.37
N ASP D 447 45.17 40.49 43.26
CA ASP D 447 43.72 40.68 43.24
C ASP D 447 42.98 39.52 42.59
N TYR D 448 43.68 38.51 42.10
CA TYR D 448 43.07 37.35 41.47
C TYR D 448 43.41 36.11 42.30
N TRP D 449 42.37 35.36 42.68
CA TRP D 449 42.51 34.23 43.58
C TRP D 449 42.08 32.94 42.89
N TYR D 450 42.43 31.82 43.50
CA TYR D 450 42.06 30.51 42.97
C TYR D 450 42.07 29.48 44.09
N ARG D 451 41.12 28.56 44.03
CA ARG D 451 41.00 27.51 45.03
C ARG D 451 42.13 26.50 44.91
N LEU D 452 42.59 25.99 46.05
CA LEU D 452 43.65 24.99 46.10
C LEU D 452 43.25 23.71 46.82
N PHE D 453 42.55 23.81 47.93
CA PHE D 453 42.18 22.65 48.73
C PHE D 453 40.66 22.55 48.86
N ARG D 454 40.16 21.32 48.81
CA ARG D 454 38.73 21.05 48.98
C ARG D 454 38.56 19.55 49.21
N LYS D 455 37.68 19.19 50.14
CA LYS D 455 37.49 17.79 50.50
C LYS D 455 36.40 17.13 49.65
N SER D 456 36.48 17.32 48.33
CA SER D 456 35.54 16.75 47.38
C SER D 456 35.99 17.14 45.98
N LYS D 457 35.33 16.56 44.98
CA LYS D 457 35.49 16.95 43.59
C LYS D 457 34.31 17.82 43.16
N LEU D 458 34.50 18.54 42.06
CA LEU D 458 33.46 19.40 41.53
C LEU D 458 32.63 18.67 40.47
N LYS D 459 31.54 19.30 40.08
CA LYS D 459 30.64 18.82 39.05
C LYS D 459 30.48 19.91 38.01
N PRO D 460 30.07 19.57 36.78
CA PRO D 460 29.93 20.58 35.73
C PRO D 460 29.05 21.75 36.16
N PHE D 461 29.55 22.96 35.93
CA PHE D 461 28.82 24.20 36.22
C PHE D 461 28.44 24.29 37.71
N GLU D 462 29.47 24.32 38.56
CA GLU D 462 29.29 24.53 39.99
C GLU D 462 30.23 25.63 40.44
N ARG D 463 29.75 26.46 41.37
CA ARG D 463 30.50 27.60 41.88
C ARG D 463 30.51 27.56 43.40
N ASP D 464 31.68 27.80 43.99
CA ASP D 464 31.85 27.78 45.43
C ASP D 464 32.51 29.06 45.89
N ILE D 465 31.96 29.67 46.95
CA ILE D 465 32.48 30.90 47.52
C ILE D 465 32.91 30.70 48.98
N SER D 466 32.84 29.45 49.46
CA SER D 466 33.09 29.17 50.86
C SER D 466 34.51 29.55 51.27
N THR D 467 34.64 30.06 52.49
CA THR D 467 35.92 30.50 53.02
C THR D 467 36.29 29.80 54.32
N GLU D 468 35.54 28.77 54.72
CA GLU D 468 35.84 28.04 55.93
C GLU D 468 37.17 27.29 55.79
N ILE D 469 37.90 27.21 56.89
CA ILE D 469 39.21 26.58 56.88
C ILE D 469 39.09 25.10 56.56
N TYR D 470 40.13 24.56 55.94
CA TYR D 470 40.16 23.17 55.48
C TYR D 470 40.82 22.30 56.54
N GLN D 471 40.18 21.16 56.84
CA GLN D 471 40.66 20.23 57.84
C GLN D 471 41.50 19.14 57.18
N ALA D 472 42.62 18.80 57.82
CA ALA D 472 43.50 17.76 57.32
C ALA D 472 43.78 16.64 58.32
N GLY D 473 43.56 16.87 59.61
CA GLY D 473 43.80 15.88 60.63
C GLY D 473 42.53 15.41 61.34
N ASN D 474 42.74 14.55 62.32
CA ASN D 474 41.61 13.98 63.07
C ASN D 474 41.03 14.99 64.06
N LYS D 475 41.88 15.80 64.68
CA LYS D 475 41.44 16.69 65.75
C LYS D 475 40.53 17.79 65.20
N PRO D 476 39.53 18.22 65.97
CA PRO D 476 38.70 19.35 65.54
C PRO D 476 39.50 20.64 65.49
N CYS D 477 39.06 21.56 64.63
CA CYS D 477 39.88 22.70 64.24
C CYS D 477 39.17 24.01 64.56
N LYS D 478 39.94 24.98 65.08
CA LYS D 478 39.47 26.35 65.31
C LYS D 478 40.63 27.29 65.02
N GLY D 479 40.65 27.85 63.81
CA GLY D 479 41.71 28.75 63.41
C GLY D 479 42.87 28.02 62.75
N LYS D 480 43.75 28.81 62.12
CA LYS D 480 44.92 28.27 61.43
C LYS D 480 45.99 27.90 62.45
N GLY D 481 47.19 27.54 61.99
CA GLY D 481 48.19 26.99 62.86
C GLY D 481 48.75 25.62 62.52
N PRO D 482 48.06 24.57 62.97
CA PRO D 482 48.47 23.20 62.66
C PRO D 482 47.84 22.85 61.33
N ASN D 483 47.77 21.53 61.06
CA ASN D 483 47.17 21.00 59.79
C ASN D 483 45.77 21.55 59.61
N CYS D 484 45.66 22.85 59.33
CA CYS D 484 44.35 23.51 59.12
C CYS D 484 44.67 24.69 58.21
N TYR D 485 44.53 24.49 56.90
CA TYR D 485 45.02 25.51 55.98
C TYR D 485 43.84 26.31 55.42
N PHE D 486 44.14 27.55 55.02
CA PHE D 486 43.13 28.40 54.38
C PHE D 486 43.02 28.05 52.91
N PRO D 487 41.82 27.71 52.40
CA PRO D 487 41.66 27.24 51.02
C PRO D 487 41.50 28.36 50.00
N LEU D 488 42.38 29.35 50.05
CA LEU D 488 42.37 30.44 49.08
C LEU D 488 43.78 30.99 48.95
N GLN D 489 44.28 31.06 47.72
CA GLN D 489 45.62 31.57 47.46
C GLN D 489 45.60 32.41 46.20
N SER D 490 46.34 33.51 46.22
CA SER D 490 46.32 34.49 45.15
C SER D 490 47.48 34.28 44.18
N TYR D 491 47.40 34.96 43.05
CA TYR D 491 48.44 34.91 42.03
C TYR D 491 49.45 36.03 42.25
N GLY D 492 50.56 35.95 41.52
CA GLY D 492 51.63 36.92 41.64
C GLY D 492 52.07 37.49 40.31
N PHE D 493 51.11 37.78 39.43
CA PHE D 493 51.44 38.16 38.06
C PHE D 493 52.34 39.38 38.00
N ARG D 494 53.36 39.31 37.16
CA ARG D 494 54.30 40.38 36.89
C ARG D 494 54.51 40.51 35.38
N PRO D 495 54.85 41.71 34.90
CA PRO D 495 54.99 41.89 33.45
C PRO D 495 56.18 41.17 32.83
N THR D 496 57.16 40.77 33.64
CA THR D 496 58.38 40.14 33.12
C THR D 496 58.40 38.63 33.35
N TYR D 497 57.24 38.00 33.51
CA TYR D 497 57.17 36.56 33.61
C TYR D 497 57.41 35.91 32.25
N GLY D 498 57.61 34.59 32.28
CA GLY D 498 57.71 33.83 31.06
C GLY D 498 56.36 33.61 30.42
N VAL D 499 56.40 33.08 29.20
CA VAL D 499 55.17 32.92 28.41
C VAL D 499 54.19 32.00 29.12
N GLY D 500 54.68 30.99 29.84
CA GLY D 500 53.82 30.06 30.53
C GLY D 500 53.30 30.52 31.88
N HIS D 501 53.79 31.66 32.38
CA HIS D 501 53.36 32.18 33.67
C HIS D 501 52.68 33.54 33.57
N GLN D 502 52.70 34.18 32.41
CA GLN D 502 52.01 35.44 32.26
C GLN D 502 50.51 35.23 32.30
N PRO D 503 49.75 36.18 32.87
CA PRO D 503 48.30 36.02 32.95
C PRO D 503 47.66 36.02 31.57
N TYR D 504 46.75 35.07 31.36
CA TYR D 504 45.91 35.01 30.16
C TYR D 504 44.48 35.34 30.54
N ARG D 505 43.93 36.39 29.95
CA ARG D 505 42.50 36.64 30.03
C ARG D 505 41.81 35.57 29.18
N VAL D 506 41.10 34.66 29.84
CA VAL D 506 40.53 33.49 29.20
C VAL D 506 39.02 33.61 29.29
N VAL D 507 38.39 33.96 28.18
CA VAL D 507 36.93 33.90 28.05
C VAL D 507 36.62 32.46 27.66
N VAL D 508 36.28 31.65 28.65
CA VAL D 508 35.79 30.31 28.35
C VAL D 508 34.33 30.50 27.99
N LEU D 509 34.06 30.78 26.70
CA LEU D 509 32.69 30.95 26.25
C LEU D 509 32.13 29.52 26.30
N SER D 510 31.68 29.15 27.49
CA SER D 510 31.01 27.88 27.68
C SER D 510 29.54 28.17 27.44
N PHE D 511 29.29 28.86 26.32
CA PHE D 511 27.93 29.35 26.03
C PHE D 511 27.08 28.31 25.30
N GLU D 512 25.78 28.35 25.60
CA GLU D 512 24.80 27.45 24.93
C GLU D 512 23.41 28.00 25.28
N LEU D 513 22.60 27.28 26.06
CA LEU D 513 21.28 27.78 26.54
C LEU D 513 20.51 28.41 25.38
N LEU D 514 20.64 27.82 24.21
CA LEU D 514 19.94 28.29 22.99
C LEU D 514 18.42 28.38 23.12
N HIS D 515 17.78 27.24 23.40
CA HIS D 515 16.29 27.17 23.58
C HIS D 515 15.74 28.22 24.54
N ALA D 516 14.60 28.82 24.19
CA ALA D 516 13.91 29.81 25.06
C ALA D 516 12.69 30.34 24.31
N PRO D 517 11.57 30.70 24.99
CA PRO D 517 10.45 31.33 24.31
C PRO D 517 11.02 32.37 23.33
N ALA D 518 12.02 33.14 23.79
CA ALA D 518 12.67 34.14 22.92
C ALA D 518 13.90 33.52 22.26
N THR D 519 14.26 34.00 21.06
CA THR D 519 15.50 33.53 20.41
C THR D 519 16.20 34.75 19.83
N VAL D 520 16.70 35.66 20.69
CA VAL D 520 17.47 36.83 20.14
C VAL D 520 18.50 36.18 19.20
N CYS D 521 18.66 36.74 18.00
CA CYS D 521 19.47 35.98 17.00
C CYS D 521 20.81 36.58 16.59
N GLY D 522 21.59 35.79 15.83
CA GLY D 522 22.83 36.31 15.24
C GLY D 522 22.42 37.25 14.13
N PRO D 523 23.33 37.99 13.50
CA PRO D 523 22.90 39.03 12.56
C PRO D 523 22.88 38.52 11.13
N LYS D 524 21.95 39.03 10.33
CA LYS D 524 21.74 38.56 8.98
C LYS D 524 22.24 39.60 7.98
N LYS D 525 22.64 39.14 6.80
CA LYS D 525 23.14 40.04 5.78
C LYS D 525 22.00 40.51 4.88
N SER D 526 22.07 41.68 4.55
CA SER D 526 21.08 42.17 3.59
C SER D 526 21.76 42.66 2.33
N THR D 527 21.05 42.58 1.21
CA THR D 527 21.49 43.07 -0.08
C THR D 527 20.56 44.20 -0.54
N ASN D 528 20.88 44.76 -1.71
CA ASN D 528 20.05 45.83 -2.25
C ASN D 528 18.73 45.29 -2.78
N LEU D 529 17.86 46.21 -3.19
CA LEU D 529 16.53 45.90 -3.66
C LEU D 529 16.39 46.26 -5.14
N VAL D 530 15.78 45.35 -5.90
CA VAL D 530 15.64 45.50 -7.35
C VAL D 530 14.15 45.51 -7.67
N LYS D 531 13.74 46.44 -8.53
CA LYS D 531 12.34 46.63 -8.85
C LYS D 531 12.12 46.55 -10.36
N ASN D 532 10.88 46.26 -10.72
CA ASN D 532 10.44 46.13 -12.12
C ASN D 532 11.16 45.01 -12.85
N LYS D 533 11.58 43.99 -12.12
CA LYS D 533 12.32 42.87 -12.69
C LYS D 533 11.90 41.59 -12.00
N CYS D 534 12.12 40.47 -12.69
CA CYS D 534 11.77 39.15 -12.15
C CYS D 534 12.88 38.68 -11.23
N VAL D 535 12.60 38.60 -9.93
CA VAL D 535 13.59 38.23 -8.93
C VAL D 535 13.02 37.23 -7.95
N ASN D 536 13.92 36.53 -7.25
CA ASN D 536 13.58 35.62 -6.16
C ASN D 536 13.77 36.38 -4.85
N PHE D 537 12.69 36.62 -4.12
CA PHE D 537 12.71 37.47 -2.95
C PHE D 537 12.50 36.67 -1.67
N ASN D 538 13.15 37.16 -0.60
CA ASN D 538 13.00 36.60 0.75
C ASN D 538 12.83 37.77 1.72
N PHE D 539 11.61 38.00 2.17
CA PHE D 539 11.29 39.08 3.10
C PHE D 539 10.85 38.49 4.43
N ASN D 540 11.72 38.54 5.43
CA ASN D 540 11.41 38.09 6.79
C ASN D 540 10.83 36.68 6.80
N GLY D 541 11.41 35.80 5.98
CA GLY D 541 10.98 34.42 5.93
C GLY D 541 9.90 34.12 4.91
N LEU D 542 9.30 35.14 4.29
CA LEU D 542 8.34 34.93 3.21
C LEU D 542 9.13 34.87 1.91
N THR D 543 9.12 33.71 1.26
CA THR D 543 9.96 33.45 0.10
C THR D 543 9.11 33.26 -1.13
N GLY D 544 9.52 33.88 -2.23
CA GLY D 544 8.75 33.77 -3.45
C GLY D 544 9.52 34.27 -4.65
N THR D 545 8.82 34.33 -5.78
CA THR D 545 9.36 34.84 -7.03
C THR D 545 8.37 35.81 -7.64
N GLY D 546 8.88 36.85 -8.30
CA GLY D 546 7.98 37.73 -9.02
C GLY D 546 8.61 39.07 -9.30
N VAL D 547 7.74 40.05 -9.55
CA VAL D 547 8.13 41.42 -9.85
C VAL D 547 7.59 42.32 -8.76
N LEU D 548 8.46 43.17 -8.21
CA LEU D 548 8.13 44.06 -7.11
C LEU D 548 7.98 45.47 -7.67
N THR D 549 6.75 45.93 -7.79
CA THR D 549 6.48 47.27 -8.31
C THR D 549 5.96 48.18 -7.20
N LYS D 550 5.80 49.44 -7.59
CA LYS D 550 5.35 50.43 -6.60
C LYS D 550 3.91 50.10 -6.31
N SER D 551 3.44 50.62 -5.20
CA SER D 551 2.03 50.42 -4.91
C SER D 551 1.47 51.64 -4.21
N ASN D 552 0.16 51.63 -4.00
CA ASN D 552 -0.54 52.72 -3.35
C ASN D 552 -1.50 52.24 -2.27
N LYS D 553 -1.39 50.98 -1.84
CA LYS D 553 -2.20 50.51 -0.73
C LYS D 553 -1.76 51.21 0.55
N LYS D 554 -2.74 51.52 1.41
CA LYS D 554 -2.48 52.21 2.66
C LYS D 554 -2.55 51.18 3.78
N PHE D 555 -1.39 50.60 4.11
CA PHE D 555 -1.31 49.67 5.21
C PHE D 555 -1.54 50.38 6.53
N LEU D 556 -1.78 49.59 7.55
CA LEU D 556 -1.81 50.11 8.91
C LEU D 556 -0.45 49.88 9.57
N PRO D 557 -0.10 50.71 10.57
CA PRO D 557 1.27 50.68 11.08
C PRO D 557 1.71 49.35 11.66
N PHE D 558 0.79 48.47 12.04
CA PHE D 558 1.17 47.20 12.67
C PHE D 558 1.15 46.03 11.71
N GLN D 559 0.94 46.26 10.42
CA GLN D 559 0.82 45.17 9.45
C GLN D 559 2.12 44.99 8.68
N GLN D 560 2.37 43.75 8.25
CA GLN D 560 3.57 43.41 7.52
C GLN D 560 3.30 43.00 6.08
N PHE D 561 2.42 42.02 5.86
CA PHE D 561 2.17 41.46 4.55
C PHE D 561 0.80 41.88 4.06
N GLY D 562 0.38 41.30 2.95
CA GLY D 562 -0.96 41.50 2.44
C GLY D 562 -1.41 40.26 1.71
N ARG D 563 -2.71 40.00 1.73
CA ARG D 563 -3.24 38.79 1.12
C ARG D 563 -4.48 39.11 0.30
N ASP D 564 -4.66 38.34 -0.77
CA ASP D 564 -5.74 38.54 -1.71
C ASP D 564 -7.00 37.81 -1.21
N ILE D 565 -7.97 37.66 -2.10
CA ILE D 565 -9.22 37.01 -1.72
C ILE D 565 -9.03 35.53 -1.43
N VAL D 566 -7.92 34.92 -1.88
CA VAL D 566 -7.78 33.49 -1.66
C VAL D 566 -6.72 33.16 -0.63
N ASP D 567 -5.45 33.22 -1.02
CA ASP D 567 -4.36 33.10 -0.06
C ASP D 567 -3.17 33.96 -0.41
N THR D 568 -3.01 34.39 -1.66
CA THR D 568 -1.73 34.75 -2.25
C THR D 568 -1.21 36.07 -1.68
N THR D 569 0.10 36.14 -1.54
CA THR D 569 0.75 37.32 -0.99
C THR D 569 0.82 38.38 -2.08
N ASP D 570 -0.26 39.15 -2.20
CA ASP D 570 -0.33 40.18 -3.23
C ASP D 570 0.65 41.31 -2.96
N ALA D 571 0.76 41.75 -1.70
CA ALA D 571 1.55 42.92 -1.35
C ALA D 571 2.52 42.56 -0.24
N VAL D 572 3.47 43.46 0.00
CA VAL D 572 4.47 43.26 1.05
C VAL D 572 5.02 44.63 1.43
N ARG D 573 5.66 44.70 2.60
CA ARG D 573 6.22 45.94 3.10
C ARG D 573 7.70 45.71 3.41
N ASP D 574 8.55 46.57 2.85
CA ASP D 574 9.98 46.39 3.05
C ASP D 574 10.38 46.84 4.46
N PRO D 575 11.06 45.99 5.21
CA PRO D 575 11.32 46.31 6.62
C PRO D 575 12.18 47.54 6.85
N GLN D 576 12.93 48.00 5.86
CA GLN D 576 13.87 49.10 6.07
C GLN D 576 13.32 50.44 5.62
N THR D 577 12.98 50.58 4.34
CA THR D 577 12.50 51.85 3.85
C THR D 577 11.02 52.07 4.10
N LEU D 578 10.30 51.05 4.59
CA LEU D 578 8.89 51.15 4.96
C LEU D 578 8.06 51.71 3.80
N GLU D 579 8.05 50.92 2.73
CA GLU D 579 7.29 51.27 1.52
C GLU D 579 6.48 50.07 1.08
N ILE D 580 5.24 50.30 0.69
CA ILE D 580 4.42 49.23 0.14
C ILE D 580 4.96 48.81 -1.22
N LEU D 581 5.04 47.51 -1.46
CA LEU D 581 5.51 46.94 -2.72
C LEU D 581 4.53 45.87 -3.16
N ASP D 582 4.05 46.00 -4.40
CA ASP D 582 3.14 45.02 -4.96
C ASP D 582 3.93 43.91 -5.62
N ILE D 583 3.52 42.67 -5.37
CA ILE D 583 4.15 41.48 -5.93
C ILE D 583 3.28 40.93 -7.04
N THR D 584 3.79 40.91 -8.26
CA THR D 584 3.04 40.32 -9.36
C THR D 584 3.80 39.13 -9.94
N PRO D 585 3.11 38.03 -10.22
CA PRO D 585 3.81 36.81 -10.64
C PRO D 585 4.38 36.91 -12.03
N CYS D 586 5.39 36.08 -12.31
CA CYS D 586 6.07 36.10 -13.63
C CYS D 586 5.12 35.52 -14.69
N SER D 587 5.17 36.04 -15.91
CA SER D 587 4.21 35.65 -16.96
C SER D 587 4.34 34.17 -17.28
N PHE D 588 3.22 33.51 -17.60
CA PHE D 588 3.22 32.13 -18.12
C PHE D 588 2.17 32.03 -19.23
N GLY D 589 2.06 30.87 -19.87
CA GLY D 589 0.98 30.66 -20.87
C GLY D 589 1.32 29.56 -21.85
N GLY D 590 0.49 29.39 -22.88
CA GLY D 590 0.66 28.29 -23.85
C GLY D 590 1.55 28.71 -25.01
N VAL D 591 2.21 27.75 -25.66
CA VAL D 591 3.19 28.07 -26.73
C VAL D 591 2.71 27.42 -28.02
N SER D 592 1.45 27.66 -28.37
CA SER D 592 0.81 26.97 -29.49
C SER D 592 1.57 27.20 -30.80
N VAL D 593 1.40 26.26 -31.74
CA VAL D 593 2.21 26.19 -32.95
C VAL D 593 1.30 26.07 -34.17
N ILE D 594 1.58 26.87 -35.19
CA ILE D 594 0.81 26.88 -36.44
C ILE D 594 1.69 26.30 -37.53
N THR D 595 1.21 25.23 -38.18
CA THR D 595 1.93 24.58 -39.25
C THR D 595 1.00 24.33 -40.43
N PRO D 596 1.46 24.57 -41.66
CA PRO D 596 0.67 24.20 -42.84
C PRO D 596 0.78 22.75 -43.23
N GLY D 597 1.48 21.94 -42.46
CA GLY D 597 1.60 20.52 -42.75
C GLY D 597 2.96 20.17 -43.31
N THR D 598 3.53 19.06 -42.84
CA THR D 598 4.83 18.63 -43.34
C THR D 598 4.78 18.26 -44.81
N ASN D 599 3.62 17.89 -45.33
CA ASN D 599 3.50 17.59 -46.75
C ASN D 599 3.80 18.83 -47.59
N THR D 600 3.35 20.00 -47.14
CA THR D 600 3.46 21.22 -47.92
C THR D 600 4.78 21.94 -47.69
N SER D 601 5.16 22.15 -46.43
CA SER D 601 6.36 22.92 -46.13
C SER D 601 6.80 22.60 -44.70
N ASN D 602 7.82 23.32 -44.24
CA ASN D 602 8.32 23.20 -42.88
C ASN D 602 8.33 24.54 -42.15
N GLN D 603 7.84 25.60 -42.77
CA GLN D 603 7.75 26.89 -42.09
C GLN D 603 6.68 26.83 -41.01
N VAL D 604 6.98 27.42 -39.87
CA VAL D 604 6.16 27.32 -38.67
C VAL D 604 5.98 28.69 -38.05
N ALA D 605 4.76 28.98 -37.60
CA ALA D 605 4.48 30.16 -36.81
C ALA D 605 4.26 29.74 -35.36
N VAL D 606 4.53 30.65 -34.43
CA VAL D 606 4.40 30.37 -33.00
C VAL D 606 3.50 31.42 -32.37
N LEU D 607 2.64 30.99 -31.46
CA LEU D 607 1.77 31.89 -30.72
C LEU D 607 1.97 31.69 -29.23
N TYR D 608 2.42 32.74 -28.55
CA TYR D 608 2.48 32.78 -27.09
C TYR D 608 1.17 33.38 -26.60
N GLN D 609 0.43 32.62 -25.80
CA GLN D 609 -0.96 32.95 -25.49
C GLN D 609 -1.04 33.94 -24.34
N GLY D 610 -1.68 35.07 -24.59
CA GLY D 610 -1.96 36.04 -23.54
C GLY D 610 -0.77 36.74 -22.94
N VAL D 611 0.19 37.18 -23.76
CA VAL D 611 1.30 37.99 -23.29
C VAL D 611 1.55 39.12 -24.29
N ASN D 612 1.96 40.26 -23.79
CA ASN D 612 2.31 41.40 -24.66
C ASN D 612 3.56 41.01 -25.40
N CYS D 613 3.71 41.54 -26.58
CA CYS D 613 4.91 41.24 -27.36
C CYS D 613 6.16 41.96 -26.86
N THR D 614 5.97 43.00 -26.05
CA THR D 614 7.14 43.68 -25.47
C THR D 614 7.92 42.66 -24.64
N GLU D 615 7.25 42.09 -23.64
CA GLU D 615 7.89 41.12 -22.73
C GLU D 615 8.59 40.06 -23.57
N VAL D 616 7.84 39.38 -24.43
CA VAL D 616 8.39 38.23 -25.19
C VAL D 616 9.76 38.64 -25.73
N SER D 617 9.77 39.67 -26.57
CA SER D 617 11.04 40.13 -27.18
C SER D 617 12.09 40.30 -26.08
N VAL D 618 11.85 41.22 -25.16
CA VAL D 618 12.80 41.48 -24.05
C VAL D 618 13.33 40.14 -23.53
N ALA D 619 12.42 39.27 -23.07
CA ALA D 619 12.84 37.99 -22.46
C ALA D 619 13.78 37.27 -23.42
N ILE D 620 13.31 37.01 -24.64
CA ILE D 620 14.17 36.35 -25.66
C ILE D 620 15.53 37.05 -25.65
N HIS D 621 15.53 38.38 -25.80
CA HIS D 621 16.83 39.10 -25.85
C HIS D 621 17.65 38.73 -24.62
N ALA D 622 17.03 38.80 -23.45
CA ALA D 622 17.77 38.52 -22.19
C ALA D 622 17.88 37.01 -21.96
N ASP D 623 17.32 36.20 -22.85
CA ASP D 623 17.33 34.72 -22.69
C ASP D 623 16.70 34.35 -21.34
N GLN D 624 15.37 34.41 -21.26
CA GLN D 624 14.67 34.09 -19.99
C GLN D 624 13.52 33.11 -20.26
N LEU D 625 13.15 32.92 -21.52
CA LEU D 625 11.97 32.06 -21.83
C LEU D 625 12.32 30.59 -21.60
N THR D 626 11.40 29.83 -20.99
CA THR D 626 11.64 28.43 -20.65
C THR D 626 11.87 27.54 -21.86
N PRO D 627 11.02 27.57 -22.91
CA PRO D 627 11.33 26.75 -24.09
C PRO D 627 12.50 27.35 -24.87
N THR D 628 13.66 26.71 -24.78
CA THR D 628 14.90 27.29 -25.27
C THR D 628 15.15 26.96 -26.75
N TRP D 629 14.17 27.30 -27.58
CA TRP D 629 14.31 27.19 -29.02
C TRP D 629 13.97 28.50 -29.70
N ARG D 630 14.60 29.57 -29.24
CA ARG D 630 14.36 30.92 -29.74
C ARG D 630 14.20 30.95 -31.25
N VAL D 631 13.11 31.53 -31.71
CA VAL D 631 12.81 31.61 -33.13
C VAL D 631 13.19 32.99 -33.63
N TYR D 632 13.44 33.12 -34.93
CA TYR D 632 13.93 34.36 -35.51
C TYR D 632 12.84 35.44 -35.40
N SER D 633 13.27 36.70 -35.35
CA SER D 633 12.35 37.82 -35.23
C SER D 633 12.80 38.97 -36.12
N THR D 634 11.85 39.63 -36.78
CA THR D 634 12.16 40.72 -37.69
C THR D 634 11.10 41.80 -37.50
N GLY D 635 11.07 42.80 -38.38
CA GLY D 635 10.05 43.83 -38.29
C GLY D 635 8.67 43.31 -38.61
N SER D 636 8.51 42.72 -39.79
CA SER D 636 7.23 42.16 -40.23
C SER D 636 7.15 40.67 -39.88
N ASN D 637 7.52 40.37 -38.64
CA ASN D 637 7.51 39.01 -38.14
C ASN D 637 6.72 38.91 -36.85
N VAL D 638 6.79 39.94 -36.02
CA VAL D 638 6.18 39.95 -34.70
C VAL D 638 4.90 40.75 -34.78
N PHE D 639 3.79 40.13 -34.42
CA PHE D 639 2.48 40.78 -34.35
C PHE D 639 1.86 40.52 -32.99
N GLN D 640 1.01 41.45 -32.57
CA GLN D 640 0.27 41.31 -31.33
C GLN D 640 -1.22 41.29 -31.62
N THR D 641 -1.89 40.22 -31.18
CA THR D 641 -3.33 40.07 -31.32
C THR D 641 -3.91 39.82 -29.94
N ARG D 642 -5.24 39.92 -29.85
CA ARG D 642 -5.91 39.72 -28.58
C ARG D 642 -5.72 38.32 -28.02
N ALA D 643 -5.31 37.36 -28.85
CA ALA D 643 -4.93 36.04 -28.36
C ALA D 643 -3.55 36.05 -27.72
N GLY D 644 -2.60 36.77 -28.29
CA GLY D 644 -1.25 36.80 -27.76
C GLY D 644 -0.27 37.31 -28.79
N CYS D 645 0.98 36.88 -28.64
CA CYS D 645 2.07 37.33 -29.50
C CYS D 645 2.36 36.27 -30.55
N LEU D 646 2.33 36.68 -31.81
CA LEU D 646 2.49 35.77 -32.94
C LEU D 646 3.79 36.09 -33.65
N ILE D 647 4.65 35.10 -33.80
CA ILE D 647 5.91 35.25 -34.51
C ILE D 647 5.95 34.27 -35.66
N GLY D 648 6.13 34.78 -36.87
CA GLY D 648 6.25 33.92 -38.02
C GLY D 648 5.19 34.16 -39.08
N ALA D 649 4.54 35.31 -39.04
CA ALA D 649 3.53 35.62 -40.04
C ALA D 649 3.39 37.13 -40.16
N GLU D 650 3.08 37.59 -41.37
CA GLU D 650 2.87 39.00 -41.63
C GLU D 650 1.38 39.28 -41.73
N TYR D 651 0.94 40.34 -41.05
CA TYR D 651 -0.47 40.68 -40.97
C TYR D 651 -0.89 41.36 -42.27
N VAL D 652 -1.49 40.56 -43.14
CA VAL D 652 -2.09 41.09 -44.40
C VAL D 652 -3.39 41.82 -44.05
N ASN D 653 -3.81 42.74 -44.92
CA ASN D 653 -5.18 43.35 -44.88
C ASN D 653 -6.20 42.36 -45.44
N ASN D 654 -5.92 41.84 -46.64
CA ASN D 654 -6.92 41.12 -47.46
C ASN D 654 -7.74 40.18 -46.57
N SER D 655 -9.05 40.40 -46.52
CA SER D 655 -9.97 39.60 -45.72
C SER D 655 -10.57 38.51 -46.59
N TYR D 656 -10.42 37.27 -46.15
CA TYR D 656 -11.07 36.14 -46.82
C TYR D 656 -11.31 35.03 -45.80
N GLU D 657 -11.72 33.87 -46.30
CA GLU D 657 -12.23 32.81 -45.44
C GLU D 657 -11.15 32.27 -44.50
N CYS D 658 -11.59 31.78 -43.35
CA CYS D 658 -10.68 31.26 -42.35
C CYS D 658 -10.15 29.89 -42.76
N ASP D 659 -8.86 29.66 -42.50
CA ASP D 659 -8.23 28.38 -42.79
C ASP D 659 -7.70 27.70 -41.53
N ILE D 660 -6.91 28.40 -40.72
CA ILE D 660 -6.43 27.86 -39.46
C ILE D 660 -6.81 28.85 -38.36
N PRO D 661 -7.73 28.49 -37.46
CA PRO D 661 -8.12 29.43 -36.40
C PRO D 661 -6.96 29.74 -35.48
N ILE D 662 -6.85 31.00 -35.09
CA ILE D 662 -5.93 31.42 -34.04
C ILE D 662 -6.67 31.97 -32.83
N GLY D 663 -7.43 33.02 -32.99
CA GLY D 663 -8.12 33.61 -31.86
C GLY D 663 -8.47 35.05 -32.14
N ALA D 664 -9.41 35.56 -31.34
CA ALA D 664 -10.11 36.80 -31.67
C ALA D 664 -10.63 36.60 -33.09
N GLY D 665 -10.63 37.64 -33.90
CA GLY D 665 -11.01 37.45 -35.28
C GLY D 665 -9.88 37.00 -36.18
N VAL D 666 -8.77 36.59 -35.62
CA VAL D 666 -7.54 36.37 -36.39
C VAL D 666 -7.43 34.89 -36.74
N CYS D 667 -7.33 34.61 -38.04
CA CYS D 667 -7.04 33.31 -38.61
C CYS D 667 -5.72 33.37 -39.36
N ALA D 668 -5.23 32.20 -39.75
CA ALA D 668 -3.93 32.10 -40.43
C ALA D 668 -4.04 31.13 -41.59
N SER D 669 -3.14 31.30 -42.56
CA SER D 669 -3.11 30.41 -43.71
C SER D 669 -1.73 30.51 -44.35
N TYR D 670 -1.56 29.76 -45.45
CA TYR D 670 -0.29 29.67 -46.17
C TYR D 670 -0.54 30.05 -47.62
N GLN D 671 -0.09 31.24 -48.00
CA GLN D 671 -0.37 31.76 -49.34
C GLN D 671 0.85 32.45 -49.91
N THR D 672 0.85 32.61 -51.23
CA THR D 672 1.95 33.25 -51.94
C THR D 672 1.81 34.77 -51.93
N SER D 685 6.31 35.52 -52.45
CA SER D 685 6.48 34.08 -52.40
C SER D 685 5.56 33.45 -51.37
N GLN D 686 5.53 32.11 -51.34
CA GLN D 686 4.67 31.40 -50.41
C GLN D 686 5.19 31.54 -48.99
N SER D 687 4.29 31.92 -48.07
CA SER D 687 4.65 32.07 -46.66
C SER D 687 3.37 32.01 -45.83
N ILE D 688 3.56 31.98 -44.51
CA ILE D 688 2.46 31.95 -43.56
C ILE D 688 2.01 33.38 -43.29
N ILE D 689 0.71 33.62 -43.39
CA ILE D 689 0.15 34.94 -43.14
C ILE D 689 -1.02 34.81 -42.17
N ALA D 690 -1.31 35.92 -41.49
CA ALA D 690 -2.42 36.03 -40.57
C ALA D 690 -3.32 37.17 -41.01
N TYR D 691 -4.63 36.99 -40.85
CA TYR D 691 -5.59 38.01 -41.28
C TYR D 691 -6.81 37.97 -40.38
N THR D 692 -7.72 38.91 -40.62
CA THR D 692 -8.97 38.99 -39.89
C THR D 692 -10.05 38.30 -40.70
N MET D 693 -10.80 37.42 -40.04
CA MET D 693 -11.74 36.55 -40.72
C MET D 693 -12.83 37.35 -41.42
N SER D 694 -13.21 36.90 -42.61
CA SER D 694 -14.31 37.48 -43.37
C SER D 694 -15.51 36.56 -43.28
N LEU D 695 -16.67 37.13 -42.95
CA LEU D 695 -17.88 36.36 -42.72
C LEU D 695 -18.67 36.09 -44.00
N GLY D 696 -18.19 36.55 -45.14
CA GLY D 696 -18.87 36.34 -46.41
C GLY D 696 -19.08 37.64 -47.16
N ALA D 697 -19.48 37.48 -48.41
CA ALA D 697 -19.71 38.64 -49.27
C ALA D 697 -20.98 39.37 -48.83
N GLU D 698 -20.98 40.68 -49.04
CA GLU D 698 -22.11 41.53 -48.70
C GLU D 698 -23.07 41.57 -49.87
N ASN D 699 -24.33 41.26 -49.60
CA ASN D 699 -25.38 41.27 -50.62
C ASN D 699 -26.51 42.16 -50.14
N SER D 700 -26.89 43.13 -50.96
CA SER D 700 -27.96 44.06 -50.63
C SER D 700 -29.19 43.71 -51.48
N VAL D 701 -30.24 43.27 -50.82
CA VAL D 701 -31.47 42.89 -51.51
C VAL D 701 -32.22 44.17 -51.89
N ALA D 702 -32.72 44.20 -53.13
CA ALA D 702 -33.39 45.38 -53.66
C ALA D 702 -34.83 45.41 -53.18
N TYR D 703 -35.01 45.89 -51.95
CA TYR D 703 -36.34 46.04 -51.38
C TYR D 703 -37.04 47.24 -52.01
N SER D 704 -38.35 47.09 -52.23
CA SER D 704 -39.15 48.16 -52.79
C SER D 704 -40.59 47.98 -52.35
N ASN D 705 -41.37 49.06 -52.52
CA ASN D 705 -42.79 49.04 -52.16
C ASN D 705 -43.52 47.95 -52.92
N ASN D 706 -43.22 47.79 -54.20
CA ASN D 706 -44.04 47.00 -55.11
C ASN D 706 -43.16 46.14 -56.02
N SER D 707 -42.15 45.49 -55.46
CA SER D 707 -41.24 44.66 -56.22
C SER D 707 -41.24 43.25 -55.67
N ILE D 708 -41.42 42.27 -56.56
CA ILE D 708 -41.40 40.86 -56.19
C ILE D 708 -40.39 40.15 -57.08
N ALA D 709 -39.94 38.98 -56.64
CA ALA D 709 -39.05 38.14 -57.42
C ALA D 709 -39.58 36.72 -57.42
N ILE D 710 -39.72 36.14 -58.61
CA ILE D 710 -40.26 34.79 -58.74
C ILE D 710 -39.24 33.92 -59.47
N PRO D 711 -39.03 32.68 -59.02
CA PRO D 711 -38.14 31.77 -59.75
C PRO D 711 -38.78 31.27 -61.03
N THR D 712 -37.92 30.93 -61.99
CA THR D 712 -38.35 30.36 -63.25
C THR D 712 -37.78 28.99 -63.53
N ASN D 713 -36.93 28.46 -62.64
CA ASN D 713 -36.38 27.13 -62.82
C ASN D 713 -36.06 26.56 -61.44
N PHE D 714 -35.67 25.29 -61.42
CA PHE D 714 -35.39 24.63 -60.16
C PHE D 714 -34.21 23.68 -60.32
N THR D 715 -33.73 23.18 -59.19
CA THR D 715 -32.62 22.24 -59.15
C THR D 715 -32.89 21.20 -58.08
N ILE D 716 -32.65 19.94 -58.42
CA ILE D 716 -32.77 18.83 -57.50
C ILE D 716 -31.39 18.52 -56.95
N SER D 717 -31.23 18.65 -55.64
CA SER D 717 -29.94 18.49 -54.99
C SER D 717 -29.98 17.32 -54.03
N VAL D 718 -28.85 16.64 -53.90
CA VAL D 718 -28.69 15.55 -52.96
C VAL D 718 -27.57 15.92 -51.98
N THR D 719 -27.90 15.96 -50.70
CA THR D 719 -26.94 16.23 -49.64
C THR D 719 -26.77 14.99 -48.78
N THR D 720 -25.72 14.99 -47.96
CA THR D 720 -25.39 13.87 -47.10
C THR D 720 -25.35 14.31 -45.65
N GLU D 721 -25.92 13.50 -44.77
CA GLU D 721 -25.84 13.69 -43.33
C GLU D 721 -25.35 12.40 -42.70
N ILE D 722 -24.40 12.48 -41.77
CA ILE D 722 -23.72 11.31 -41.25
C ILE D 722 -23.85 11.32 -39.72
N LEU D 723 -24.34 10.21 -39.15
CA LEU D 723 -24.65 10.19 -37.73
C LEU D 723 -24.21 8.90 -37.02
N PRO D 724 -23.56 9.00 -35.87
CA PRO D 724 -23.20 7.81 -35.10
C PRO D 724 -24.40 7.24 -34.34
N VAL D 725 -24.40 5.91 -34.21
CA VAL D 725 -25.53 5.23 -33.59
C VAL D 725 -25.08 4.32 -32.45
N SER D 726 -23.86 3.79 -32.53
CA SER D 726 -23.43 2.81 -31.55
C SER D 726 -21.93 2.92 -31.33
N MET D 727 -21.47 2.38 -30.19
CA MET D 727 -20.07 2.31 -29.86
C MET D 727 -19.74 0.89 -29.41
N THR D 728 -18.45 0.61 -29.29
CA THR D 728 -18.01 -0.74 -28.96
C THR D 728 -18.41 -1.11 -27.53
N LYS D 729 -18.73 -2.38 -27.34
CA LYS D 729 -19.18 -2.90 -26.05
C LYS D 729 -18.02 -3.60 -25.37
N THR D 730 -17.71 -3.19 -24.14
CA THR D 730 -16.56 -3.71 -23.42
C THR D 730 -16.97 -4.27 -22.08
N SER D 731 -16.24 -5.28 -21.63
CA SER D 731 -16.38 -5.84 -20.30
C SER D 731 -15.01 -5.90 -19.65
N VAL D 732 -14.95 -5.60 -18.36
CA VAL D 732 -13.70 -5.58 -17.61
C VAL D 732 -13.89 -6.39 -16.34
N ASP D 733 -12.90 -7.23 -16.04
CA ASP D 733 -12.87 -8.01 -14.81
C ASP D 733 -11.90 -7.38 -13.82
N CYS D 734 -12.36 -7.19 -12.58
CA CYS D 734 -11.51 -6.58 -11.56
C CYS D 734 -10.29 -7.44 -11.26
N THR D 735 -10.51 -8.74 -11.05
CA THR D 735 -9.45 -9.57 -10.50
C THR D 735 -8.25 -9.60 -11.44
N MET D 736 -8.48 -9.76 -12.74
CA MET D 736 -7.36 -9.82 -13.67
C MET D 736 -6.65 -8.48 -13.76
N TYR D 737 -7.40 -7.39 -13.85
CA TYR D 737 -6.78 -6.08 -14.09
C TYR D 737 -6.00 -5.61 -12.87
N ILE D 738 -6.62 -5.70 -11.69
CA ILE D 738 -6.00 -5.11 -10.49
C ILE D 738 -4.94 -6.04 -9.92
N CYS D 739 -5.32 -7.24 -9.52
CA CYS D 739 -4.41 -8.21 -8.92
C CYS D 739 -4.46 -9.48 -9.75
N GLY D 740 -3.66 -9.52 -10.82
CA GLY D 740 -3.75 -10.61 -11.77
C GLY D 740 -2.98 -11.84 -11.40
N ASP D 741 -3.69 -12.94 -11.16
CA ASP D 741 -3.08 -14.24 -10.90
C ASP D 741 -2.14 -14.19 -9.70
N SER D 742 -2.66 -13.70 -8.57
CA SER D 742 -1.92 -13.65 -7.33
C SER D 742 -2.91 -13.75 -6.19
N THR D 743 -2.90 -14.87 -5.47
CA THR D 743 -3.88 -15.08 -4.41
C THR D 743 -3.71 -14.10 -3.26
N GLU D 744 -2.52 -13.52 -3.10
CA GLU D 744 -2.27 -12.63 -1.97
C GLU D 744 -2.92 -11.27 -2.13
N CYS D 745 -3.41 -10.94 -3.32
CA CYS D 745 -3.98 -9.62 -3.58
C CYS D 745 -5.49 -9.61 -3.65
N SER D 746 -6.12 -10.70 -4.07
CA SER D 746 -7.57 -10.76 -4.07
C SER D 746 -8.13 -10.63 -2.66
N ASN D 747 -7.45 -11.22 -1.68
CA ASN D 747 -7.90 -11.12 -0.30
C ASN D 747 -7.89 -9.68 0.18
N LEU D 748 -6.83 -8.94 -0.15
CA LEU D 748 -6.80 -7.52 0.20
C LEU D 748 -7.87 -6.74 -0.54
N LEU D 749 -8.10 -7.08 -1.81
CA LEU D 749 -9.11 -6.38 -2.58
C LEU D 749 -10.51 -6.60 -2.02
N LEU D 750 -10.74 -7.74 -1.39
CA LEU D 750 -12.06 -8.00 -0.82
C LEU D 750 -12.46 -6.97 0.22
N GLN D 751 -11.50 -6.34 0.90
CA GLN D 751 -11.79 -5.40 1.95
C GLN D 751 -12.19 -4.02 1.44
N TYR D 752 -12.13 -3.77 0.14
CA TYR D 752 -12.43 -2.46 -0.41
C TYR D 752 -13.90 -2.29 -0.76
N GLY D 753 -14.72 -3.30 -0.53
CA GLY D 753 -16.16 -3.12 -0.69
C GLY D 753 -16.71 -3.62 -2.01
N SER D 754 -17.77 -2.97 -2.48
CA SER D 754 -18.51 -3.39 -3.66
C SER D 754 -18.29 -2.47 -4.85
N PHE D 755 -17.05 -2.00 -5.04
CA PHE D 755 -16.75 -1.21 -6.23
C PHE D 755 -16.94 -2.03 -7.50
N CYS D 756 -16.53 -3.30 -7.46
CA CYS D 756 -16.50 -4.13 -8.65
C CYS D 756 -17.89 -4.41 -9.18
N THR D 757 -18.85 -4.67 -8.30
CA THR D 757 -20.19 -4.98 -8.77
C THR D 757 -20.81 -3.78 -9.47
N GLN D 758 -20.58 -2.56 -8.97
CA GLN D 758 -21.08 -1.40 -9.69
C GLN D 758 -20.35 -1.16 -11.00
N LEU D 759 -19.04 -1.37 -11.04
CA LEU D 759 -18.35 -1.19 -12.32
C LEU D 759 -18.91 -2.15 -13.36
N LYS D 760 -19.11 -3.40 -12.98
CA LYS D 760 -19.64 -4.38 -13.91
C LYS D 760 -21.06 -4.04 -14.33
N ARG D 761 -21.88 -3.58 -13.38
CA ARG D 761 -23.27 -3.23 -13.71
C ARG D 761 -23.32 -2.05 -14.68
N ALA D 762 -22.47 -1.04 -14.45
CA ALA D 762 -22.45 0.10 -15.36
C ALA D 762 -22.01 -0.30 -16.76
N LEU D 763 -20.98 -1.14 -16.86
CA LEU D 763 -20.53 -1.57 -18.18
C LEU D 763 -21.62 -2.37 -18.89
N THR D 764 -22.31 -3.25 -18.17
CA THR D 764 -23.38 -4.00 -18.81
C THR D 764 -24.54 -3.09 -19.22
N GLY D 765 -24.81 -2.05 -18.46
CA GLY D 765 -25.82 -1.09 -18.85
C GLY D 765 -25.48 -0.43 -20.18
N ILE D 766 -24.23 0.00 -20.33
CA ILE D 766 -23.80 0.56 -21.61
C ILE D 766 -23.97 -0.47 -22.72
N ALA D 767 -23.58 -1.71 -22.44
CA ALA D 767 -23.61 -2.75 -23.46
C ALA D 767 -25.02 -2.99 -23.98
N VAL D 768 -26.00 -3.09 -23.08
CA VAL D 768 -27.37 -3.32 -23.55
C VAL D 768 -27.94 -2.08 -24.21
N GLU D 769 -27.54 -0.89 -23.74
CA GLU D 769 -28.02 0.35 -24.34
C GLU D 769 -27.61 0.45 -25.79
N GLN D 770 -26.41 -0.02 -26.14
CA GLN D 770 -25.97 0.07 -27.53
C GLN D 770 -26.89 -0.71 -28.47
N ASP D 771 -27.22 -1.95 -28.10
CA ASP D 771 -28.11 -2.76 -28.92
C ASP D 771 -29.51 -2.15 -28.98
N LYS D 772 -29.96 -1.57 -27.86
CA LYS D 772 -31.25 -0.87 -27.88
C LYS D 772 -31.23 0.28 -28.88
N ASN D 773 -30.14 1.05 -28.91
CA ASN D 773 -30.05 2.18 -29.84
C ASN D 773 -30.12 1.70 -31.29
N THR D 774 -29.36 0.66 -31.61
CA THR D 774 -29.38 0.15 -32.98
C THR D 774 -30.78 -0.34 -33.35
N GLN D 775 -31.43 -1.06 -32.45
CA GLN D 775 -32.77 -1.57 -32.74
C GLN D 775 -33.77 -0.44 -32.95
N GLU D 776 -33.68 0.61 -32.13
CA GLU D 776 -34.59 1.74 -32.28
C GLU D 776 -34.37 2.45 -33.60
N VAL D 777 -33.12 2.60 -34.02
CA VAL D 777 -32.85 3.35 -35.25
C VAL D 777 -33.29 2.55 -36.48
N PHE D 778 -32.98 1.26 -36.51
CA PHE D 778 -33.13 0.51 -37.77
C PHE D 778 -34.38 -0.35 -37.83
N ALA D 779 -34.82 -0.94 -36.73
CA ALA D 779 -35.97 -1.83 -36.75
C ALA D 779 -37.28 -1.06 -36.61
N GLN D 780 -37.55 -0.24 -37.63
CA GLN D 780 -38.78 0.54 -37.69
C GLN D 780 -39.85 -0.08 -38.57
N VAL D 781 -39.50 -1.09 -39.34
CA VAL D 781 -40.42 -1.69 -40.29
C VAL D 781 -40.88 -3.04 -39.74
N LYS D 782 -42.11 -3.43 -40.08
CA LYS D 782 -42.67 -4.67 -39.57
C LYS D 782 -42.28 -5.85 -40.45
N GLN D 783 -42.52 -5.74 -41.74
CA GLN D 783 -42.24 -6.80 -42.69
C GLN D 783 -41.13 -6.36 -43.63
N ILE D 784 -40.32 -7.33 -44.06
CA ILE D 784 -39.22 -7.04 -44.99
C ILE D 784 -39.80 -6.93 -46.40
N TYR D 785 -39.62 -5.77 -47.03
CA TYR D 785 -40.15 -5.51 -48.36
C TYR D 785 -39.08 -5.77 -49.40
N LYS D 786 -39.47 -6.43 -50.48
CA LYS D 786 -38.58 -6.78 -51.56
C LYS D 786 -38.89 -5.93 -52.80
N THR D 787 -37.84 -5.40 -53.41
CA THR D 787 -38.01 -4.71 -54.67
C THR D 787 -38.47 -5.69 -55.74
N PRO D 788 -39.23 -5.23 -56.73
CA PRO D 788 -39.63 -6.09 -57.83
C PRO D 788 -38.42 -6.43 -58.69
N PRO D 789 -38.59 -7.17 -59.78
CA PRO D 789 -37.53 -7.18 -60.79
C PRO D 789 -37.15 -5.74 -61.10
N ILE D 790 -35.92 -5.34 -60.76
CA ILE D 790 -35.57 -3.92 -60.82
C ILE D 790 -35.79 -3.42 -62.23
N LYS D 791 -36.72 -2.49 -62.38
CA LYS D 791 -37.25 -2.14 -63.68
C LYS D 791 -37.39 -0.64 -63.77
N TYR D 792 -38.11 -0.19 -64.80
CA TYR D 792 -38.35 1.21 -65.08
C TYR D 792 -39.06 1.88 -63.92
N PHE D 793 -38.39 2.81 -63.25
CA PHE D 793 -38.97 3.59 -62.16
C PHE D 793 -39.29 5.01 -62.61
N GLY D 794 -39.78 5.16 -63.85
CA GLY D 794 -40.02 6.46 -64.41
C GLY D 794 -38.81 7.13 -65.01
N GLY D 795 -37.68 6.44 -65.07
CA GLY D 795 -36.43 7.01 -65.54
C GLY D 795 -35.41 7.22 -64.45
N PHE D 796 -35.82 7.18 -63.20
CA PHE D 796 -34.88 7.30 -62.10
C PHE D 796 -34.04 6.03 -61.99
N ASN D 797 -32.74 6.20 -61.76
CA ASN D 797 -31.82 5.08 -61.94
C ASN D 797 -31.79 4.17 -60.72
N PHE D 798 -31.44 4.71 -59.56
CA PHE D 798 -31.48 4.03 -58.27
C PHE D 798 -30.50 2.85 -58.15
N SER D 799 -29.63 2.63 -59.12
CA SER D 799 -28.73 1.47 -59.06
C SER D 799 -27.64 1.64 -58.02
N GLN D 800 -27.28 2.87 -57.66
CA GLN D 800 -26.18 3.10 -56.75
C GLN D 800 -26.56 2.97 -55.29
N ILE D 801 -27.83 2.79 -54.98
CA ILE D 801 -28.27 2.65 -53.60
C ILE D 801 -28.98 1.32 -53.33
N LEU D 802 -29.49 0.66 -54.35
CA LEU D 802 -30.15 -0.63 -54.15
C LEU D 802 -29.11 -1.74 -54.01
N PRO D 803 -29.46 -2.83 -53.33
CA PRO D 803 -28.53 -3.96 -53.22
C PRO D 803 -28.20 -4.55 -54.58
N ASP D 804 -26.96 -4.98 -54.73
CA ASP D 804 -26.48 -5.57 -55.98
C ASP D 804 -26.22 -7.06 -55.76
N PRO D 805 -27.08 -7.95 -56.26
CA PRO D 805 -26.95 -9.39 -56.01
C PRO D 805 -25.92 -10.07 -56.91
N SER D 806 -24.75 -9.45 -57.05
CA SER D 806 -23.68 -9.99 -57.86
C SER D 806 -22.36 -10.00 -57.10
N LYS D 807 -22.41 -9.94 -55.77
CA LYS D 807 -21.22 -9.90 -54.94
C LYS D 807 -21.62 -10.36 -53.54
N PRO D 808 -20.65 -10.77 -52.73
CA PRO D 808 -20.98 -11.18 -51.35
C PRO D 808 -21.40 -9.99 -50.51
N SER D 809 -21.92 -10.32 -49.32
CA SER D 809 -22.35 -9.37 -48.30
C SER D 809 -23.62 -8.63 -48.72
N LYS D 810 -24.06 -8.82 -49.96
CA LYS D 810 -25.32 -8.30 -50.47
C LYS D 810 -25.53 -6.83 -50.09
N ARG D 811 -24.52 -6.02 -50.38
CA ARG D 811 -24.56 -4.61 -50.05
C ARG D 811 -24.83 -3.79 -51.31
N SER D 812 -24.83 -2.48 -51.14
CA SER D 812 -24.97 -1.52 -52.22
C SER D 812 -23.64 -0.83 -52.50
N PRO D 813 -23.45 -0.29 -53.70
CA PRO D 813 -22.15 0.34 -54.01
C PRO D 813 -21.72 1.43 -53.04
N ILE D 814 -22.65 2.28 -52.62
CA ILE D 814 -22.28 3.34 -51.67
C ILE D 814 -21.96 2.73 -50.31
N GLU D 815 -22.71 1.72 -49.91
CA GLU D 815 -22.39 1.02 -48.66
C GLU D 815 -21.02 0.38 -48.74
N ASP D 816 -20.69 -0.23 -49.88
CA ASP D 816 -19.37 -0.83 -50.05
C ASP D 816 -18.26 0.21 -49.98
N LEU D 817 -18.47 1.37 -50.61
CA LEU D 817 -17.47 2.43 -50.50
C LEU D 817 -17.33 2.91 -49.06
N LEU D 818 -18.45 3.00 -48.33
CA LEU D 818 -18.38 3.46 -46.95
C LEU D 818 -17.66 2.45 -46.05
N PHE D 819 -17.86 1.16 -46.29
CA PHE D 819 -17.23 0.15 -45.45
C PHE D 819 -15.73 0.01 -45.71
N ASN D 820 -15.19 0.65 -46.74
CA ASN D 820 -13.77 0.62 -46.99
C ASN D 820 -13.06 1.91 -46.58
N LYS D 821 -13.76 3.03 -46.53
CA LYS D 821 -13.17 4.31 -46.13
C LYS D 821 -13.05 4.45 -44.63
N VAL D 822 -13.58 3.52 -43.85
CA VAL D 822 -13.48 3.54 -42.40
C VAL D 822 -12.67 2.33 -41.98
N THR D 823 -11.55 2.58 -41.31
CA THR D 823 -10.67 1.50 -40.88
C THR D 823 -10.48 1.51 -39.37
N PHE D 851 -5.06 -7.21 -23.95
CA PHE D 851 -5.75 -8.32 -23.30
C PHE D 851 -5.22 -8.57 -21.91
N ASN D 852 -5.76 -7.84 -20.93
CA ASN D 852 -5.43 -8.03 -19.53
C ASN D 852 -6.69 -7.99 -18.67
N GLY D 853 -7.70 -8.73 -19.11
CA GLY D 853 -9.00 -8.70 -18.48
C GLY D 853 -10.03 -7.86 -19.20
N LEU D 854 -9.66 -7.24 -20.31
CA LEU D 854 -10.57 -6.42 -21.10
C LEU D 854 -11.06 -7.21 -22.29
N THR D 855 -12.37 -7.30 -22.47
CA THR D 855 -12.96 -8.08 -23.55
C THR D 855 -13.92 -7.21 -24.34
N VAL D 856 -13.98 -7.44 -25.65
CA VAL D 856 -14.86 -6.71 -26.55
C VAL D 856 -15.96 -7.67 -27.02
N LEU D 857 -17.20 -7.27 -26.82
CA LEU D 857 -18.31 -8.14 -27.15
C LEU D 857 -18.90 -7.78 -28.50
N PRO D 858 -19.38 -8.78 -29.26
CA PRO D 858 -19.92 -8.51 -30.59
C PRO D 858 -21.31 -7.92 -30.51
N PRO D 859 -21.73 -7.18 -31.53
CA PRO D 859 -23.08 -6.63 -31.55
C PRO D 859 -24.13 -7.72 -31.73
N LEU D 860 -25.35 -7.40 -31.30
CA LEU D 860 -26.45 -8.34 -31.46
C LEU D 860 -26.88 -8.48 -32.91
N LEU D 861 -26.82 -7.40 -33.68
CA LEU D 861 -27.24 -7.40 -35.07
C LEU D 861 -26.00 -7.33 -35.95
N THR D 862 -25.83 -8.34 -36.81
CA THR D 862 -24.70 -8.37 -37.71
C THR D 862 -24.89 -7.38 -38.85
N ASP D 863 -23.82 -7.17 -39.61
CA ASP D 863 -23.86 -6.17 -40.68
C ASP D 863 -24.83 -6.56 -41.78
N GLU D 864 -24.94 -7.85 -42.08
CA GLU D 864 -25.89 -8.30 -43.12
C GLU D 864 -27.33 -7.99 -42.72
N MET D 865 -27.67 -8.16 -41.45
CA MET D 865 -29.02 -7.86 -40.99
C MET D 865 -29.35 -6.38 -41.12
N ILE D 866 -28.39 -5.51 -40.78
CA ILE D 866 -28.61 -4.09 -40.94
C ILE D 866 -28.75 -3.73 -42.40
N ALA D 867 -27.96 -4.37 -43.26
CA ALA D 867 -28.12 -4.15 -44.69
C ALA D 867 -29.51 -4.57 -45.16
N GLN D 868 -30.05 -5.64 -44.58
CA GLN D 868 -31.37 -6.10 -45.00
C GLN D 868 -32.48 -5.18 -44.53
N TYR D 869 -32.40 -4.65 -43.30
CA TYR D 869 -33.28 -3.55 -42.90
C TYR D 869 -33.19 -2.36 -43.85
N THR D 870 -31.97 -1.94 -44.20
CA THR D 870 -31.85 -0.79 -45.07
C THR D 870 -32.48 -1.05 -46.43
N SER D 871 -32.28 -2.26 -46.96
CA SER D 871 -32.92 -2.63 -48.22
C SER D 871 -34.43 -2.63 -48.09
N ALA D 872 -34.96 -3.14 -46.97
CA ALA D 872 -36.40 -3.15 -46.78
C ALA D 872 -36.97 -1.75 -46.74
N LEU D 873 -36.30 -0.84 -46.02
CA LEU D 873 -36.76 0.54 -45.96
C LEU D 873 -36.74 1.19 -47.34
N LEU D 874 -35.66 0.97 -48.09
CA LEU D 874 -35.57 1.54 -49.42
C LEU D 874 -36.67 1.01 -50.34
N ALA D 875 -36.91 -0.30 -50.29
CA ALA D 875 -37.95 -0.89 -51.13
C ALA D 875 -39.32 -0.34 -50.79
N GLY D 876 -39.62 -0.23 -49.49
CA GLY D 876 -40.89 0.35 -49.09
C GLY D 876 -41.06 1.77 -49.57
N THR D 877 -40.00 2.57 -49.47
CA THR D 877 -40.07 3.95 -49.93
C THR D 877 -40.28 4.02 -51.44
N ILE D 878 -39.59 3.20 -52.21
CA ILE D 878 -39.63 3.35 -53.66
C ILE D 878 -40.85 2.70 -54.29
N THR D 879 -41.45 1.71 -53.63
CA THR D 879 -42.59 1.01 -54.22
C THR D 879 -43.93 1.40 -53.61
N SER D 880 -43.97 1.80 -52.34
CA SER D 880 -45.22 2.10 -51.66
C SER D 880 -45.41 3.57 -51.35
N GLY D 881 -44.32 4.32 -51.16
CA GLY D 881 -44.43 5.72 -50.85
C GLY D 881 -44.23 6.01 -49.37
N TRP D 882 -45.02 6.93 -48.85
CA TRP D 882 -45.01 7.27 -47.44
C TRP D 882 -46.05 6.50 -46.64
N THR D 883 -46.73 5.55 -47.27
CA THR D 883 -47.87 4.88 -46.68
C THR D 883 -47.52 3.60 -45.94
N PHE D 884 -46.28 3.17 -45.95
CA PHE D 884 -45.91 1.96 -45.24
C PHE D 884 -45.45 2.22 -43.83
N GLY D 885 -45.40 3.48 -43.40
CA GLY D 885 -45.05 3.79 -42.03
C GLY D 885 -46.27 4.05 -41.18
N ALA D 886 -47.43 4.15 -41.82
CA ALA D 886 -48.68 4.44 -41.15
C ALA D 886 -49.75 3.44 -41.54
N GLY D 887 -49.41 2.15 -41.51
CA GLY D 887 -50.35 1.11 -41.78
C GLY D 887 -49.85 0.13 -42.81
N PRO D 888 -50.77 -0.61 -43.44
CA PRO D 888 -50.38 -1.52 -44.52
C PRO D 888 -49.84 -0.75 -45.72
N ALA D 889 -48.86 -1.35 -46.38
CA ALA D 889 -48.24 -0.72 -47.53
C ALA D 889 -49.14 -0.83 -48.75
N LEU D 890 -49.27 0.27 -49.47
CA LEU D 890 -50.10 0.34 -50.67
C LEU D 890 -49.23 0.81 -51.83
N GLN D 891 -49.33 0.12 -52.96
CA GLN D 891 -48.46 0.42 -54.09
C GLN D 891 -48.89 1.70 -54.79
N ILE D 892 -47.92 2.39 -55.38
CA ILE D 892 -48.15 3.65 -56.09
C ILE D 892 -47.02 3.84 -57.09
N PRO D 893 -47.29 4.28 -58.31
CA PRO D 893 -46.22 4.54 -59.27
C PRO D 893 -45.33 5.70 -58.80
N PHE D 894 -44.06 5.63 -59.17
CA PHE D 894 -43.10 6.62 -58.69
C PHE D 894 -43.37 8.03 -59.17
N PRO D 895 -43.65 8.29 -60.45
CA PRO D 895 -43.98 9.67 -60.84
C PRO D 895 -45.15 10.26 -60.08
N MET D 896 -46.18 9.47 -59.79
CA MET D 896 -47.30 9.98 -59.00
C MET D 896 -46.86 10.32 -57.59
N GLN D 897 -45.97 9.52 -57.02
CA GLN D 897 -45.43 9.83 -55.70
C GLN D 897 -44.68 11.15 -55.72
N MET D 898 -43.86 11.37 -56.74
CA MET D 898 -43.13 12.63 -56.83
C MET D 898 -44.07 13.81 -57.03
N ALA D 899 -45.15 13.61 -57.77
CA ALA D 899 -46.16 14.66 -57.90
C ALA D 899 -46.80 15.00 -56.57
N TYR D 900 -47.08 13.97 -55.76
CA TYR D 900 -47.60 14.21 -54.42
C TYR D 900 -46.61 15.00 -53.58
N ARG D 901 -45.32 14.69 -53.69
CA ARG D 901 -44.32 15.43 -52.91
C ARG D 901 -44.23 16.89 -53.37
N PHE D 902 -44.29 17.14 -54.68
CA PHE D 902 -44.32 18.53 -55.14
C PHE D 902 -45.55 19.26 -54.63
N ASN D 903 -46.71 18.61 -54.63
CA ASN D 903 -47.86 19.21 -53.98
C ASN D 903 -47.57 19.54 -52.52
N GLY D 904 -46.85 18.65 -51.85
CA GLY D 904 -46.49 18.87 -50.47
C GLY D 904 -45.60 20.08 -50.24
N ILE D 905 -44.71 20.40 -51.17
CA ILE D 905 -43.85 21.57 -51.00
C ILE D 905 -44.46 22.84 -51.58
N GLY D 906 -45.67 22.77 -52.11
CA GLY D 906 -46.37 23.93 -52.60
C GLY D 906 -46.28 24.19 -54.09
N VAL D 907 -45.83 23.21 -54.88
CA VAL D 907 -45.74 23.34 -56.33
C VAL D 907 -46.77 22.41 -56.96
N THR D 908 -47.47 22.90 -57.98
CA THR D 908 -48.54 22.13 -58.60
C THR D 908 -47.96 20.90 -59.31
N GLN D 909 -48.88 20.03 -59.75
CA GLN D 909 -48.48 18.79 -60.40
C GLN D 909 -47.91 19.04 -61.80
N ASN D 910 -48.41 20.06 -62.50
CA ASN D 910 -48.01 20.28 -63.88
C ASN D 910 -46.51 20.42 -64.03
N VAL D 911 -45.83 20.91 -63.00
CA VAL D 911 -44.39 21.13 -63.10
C VAL D 911 -43.65 19.80 -63.26
N LEU D 912 -44.15 18.75 -62.62
CA LEU D 912 -43.45 17.47 -62.67
C LEU D 912 -43.66 16.77 -64.01
N TYR D 913 -44.92 16.49 -64.35
CA TYR D 913 -45.22 15.67 -65.52
C TYR D 913 -44.74 16.31 -66.82
N GLU D 914 -44.68 17.63 -66.89
CA GLU D 914 -44.18 18.30 -68.08
C GLU D 914 -42.67 18.48 -68.06
N ASN D 915 -42.01 18.07 -66.99
CA ASN D 915 -40.57 18.14 -66.87
C ASN D 915 -39.99 16.85 -66.29
N GLN D 916 -40.52 15.71 -66.74
CA GLN D 916 -40.13 14.44 -66.12
C GLN D 916 -38.70 14.06 -66.49
N LYS D 917 -38.35 14.17 -67.77
CA LYS D 917 -37.02 13.76 -68.21
C LYS D 917 -35.93 14.61 -67.58
N LEU D 918 -36.15 15.92 -67.51
CA LEU D 918 -35.16 16.81 -66.92
C LEU D 918 -34.93 16.50 -65.46
N ILE D 919 -36.00 16.28 -64.71
CA ILE D 919 -35.88 15.98 -63.28
C ILE D 919 -35.19 14.64 -63.08
N ALA D 920 -35.53 13.65 -63.91
CA ALA D 920 -34.87 12.35 -63.81
C ALA D 920 -33.37 12.48 -64.07
N ASN D 921 -32.99 13.25 -65.09
CA ASN D 921 -31.58 13.44 -65.39
C ASN D 921 -30.85 14.14 -64.25
N GLN D 922 -31.48 15.17 -63.68
CA GLN D 922 -30.85 15.87 -62.56
C GLN D 922 -30.65 14.95 -61.37
N PHE D 923 -31.66 14.14 -61.06
CA PHE D 923 -31.54 13.19 -59.96
C PHE D 923 -30.41 12.19 -60.20
N ASN D 924 -30.34 11.65 -61.42
CA ASN D 924 -29.29 10.68 -61.72
C ASN D 924 -27.91 11.32 -61.62
N SER D 925 -27.76 12.54 -62.12
CA SER D 925 -26.47 13.23 -62.04
C SER D 925 -26.08 13.50 -60.60
N ALA D 926 -27.05 13.86 -59.76
CA ALA D 926 -26.75 14.11 -58.36
C ALA D 926 -26.27 12.84 -57.66
N ILE D 927 -26.96 11.72 -57.89
CA ILE D 927 -26.51 10.47 -57.29
C ILE D 927 -25.12 10.11 -57.79
N GLY D 928 -24.88 10.31 -59.09
CA GLY D 928 -23.56 10.01 -59.62
C GLY D 928 -22.47 10.84 -58.99
N LYS D 929 -22.73 12.13 -58.78
CA LYS D 929 -21.72 13.01 -58.19
C LYS D 929 -21.53 12.75 -56.70
N ILE D 930 -22.51 12.14 -56.03
CA ILE D 930 -22.35 11.85 -54.61
C ILE D 930 -21.18 10.91 -54.38
N GLN D 931 -21.04 9.89 -55.22
CA GLN D 931 -19.94 8.94 -55.05
C GLN D 931 -18.59 9.63 -55.16
N ASP D 932 -18.43 10.47 -56.19
CA ASP D 932 -17.17 11.17 -56.39
C ASP D 932 -16.90 12.14 -55.25
N SER D 933 -17.94 12.84 -54.78
CA SER D 933 -17.75 13.77 -53.67
C SER D 933 -17.31 13.04 -52.41
N LEU D 934 -17.91 11.89 -52.12
CA LEU D 934 -17.52 11.15 -50.92
C LEU D 934 -16.12 10.57 -51.05
N PHE D 935 -15.78 10.02 -52.21
CA PHE D 935 -14.49 9.36 -52.36
C PHE D 935 -13.34 10.35 -52.43
N SER D 936 -13.57 11.50 -53.08
CA SER D 936 -12.48 12.46 -53.28
C SER D 936 -12.00 13.04 -51.96
N THR D 937 -12.92 13.45 -51.10
CA THR D 937 -12.53 14.03 -49.82
C THR D 937 -12.18 12.92 -48.84
N PRO D 938 -10.95 12.88 -48.31
CA PRO D 938 -10.62 11.82 -47.34
C PRO D 938 -11.28 12.04 -45.99
N SER D 939 -11.32 13.28 -45.51
CA SER D 939 -11.89 13.59 -44.20
C SER D 939 -13.39 13.87 -44.29
N ALA D 940 -14.14 12.92 -44.86
CA ALA D 940 -15.59 13.04 -44.99
C ALA D 940 -16.33 12.34 -43.87
N LEU D 941 -15.97 11.08 -43.58
CA LEU D 941 -16.61 10.31 -42.50
C LEU D 941 -15.80 10.44 -41.21
N GLY D 942 -15.57 11.68 -40.82
CA GLY D 942 -14.76 11.95 -39.65
C GLY D 942 -15.46 11.70 -38.33
N LYS D 943 -16.76 11.96 -38.29
CA LYS D 943 -17.51 11.82 -37.05
C LYS D 943 -17.50 10.37 -36.57
N LEU D 944 -17.69 9.43 -37.49
CA LEU D 944 -17.65 8.02 -37.13
C LEU D 944 -16.24 7.58 -36.73
N GLN D 945 -15.22 8.09 -37.41
CA GLN D 945 -13.86 7.75 -37.06
C GLN D 945 -13.48 8.28 -35.69
N ASP D 946 -14.08 9.41 -35.27
CA ASP D 946 -13.77 9.95 -33.95
C ASP D 946 -14.17 8.97 -32.85
N VAL D 947 -15.29 8.29 -33.01
CA VAL D 947 -15.77 7.36 -31.98
C VAL D 947 -14.77 6.23 -31.80
N VAL D 948 -14.35 5.59 -32.89
CA VAL D 948 -13.45 4.46 -32.79
C VAL D 948 -12.08 4.92 -32.29
N ASN D 949 -11.63 6.11 -32.72
CA ASN D 949 -10.36 6.60 -32.24
C ASN D 949 -10.39 6.88 -30.75
N HIS D 950 -11.47 7.47 -30.24
CA HIS D 950 -11.57 7.74 -28.82
C HIS D 950 -11.63 6.45 -28.02
N ASN D 951 -12.36 5.45 -28.50
CA ASN D 951 -12.42 4.17 -27.80
C ASN D 951 -11.04 3.52 -27.76
N ALA D 952 -10.30 3.55 -28.88
CA ALA D 952 -8.96 2.98 -28.90
C ALA D 952 -8.04 3.72 -27.94
N GLN D 953 -8.13 5.05 -27.90
CA GLN D 953 -7.30 5.81 -26.98
C GLN D 953 -7.61 5.46 -25.53
N ALA D 954 -8.89 5.33 -25.19
CA ALA D 954 -9.26 5.00 -23.83
C ALA D 954 -8.71 3.63 -23.43
N LEU D 955 -8.90 2.63 -24.29
CA LEU D 955 -8.41 1.30 -23.97
C LEU D 955 -6.88 1.29 -23.85
N ASN D 956 -6.19 1.99 -24.75
CA ASN D 956 -4.73 2.00 -24.70
C ASN D 956 -4.23 2.69 -23.45
N THR D 957 -4.86 3.79 -23.04
CA THR D 957 -4.46 4.43 -21.81
C THR D 957 -4.67 3.52 -20.62
N LEU D 958 -5.79 2.80 -20.60
CA LEU D 958 -6.06 1.87 -19.51
C LEU D 958 -4.99 0.79 -19.44
N VAL D 959 -4.65 0.20 -20.59
CA VAL D 959 -3.68 -0.89 -20.55
C VAL D 959 -2.27 -0.38 -20.31
N LYS D 960 -2.00 0.89 -20.60
CA LYS D 960 -0.69 1.45 -20.28
C LYS D 960 -0.54 1.75 -18.79
N GLN D 961 -1.61 2.18 -18.13
CA GLN D 961 -1.49 2.54 -16.72
C GLN D 961 -1.21 1.36 -15.81
N LEU D 962 -1.08 0.14 -16.35
CA LEU D 962 -0.66 -0.98 -15.54
C LEU D 962 0.82 -0.95 -15.22
N SER D 963 1.60 -0.21 -16.00
CA SER D 963 3.05 -0.18 -15.86
C SER D 963 3.55 1.02 -15.09
N SER D 964 2.66 1.74 -14.41
CA SER D 964 3.05 2.90 -13.61
C SER D 964 3.25 2.47 -12.17
N LYS D 965 4.37 2.86 -11.57
CA LYS D 965 4.70 2.42 -10.22
C LYS D 965 3.72 2.94 -9.19
N PHE D 966 3.09 4.09 -9.43
CA PHE D 966 2.10 4.66 -8.52
C PHE D 966 2.64 4.79 -7.11
N GLY D 967 3.91 5.19 -7.00
CA GLY D 967 4.54 5.29 -5.70
C GLY D 967 4.78 3.98 -5.01
N ALA D 968 5.12 2.94 -5.77
CA ALA D 968 5.50 1.65 -5.24
C ALA D 968 6.89 1.28 -5.76
N ILE D 969 7.39 0.14 -5.29
CA ILE D 969 8.74 -0.28 -5.68
C ILE D 969 8.79 -0.61 -7.16
N SER D 970 7.79 -1.34 -7.66
CA SER D 970 7.78 -1.75 -9.05
C SER D 970 6.36 -2.05 -9.48
N SER D 971 6.14 -2.02 -10.78
CA SER D 971 4.83 -2.29 -11.35
C SER D 971 4.55 -3.77 -11.54
N VAL D 972 5.50 -4.64 -11.19
CA VAL D 972 5.33 -6.09 -11.28
C VAL D 972 5.11 -6.61 -9.86
N LEU D 973 3.95 -7.22 -9.63
CA LEU D 973 3.61 -7.67 -8.29
C LEU D 973 4.48 -8.83 -7.85
N ASN D 974 4.85 -9.72 -8.76
CA ASN D 974 5.69 -10.84 -8.40
C ASN D 974 7.02 -10.38 -7.85
N ASP D 975 7.59 -9.31 -8.42
CA ASP D 975 8.81 -8.74 -7.87
C ASP D 975 8.59 -8.20 -6.47
N ILE D 976 7.43 -7.58 -6.23
CA ILE D 976 7.14 -7.04 -4.90
C ILE D 976 7.04 -8.16 -3.88
N LEU D 977 6.34 -9.24 -4.23
CA LEU D 977 6.12 -10.31 -3.27
C LEU D 977 7.42 -11.02 -2.91
N SER D 978 8.18 -11.44 -3.92
CA SER D 978 9.40 -12.20 -3.65
C SER D 978 10.63 -11.28 -3.54
N ARG D 979 10.47 -10.18 -2.81
CA ARG D 979 11.60 -9.35 -2.44
C ARG D 979 11.57 -8.85 -1.00
N LEU D 980 10.43 -8.84 -0.33
CA LEU D 980 10.33 -8.22 0.97
C LEU D 980 9.20 -8.87 1.76
N ASP D 981 9.09 -8.47 3.03
CA ASP D 981 8.25 -9.14 4.02
C ASP D 981 6.79 -8.76 3.86
N PRO D 982 5.90 -9.58 4.41
CA PRO D 982 4.45 -9.27 4.37
C PRO D 982 4.11 -7.90 4.93
N PRO D 983 4.78 -7.44 6.03
CA PRO D 983 4.48 -6.08 6.51
C PRO D 983 4.55 -5.00 5.43
N GLU D 984 5.70 -4.83 4.78
CA GLU D 984 5.80 -3.81 3.74
C GLU D 984 5.04 -4.22 2.48
N ALA D 985 4.86 -5.53 2.28
CA ALA D 985 4.09 -5.99 1.12
C ALA D 985 2.66 -5.49 1.19
N GLU D 986 2.07 -5.48 2.38
CA GLU D 986 0.72 -4.96 2.53
C GLU D 986 0.64 -3.52 2.06
N VAL D 987 1.60 -2.69 2.47
CA VAL D 987 1.57 -1.27 2.12
C VAL D 987 1.70 -1.09 0.62
N GLN D 988 2.68 -1.77 0.01
CA GLN D 988 2.91 -1.61 -1.42
C GLN D 988 1.70 -2.09 -2.23
N ILE D 989 1.15 -3.25 -1.85
CA ILE D 989 0.00 -3.79 -2.56
C ILE D 989 -1.19 -2.85 -2.44
N ASP D 990 -1.40 -2.29 -1.24
CA ASP D 990 -2.50 -1.35 -1.07
C ASP D 990 -2.34 -0.13 -1.95
N ARG D 991 -1.12 0.37 -2.06
CA ARG D 991 -0.86 1.51 -2.94
C ARG D 991 -1.23 1.19 -4.39
N LEU D 992 -0.76 0.03 -4.87
CA LEU D 992 -1.06 -0.35 -6.25
C LEU D 992 -2.56 -0.54 -6.47
N ILE D 993 -3.24 -1.14 -5.48
CA ILE D 993 -4.68 -1.38 -5.60
C ILE D 993 -5.42 -0.06 -5.70
N THR D 994 -5.07 0.91 -4.86
CA THR D 994 -5.74 2.21 -4.91
C THR D 994 -5.53 2.88 -6.26
N GLY D 995 -4.28 2.85 -6.75
CA GLY D 995 -4.03 3.47 -8.05
C GLY D 995 -4.85 2.86 -9.17
N ARG D 996 -4.88 1.53 -9.22
CA ARG D 996 -5.59 0.88 -10.32
C ARG D 996 -7.10 1.02 -10.17
N LEU D 997 -7.62 1.05 -8.94
CA LEU D 997 -9.04 1.31 -8.74
C LEU D 997 -9.41 2.70 -9.24
N GLN D 998 -8.57 3.69 -8.95
CA GLN D 998 -8.83 5.04 -9.47
C GLN D 998 -8.83 5.05 -10.99
N SER D 999 -7.89 4.33 -11.60
CA SER D 999 -7.84 4.26 -13.05
C SER D 999 -9.13 3.67 -13.62
N LEU D 1000 -9.60 2.57 -13.05
CA LEU D 1000 -10.83 1.95 -13.55
C LEU D 1000 -12.02 2.86 -13.37
N GLN D 1001 -12.10 3.54 -12.23
CA GLN D 1001 -13.22 4.45 -11.99
C GLN D 1001 -13.25 5.55 -13.03
N THR D 1002 -12.07 6.11 -13.35
CA THR D 1002 -11.99 7.14 -14.38
C THR D 1002 -12.47 6.61 -15.73
N TYR D 1003 -12.03 5.39 -16.09
CA TYR D 1003 -12.43 4.83 -17.38
C TYR D 1003 -13.94 4.66 -17.47
N VAL D 1004 -14.55 4.13 -16.41
CA VAL D 1004 -15.99 3.87 -16.45
C VAL D 1004 -16.79 5.18 -16.50
N THR D 1005 -16.36 6.18 -15.72
CA THR D 1005 -17.06 7.46 -15.76
C THR D 1005 -16.98 8.10 -17.14
N GLN D 1006 -15.80 8.06 -17.76
CA GLN D 1006 -15.68 8.61 -19.10
C GLN D 1006 -16.56 7.85 -20.09
N GLN D 1007 -16.62 6.53 -19.95
CA GLN D 1007 -17.45 5.73 -20.85
C GLN D 1007 -18.92 6.11 -20.72
N LEU D 1008 -19.39 6.30 -19.49
CA LEU D 1008 -20.78 6.70 -19.29
C LEU D 1008 -21.06 8.07 -19.90
N ILE D 1009 -20.14 9.02 -19.70
CA ILE D 1009 -20.34 10.36 -20.25
C ILE D 1009 -20.40 10.31 -21.77
N ARG D 1010 -19.59 9.46 -22.40
CA ARG D 1010 -19.62 9.37 -23.86
C ARG D 1010 -20.83 8.60 -24.36
N ALA D 1011 -21.29 7.60 -23.61
CA ALA D 1011 -22.49 6.87 -23.98
C ALA D 1011 -23.71 7.77 -23.94
N ALA D 1012 -23.73 8.75 -23.06
CA ALA D 1012 -24.83 9.71 -23.04
C ALA D 1012 -24.93 10.44 -24.39
N GLU D 1013 -23.80 10.94 -24.89
CA GLU D 1013 -23.79 11.65 -26.16
C GLU D 1013 -24.18 10.73 -27.31
N ILE D 1014 -23.67 9.50 -27.30
CA ILE D 1014 -24.02 8.57 -28.36
C ILE D 1014 -25.52 8.27 -28.33
N ARG D 1015 -26.10 8.17 -27.13
CA ARG D 1015 -27.54 7.97 -27.02
C ARG D 1015 -28.31 9.14 -27.60
N ALA D 1016 -27.84 10.36 -27.34
CA ALA D 1016 -28.51 11.52 -27.92
C ALA D 1016 -28.46 11.49 -29.44
N SER D 1017 -27.30 11.15 -30.00
CA SER D 1017 -27.17 11.06 -31.45
C SER D 1017 -28.05 9.96 -32.03
N ALA D 1018 -28.16 8.83 -31.32
CA ALA D 1018 -29.03 7.75 -31.78
C ALA D 1018 -30.49 8.17 -31.78
N ASN D 1019 -30.92 8.89 -30.75
CA ASN D 1019 -32.29 9.41 -30.73
C ASN D 1019 -32.53 10.35 -31.89
N LEU D 1020 -31.57 11.24 -32.18
CA LEU D 1020 -31.72 12.13 -33.32
C LEU D 1020 -31.83 11.35 -34.62
N ALA D 1021 -31.01 10.30 -34.77
CA ALA D 1021 -31.06 9.49 -35.99
C ALA D 1021 -32.41 8.79 -36.12
N ALA D 1022 -32.96 8.29 -35.01
CA ALA D 1022 -34.26 7.65 -35.06
C ALA D 1022 -35.34 8.64 -35.48
N THR D 1023 -35.31 9.85 -34.93
CA THR D 1023 -36.29 10.87 -35.33
C THR D 1023 -36.14 11.21 -36.81
N LYS D 1024 -34.90 11.31 -37.30
CA LYS D 1024 -34.69 11.62 -38.71
C LYS D 1024 -35.20 10.48 -39.60
N MET D 1025 -34.99 9.24 -39.19
CA MET D 1025 -35.49 8.11 -39.98
C MET D 1025 -37.01 8.09 -39.99
N SER D 1026 -37.63 8.43 -38.86
CA SER D 1026 -39.09 8.39 -38.79
C SER D 1026 -39.75 9.54 -39.55
N GLU D 1027 -39.16 10.73 -39.55
CA GLU D 1027 -39.80 11.88 -40.19
C GLU D 1027 -39.31 12.16 -41.60
N CYS D 1028 -38.02 11.95 -41.88
CA CYS D 1028 -37.45 12.26 -43.18
C CYS D 1028 -37.63 11.13 -44.19
N VAL D 1029 -37.55 9.88 -43.74
CA VAL D 1029 -37.60 8.70 -44.59
C VAL D 1029 -39.00 8.11 -44.67
N LEU D 1030 -39.74 8.06 -43.57
CA LEU D 1030 -41.09 7.52 -43.58
C LEU D 1030 -42.12 8.56 -43.96
N GLY D 1031 -41.71 9.78 -44.26
CA GLY D 1031 -42.65 10.81 -44.64
C GLY D 1031 -41.94 12.04 -45.16
N GLN D 1032 -42.70 13.12 -45.29
CA GLN D 1032 -42.19 14.39 -45.79
C GLN D 1032 -42.25 15.42 -44.67
N SER D 1033 -41.18 16.19 -44.53
CA SER D 1033 -41.03 17.11 -43.41
C SER D 1033 -41.16 18.55 -43.87
N LYS D 1034 -42.01 19.31 -43.17
CA LYS D 1034 -42.12 20.74 -43.37
C LYS D 1034 -41.18 21.54 -42.47
N ARG D 1035 -40.50 20.87 -41.55
CA ARG D 1035 -39.51 21.55 -40.72
C ARG D 1035 -38.34 22.00 -41.58
N VAL D 1036 -37.82 23.17 -41.28
CA VAL D 1036 -36.78 23.78 -42.11
C VAL D 1036 -35.41 23.34 -41.60
N ASP D 1037 -34.53 23.01 -42.54
CA ASP D 1037 -33.14 22.63 -42.26
C ASP D 1037 -33.04 21.36 -41.43
N PHE D 1038 -34.07 20.50 -41.50
CA PHE D 1038 -34.05 19.24 -40.77
C PHE D 1038 -33.67 18.06 -41.65
N CYS D 1039 -34.31 17.92 -42.80
CA CYS D 1039 -33.98 16.89 -43.78
C CYS D 1039 -33.27 17.47 -44.99
N GLY D 1040 -32.37 18.41 -44.77
CA GLY D 1040 -31.59 18.99 -45.85
C GLY D 1040 -31.62 20.50 -45.83
N LYS D 1041 -30.84 21.07 -46.75
CA LYS D 1041 -30.79 22.51 -46.94
C LYS D 1041 -31.64 22.83 -48.18
N GLY D 1042 -32.92 23.09 -47.95
CA GLY D 1042 -33.85 23.34 -49.03
C GLY D 1042 -35.22 22.77 -48.74
N TYR D 1043 -36.18 22.96 -49.64
CA TYR D 1043 -37.48 22.33 -49.47
C TYR D 1043 -37.33 20.83 -49.62
N HIS D 1044 -37.90 20.09 -48.69
CA HIS D 1044 -37.66 18.65 -48.60
C HIS D 1044 -38.53 17.87 -49.58
N LEU D 1045 -37.91 16.92 -50.26
CA LEU D 1045 -38.64 15.95 -51.06
C LEU D 1045 -38.51 14.53 -50.51
N MET D 1046 -37.29 14.00 -50.40
CA MET D 1046 -37.13 12.60 -50.03
C MET D 1046 -35.86 12.40 -49.22
N SER D 1047 -35.73 11.20 -48.65
CA SER D 1047 -34.50 10.80 -48.00
C SER D 1047 -34.30 9.31 -48.19
N PHE D 1048 -33.03 8.90 -48.31
CA PHE D 1048 -32.65 7.52 -48.52
C PHE D 1048 -31.59 7.13 -47.50
N PRO D 1049 -31.80 6.06 -46.75
CA PRO D 1049 -30.81 5.66 -45.74
C PRO D 1049 -29.82 4.63 -46.25
N GLN D 1050 -28.62 4.68 -45.67
CA GLN D 1050 -27.57 3.71 -45.92
C GLN D 1050 -26.86 3.42 -44.61
N SER D 1051 -26.36 2.19 -44.49
CA SER D 1051 -25.66 1.81 -43.27
C SER D 1051 -24.18 2.18 -43.37
N ALA D 1052 -23.53 2.24 -42.21
CA ALA D 1052 -22.11 2.52 -42.14
C ALA D 1052 -21.59 2.00 -40.82
N PRO D 1053 -20.29 1.73 -40.71
CA PRO D 1053 -19.75 1.23 -39.45
C PRO D 1053 -20.13 2.10 -38.27
N HIS D 1054 -20.98 1.58 -37.39
CA HIS D 1054 -21.44 2.29 -36.20
C HIS D 1054 -22.16 3.59 -36.56
N GLY D 1055 -22.94 3.59 -37.63
CA GLY D 1055 -23.63 4.81 -37.97
C GLY D 1055 -24.50 4.68 -39.19
N VAL D 1056 -25.19 5.77 -39.50
CA VAL D 1056 -26.12 5.83 -40.61
C VAL D 1056 -25.82 7.06 -41.46
N VAL D 1057 -26.00 6.91 -42.78
CA VAL D 1057 -25.80 7.99 -43.73
C VAL D 1057 -27.13 8.24 -44.43
N PHE D 1058 -27.61 9.47 -44.36
CA PHE D 1058 -28.84 9.89 -45.03
C PHE D 1058 -28.49 10.69 -46.27
N LEU D 1059 -29.09 10.32 -47.39
CA LEU D 1059 -29.03 11.09 -48.63
C LEU D 1059 -30.35 11.84 -48.76
N HIS D 1060 -30.30 13.16 -48.67
CA HIS D 1060 -31.47 14.01 -48.69
C HIS D 1060 -31.65 14.60 -50.07
N VAL D 1061 -32.83 14.40 -50.66
CA VAL D 1061 -33.18 14.92 -51.97
C VAL D 1061 -34.10 16.12 -51.76
N THR D 1062 -33.63 17.31 -52.19
CA THR D 1062 -34.26 18.58 -51.89
C THR D 1062 -34.41 19.41 -53.16
N TYR D 1063 -35.28 20.40 -53.07
CA TYR D 1063 -35.68 21.27 -54.16
C TYR D 1063 -35.17 22.68 -53.90
N VAL D 1064 -34.43 23.24 -54.85
CA VAL D 1064 -33.85 24.58 -54.71
C VAL D 1064 -34.23 25.44 -55.91
N PRO D 1065 -34.94 26.54 -55.73
CA PRO D 1065 -35.28 27.41 -56.86
C PRO D 1065 -34.06 28.10 -57.46
N ALA D 1066 -34.18 28.46 -58.74
CA ALA D 1066 -33.08 29.08 -59.46
C ALA D 1066 -33.65 29.87 -60.64
N GLN D 1067 -32.80 30.75 -61.18
CA GLN D 1067 -33.13 31.61 -62.32
C GLN D 1067 -34.33 32.51 -61.99
N GLU D 1068 -34.10 33.39 -61.02
CA GLU D 1068 -35.15 34.28 -60.55
C GLU D 1068 -35.24 35.51 -61.46
N LYS D 1069 -36.45 36.06 -61.57
CA LYS D 1069 -36.62 37.33 -62.32
C LYS D 1069 -37.69 38.18 -61.62
N ASN D 1070 -37.61 39.50 -61.77
CA ASN D 1070 -38.29 40.43 -60.83
C ASN D 1070 -39.50 41.06 -61.52
N PHE D 1071 -40.56 41.32 -60.75
CA PHE D 1071 -41.84 41.83 -61.30
C PHE D 1071 -42.38 42.94 -60.38
N THR D 1072 -43.44 43.61 -60.83
CA THR D 1072 -44.17 44.59 -60.04
C THR D 1072 -45.44 43.96 -59.51
N THR D 1073 -45.70 44.13 -58.21
CA THR D 1073 -46.80 43.46 -57.53
C THR D 1073 -47.76 44.47 -56.92
N ALA D 1074 -48.95 43.98 -56.57
CA ALA D 1074 -50.00 44.77 -55.95
C ALA D 1074 -50.98 43.86 -55.23
N PRO D 1075 -51.31 44.15 -53.97
CA PRO D 1075 -52.13 43.21 -53.18
C PRO D 1075 -53.52 42.96 -53.74
N ALA D 1076 -54.14 43.93 -54.41
CA ALA D 1076 -55.53 43.78 -54.81
C ALA D 1076 -55.80 44.45 -56.15
N ILE D 1077 -56.78 43.89 -56.86
CA ILE D 1077 -57.28 44.42 -58.11
C ILE D 1077 -58.68 44.94 -57.87
N CYS D 1078 -58.95 46.17 -58.30
CA CYS D 1078 -60.24 46.81 -58.13
C CYS D 1078 -60.92 46.89 -59.49
N HIS D 1079 -61.78 45.92 -59.78
CA HIS D 1079 -62.46 45.85 -61.07
C HIS D 1079 -63.71 46.72 -61.13
N ASP D 1080 -64.71 46.40 -60.30
CA ASP D 1080 -66.02 47.04 -60.36
C ASP D 1080 -66.42 47.56 -58.99
N GLY D 1081 -65.50 48.28 -58.35
CA GLY D 1081 -65.74 48.82 -57.03
C GLY D 1081 -65.48 47.88 -55.89
N LYS D 1082 -65.08 46.65 -56.16
CA LYS D 1082 -64.82 45.65 -55.12
C LYS D 1082 -63.38 45.17 -55.22
N ALA D 1083 -62.83 44.79 -54.07
CA ALA D 1083 -61.45 44.34 -53.98
C ALA D 1083 -61.37 42.85 -54.27
N HIS D 1084 -60.36 42.46 -55.05
CA HIS D 1084 -60.14 41.08 -55.44
C HIS D 1084 -58.78 40.62 -54.95
N PHE D 1085 -58.77 39.52 -54.21
CA PHE D 1085 -57.56 38.92 -53.67
C PHE D 1085 -57.35 37.54 -54.28
N PRO D 1086 -56.10 37.13 -54.48
CA PRO D 1086 -55.85 35.82 -55.11
C PRO D 1086 -56.22 34.68 -54.18
N ARG D 1087 -56.51 33.54 -54.79
CA ARG D 1087 -56.88 32.35 -54.04
C ARG D 1087 -55.66 31.56 -53.55
N GLU D 1088 -54.70 31.33 -54.44
CA GLU D 1088 -53.54 30.53 -54.08
C GLU D 1088 -52.21 31.19 -54.40
N GLY D 1089 -52.16 32.20 -55.27
CA GLY D 1089 -50.89 32.75 -55.70
C GLY D 1089 -50.70 34.22 -55.38
N VAL D 1090 -49.89 34.89 -56.17
CA VAL D 1090 -49.59 36.31 -56.02
C VAL D 1090 -49.86 37.01 -57.35
N PHE D 1091 -50.02 38.32 -57.27
CA PHE D 1091 -50.28 39.14 -58.44
C PHE D 1091 -48.97 39.73 -58.97
N VAL D 1092 -48.78 39.64 -60.28
CA VAL D 1092 -47.56 40.11 -60.92
C VAL D 1092 -47.92 40.90 -62.17
N SER D 1093 -46.97 41.71 -62.63
CA SER D 1093 -47.12 42.48 -63.85
C SER D 1093 -45.77 42.60 -64.55
N ASN D 1094 -45.80 42.61 -65.88
CA ASN D 1094 -44.59 42.75 -66.68
C ASN D 1094 -44.56 44.09 -67.42
N GLY D 1095 -45.37 45.05 -66.99
CA GLY D 1095 -45.35 46.37 -67.57
C GLY D 1095 -46.64 46.77 -68.24
N THR D 1096 -47.27 45.83 -68.94
CA THR D 1096 -48.48 46.11 -69.71
C THR D 1096 -49.65 45.21 -69.38
N HIS D 1097 -49.41 44.03 -68.83
CA HIS D 1097 -50.46 43.07 -68.52
C HIS D 1097 -50.27 42.54 -67.11
N TRP D 1098 -51.38 42.11 -66.51
CA TRP D 1098 -51.39 41.61 -65.14
C TRP D 1098 -51.71 40.13 -65.13
N PHE D 1099 -51.05 39.40 -64.22
CA PHE D 1099 -51.19 37.95 -64.15
C PHE D 1099 -51.24 37.51 -62.70
N VAL D 1100 -51.77 36.32 -62.48
CA VAL D 1100 -51.76 35.64 -61.19
C VAL D 1100 -50.90 34.39 -61.33
N THR D 1101 -49.99 34.19 -60.39
CA THR D 1101 -49.02 33.11 -60.50
C THR D 1101 -48.87 32.41 -59.17
N GLN D 1102 -48.16 31.28 -59.20
CA GLN D 1102 -47.83 30.58 -57.97
C GLN D 1102 -46.75 31.35 -57.22
N ARG D 1103 -46.35 30.83 -56.07
CA ARG D 1103 -45.36 31.50 -55.25
C ARG D 1103 -43.97 30.90 -55.35
N ASN D 1104 -43.80 29.78 -56.06
CA ASN D 1104 -42.51 29.13 -56.16
C ASN D 1104 -42.17 28.68 -57.58
N PHE D 1105 -43.00 28.99 -58.57
CA PHE D 1105 -42.69 28.67 -59.95
C PHE D 1105 -43.48 29.60 -60.85
N TYR D 1106 -42.79 30.27 -61.77
CA TYR D 1106 -43.43 31.24 -62.62
C TYR D 1106 -44.33 30.54 -63.63
N GLU D 1107 -45.64 30.76 -63.50
CA GLU D 1107 -46.62 30.23 -64.46
C GLU D 1107 -47.79 31.19 -64.50
N PRO D 1108 -47.71 32.24 -65.31
CA PRO D 1108 -48.78 33.24 -65.33
C PRO D 1108 -50.08 32.69 -65.89
N GLN D 1109 -51.19 33.27 -65.41
CA GLN D 1109 -52.52 32.93 -65.87
C GLN D 1109 -53.36 34.20 -65.93
N ILE D 1110 -54.28 34.24 -66.90
CA ILE D 1110 -55.16 35.39 -67.06
C ILE D 1110 -56.12 35.46 -65.89
N ILE D 1111 -56.29 36.65 -65.33
CA ILE D 1111 -57.13 36.80 -64.13
C ILE D 1111 -58.58 36.53 -64.50
N THR D 1112 -59.20 35.60 -63.78
CA THR D 1112 -60.59 35.24 -63.99
C THR D 1112 -61.29 35.17 -62.64
N THR D 1113 -62.62 35.11 -62.67
CA THR D 1113 -63.38 35.08 -61.43
C THR D 1113 -63.11 33.82 -60.62
N ASP D 1114 -62.86 32.70 -61.28
CA ASP D 1114 -62.56 31.46 -60.58
C ASP D 1114 -61.10 31.36 -60.15
N ASN D 1115 -60.41 32.50 -60.09
CA ASN D 1115 -59.05 32.58 -59.63
C ASN D 1115 -58.86 33.53 -58.45
N THR D 1116 -59.87 34.33 -58.12
CA THR D 1116 -59.77 35.31 -57.05
C THR D 1116 -61.08 35.37 -56.29
N PHE D 1117 -61.03 35.92 -55.08
CA PHE D 1117 -62.22 36.10 -54.26
C PHE D 1117 -62.35 37.56 -53.82
N VAL D 1118 -63.57 37.99 -53.58
CA VAL D 1118 -63.90 39.40 -53.34
C VAL D 1118 -64.27 39.61 -51.89
N SER D 1119 -63.87 40.76 -51.35
CA SER D 1119 -64.18 41.09 -49.95
C SER D 1119 -64.10 42.61 -49.79
N GLY D 1120 -65.26 43.26 -49.77
CA GLY D 1120 -65.33 44.68 -49.50
C GLY D 1120 -65.11 45.54 -50.73
N ASN D 1121 -65.19 46.85 -50.53
CA ASN D 1121 -64.97 47.83 -51.57
C ASN D 1121 -63.49 48.17 -51.66
N CYS D 1122 -63.15 49.19 -52.43
CA CYS D 1122 -61.75 49.62 -52.58
C CYS D 1122 -61.57 50.97 -51.90
N ASP D 1123 -61.42 50.94 -50.57
CA ASP D 1123 -61.00 52.14 -49.86
C ASP D 1123 -60.10 51.87 -48.66
N VAL D 1124 -59.70 50.62 -48.40
CA VAL D 1124 -58.89 50.32 -47.22
C VAL D 1124 -57.55 49.73 -47.64
N VAL D 1125 -57.52 49.09 -48.81
CA VAL D 1125 -56.28 48.49 -49.28
C VAL D 1125 -55.34 49.58 -49.75
N ILE D 1126 -54.08 49.52 -49.33
CA ILE D 1126 -53.14 50.58 -49.64
C ILE D 1126 -52.70 50.51 -51.10
N GLY D 1127 -52.05 49.42 -51.47
CA GLY D 1127 -51.46 49.32 -52.80
C GLY D 1127 -52.36 48.68 -53.83
N ILE D 1128 -53.63 49.05 -53.84
CA ILE D 1128 -54.60 48.44 -54.74
C ILE D 1128 -54.46 49.06 -56.12
N VAL D 1129 -54.45 48.22 -57.16
CA VAL D 1129 -54.34 48.62 -58.60
C VAL D 1129 -55.61 48.19 -59.36
N ASN D 1130 -55.77 48.58 -60.63
CA ASN D 1130 -57.10 48.76 -61.31
C ASN D 1130 -57.55 47.47 -62.02
N ASN D 1131 -57.41 47.39 -63.36
CA ASN D 1131 -57.37 46.11 -64.15
C ASN D 1131 -58.77 45.51 -64.42
N THR D 1132 -58.84 44.49 -65.30
CA THR D 1132 -60.07 43.81 -65.70
C THR D 1132 -60.01 42.36 -65.25
N VAL D 1133 -61.08 41.91 -64.60
CA VAL D 1133 -61.22 40.51 -64.18
C VAL D 1133 -62.31 39.91 -65.05
N TYR D 1134 -61.93 39.07 -66.00
CA TYR D 1134 -62.89 38.54 -66.97
C TYR D 1134 -63.71 37.42 -66.33
N ASP D 1135 -64.77 37.02 -67.06
CA ASP D 1135 -65.66 35.97 -66.64
C ASP D 1135 -65.72 34.90 -67.70
N PRO D 1136 -65.45 33.63 -67.37
CA PRO D 1136 -65.49 32.55 -68.36
C PRO D 1136 -66.91 32.12 -68.68
#